data_7EU8
#
_entry.id   7EU8
#
loop_
_entity.id
_entity.type
_entity.pdbx_description
1 polymer 'Glutamate receptor ionotropic, NMDA 1'
2 polymer 'Glutamate receptor ionotropic, NMDA 2B'
3 non-polymer 2-acetamido-2-deoxy-beta-D-glucopyranose
4 non-polymer (2~{S})-2-(2-chlorophenyl)-2-(methylamino)cyclohexan-1-one
#
loop_
_entity_poly.entity_id
_entity_poly.type
_entity_poly.pdbx_seq_one_letter_code
_entity_poly.pdbx_strand_id
1 'polypeptide(L)'
;MSTMRLLTLALLFSCSVARAACDPKIVNIGAVLSTRKHEQMFREAVNQANKRHGSWKIQLNATSVTHKPNAIQMALSVCE
DLISSQVYAILVSHPPTPNDHFTPTPVSYTAGFYRIPVLGLTTRMSIYSDKSIHLSFLRTVPPYSHQSSVWFEMMRVYSW
NHIILLVSDDHEGRAAQKRLETLLEERESKAEKVLQFDPGTKNVTALLMEAKELEARVIILSASEDDAATVYRAAAMLNM
TGSGYVWLVGEREISGNALRYAPDGILGLQLINGKNESAHISDAVGVVAQAVHELLEKENITDPPRGCVGNTNIWKTGPL
FKRVLMSSKYADGVTGRVEFNEDGDRKFANYSIMNLQNRKLVQVGIYNGTHVIPNDRKIIWPGGETEKPRGYQMSTRLKI
VTIHQEPFVYVKPTLSDGTCKEEFTVNGDPVKKVICTGPNDTSPGSPRHTVPQCCYGFCIDLLIKLARTMNFTYEVHLVA
DGKFGTQERVNNSNKKEWNGMMGELLSGQADMIVAPLTINNERAQYIEFSKPFKYQGLTILVKKEIPRSTLDSFMQPFQS
TLWLLVGLSVHVVAVMLYLLDRFSPFGRFKVNSEEEEEDALTLSSAMWFSWGVLLNSGIGEGAPRSFSARILGMVWAGFA
MIIVASYTANLAAFLVLDRPEERITGINDPRLRNPSDKFIYATVKQSSVDIYFRRQVELSTMYRHMEKHNYESAAEAIQA
VRDNKLHAFIWDSAVLEFEASQKCDLVTTGELFFRSGFGIGMRKDSPWKQNVSLSILKSHENGFMEDLDKTWVRYQECDS
RSNAPATLTFENMAGVFMLVAGGIVAGIFLIFIEIAYKRHKDARRKQ
;
A,C
2 'polypeptide(L)'
;MKPRAECCSPKFWLVLAVLAVSGSRARSQKSPPSIGIAVILVGTSDEVAIKDAHEKDDFHHLSVVPRVELVAMNETDPKS
IITRICDLMSDRKIQGVVFADDTDQEAIAQILDFISAQTLTPILGIHGGSSMIMADKDESSMFFQFGPSIEQQASVMLNI
MEEYDWYIFSIVTTYFPGYQDFVNKIRSTIENSFVGWELEEVLLLDMSLDDGDSKIQNQLKKLQSPIILLYCTKEEATYI
FEVANSVGLTGYGYTWIVPSLVAGDTDTVPAEFPTGLISVSYDEWDYGLPARVRDGIAIITTAASDMLSEHSFIPEPKSS
CYNTHEKRIYQSNMLNRYLINVTFEGRNLSFSEDGYQMHPKLVIILLNKERKWERVGKWKDKSLQMKYYVWPRMCPETEE
QEDDHLSIVTLEEAPFVIVESVDPLSGTCMRNTVPCQKRIVTENKTDEEPGYIKKCCKGFCIDILKKISKSVKFTYDLYL
VTNGKHGKKINGTWNGMIGEVVMKRAYMAVGSLTINEERSEVVDFSVPFIETGISVMVSRSNGTVSPSAFLEPFSADVWV
MMFVMLLIVSAVAVFVFEYFSPVGYNRCLADGREPGGPSFTIGKAIWLLWGLVFNNSVPVQNPKGTTSKIMVSVWAFFAV
IFLASYTANLAAFMIQEEYVDQVSGLSDKKFQRPNDFSPPFRFGTVPNGSTERNIRNNYAEMHAYMGKFNQRGVDDALLS
LKTGKLDAFIYDAAVLNYMAGRDEGCKLVTIGSGKVFASTGYGIAIQKDSGWKRQVDLAILQLFGDGEMEELEALWLTGI
CHNEKNEVMSSQLDIDNMAGVFYMLGAAMALSLITFICEHLFLEVLFQGPAAAAWSHPQFEK
;
B,D
#
loop_
_chem_comp.id
_chem_comp.type
_chem_comp.name
_chem_comp.formula
JC9 non-polymer (2~{S})-2-(2-chlorophenyl)-2-(methylamino)cyclohexan-1-one 'C13 H16 Cl N O'
NAG D-saccharide, beta linking 2-acetamido-2-deoxy-beta-D-glucopyranose 'C8 H15 N O6'
#
# COMPACT_ATOMS: atom_id res chain seq x y z
N ASN A 28 38.46 25.39 -47.53
CA ASN A 28 39.45 24.35 -47.81
C ASN A 28 39.32 23.84 -49.24
N ILE A 29 38.17 24.12 -49.86
CA ILE A 29 37.87 23.71 -51.22
C ILE A 29 37.45 24.94 -52.02
N GLY A 30 37.25 24.73 -53.32
CA GLY A 30 36.84 25.83 -54.18
C GLY A 30 35.47 26.35 -53.80
N ALA A 31 35.29 27.67 -53.94
CA ALA A 31 34.02 28.29 -53.60
C ALA A 31 32.95 27.94 -54.62
N VAL A 32 31.70 27.85 -54.15
CA VAL A 32 30.55 27.57 -54.99
C VAL A 32 29.55 28.71 -54.84
N LEU A 33 29.12 29.27 -55.95
CA LEU A 33 28.20 30.39 -55.94
C LEU A 33 27.33 30.34 -57.19
N SER A 34 26.18 31.02 -57.11
CA SER A 34 25.22 31.01 -58.22
C SER A 34 25.56 32.05 -59.27
N THR A 35 25.65 33.31 -58.87
CA THR A 35 25.86 34.42 -59.80
C THR A 35 27.31 34.89 -59.75
N ARG A 36 27.65 35.77 -60.69
CA ARG A 36 29.00 36.33 -60.74
C ARG A 36 29.30 37.18 -59.50
N LYS A 37 28.33 37.98 -59.05
CA LYS A 37 28.53 38.78 -57.86
C LYS A 37 28.74 37.89 -56.64
N HIS A 38 27.97 36.81 -56.53
CA HIS A 38 28.15 35.87 -55.43
C HIS A 38 29.53 35.22 -55.49
N GLU A 39 29.99 34.87 -56.69
CA GLU A 39 31.33 34.29 -56.84
C GLU A 39 32.41 35.28 -56.42
N GLN A 40 32.25 36.55 -56.81
CA GLN A 40 33.22 37.56 -56.39
C GLN A 40 33.22 37.75 -54.89
N MET A 41 32.03 37.76 -54.27
CA MET A 41 31.94 37.89 -52.82
C MET A 41 32.60 36.71 -52.12
N PHE A 42 32.38 35.49 -52.64
CA PHE A 42 33.00 34.31 -52.06
C PHE A 42 34.52 34.35 -52.20
N ARG A 43 35.01 34.80 -53.36
CA ARG A 43 36.45 34.92 -53.54
C ARG A 43 37.04 35.95 -52.59
N GLU A 44 36.36 37.09 -52.41
CA GLU A 44 36.84 38.10 -51.47
C GLU A 44 36.86 37.57 -50.05
N ALA A 45 35.81 36.83 -49.66
CA ALA A 45 35.78 36.24 -48.32
C ALA A 45 36.90 35.24 -48.12
N VAL A 46 37.17 34.41 -49.14
CA VAL A 46 38.25 33.43 -49.05
C VAL A 46 39.59 34.14 -48.93
N ASN A 47 39.79 35.20 -49.71
CA ASN A 47 41.03 35.96 -49.62
C ASN A 47 41.20 36.59 -48.24
N GLN A 48 40.12 37.15 -47.68
CA GLN A 48 40.19 37.73 -46.35
C GLN A 48 40.51 36.68 -45.30
N ALA A 49 39.89 35.50 -45.41
CA ALA A 49 40.17 34.42 -44.47
C ALA A 49 41.61 33.96 -44.57
N ASN A 50 42.13 33.85 -45.79
CA ASN A 50 43.53 33.43 -45.97
C ASN A 50 44.50 34.48 -45.46
N LYS A 51 44.16 35.76 -45.59
CA LYS A 51 45.04 36.82 -45.10
C LYS A 51 45.20 36.74 -43.58
N ARG A 52 44.11 36.48 -42.87
CA ARG A 52 44.14 36.39 -41.42
C ARG A 52 44.43 34.96 -40.97
N ILE A 58 46.78 25.59 -42.04
CA ILE A 58 45.47 26.25 -42.02
C ILE A 58 45.35 27.20 -43.20
N GLN A 59 45.32 26.64 -44.41
CA GLN A 59 45.20 27.41 -45.63
C GLN A 59 44.09 26.83 -46.51
N LEU A 60 43.33 27.72 -47.15
CA LEU A 60 42.24 27.31 -48.02
C LEU A 60 42.75 27.17 -49.45
N ASN A 61 42.60 25.98 -50.02
CA ASN A 61 43.04 25.69 -51.38
C ASN A 61 41.84 25.62 -52.30
N ALA A 62 41.90 26.37 -53.40
CA ALA A 62 40.84 26.40 -54.39
C ALA A 62 41.43 26.20 -55.78
N THR A 63 40.69 25.49 -56.64
CA THR A 63 41.14 25.22 -58.00
C THR A 63 40.17 25.71 -59.06
N SER A 64 38.86 25.54 -58.85
CA SER A 64 37.88 25.98 -59.83
C SER A 64 36.54 26.18 -59.13
N VAL A 65 35.67 26.93 -59.79
CA VAL A 65 34.32 27.21 -59.29
C VAL A 65 33.33 26.90 -60.41
N THR A 66 32.27 26.16 -60.08
CA THR A 66 31.26 25.80 -61.06
C THR A 66 29.91 25.69 -60.37
N HIS A 67 28.85 25.85 -61.17
CA HIS A 67 27.48 25.76 -60.68
C HIS A 67 26.56 25.46 -61.85
N LYS A 68 25.35 25.00 -61.54
CA LYS A 68 24.37 24.66 -62.53
C LYS A 68 23.04 25.32 -62.18
N PRO A 69 22.21 25.62 -63.18
CA PRO A 69 20.92 26.26 -62.88
C PRO A 69 19.81 25.24 -62.66
N ASN A 70 20.03 24.01 -63.10
CA ASN A 70 19.05 22.93 -62.96
C ASN A 70 19.41 22.09 -61.75
N ALA A 71 18.41 21.83 -60.91
CA ALA A 71 18.66 21.09 -59.67
C ALA A 71 19.16 19.68 -59.95
N ILE A 72 18.56 19.00 -60.94
CA ILE A 72 19.00 17.65 -61.28
C ILE A 72 20.44 17.67 -61.76
N GLN A 73 20.78 18.62 -62.63
CA GLN A 73 22.17 18.76 -63.07
C GLN A 73 23.08 19.22 -61.95
N MET A 74 22.58 20.13 -61.09
CA MET A 74 23.40 20.63 -59.99
C MET A 74 23.74 19.55 -59.00
N ALA A 75 22.87 18.54 -58.85
CA ALA A 75 23.15 17.44 -57.92
C ALA A 75 24.44 16.71 -58.29
N LEU A 76 24.63 16.45 -59.59
CA LEU A 76 25.89 15.85 -60.05
C LEU A 76 27.01 16.88 -60.11
N SER A 77 26.69 18.13 -60.42
CA SER A 77 27.72 19.15 -60.56
C SER A 77 28.43 19.42 -59.25
N VAL A 78 27.68 19.48 -58.14
CA VAL A 78 28.30 19.74 -56.85
C VAL A 78 29.20 18.58 -56.44
N CYS A 79 28.75 17.35 -56.69
CA CYS A 79 29.59 16.19 -56.39
C CYS A 79 30.86 16.19 -57.23
N GLU A 80 30.75 16.52 -58.52
CA GLU A 80 31.93 16.57 -59.38
C GLU A 80 32.89 17.66 -58.90
N ASP A 81 32.37 18.83 -58.52
CA ASP A 81 33.23 19.91 -58.05
C ASP A 81 33.92 19.54 -56.76
N LEU A 82 33.20 18.90 -55.83
CA LEU A 82 33.82 18.47 -54.58
C LEU A 82 34.88 17.41 -54.81
N ILE A 83 34.63 16.48 -55.74
CA ILE A 83 35.63 15.46 -56.06
C ILE A 83 36.87 16.10 -56.68
N SER A 84 36.68 17.05 -57.60
CA SER A 84 37.82 17.67 -58.26
C SER A 84 38.60 18.58 -57.31
N SER A 85 37.93 19.17 -56.32
CA SER A 85 38.62 20.07 -55.40
C SER A 85 39.49 19.31 -54.40
N GLN A 86 39.29 18.00 -54.27
CA GLN A 86 40.07 17.16 -53.34
C GLN A 86 39.98 17.67 -51.91
N VAL A 87 38.81 18.17 -51.51
CA VAL A 87 38.61 18.71 -50.17
C VAL A 87 37.11 18.71 -49.89
N TYR A 88 36.74 18.74 -48.62
CA TYR A 88 35.35 18.70 -48.19
C TYR A 88 34.98 20.07 -47.61
N ALA A 89 34.49 20.95 -48.48
CA ALA A 89 34.06 22.29 -48.06
C ALA A 89 33.02 22.78 -49.06
N ILE A 90 31.75 22.72 -48.68
CA ILE A 90 30.64 23.15 -49.52
C ILE A 90 29.85 24.21 -48.78
N LEU A 91 29.61 25.34 -49.44
CA LEU A 91 28.83 26.43 -48.84
C LEU A 91 28.21 27.23 -49.98
N VAL A 92 26.92 27.01 -50.22
CA VAL A 92 26.19 27.69 -51.28
C VAL A 92 25.02 28.46 -50.68
N SER A 93 24.42 29.31 -51.49
CA SER A 93 23.27 30.13 -51.09
C SER A 93 22.04 29.70 -51.89
N HIS A 94 20.89 30.34 -51.56
CA HIS A 94 19.66 29.98 -52.23
C HIS A 94 19.59 30.57 -53.62
N PRO A 95 19.04 29.84 -54.58
CA PRO A 95 18.88 30.36 -55.94
C PRO A 95 17.82 31.46 -55.98
N PRO A 96 17.90 32.37 -56.95
CA PRO A 96 16.89 33.44 -57.05
C PRO A 96 15.57 33.00 -57.66
N THR A 97 15.32 31.69 -57.77
CA THR A 97 14.06 31.23 -58.33
C THR A 97 12.91 31.63 -57.41
N PRO A 98 11.77 32.06 -57.96
CA PRO A 98 10.65 32.47 -57.10
C PRO A 98 10.11 31.36 -56.22
N ASN A 99 10.13 30.10 -56.70
CA ASN A 99 9.59 29.01 -55.90
C ASN A 99 10.42 28.79 -54.63
N ASP A 100 11.74 28.64 -54.78
CA ASP A 100 12.65 28.46 -53.67
C ASP A 100 12.19 27.32 -52.75
N HIS A 101 11.76 26.22 -53.34
CA HIS A 101 11.20 25.10 -52.60
C HIS A 101 12.07 23.85 -52.64
N PHE A 102 12.41 23.37 -53.84
CA PHE A 102 13.18 22.14 -53.97
C PHE A 102 14.42 22.30 -54.84
N THR A 103 14.74 23.53 -55.25
CA THR A 103 15.95 23.73 -56.07
C THR A 103 17.23 23.35 -55.35
N PRO A 104 17.48 23.75 -54.10
CA PRO A 104 18.70 23.31 -53.41
C PRO A 104 18.57 21.98 -52.68
N THR A 105 17.42 21.33 -52.76
CA THR A 105 17.24 20.06 -52.04
C THR A 105 18.19 18.97 -52.50
N PRO A 106 18.36 18.69 -53.81
CA PRO A 106 19.33 17.65 -54.19
C PRO A 106 20.76 17.98 -53.76
N VAL A 107 21.14 19.27 -53.80
CA VAL A 107 22.48 19.65 -53.36
C VAL A 107 22.63 19.38 -51.86
N SER A 108 21.60 19.71 -51.07
CA SER A 108 21.65 19.43 -49.64
C SER A 108 21.73 17.93 -49.37
N TYR A 109 20.97 17.13 -50.12
CA TYR A 109 21.04 15.69 -49.95
C TYR A 109 22.43 15.14 -50.28
N THR A 110 23.02 15.63 -51.38
CA THR A 110 24.36 15.20 -51.75
C THR A 110 25.38 15.59 -50.69
N ALA A 111 25.26 16.80 -50.15
CA ALA A 111 26.18 17.24 -49.10
C ALA A 111 26.01 16.40 -47.83
N GLY A 112 24.78 16.09 -47.46
CA GLY A 112 24.53 15.32 -46.25
C GLY A 112 24.70 13.83 -46.38
N PHE A 113 24.87 13.31 -47.61
CA PHE A 113 25.11 11.89 -47.79
C PHE A 113 26.40 11.46 -47.11
N TYR A 114 27.46 12.24 -47.27
CA TYR A 114 28.73 11.97 -46.60
C TYR A 114 28.75 12.65 -45.23
N ARG A 115 29.85 12.46 -44.51
CA ARG A 115 30.05 13.12 -43.22
C ARG A 115 30.77 14.45 -43.41
N ILE A 116 30.17 15.30 -44.24
CA ILE A 116 30.72 16.60 -44.59
C ILE A 116 29.76 17.68 -44.12
N PRO A 117 30.01 18.28 -42.96
CA PRO A 117 29.16 19.40 -42.51
C PRO A 117 29.25 20.56 -43.49
N VAL A 118 28.11 21.24 -43.69
CA VAL A 118 28.01 22.36 -44.61
C VAL A 118 27.31 23.51 -43.91
N LEU A 119 27.53 24.72 -44.45
CA LEU A 119 26.93 25.93 -43.93
C LEU A 119 26.16 26.63 -45.04
N GLY A 120 24.91 27.01 -44.76
CA GLY A 120 24.08 27.68 -45.74
C GLY A 120 24.02 29.18 -45.48
N LEU A 121 24.03 29.95 -46.56
CA LEU A 121 24.01 31.40 -46.49
C LEU A 121 22.69 31.91 -47.08
N THR A 122 21.97 32.72 -46.29
CA THR A 122 20.69 33.30 -46.70
C THR A 122 19.71 32.21 -47.15
N THR A 123 19.67 31.11 -46.40
CA THR A 123 18.77 30.00 -46.66
C THR A 123 17.85 29.85 -45.45
N ARG A 124 16.72 30.56 -45.48
CA ARG A 124 15.76 30.53 -44.38
C ARG A 124 14.60 29.62 -44.77
N MET A 125 14.81 28.33 -44.58
CA MET A 125 13.80 27.32 -44.86
C MET A 125 13.64 26.43 -43.64
N SER A 126 12.38 26.25 -43.20
CA SER A 126 12.09 25.44 -42.03
C SER A 126 11.94 23.96 -42.36
N ILE A 127 11.92 23.60 -43.64
CA ILE A 127 11.76 22.18 -44.01
C ILE A 127 12.99 21.38 -43.58
N TYR A 128 14.17 21.98 -43.69
CA TYR A 128 15.40 21.26 -43.31
C TYR A 128 15.40 20.95 -41.81
N SER A 129 14.98 21.90 -40.99
CA SER A 129 14.98 21.72 -39.53
C SER A 129 13.72 21.04 -39.01
N ASP A 130 12.69 20.88 -39.84
CA ASP A 130 11.47 20.23 -39.39
C ASP A 130 11.71 18.76 -39.06
N LYS A 131 12.49 18.07 -39.89
CA LYS A 131 12.77 16.65 -39.68
C LYS A 131 14.24 16.35 -39.39
N SER A 132 15.13 17.29 -39.67
CA SER A 132 16.58 17.11 -39.47
C SER A 132 17.08 15.86 -40.19
N ILE A 133 16.58 15.65 -41.41
CA ILE A 133 17.00 14.51 -42.21
C ILE A 133 18.48 14.63 -42.57
N HIS A 134 18.93 15.82 -42.91
CA HIS A 134 20.33 16.03 -43.27
C HIS A 134 21.23 15.90 -42.04
N LEU A 135 22.52 15.70 -42.29
CA LEU A 135 23.48 15.48 -41.21
C LEU A 135 23.78 16.78 -40.47
N SER A 136 24.31 17.77 -41.18
CA SER A 136 24.72 19.04 -40.57
C SER A 136 24.33 20.21 -41.45
N PHE A 137 23.10 20.20 -41.98
CA PHE A 137 22.61 21.30 -42.80
C PHE A 137 22.24 22.45 -41.88
N LEU A 138 23.23 23.29 -41.55
CA LEU A 138 23.05 24.40 -40.63
C LEU A 138 23.11 25.71 -41.40
N ARG A 139 22.18 26.61 -41.10
CA ARG A 139 22.11 27.92 -41.73
C ARG A 139 22.25 29.01 -40.68
N THR A 140 23.05 30.04 -41.02
CA THR A 140 23.23 31.16 -40.10
C THR A 140 21.92 31.89 -39.86
N VAL A 141 21.14 32.12 -40.91
CA VAL A 141 19.85 32.78 -40.77
C VAL A 141 18.85 31.78 -40.18
N PRO A 142 18.15 32.13 -39.11
CA PRO A 142 17.17 31.20 -38.51
C PRO A 142 16.07 30.87 -39.50
N PRO A 143 15.58 29.62 -39.50
CA PRO A 143 14.51 29.25 -40.43
C PRO A 143 13.16 29.82 -40.04
N TYR A 144 12.15 29.60 -40.88
CA TYR A 144 10.82 30.12 -40.59
C TYR A 144 10.20 29.48 -39.35
N SER A 145 10.66 28.30 -38.94
CA SER A 145 10.15 27.67 -37.74
C SER A 145 10.53 28.43 -36.48
N HIS A 146 11.54 29.29 -36.55
CA HIS A 146 11.96 30.11 -35.42
C HIS A 146 11.14 31.38 -35.38
N GLN A 147 11.58 32.35 -34.57
CA GLN A 147 10.96 33.65 -34.35
C GLN A 147 9.66 33.56 -33.55
N SER A 148 9.27 32.36 -33.09
CA SER A 148 8.12 32.25 -32.21
C SER A 148 8.41 32.85 -30.84
N SER A 149 9.68 32.86 -30.43
CA SER A 149 10.06 33.51 -29.18
C SER A 149 9.79 35.02 -29.25
N VAL A 150 10.03 35.62 -30.41
CA VAL A 150 9.73 37.04 -30.58
C VAL A 150 8.23 37.28 -30.43
N TRP A 151 7.40 36.41 -31.02
CA TRP A 151 5.96 36.54 -30.88
C TRP A 151 5.53 36.40 -29.42
N PHE A 152 6.11 35.43 -28.71
CA PHE A 152 5.78 35.24 -27.30
C PHE A 152 6.18 36.46 -26.47
N GLU A 153 7.36 37.02 -26.74
CA GLU A 153 7.80 38.21 -26.01
C GLU A 153 6.90 39.40 -26.30
N MET A 154 6.50 39.58 -27.56
CA MET A 154 5.59 40.66 -27.90
C MET A 154 4.24 40.49 -27.21
N MET A 155 3.72 39.26 -27.19
CA MET A 155 2.45 39.00 -26.51
C MET A 155 2.55 39.29 -25.02
N ARG A 156 3.67 38.88 -24.40
CA ARG A 156 3.86 39.15 -22.98
C ARG A 156 3.96 40.65 -22.71
N VAL A 157 4.68 41.38 -23.57
CA VAL A 157 4.84 42.81 -23.37
C VAL A 157 3.50 43.53 -23.53
N TYR A 158 2.73 43.18 -24.55
CA TYR A 158 1.45 43.80 -24.80
C TYR A 158 0.30 43.14 -24.04
N SER A 159 0.58 42.10 -23.26
CA SER A 159 -0.43 41.39 -22.48
C SER A 159 -1.56 40.88 -23.36
N TRP A 160 -1.21 40.39 -24.55
CA TRP A 160 -2.21 39.85 -25.46
C TRP A 160 -2.68 38.49 -24.97
N ASN A 161 -3.99 38.26 -25.05
CA ASN A 161 -4.61 37.02 -24.61
C ASN A 161 -5.65 36.59 -25.62
N HIS A 162 -5.97 35.30 -25.60
CA HIS A 162 -6.96 34.70 -26.49
C HIS A 162 -6.59 34.92 -27.96
N ILE A 163 -5.45 34.36 -28.34
CA ILE A 163 -4.94 34.46 -29.70
C ILE A 163 -4.96 33.07 -30.33
N ILE A 164 -5.06 33.03 -31.66
CA ILE A 164 -5.10 31.79 -32.41
C ILE A 164 -4.01 31.82 -33.47
N LEU A 165 -3.60 30.63 -33.91
CA LEU A 165 -2.54 30.47 -34.88
C LEU A 165 -3.01 29.55 -36.00
N LEU A 166 -2.79 29.98 -37.24
CA LEU A 166 -3.09 29.19 -38.43
C LEU A 166 -1.78 28.80 -39.10
N VAL A 167 -1.61 27.51 -39.36
CA VAL A 167 -0.37 26.96 -39.91
C VAL A 167 -0.69 26.28 -41.22
N SER A 168 0.20 26.43 -42.20
CA SER A 168 0.02 25.80 -43.50
C SER A 168 0.16 24.28 -43.38
N ASP A 169 -0.43 23.58 -44.34
CA ASP A 169 -0.39 22.12 -44.36
C ASP A 169 1.01 21.56 -44.59
N ASP A 170 1.97 22.38 -44.99
CA ASP A 170 3.32 21.92 -45.23
C ASP A 170 4.01 21.57 -43.90
N HIS A 171 5.14 20.88 -44.01
CA HIS A 171 5.88 20.47 -42.82
C HIS A 171 6.42 21.68 -42.06
N GLU A 172 6.81 22.73 -42.79
CA GLU A 172 7.32 23.93 -42.12
C GLU A 172 6.25 24.58 -41.25
N GLY A 173 5.02 24.67 -41.76
CA GLY A 173 3.94 25.24 -40.96
C GLY A 173 3.63 24.42 -39.72
N ARG A 174 3.61 23.10 -39.87
CA ARG A 174 3.37 22.23 -38.72
C ARG A 174 4.47 22.36 -37.68
N ALA A 175 5.72 22.44 -38.13
CA ALA A 175 6.84 22.61 -37.20
C ALA A 175 6.74 23.95 -36.48
N ALA A 176 6.39 25.02 -37.21
CA ALA A 176 6.24 26.33 -36.59
C ALA A 176 5.11 26.33 -35.56
N GLN A 177 3.99 25.69 -35.89
CA GLN A 177 2.87 25.61 -34.95
C GLN A 177 3.26 24.82 -33.71
N LYS A 178 3.98 23.71 -33.89
CA LYS A 178 4.43 22.92 -32.74
C LYS A 178 5.38 23.72 -31.86
N ARG A 179 6.31 24.45 -32.47
CA ARG A 179 7.23 25.28 -31.70
C ARG A 179 6.48 26.36 -30.93
N LEU A 180 5.51 27.01 -31.59
CA LEU A 180 4.73 28.05 -30.91
C LEU A 180 3.94 27.47 -29.75
N GLU A 181 3.35 26.30 -29.94
CA GLU A 181 2.60 25.65 -28.85
C GLU A 181 3.53 25.29 -27.69
N THR A 182 4.72 24.78 -28.01
CA THR A 182 5.67 24.43 -26.95
C THR A 182 6.12 25.66 -26.19
N LEU A 183 6.37 26.77 -26.89
CA LEU A 183 6.82 28.00 -26.23
C LEU A 183 5.69 28.75 -25.55
N LEU A 184 4.43 28.40 -25.82
CA LEU A 184 3.29 29.06 -25.20
C LEU A 184 2.75 28.30 -23.99
N GLU A 185 3.41 27.21 -23.58
CA GLU A 185 2.96 26.42 -22.44
C GLU A 185 3.45 27.10 -21.15
N GLU A 186 2.75 28.19 -20.80
CA GLU A 186 3.06 28.97 -19.60
C GLU A 186 4.51 29.45 -19.58
N SER A 189 -0.78 27.24 -21.44
CA SER A 189 -1.96 28.10 -21.48
C SER A 189 -2.36 28.43 -22.91
N LYS A 190 -1.94 29.61 -23.37
CA LYS A 190 -2.24 30.11 -24.72
C LYS A 190 -3.75 30.16 -24.88
N ALA A 191 -4.31 29.69 -25.99
CA ALA A 191 -5.75 29.71 -26.20
C ALA A 191 -6.12 28.57 -27.14
N GLU A 192 -7.39 28.52 -27.54
CA GLU A 192 -7.89 27.47 -28.44
C GLU A 192 -7.64 27.90 -29.87
N LYS A 193 -6.47 27.54 -30.39
CA LYS A 193 -6.11 27.86 -31.77
C LYS A 193 -6.88 26.98 -32.73
N VAL A 194 -7.30 27.58 -33.86
CA VAL A 194 -8.01 26.82 -34.88
C VAL A 194 -7.12 25.71 -35.45
N LEU A 195 -5.87 26.06 -35.76
CA LEU A 195 -4.89 25.10 -36.29
C LEU A 195 -5.40 24.43 -37.57
N GLN A 196 -6.05 25.21 -38.43
CA GLN A 196 -6.54 24.69 -39.69
C GLN A 196 -5.37 24.31 -40.59
N PHE A 197 -5.58 23.25 -41.38
CA PHE A 197 -4.51 22.78 -42.27
C PHE A 197 -4.16 23.82 -43.32
N ASP A 198 -5.18 24.39 -43.98
CA ASP A 198 -5.02 25.41 -45.01
C ASP A 198 -4.02 24.97 -46.08
N PRO A 199 -4.37 23.99 -46.92
CA PRO A 199 -3.43 23.55 -47.96
C PRO A 199 -3.07 24.64 -48.96
N GLY A 200 -3.93 25.64 -49.15
CA GLY A 200 -3.67 26.70 -50.10
C GLY A 200 -4.67 26.72 -51.24
N THR A 201 -5.89 26.27 -50.97
CA THR A 201 -6.93 26.24 -51.99
C THR A 201 -7.39 27.66 -52.31
N LYS A 202 -7.89 27.83 -53.54
CA LYS A 202 -8.39 29.14 -53.97
C LYS A 202 -9.59 29.57 -53.15
N ASN A 203 -10.51 28.64 -52.86
CA ASN A 203 -11.72 28.93 -52.10
C ASN A 203 -11.54 28.38 -50.70
N VAL A 204 -11.21 29.26 -49.75
CA VAL A 204 -11.00 28.87 -48.36
C VAL A 204 -11.68 29.87 -47.44
N THR A 205 -12.83 29.49 -46.88
CA THR A 205 -13.56 30.36 -45.97
C THR A 205 -13.87 29.73 -44.63
N ALA A 206 -13.62 28.42 -44.45
CA ALA A 206 -13.89 27.78 -43.17
C ALA A 206 -13.01 28.34 -42.06
N LEU A 207 -11.73 28.59 -42.36
CA LEU A 207 -10.83 29.13 -41.36
C LEU A 207 -11.27 30.53 -40.92
N LEU A 208 -11.67 31.37 -41.88
CA LEU A 208 -12.13 32.71 -41.54
C LEU A 208 -13.39 32.67 -40.70
N MET A 209 -14.33 31.77 -41.06
CA MET A 209 -15.55 31.64 -40.28
C MET A 209 -15.26 31.17 -38.86
N GLU A 210 -14.35 30.20 -38.71
CA GLU A 210 -13.98 29.73 -37.38
C GLU A 210 -13.32 30.83 -36.57
N ALA A 211 -12.44 31.61 -37.20
CA ALA A 211 -11.79 32.71 -36.49
C ALA A 211 -12.81 33.76 -36.05
N LYS A 212 -13.78 34.07 -36.92
CA LYS A 212 -14.82 35.03 -36.55
C LYS A 212 -15.67 34.49 -35.41
N GLU A 213 -16.00 33.20 -35.43
CA GLU A 213 -16.80 32.60 -34.37
C GLU A 213 -16.05 32.62 -33.04
N LEU A 214 -14.75 32.32 -33.07
CA LEU A 214 -13.97 32.32 -31.84
C LEU A 214 -13.76 33.72 -31.27
N GLU A 215 -13.94 34.76 -32.09
CA GLU A 215 -13.80 36.15 -31.67
C GLU A 215 -12.42 36.41 -31.07
N ALA A 216 -11.40 36.21 -31.91
CA ALA A 216 -10.01 36.43 -31.52
C ALA A 216 -9.50 37.68 -32.23
N ARG A 217 -9.05 38.67 -31.46
CA ARG A 217 -8.55 39.90 -32.04
C ARG A 217 -7.17 39.74 -32.65
N VAL A 218 -6.32 38.91 -32.05
CA VAL A 218 -4.95 38.70 -32.50
C VAL A 218 -4.84 37.31 -33.10
N ILE A 219 -4.34 37.24 -34.33
CA ILE A 219 -4.13 35.98 -35.03
C ILE A 219 -2.68 35.93 -35.52
N ILE A 220 -2.17 34.72 -35.67
CA ILE A 220 -0.81 34.50 -36.16
C ILE A 220 -0.89 33.58 -37.37
N LEU A 221 -0.62 34.12 -38.55
CA LEU A 221 -0.70 33.37 -39.79
C LEU A 221 0.67 33.33 -40.45
N SER A 222 1.09 32.12 -40.84
CA SER A 222 2.36 31.92 -41.53
C SER A 222 2.18 30.82 -42.56
N ALA A 223 2.38 31.16 -43.83
CA ALA A 223 2.20 30.21 -44.93
C ALA A 223 2.94 30.74 -46.14
N SER A 224 2.70 30.13 -47.29
CA SER A 224 3.33 30.56 -48.53
C SER A 224 2.74 31.89 -48.99
N GLU A 225 3.39 32.50 -49.99
CA GLU A 225 2.95 33.79 -50.49
C GLU A 225 1.55 33.71 -51.08
N ASP A 226 1.28 32.68 -51.89
CA ASP A 226 -0.06 32.52 -52.46
C ASP A 226 -1.10 32.24 -51.37
N ASP A 227 -0.76 31.39 -50.41
CA ASP A 227 -1.69 31.11 -49.31
C ASP A 227 -1.94 32.35 -48.47
N ALA A 228 -0.89 33.13 -48.20
CA ALA A 228 -1.05 34.37 -47.44
C ALA A 228 -1.93 35.36 -48.19
N ALA A 229 -1.72 35.48 -49.51
CA ALA A 229 -2.56 36.38 -50.31
C ALA A 229 -4.01 35.93 -50.29
N THR A 230 -4.25 34.62 -50.40
CA THR A 230 -5.61 34.11 -50.34
C THR A 230 -6.25 34.40 -48.99
N VAL A 231 -5.50 34.22 -47.90
CA VAL A 231 -6.02 34.49 -46.57
C VAL A 231 -6.35 35.97 -46.41
N TYR A 232 -5.47 36.85 -46.89
CA TYR A 232 -5.74 38.28 -46.81
C TYR A 232 -6.96 38.67 -47.64
N ARG A 233 -7.10 38.08 -48.83
CA ARG A 233 -8.27 38.37 -49.65
C ARG A 233 -9.56 37.90 -48.97
N ALA A 234 -9.53 36.71 -48.36
CA ALA A 234 -10.70 36.21 -47.65
C ALA A 234 -11.04 37.10 -46.47
N ALA A 235 -10.03 37.55 -45.72
CA ALA A 235 -10.27 38.44 -44.60
C ALA A 235 -10.86 39.77 -45.05
N ALA A 236 -10.35 40.31 -46.16
CA ALA A 236 -10.90 41.55 -46.69
C ALA A 236 -12.33 41.39 -47.15
N MET A 237 -12.65 40.24 -47.78
CA MET A 237 -14.01 39.97 -48.20
C MET A 237 -14.95 39.79 -47.02
N LEU A 238 -14.44 39.40 -45.85
CA LEU A 238 -15.27 39.21 -44.67
C LEU A 238 -15.51 40.51 -43.91
N ASN A 239 -14.93 41.63 -44.35
CA ASN A 239 -15.10 42.92 -43.70
C ASN A 239 -14.67 42.88 -42.23
N MET A 240 -13.58 42.15 -41.95
CA MET A 240 -13.07 42.04 -40.61
C MET A 240 -11.56 42.28 -40.51
N THR A 241 -10.90 42.62 -41.63
CA THR A 241 -9.47 42.85 -41.59
C THR A 241 -9.13 44.08 -40.76
N GLY A 242 -9.91 45.16 -40.90
CA GLY A 242 -9.63 46.38 -40.18
C GLY A 242 -10.77 46.86 -39.30
N SER A 243 -11.45 45.93 -38.65
CA SER A 243 -12.57 46.25 -37.76
C SER A 243 -12.26 45.69 -36.38
N GLY A 244 -11.53 46.47 -35.58
CA GLY A 244 -11.22 46.09 -34.22
C GLY A 244 -10.34 44.86 -34.09
N TYR A 245 -9.66 44.45 -35.16
CA TYR A 245 -8.81 43.27 -35.16
C TYR A 245 -7.40 43.69 -35.57
N VAL A 246 -6.48 43.62 -34.62
CA VAL A 246 -5.06 43.93 -34.86
C VAL A 246 -4.25 42.68 -34.55
N TRP A 247 -3.40 42.28 -35.48
CA TRP A 247 -2.63 41.05 -35.34
C TRP A 247 -1.22 41.30 -35.90
N LEU A 248 -0.47 40.21 -36.05
CA LEU A 248 0.89 40.26 -36.56
C LEU A 248 1.10 39.11 -37.53
N VAL A 249 2.11 39.27 -38.38
CA VAL A 249 2.44 38.28 -39.40
C VAL A 249 3.93 37.98 -39.34
N GLY A 250 4.29 36.81 -39.88
CA GLY A 250 5.67 36.37 -39.89
C GLY A 250 6.45 36.91 -41.08
N GLU A 251 7.69 36.45 -41.19
CA GLU A 251 8.58 36.87 -42.26
C GLU A 251 8.43 36.03 -43.53
N ARG A 252 7.69 34.92 -43.47
CA ARG A 252 7.53 34.08 -44.65
C ARG A 252 6.67 34.76 -45.72
N GLU A 253 5.68 35.54 -45.30
CA GLU A 253 4.77 36.22 -46.22
C GLU A 253 5.22 37.63 -46.58
N ILE A 254 6.40 38.05 -46.12
CA ILE A 254 6.90 39.39 -46.41
C ILE A 254 7.39 39.43 -47.85
N SER A 255 6.56 39.96 -48.74
CA SER A 255 6.91 40.06 -50.16
C SER A 255 6.09 41.17 -50.79
N GLY A 256 6.55 41.61 -51.96
CA GLY A 256 5.85 42.68 -52.67
C GLY A 256 4.47 42.27 -53.14
N ASN A 257 4.33 41.03 -53.63
CA ASN A 257 3.04 40.56 -54.10
C ASN A 257 2.03 40.48 -52.96
N ALA A 258 2.47 39.99 -51.79
CA ALA A 258 1.56 39.90 -50.65
C ALA A 258 1.15 41.29 -50.16
N LEU A 259 2.09 42.24 -50.15
CA LEU A 259 1.79 43.59 -49.69
C LEU A 259 0.84 44.32 -50.64
N ARG A 260 0.80 43.93 -51.92
CA ARG A 260 -0.08 44.59 -52.87
C ARG A 260 -1.55 44.35 -52.57
N TYR A 261 -1.88 43.26 -51.86
CA TYR A 261 -3.26 42.96 -51.52
C TYR A 261 -3.55 43.02 -50.02
N ALA A 262 -2.55 42.88 -49.17
CA ALA A 262 -2.77 42.94 -47.74
C ALA A 262 -3.10 44.37 -47.32
N PRO A 263 -4.01 44.55 -46.37
CA PRO A 263 -4.35 45.89 -45.89
C PRO A 263 -3.27 46.43 -44.96
N ASP A 264 -3.51 47.64 -44.45
CA ASP A 264 -2.58 48.27 -43.53
C ASP A 264 -2.74 47.70 -42.13
N GLY A 265 -1.91 48.18 -41.20
CA GLY A 265 -1.95 47.72 -39.83
C GLY A 265 -1.52 46.28 -39.64
N ILE A 266 -0.46 45.84 -40.31
CA ILE A 266 0.10 44.51 -40.15
C ILE A 266 1.51 44.66 -39.58
N LEU A 267 1.78 43.96 -38.47
CA LEU A 267 3.07 44.02 -37.80
C LEU A 267 3.89 42.79 -38.19
N GLY A 268 4.56 42.90 -39.35
CA GLY A 268 5.39 41.82 -39.82
C GLY A 268 6.80 41.85 -39.24
N LEU A 269 7.54 40.79 -39.48
CA LEU A 269 8.91 40.65 -39.01
C LEU A 269 9.86 40.54 -40.19
N GLN A 270 11.06 41.09 -40.02
CA GLN A 270 12.10 41.03 -41.05
C GLN A 270 13.42 40.69 -40.39
N LEU A 271 14.26 39.99 -41.15
CA LEU A 271 15.58 39.60 -40.64
C LEU A 271 16.46 40.83 -40.46
N ILE A 272 17.34 40.78 -39.45
CA ILE A 272 18.23 41.90 -39.17
C ILE A 272 19.20 42.11 -40.32
N ASN A 273 19.78 41.03 -40.83
CA ASN A 273 20.75 41.14 -41.92
C ASN A 273 20.55 40.07 -42.99
N GLY A 274 19.39 39.43 -43.03
CA GLY A 274 19.12 38.41 -44.01
C GLY A 274 18.67 38.89 -45.37
N LYS A 275 18.47 40.20 -45.52
CA LYS A 275 18.03 40.74 -46.81
C LYS A 275 19.10 40.55 -47.88
N ASN A 276 20.36 40.77 -47.54
CA ASN A 276 21.47 40.67 -48.48
C ASN A 276 22.38 39.52 -48.08
N GLU A 277 22.75 38.69 -49.05
CA GLU A 277 23.63 37.56 -48.83
C GLU A 277 25.10 37.91 -49.00
N SER A 278 25.42 39.14 -49.38
CA SER A 278 26.80 39.56 -49.56
C SER A 278 27.56 39.72 -48.26
N ALA A 279 26.86 39.72 -47.12
CA ALA A 279 27.48 39.88 -45.81
C ALA A 279 27.68 38.56 -45.07
N HIS A 280 26.74 37.64 -45.21
CA HIS A 280 26.84 36.35 -44.50
C HIS A 280 27.96 35.49 -45.04
N ILE A 281 28.42 35.74 -46.27
CA ILE A 281 29.49 34.93 -46.85
C ILE A 281 30.79 35.11 -46.07
N SER A 282 31.08 36.35 -45.63
CA SER A 282 32.28 36.58 -44.84
C SER A 282 32.21 35.87 -43.50
N ASP A 283 31.05 35.90 -42.85
CA ASP A 283 30.89 35.21 -41.57
C ASP A 283 31.03 33.69 -41.76
N ALA A 284 30.46 33.16 -42.85
CA ALA A 284 30.59 31.72 -43.11
C ALA A 284 32.04 31.34 -43.36
N VAL A 285 32.77 32.17 -44.12
CA VAL A 285 34.17 31.89 -44.40
C VAL A 285 34.99 31.94 -43.10
N GLY A 286 34.72 32.93 -42.26
CA GLY A 286 35.42 33.01 -40.98
C GLY A 286 35.13 31.81 -40.08
N VAL A 287 33.88 31.37 -40.04
CA VAL A 287 33.52 30.22 -39.23
C VAL A 287 34.20 28.96 -39.76
N VAL A 288 34.23 28.81 -41.09
CA VAL A 288 34.89 27.65 -41.69
C VAL A 288 36.39 27.67 -41.38
N ALA A 289 37.01 28.84 -41.47
CA ALA A 289 38.44 28.93 -41.15
C ALA A 289 38.71 28.62 -39.69
N GLN A 290 37.86 29.10 -38.78
CA GLN A 290 38.02 28.79 -37.37
C GLN A 290 37.85 27.30 -37.11
N ALA A 291 36.87 26.67 -37.74
CA ALA A 291 36.67 25.24 -37.57
C ALA A 291 37.86 24.45 -38.11
N VAL A 292 38.40 24.87 -39.26
CA VAL A 292 39.56 24.19 -39.82
C VAL A 292 40.76 24.33 -38.89
N HIS A 293 40.98 25.53 -38.35
CA HIS A 293 42.08 25.73 -37.43
C HIS A 293 41.92 24.89 -36.17
N GLU A 294 40.70 24.80 -35.64
CA GLU A 294 40.46 23.97 -34.46
C GLU A 294 40.69 22.50 -34.76
N LEU A 295 40.24 22.02 -35.92
CA LEU A 295 40.39 20.61 -36.26
C LEU A 295 41.79 20.24 -36.70
N LEU A 296 42.62 21.22 -37.07
CA LEU A 296 44.00 20.93 -37.45
C LEU A 296 44.80 20.34 -36.29
N GLU A 297 44.41 20.64 -35.05
CA GLU A 297 45.10 20.07 -33.91
C GLU A 297 44.94 18.56 -33.85
N LYS A 298 43.75 18.06 -34.17
CA LYS A 298 43.50 16.62 -34.16
C LYS A 298 44.30 15.94 -35.27
N GLU A 299 44.79 14.74 -34.97
CA GLU A 299 45.59 13.95 -35.90
C GLU A 299 44.75 12.95 -36.69
N ASN A 300 43.43 12.97 -36.53
CA ASN A 300 42.54 12.03 -37.20
C ASN A 300 41.92 12.64 -38.46
N ILE A 301 42.64 13.53 -39.14
CA ILE A 301 42.13 14.14 -40.36
C ILE A 301 42.18 13.12 -41.50
N THR A 302 41.06 12.97 -42.19
CA THR A 302 40.96 12.02 -43.29
C THR A 302 41.22 12.71 -44.62
N ASP A 303 41.58 11.89 -45.61
CA ASP A 303 41.86 12.39 -46.96
C ASP A 303 40.68 12.12 -47.87
N PRO A 304 40.02 13.15 -48.40
CA PRO A 304 38.88 12.90 -49.29
C PRO A 304 39.34 12.20 -50.56
N PRO A 305 38.49 11.36 -51.16
CA PRO A 305 38.89 10.66 -52.38
C PRO A 305 39.10 11.62 -53.54
N ARG A 306 40.04 11.26 -54.42
CA ARG A 306 40.32 12.08 -55.59
C ARG A 306 39.15 12.06 -56.57
N GLY A 307 38.52 10.90 -56.75
CA GLY A 307 37.42 10.75 -57.67
C GLY A 307 36.12 10.46 -56.93
N CYS A 308 35.01 10.97 -57.49
CA CYS A 308 33.71 10.75 -56.88
C CYS A 308 33.32 9.28 -56.91
N VAL A 309 33.63 8.59 -58.02
CA VAL A 309 33.28 7.18 -58.15
C VAL A 309 34.02 6.35 -57.11
N GLY A 310 35.31 6.63 -56.91
CA GLY A 310 36.09 5.90 -55.93
C GLY A 310 35.92 6.41 -54.52
N ASN A 311 34.68 6.47 -54.05
CA ASN A 311 34.35 6.95 -52.71
C ASN A 311 33.63 5.86 -51.91
N THR A 312 34.14 4.63 -52.00
CA THR A 312 33.53 3.53 -51.25
C THR A 312 33.65 3.74 -49.75
N ASN A 313 34.80 4.25 -49.29
CA ASN A 313 34.99 4.50 -47.87
C ASN A 313 34.07 5.61 -47.38
N ILE A 314 33.63 5.47 -46.13
CA ILE A 314 32.73 6.44 -45.50
C ILE A 314 33.53 7.31 -44.56
N TRP A 315 33.33 8.62 -44.64
CA TRP A 315 34.03 9.55 -43.76
C TRP A 315 33.63 9.31 -42.31
N LYS A 316 34.62 9.29 -41.43
CA LYS A 316 34.40 9.00 -40.02
C LYS A 316 34.67 10.18 -39.09
N THR A 317 35.38 11.20 -39.55
CA THR A 317 35.71 12.36 -38.73
C THR A 317 34.65 13.45 -38.81
N GLY A 318 33.56 13.22 -39.56
CA GLY A 318 32.53 14.21 -39.71
C GLY A 318 31.81 14.61 -38.45
N PRO A 319 31.42 13.66 -37.60
CA PRO A 319 30.79 14.05 -36.33
C PRO A 319 31.67 14.94 -35.46
N LEU A 320 32.98 14.65 -35.41
CA LEU A 320 33.88 15.49 -34.63
C LEU A 320 33.96 16.90 -35.20
N PHE A 321 34.04 17.02 -36.53
CA PHE A 321 34.07 18.34 -37.14
C PHE A 321 32.78 19.10 -36.89
N LYS A 322 31.64 18.42 -36.97
CA LYS A 322 30.36 19.06 -36.71
C LYS A 322 30.27 19.53 -35.26
N ARG A 323 30.74 18.70 -34.32
CA ARG A 323 30.74 19.09 -32.91
C ARG A 323 31.65 20.29 -32.68
N VAL A 324 32.82 20.30 -33.32
CA VAL A 324 33.74 21.43 -33.17
C VAL A 324 33.11 22.70 -33.73
N LEU A 325 32.47 22.60 -34.89
CA LEU A 325 31.82 23.77 -35.49
C LEU A 325 30.69 24.29 -34.60
N MET A 326 29.90 23.38 -34.03
CA MET A 326 28.82 23.79 -33.14
C MET A 326 29.37 24.46 -31.89
N SER A 327 30.43 23.90 -31.31
CA SER A 327 31.03 24.51 -30.12
C SER A 327 31.66 25.85 -30.46
N SER A 328 32.34 25.96 -31.60
CA SER A 328 32.98 27.20 -31.99
C SER A 328 31.94 28.27 -32.30
N LYS A 329 32.29 29.52 -32.01
CA LYS A 329 31.40 30.64 -32.25
C LYS A 329 32.23 31.87 -32.57
N TYR A 330 31.58 32.85 -33.21
CA TYR A 330 32.22 34.09 -33.60
C TYR A 330 31.78 35.21 -32.66
N ALA A 331 32.76 35.95 -32.13
CA ALA A 331 32.44 37.05 -31.22
C ALA A 331 31.63 38.13 -31.90
N ASP A 332 32.02 38.48 -33.13
CA ASP A 332 31.33 39.53 -33.89
C ASP A 332 31.43 39.19 -35.37
N GLY A 333 31.06 40.15 -36.21
CA GLY A 333 31.11 39.98 -37.64
C GLY A 333 29.96 40.71 -38.31
N VAL A 334 29.65 40.28 -39.53
CA VAL A 334 28.54 40.90 -40.27
C VAL A 334 27.22 40.62 -39.57
N THR A 335 27.02 39.40 -39.11
CA THR A 335 25.79 39.00 -38.42
C THR A 335 25.89 39.16 -36.91
N GLY A 336 26.99 39.71 -36.39
CA GLY A 336 27.14 39.85 -34.96
C GLY A 336 27.45 38.54 -34.28
N ARG A 337 27.07 38.47 -33.00
CA ARG A 337 27.32 37.25 -32.21
C ARG A 337 26.47 36.10 -32.75
N VAL A 338 27.10 34.94 -32.91
CA VAL A 338 26.44 33.74 -33.41
C VAL A 338 26.58 32.65 -32.37
N GLU A 339 25.46 32.05 -31.97
CA GLU A 339 25.44 30.98 -30.98
C GLU A 339 24.55 29.85 -31.51
N PHE A 340 25.17 28.73 -31.85
CA PHE A 340 24.42 27.60 -32.36
C PHE A 340 23.58 26.97 -31.26
N ASN A 341 22.35 26.60 -31.61
CA ASN A 341 21.43 25.98 -30.66
C ASN A 341 21.68 24.48 -30.62
N GLU A 342 20.79 23.75 -29.95
CA GLU A 342 20.93 22.30 -29.87
C GLU A 342 20.81 21.66 -31.24
N ASP A 343 19.86 22.12 -32.05
CA ASP A 343 19.69 21.58 -33.40
C ASP A 343 20.68 22.15 -34.40
N GLY A 344 21.39 23.22 -34.05
CA GLY A 344 22.36 23.82 -34.95
C GLY A 344 21.86 25.08 -35.62
N ASP A 345 21.09 25.88 -34.89
CA ASP A 345 20.55 27.13 -35.40
C ASP A 345 21.14 28.29 -34.61
N ARG A 346 21.55 29.34 -35.33
CA ARG A 346 22.14 30.51 -34.70
C ARG A 346 21.09 31.22 -33.85
N LYS A 347 21.45 31.54 -32.60
CA LYS A 347 20.54 32.20 -31.68
C LYS A 347 20.76 33.71 -31.70
N PHE A 348 20.62 34.29 -32.90
CA PHE A 348 20.75 35.74 -33.05
C PHE A 348 19.64 36.46 -32.30
N ALA A 349 18.40 35.97 -32.41
CA ALA A 349 17.25 36.52 -31.71
C ALA A 349 17.05 38.00 -32.02
N ASN A 350 17.35 38.40 -33.26
CA ASN A 350 17.21 39.77 -33.71
C ASN A 350 16.23 39.82 -34.88
N TYR A 351 15.22 40.68 -34.77
CA TYR A 351 14.22 40.80 -35.81
C TYR A 351 13.62 42.21 -35.76
N SER A 352 13.44 42.81 -36.93
CA SER A 352 12.87 44.14 -37.04
C SER A 352 11.38 44.05 -37.29
N ILE A 353 10.60 44.76 -36.48
CA ILE A 353 9.15 44.77 -36.60
C ILE A 353 8.73 45.92 -37.50
N MET A 354 8.04 45.60 -38.59
CA MET A 354 7.60 46.57 -39.58
C MET A 354 6.09 46.66 -39.56
N ASN A 355 5.58 47.87 -39.37
CA ASN A 355 4.15 48.14 -39.37
C ASN A 355 3.71 48.66 -40.74
N LEU A 356 2.48 48.32 -41.12
CA LEU A 356 1.92 48.71 -42.40
C LEU A 356 0.97 49.89 -42.21
N GLN A 357 1.22 50.97 -42.96
CA GLN A 357 0.40 52.16 -42.89
C GLN A 357 0.48 52.88 -44.23
N ASN A 358 -0.68 53.21 -44.79
CA ASN A 358 -0.76 53.90 -46.08
C ASN A 358 -0.01 53.12 -47.16
N ARG A 359 -0.13 51.80 -47.13
CA ARG A 359 0.55 50.91 -48.07
C ARG A 359 2.07 51.11 -48.03
N LYS A 360 2.58 51.40 -46.84
CA LYS A 360 4.02 51.61 -46.64
C LYS A 360 4.46 50.85 -45.38
N LEU A 361 5.69 50.36 -45.42
CA LEU A 361 6.26 49.62 -44.30
C LEU A 361 7.20 50.54 -43.52
N VAL A 362 6.93 50.68 -42.23
CA VAL A 362 7.73 51.52 -41.34
C VAL A 362 8.34 50.63 -40.27
N GLN A 363 9.66 50.68 -40.14
CA GLN A 363 10.37 49.85 -39.16
C GLN A 363 10.33 50.56 -37.81
N VAL A 364 9.37 50.18 -36.97
CA VAL A 364 9.23 50.79 -35.64
C VAL A 364 10.08 49.95 -34.69
N GLY A 365 11.38 50.27 -34.66
CA GLY A 365 12.29 49.58 -33.77
C GLY A 365 12.60 48.17 -34.23
N ILE A 366 13.33 47.47 -33.37
CA ILE A 366 13.71 46.08 -33.62
C ILE A 366 13.94 45.41 -32.27
N TYR A 367 13.55 44.13 -32.18
CA TYR A 367 13.71 43.35 -30.96
C TYR A 367 14.94 42.46 -31.11
N ASN A 368 15.91 42.65 -30.22
CA ASN A 368 17.13 41.87 -30.20
C ASN A 368 17.24 41.12 -28.88
N GLY A 369 17.53 39.83 -28.95
CA GLY A 369 17.63 39.03 -27.74
C GLY A 369 16.30 38.68 -27.12
N THR A 370 15.21 38.72 -27.89
CA THR A 370 13.86 38.42 -27.40
C THR A 370 13.49 39.32 -26.22
N HIS A 371 13.48 40.62 -26.48
CA HIS A 371 13.11 41.62 -25.48
C HIS A 371 12.27 42.69 -26.17
N VAL A 372 12.04 43.80 -25.46
CA VAL A 372 11.24 44.89 -26.02
C VAL A 372 11.99 45.56 -27.16
N ILE A 373 11.23 46.10 -28.11
CA ILE A 373 11.81 46.78 -29.26
C ILE A 373 11.85 48.28 -29.00
N PRO A 374 12.75 49.02 -29.64
CA PRO A 374 12.79 50.47 -29.41
C PRO A 374 11.54 51.16 -29.93
N ASN A 375 11.18 52.26 -29.29
CA ASN A 375 10.00 53.04 -29.65
C ASN A 375 10.35 54.06 -30.73
N ASP A 376 10.79 53.54 -31.89
CA ASP A 376 11.11 54.40 -33.01
C ASP A 376 9.87 55.11 -33.54
N ARG A 377 8.74 54.41 -33.62
CA ARG A 377 7.50 54.99 -34.10
C ARG A 377 6.34 54.36 -33.36
N LYS A 378 5.21 55.05 -33.39
CA LYS A 378 4.01 54.58 -32.70
C LYS A 378 3.24 53.60 -33.59
N ILE A 379 2.96 52.42 -33.05
CA ILE A 379 2.21 51.41 -33.81
C ILE A 379 0.76 51.83 -33.91
N ILE A 380 0.21 51.76 -35.12
CA ILE A 380 -1.17 52.14 -35.39
C ILE A 380 -1.94 50.90 -35.82
N TRP A 381 -3.04 50.62 -35.12
CA TRP A 381 -3.86 49.47 -35.46
C TRP A 381 -4.57 49.70 -36.79
N PRO A 382 -4.87 48.63 -37.53
CA PRO A 382 -5.60 48.80 -38.80
C PRO A 382 -6.97 49.42 -38.63
N GLY A 383 -7.62 49.20 -37.49
CA GLY A 383 -8.93 49.80 -37.28
C GLY A 383 -8.88 51.32 -37.21
N GLY A 384 -7.85 51.85 -36.57
CA GLY A 384 -7.70 53.29 -36.46
C GLY A 384 -7.47 53.78 -35.05
N GLU A 385 -7.33 52.84 -34.12
CA GLU A 385 -7.11 53.17 -32.71
C GLU A 385 -5.63 53.02 -32.38
N THR A 386 -5.06 54.05 -31.77
CA THR A 386 -3.64 54.01 -31.39
C THR A 386 -3.39 52.91 -30.36
N GLU A 387 -4.27 52.79 -29.37
CA GLU A 387 -4.11 51.76 -28.35
C GLU A 387 -4.38 50.38 -28.93
N LYS A 388 -3.65 49.40 -28.43
CA LYS A 388 -3.80 48.03 -28.90
C LYS A 388 -5.11 47.44 -28.37
N PRO A 389 -6.00 46.96 -29.23
CA PRO A 389 -7.27 46.39 -28.75
C PRO A 389 -7.04 45.11 -27.96
N ARG A 390 -7.94 44.87 -27.02
CA ARG A 390 -7.86 43.67 -26.19
C ARG A 390 -8.16 42.43 -27.04
N GLY A 391 -7.40 41.35 -26.78
CA GLY A 391 -7.61 40.12 -27.52
C GLY A 391 -8.95 39.50 -27.25
N TYR A 392 -9.36 39.44 -25.98
CA TYR A 392 -10.63 38.85 -25.58
C TYR A 392 -11.64 39.97 -25.42
N GLN A 393 -12.33 40.30 -26.51
CA GLN A 393 -13.34 41.35 -26.51
C GLN A 393 -14.55 40.89 -27.31
N MET A 394 -15.71 41.44 -26.94
CA MET A 394 -16.98 41.14 -27.61
C MET A 394 -17.28 39.64 -27.57
N SER A 395 -17.40 39.11 -26.35
CA SER A 395 -17.69 37.70 -26.11
C SER A 395 -18.73 37.63 -24.99
N THR A 396 -20.00 37.59 -25.38
CA THR A 396 -21.10 37.51 -24.42
C THR A 396 -21.91 36.23 -24.57
N ARG A 397 -22.37 35.91 -25.78
CA ARG A 397 -23.14 34.70 -25.99
C ARG A 397 -22.26 33.47 -25.90
N LEU A 398 -22.78 32.42 -25.29
CA LEU A 398 -22.05 31.17 -25.14
C LEU A 398 -23.02 30.00 -25.13
N LYS A 399 -22.60 28.89 -25.70
CA LYS A 399 -23.43 27.69 -25.79
C LYS A 399 -23.24 26.81 -24.56
N ILE A 400 -24.30 26.08 -24.23
CA ILE A 400 -24.31 25.17 -23.09
C ILE A 400 -24.71 23.79 -23.56
N VAL A 401 -23.93 22.79 -23.17
CA VAL A 401 -24.23 21.38 -23.48
C VAL A 401 -24.78 20.73 -22.22
N THR A 402 -25.94 20.10 -22.34
CA THR A 402 -26.61 19.46 -21.21
C THR A 402 -27.11 18.08 -21.62
N ILE A 403 -26.91 17.10 -20.75
CA ILE A 403 -27.40 15.75 -20.97
C ILE A 403 -28.85 15.66 -20.53
N HIS A 404 -29.69 15.06 -21.37
CA HIS A 404 -31.11 14.94 -21.07
C HIS A 404 -31.37 13.88 -20.01
N GLN A 405 -31.06 14.19 -18.75
CA GLN A 405 -31.29 13.29 -17.63
C GLN A 405 -32.58 13.71 -16.94
N GLU A 406 -33.54 12.79 -16.87
CA GLU A 406 -34.85 13.11 -16.31
C GLU A 406 -34.79 13.69 -14.89
N PRO A 407 -34.02 13.14 -13.95
CA PRO A 407 -33.96 13.77 -12.61
C PRO A 407 -33.44 15.20 -12.63
N PHE A 408 -32.62 15.56 -13.61
CA PHE A 408 -32.05 16.90 -13.70
C PHE A 408 -32.69 17.76 -14.78
N VAL A 409 -32.72 17.28 -16.02
CA VAL A 409 -33.26 18.04 -17.14
C VAL A 409 -34.18 17.13 -17.93
N TYR A 410 -35.49 17.34 -17.81
CA TYR A 410 -36.45 16.58 -18.60
C TYR A 410 -36.39 16.98 -20.06
N VAL A 411 -36.61 16.01 -20.94
CA VAL A 411 -36.60 16.22 -22.38
C VAL A 411 -37.95 15.78 -22.95
N LYS A 412 -38.59 16.68 -23.71
CA LYS A 412 -39.87 16.38 -24.33
C LYS A 412 -40.07 17.29 -25.52
N PRO A 413 -40.68 16.81 -26.60
CA PRO A 413 -40.91 17.68 -27.77
C PRO A 413 -41.80 18.85 -27.41
N THR A 414 -41.51 20.00 -28.03
CA THR A 414 -42.27 21.22 -27.78
C THR A 414 -43.57 21.21 -28.58
N LEU A 415 -44.30 22.32 -28.51
CA LEU A 415 -45.56 22.46 -29.22
C LEU A 415 -45.31 22.83 -30.69
N SER A 416 -46.40 22.99 -31.43
CA SER A 416 -46.28 23.35 -32.84
C SER A 416 -45.66 24.74 -33.01
N ASP A 417 -46.04 25.69 -32.16
CA ASP A 417 -45.50 27.04 -32.24
C ASP A 417 -44.03 27.11 -31.84
N GLY A 418 -43.53 26.08 -31.15
CA GLY A 418 -42.16 26.05 -30.71
C GLY A 418 -41.92 26.46 -29.28
N THR A 419 -42.97 26.79 -28.53
CA THR A 419 -42.85 27.19 -27.14
C THR A 419 -43.49 26.13 -26.25
N CYS A 420 -42.75 25.68 -25.25
CA CYS A 420 -43.26 24.67 -24.33
C CYS A 420 -44.38 25.24 -23.47
N LYS A 421 -45.41 24.44 -23.25
CA LYS A 421 -46.53 24.86 -22.42
C LYS A 421 -46.09 25.01 -20.97
N GLU A 422 -46.54 26.09 -20.33
CA GLU A 422 -46.19 26.34 -18.94
C GLU A 422 -46.83 25.32 -18.02
N GLU A 423 -46.05 24.83 -17.06
CA GLU A 423 -46.51 23.86 -16.08
C GLU A 423 -46.55 24.49 -14.71
N PHE A 424 -47.70 24.40 -14.04
CA PHE A 424 -47.89 24.98 -12.72
C PHE A 424 -47.69 23.90 -11.65
N THR A 425 -46.84 24.20 -10.67
CA THR A 425 -46.57 23.28 -9.58
C THR A 425 -47.60 23.49 -8.47
N VAL A 426 -47.38 22.82 -7.33
CA VAL A 426 -48.30 22.96 -6.20
C VAL A 426 -48.26 24.39 -5.66
N ASN A 427 -47.08 24.97 -5.53
CA ASN A 427 -46.91 26.32 -5.01
C ASN A 427 -46.53 27.32 -6.11
N GLY A 428 -47.06 27.12 -7.31
CA GLY A 428 -46.75 28.04 -8.41
C GLY A 428 -45.31 27.88 -8.86
N ASP A 429 -44.70 29.01 -9.23
CA ASP A 429 -43.32 29.07 -9.72
C ASP A 429 -43.11 28.11 -10.89
N PRO A 430 -43.67 28.41 -12.06
CA PRO A 430 -43.48 27.52 -13.21
C PRO A 430 -42.02 27.43 -13.63
N VAL A 431 -41.64 26.25 -14.13
CA VAL A 431 -40.27 26.03 -14.57
C VAL A 431 -40.00 26.81 -15.84
N LYS A 432 -38.87 27.53 -15.87
CA LYS A 432 -38.50 28.34 -17.03
C LYS A 432 -37.78 27.45 -18.05
N LYS A 433 -38.58 26.64 -18.75
CA LYS A 433 -38.04 25.75 -19.77
C LYS A 433 -37.49 26.54 -20.94
N VAL A 434 -36.40 26.05 -21.51
CA VAL A 434 -35.77 26.70 -22.66
C VAL A 434 -35.80 25.74 -23.85
N ILE A 435 -35.31 26.20 -25.01
CA ILE A 435 -35.30 25.42 -26.23
C ILE A 435 -33.95 24.72 -26.33
N CYS A 436 -33.97 23.39 -26.38
CA CYS A 436 -32.76 22.59 -26.50
C CYS A 436 -32.72 21.92 -27.87
N THR A 437 -31.58 22.06 -28.56
CA THR A 437 -31.41 21.48 -29.88
C THR A 437 -30.94 20.03 -29.75
N GLY A 438 -31.88 19.17 -29.37
CA GLY A 438 -31.61 17.77 -29.18
C GLY A 438 -32.27 16.90 -30.24
N PRO A 439 -31.63 15.80 -30.59
CA PRO A 439 -32.22 14.88 -31.58
C PRO A 439 -33.52 14.29 -31.08
N ASN A 440 -34.43 14.04 -32.02
CA ASN A 440 -35.73 13.46 -31.68
C ASN A 440 -35.58 12.06 -31.11
N ASP A 441 -34.72 11.24 -31.72
CA ASP A 441 -34.49 9.87 -31.28
C ASP A 441 -33.22 9.72 -30.45
N THR A 442 -32.52 10.82 -30.15
CA THR A 442 -31.28 10.81 -29.39
C THR A 442 -30.24 9.87 -30.01
N SER A 443 -30.19 9.87 -31.34
CA SER A 443 -29.27 9.04 -32.11
C SER A 443 -29.40 7.56 -31.72
N PRO A 444 -30.61 6.98 -31.84
CA PRO A 444 -30.82 5.57 -31.51
C PRO A 444 -30.51 4.63 -32.69
N GLY A 445 -29.31 4.78 -33.25
CA GLY A 445 -28.88 3.97 -34.37
C GLY A 445 -29.25 4.51 -35.73
N SER A 446 -30.04 5.58 -35.80
CA SER A 446 -30.44 6.19 -37.05
C SER A 446 -30.39 7.70 -36.91
N PRO A 447 -30.23 8.43 -38.01
CA PRO A 447 -30.22 9.90 -37.93
C PRO A 447 -31.57 10.43 -37.47
N ARG A 448 -31.52 11.51 -36.69
CA ARG A 448 -32.72 12.14 -36.16
C ARG A 448 -32.64 13.64 -36.38
N HIS A 449 -33.81 14.24 -36.62
CA HIS A 449 -33.88 15.68 -36.81
C HIS A 449 -33.64 16.41 -35.50
N THR A 450 -33.02 17.59 -35.59
CA THR A 450 -32.72 18.40 -34.41
C THR A 450 -33.93 19.27 -34.04
N VAL A 451 -35.01 18.59 -33.68
CA VAL A 451 -36.23 19.30 -33.28
C VAL A 451 -36.00 19.97 -31.93
N PRO A 452 -36.36 21.25 -31.76
CA PRO A 452 -36.15 21.91 -30.46
C PRO A 452 -37.11 21.34 -29.42
N GLN A 453 -36.54 20.74 -28.38
CA GLN A 453 -37.30 20.18 -27.28
C GLN A 453 -37.25 21.14 -26.09
N CYS A 454 -37.97 20.79 -25.03
CA CYS A 454 -38.05 21.62 -23.83
C CYS A 454 -37.03 21.15 -22.81
N CYS A 455 -36.27 22.09 -22.27
CA CYS A 455 -35.25 21.83 -21.25
C CYS A 455 -35.66 22.51 -19.97
N TYR A 456 -35.99 21.72 -18.95
CA TYR A 456 -36.38 22.25 -17.65
C TYR A 456 -36.00 21.25 -16.57
N GLY A 457 -35.84 21.75 -15.36
CA GLY A 457 -35.50 20.93 -14.21
C GLY A 457 -34.57 21.67 -13.28
N PHE A 458 -33.89 20.91 -12.43
CA PHE A 458 -32.98 21.51 -11.45
C PHE A 458 -31.79 22.16 -12.13
N CYS A 459 -31.12 21.43 -13.04
CA CYS A 459 -29.95 21.98 -13.71
C CYS A 459 -30.31 23.17 -14.59
N ILE A 460 -31.44 23.08 -15.31
CA ILE A 460 -31.87 24.18 -16.16
C ILE A 460 -32.19 25.41 -15.33
N ASP A 461 -32.89 25.22 -14.21
CA ASP A 461 -33.21 26.34 -13.34
C ASP A 461 -31.95 26.97 -12.75
N LEU A 462 -30.99 26.15 -12.36
CA LEU A 462 -29.73 26.68 -11.83
C LEU A 462 -28.97 27.46 -12.90
N LEU A 463 -28.93 26.94 -14.12
CA LEU A 463 -28.26 27.66 -15.21
C LEU A 463 -28.97 28.99 -15.51
N ILE A 464 -30.30 28.99 -15.50
CA ILE A 464 -31.04 30.22 -15.75
C ILE A 464 -30.78 31.23 -14.66
N LYS A 465 -30.76 30.79 -13.40
CA LYS A 465 -30.48 31.71 -12.29
C LYS A 465 -29.07 32.27 -12.39
N LEU A 466 -28.09 31.43 -12.73
CA LEU A 466 -26.72 31.91 -12.89
C LEU A 466 -26.61 32.91 -14.03
N ALA A 467 -27.27 32.65 -15.15
CA ALA A 467 -27.25 33.57 -16.27
C ALA A 467 -27.90 34.90 -15.91
N ARG A 468 -29.02 34.86 -15.18
CA ARG A 468 -29.68 36.09 -14.76
C ARG A 468 -28.79 36.88 -13.80
N THR A 469 -28.12 36.19 -12.88
CA THR A 469 -27.23 36.87 -11.94
C THR A 469 -26.04 37.49 -12.66
N MET A 470 -25.48 36.79 -13.63
CA MET A 470 -24.29 37.25 -14.34
C MET A 470 -24.63 38.00 -15.63
N ASN A 471 -25.92 38.17 -15.95
CA ASN A 471 -26.35 38.89 -17.15
C ASN A 471 -25.73 38.30 -18.42
N PHE A 472 -25.72 36.97 -18.50
CA PHE A 472 -25.16 36.27 -19.65
C PHE A 472 -26.28 35.73 -20.54
N THR A 473 -25.98 35.62 -21.82
CA THR A 473 -26.89 35.05 -22.81
C THR A 473 -26.42 33.65 -23.17
N TYR A 474 -27.33 32.69 -23.13
CA TYR A 474 -27.00 31.28 -23.31
C TYR A 474 -27.92 30.65 -24.32
N GLU A 475 -27.43 29.58 -24.96
CA GLU A 475 -28.20 28.77 -25.91
C GLU A 475 -27.98 27.31 -25.53
N VAL A 476 -28.84 26.80 -24.67
CA VAL A 476 -28.71 25.43 -24.15
C VAL A 476 -29.14 24.45 -25.23
N HIS A 477 -28.35 23.38 -25.39
CA HIS A 477 -28.66 22.34 -26.35
C HIS A 477 -28.16 21.00 -25.81
N LEU A 478 -28.74 19.92 -26.33
CA LEU A 478 -28.38 18.58 -25.89
C LEU A 478 -27.19 18.07 -26.71
N VAL A 479 -26.81 16.81 -26.50
CA VAL A 479 -25.70 16.19 -27.20
C VAL A 479 -26.24 14.98 -27.96
N ALA A 480 -25.92 14.91 -29.26
CA ALA A 480 -26.40 13.80 -30.08
C ALA A 480 -25.84 12.47 -29.60
N ASP A 481 -24.55 12.43 -29.26
CA ASP A 481 -23.94 11.19 -28.80
C ASP A 481 -24.55 10.73 -27.48
N GLY A 482 -24.77 11.66 -26.56
CA GLY A 482 -25.33 11.33 -25.27
C GLY A 482 -24.33 10.85 -24.23
N LYS A 483 -23.07 10.70 -24.60
CA LYS A 483 -22.05 10.26 -23.65
C LYS A 483 -21.68 11.38 -22.70
N PHE A 484 -21.18 11.01 -21.52
CA PHE A 484 -20.76 11.96 -20.52
C PHE A 484 -19.34 12.46 -20.71
N GLY A 485 -18.60 11.91 -21.67
CA GLY A 485 -17.24 12.36 -21.92
C GLY A 485 -16.18 11.38 -21.46
N THR A 486 -15.25 11.05 -22.35
CA THR A 486 -14.17 10.14 -22.02
C THR A 486 -12.99 10.44 -22.95
N GLN A 487 -11.86 9.80 -22.66
CA GLN A 487 -10.63 9.97 -23.44
C GLN A 487 -10.35 8.66 -24.17
N GLU A 488 -10.84 8.56 -25.39
CA GLU A 488 -10.65 7.38 -26.21
C GLU A 488 -9.51 7.59 -27.20
N ARG A 489 -9.31 6.61 -28.08
CA ARG A 489 -8.25 6.68 -29.08
C ARG A 489 -8.62 7.64 -30.21
N LYS A 496 -5.96 10.34 -27.20
CA LYS A 496 -5.33 11.64 -26.99
C LYS A 496 -6.35 12.77 -27.14
N GLU A 497 -7.50 12.44 -27.71
CA GLU A 497 -8.58 13.40 -27.92
C GLU A 497 -9.82 12.95 -27.16
N TRP A 498 -10.46 13.89 -26.48
CA TRP A 498 -11.67 13.59 -25.71
C TRP A 498 -12.83 13.36 -26.65
N ASN A 499 -13.38 12.15 -26.64
CA ASN A 499 -14.52 11.77 -27.47
C ASN A 499 -15.75 11.70 -26.57
N GLY A 500 -16.70 12.60 -26.80
CA GLY A 500 -17.91 12.64 -25.99
C GLY A 500 -18.29 14.04 -25.56
N MET A 501 -18.88 14.16 -24.37
CA MET A 501 -19.29 15.46 -23.87
C MET A 501 -18.09 16.32 -23.51
N MET A 502 -17.01 15.72 -23.00
CA MET A 502 -15.82 16.49 -22.65
C MET A 502 -15.20 17.15 -23.87
N GLY A 503 -15.40 16.57 -25.05
CA GLY A 503 -14.90 17.19 -26.26
C GLY A 503 -15.67 18.42 -26.69
N GLU A 504 -16.92 18.56 -26.21
CA GLU A 504 -17.70 19.75 -26.53
C GLU A 504 -17.14 21.00 -25.86
N LEU A 505 -16.43 20.82 -24.74
CA LEU A 505 -15.84 21.93 -24.02
C LEU A 505 -14.42 22.24 -24.46
N LEU A 506 -13.90 21.52 -25.46
CA LEU A 506 -12.57 21.75 -25.98
C LEU A 506 -12.52 22.01 -27.48
N SER A 507 -13.47 21.46 -28.25
CA SER A 507 -13.49 21.72 -29.68
C SER A 507 -13.83 23.17 -29.98
N GLY A 508 -14.71 23.77 -29.18
CA GLY A 508 -15.13 25.15 -29.37
C GLY A 508 -16.61 25.33 -29.66
N GLN A 509 -17.41 24.25 -29.69
CA GLN A 509 -18.83 24.40 -29.97
C GLN A 509 -19.60 24.95 -28.78
N ALA A 510 -19.01 24.99 -27.59
CA ALA A 510 -19.67 25.50 -26.40
C ALA A 510 -18.62 25.99 -25.42
N ASP A 511 -19.07 26.81 -24.46
CA ASP A 511 -18.18 27.36 -23.44
C ASP A 511 -18.41 26.79 -22.06
N MET A 512 -19.58 26.24 -21.77
CA MET A 512 -19.89 25.64 -20.48
C MET A 512 -20.50 24.26 -20.70
N ILE A 513 -20.35 23.41 -19.68
CA ILE A 513 -20.77 22.02 -19.75
C ILE A 513 -21.79 21.78 -18.64
N VAL A 514 -22.55 22.81 -18.30
CA VAL A 514 -23.44 22.79 -17.14
C VAL A 514 -24.46 21.67 -17.32
N ALA A 515 -24.30 20.59 -16.55
CA ALA A 515 -25.14 19.40 -16.60
C ALA A 515 -24.70 18.45 -15.49
N PRO A 516 -25.53 17.47 -15.09
CA PRO A 516 -25.09 16.51 -14.08
C PRO A 516 -23.95 15.63 -14.58
N LEU A 517 -22.77 15.81 -13.99
CA LEU A 517 -21.58 15.09 -14.43
C LEU A 517 -20.62 14.96 -13.25
N THR A 518 -20.25 13.72 -12.93
CA THR A 518 -19.31 13.48 -11.85
C THR A 518 -17.93 14.01 -12.19
N ILE A 519 -17.23 14.50 -11.18
CA ILE A 519 -15.89 15.07 -11.34
C ILE A 519 -14.86 14.01 -11.01
N ASN A 520 -13.93 13.78 -11.94
CA ASN A 520 -12.86 12.81 -11.77
C ASN A 520 -11.52 13.53 -11.82
N ASN A 521 -10.44 12.76 -11.82
CA ASN A 521 -9.08 13.29 -11.83
C ASN A 521 -8.55 13.55 -13.23
N GLU A 522 -9.35 13.30 -14.27
CA GLU A 522 -8.92 13.49 -15.65
C GLU A 522 -9.45 14.79 -16.25
N ARG A 523 -10.70 15.17 -15.94
CA ARG A 523 -11.27 16.38 -16.50
C ARG A 523 -10.70 17.65 -15.89
N ALA A 524 -9.98 17.56 -14.77
CA ALA A 524 -9.40 18.72 -14.12
C ALA A 524 -7.99 19.03 -14.59
N GLN A 525 -7.47 18.28 -15.57
CA GLN A 525 -6.11 18.48 -16.02
C GLN A 525 -5.92 19.86 -16.67
N TYR A 526 -6.88 20.29 -17.47
CA TYR A 526 -6.73 21.56 -18.18
C TYR A 526 -7.87 22.53 -17.94
N ILE A 527 -9.11 22.04 -17.82
CA ILE A 527 -10.28 22.89 -17.63
C ILE A 527 -10.71 22.80 -16.17
N GLU A 528 -11.00 23.95 -15.58
CA GLU A 528 -11.39 24.02 -14.18
C GLU A 528 -12.92 24.01 -14.05
N PHE A 529 -13.41 23.24 -13.08
CA PHE A 529 -14.83 23.10 -12.82
C PHE A 529 -15.31 24.00 -11.70
N SER A 530 -14.47 24.91 -11.21
CA SER A 530 -14.80 25.86 -10.13
C SER A 530 -15.17 25.04 -8.89
N LYS A 531 -16.30 25.31 -8.24
CA LYS A 531 -16.68 24.59 -7.04
C LYS A 531 -17.94 23.77 -7.28
N PRO A 532 -18.07 22.61 -6.63
CA PRO A 532 -19.27 21.79 -6.81
C PRO A 532 -20.50 22.42 -6.17
N PHE A 533 -21.67 22.07 -6.72
CA PHE A 533 -22.95 22.54 -6.20
C PHE A 533 -23.83 21.43 -5.63
N LYS A 534 -23.49 20.17 -5.86
CA LYS A 534 -24.30 19.06 -5.36
C LYS A 534 -23.41 17.86 -5.15
N TYR A 535 -23.26 17.41 -3.91
CA TYR A 535 -22.44 16.27 -3.58
C TYR A 535 -23.29 15.00 -3.54
N GLN A 536 -22.73 13.92 -4.09
CA GLN A 536 -23.43 12.64 -4.11
C GLN A 536 -22.40 11.51 -4.03
N GLY A 537 -22.82 10.39 -3.48
CA GLY A 537 -21.97 9.22 -3.33
C GLY A 537 -22.46 8.10 -4.24
N LEU A 538 -21.52 7.42 -4.88
CA LEU A 538 -21.85 6.34 -5.79
C LEU A 538 -22.36 5.13 -5.01
N THR A 539 -23.57 4.68 -5.34
CA THR A 539 -24.19 3.55 -4.65
C THR A 539 -24.77 2.59 -5.67
N ILE A 540 -24.87 1.33 -5.28
CA ILE A 540 -25.43 0.28 -6.12
C ILE A 540 -26.91 0.11 -5.81
N LEU A 541 -27.72 -0.03 -6.86
CA LEU A 541 -29.15 -0.20 -6.72
C LEU A 541 -29.58 -1.50 -7.38
N VAL A 542 -30.46 -2.24 -6.71
CA VAL A 542 -30.96 -3.51 -7.20
C VAL A 542 -32.47 -3.54 -7.05
N LYS A 543 -33.10 -4.45 -7.81
CA LYS A 543 -34.54 -4.58 -7.76
C LYS A 543 -34.99 -5.11 -6.40
N LYS A 544 -36.08 -4.55 -5.89
CA LYS A 544 -36.61 -4.97 -4.60
C LYS A 544 -37.16 -6.39 -4.69
N GLU A 545 -36.96 -7.15 -3.61
CA GLU A 545 -37.43 -8.53 -3.55
C GLU A 545 -38.94 -8.58 -3.30
N ASP A 552 -49.18 -12.48 3.63
CA ASP A 552 -48.94 -13.74 4.31
C ASP A 552 -50.05 -14.76 4.01
N SER A 553 -49.79 -16.02 4.30
CA SER A 553 -50.77 -17.06 4.07
C SER A 553 -51.96 -16.89 5.01
N PHE A 554 -53.13 -17.30 4.54
CA PHE A 554 -54.35 -17.18 5.34
C PHE A 554 -54.25 -18.03 6.60
N MET A 555 -53.75 -19.26 6.47
CA MET A 555 -53.57 -20.11 7.64
C MET A 555 -52.23 -19.84 8.33
N GLN A 556 -51.23 -19.39 7.59
CA GLN A 556 -49.86 -19.10 8.02
C GLN A 556 -49.28 -20.31 8.76
N PRO A 557 -48.93 -20.28 10.06
CA PRO A 557 -48.03 -21.33 10.55
C PRO A 557 -48.62 -22.73 10.49
N PHE A 558 -49.92 -22.87 10.69
CA PHE A 558 -50.56 -24.18 10.60
C PHE A 558 -50.64 -24.64 9.15
N GLN A 559 -50.47 -25.95 8.96
CA GLN A 559 -50.55 -26.54 7.64
C GLN A 559 -51.71 -27.52 7.57
N SER A 560 -51.86 -28.23 6.44
CA SER A 560 -52.95 -29.18 6.29
C SER A 560 -52.85 -30.30 7.33
N THR A 561 -51.63 -30.81 7.54
CA THR A 561 -51.44 -31.84 8.56
C THR A 561 -51.74 -31.30 9.96
N LEU A 562 -51.28 -30.08 10.24
CA LEU A 562 -51.55 -29.49 11.55
C LEU A 562 -53.04 -29.23 11.76
N TRP A 563 -53.73 -28.73 10.73
CA TRP A 563 -55.16 -28.52 10.85
C TRP A 563 -55.91 -29.84 11.04
N LEU A 564 -55.51 -30.88 10.32
CA LEU A 564 -56.14 -32.19 10.50
C LEU A 564 -55.90 -32.72 11.90
N LEU A 565 -54.68 -32.55 12.42
CA LEU A 565 -54.37 -33.02 13.77
C LEU A 565 -55.17 -32.27 14.83
N VAL A 566 -55.30 -30.94 14.66
CA VAL A 566 -56.02 -30.16 15.67
C VAL A 566 -57.52 -30.40 15.55
N GLY A 567 -58.01 -30.77 14.37
CA GLY A 567 -59.42 -31.12 14.22
C GLY A 567 -59.77 -32.52 14.64
N LEU A 568 -58.80 -33.43 14.63
CA LEU A 568 -59.03 -34.80 15.07
C LEU A 568 -58.75 -35.00 16.56
N SER A 569 -58.23 -33.99 17.24
CA SER A 569 -57.93 -34.08 18.67
C SER A 569 -59.06 -33.55 19.54
N VAL A 570 -60.16 -33.11 18.94
CA VAL A 570 -61.30 -32.59 19.70
C VAL A 570 -62.45 -33.59 19.77
N HIS A 571 -62.66 -34.39 18.72
CA HIS A 571 -63.75 -35.37 18.76
C HIS A 571 -63.41 -36.53 19.67
N VAL A 572 -62.14 -36.96 19.70
CA VAL A 572 -61.75 -38.11 20.50
C VAL A 572 -61.90 -37.82 21.98
N VAL A 573 -61.46 -36.65 22.43
CA VAL A 573 -61.59 -36.30 23.84
C VAL A 573 -63.06 -36.13 24.21
N ALA A 574 -63.86 -35.57 23.29
CA ALA A 574 -65.28 -35.39 23.56
C ALA A 574 -65.99 -36.72 23.73
N VAL A 575 -65.72 -37.67 22.84
CA VAL A 575 -66.38 -38.97 22.96
C VAL A 575 -65.85 -39.74 24.16
N MET A 576 -64.57 -39.57 24.50
CA MET A 576 -64.05 -40.20 25.71
C MET A 576 -64.73 -39.65 26.96
N LEU A 577 -64.92 -38.34 27.02
CA LEU A 577 -65.62 -37.74 28.15
C LEU A 577 -67.07 -38.20 28.21
N TYR A 578 -67.72 -38.29 27.04
CA TYR A 578 -69.11 -38.76 27.01
C TYR A 578 -69.22 -40.20 27.51
N LEU A 579 -68.28 -41.06 27.09
CA LEU A 579 -68.29 -42.44 27.56
C LEU A 579 -68.02 -42.53 29.05
N LEU A 580 -67.08 -41.71 29.55
CA LEU A 580 -66.77 -41.72 30.97
C LEU A 580 -67.96 -41.25 31.81
N ASP A 581 -68.66 -40.21 31.34
CA ASP A 581 -69.83 -39.72 32.05
C ASP A 581 -70.95 -40.76 32.07
N ARG A 582 -71.17 -41.44 30.95
CA ARG A 582 -72.20 -42.46 30.86
C ARG A 582 -71.76 -43.76 31.54
N LEU A 603 -71.79 -38.16 22.88
CA LEU A 603 -72.96 -37.37 23.20
C LEU A 603 -72.94 -36.03 22.48
N SER A 604 -74.11 -35.58 22.02
CA SER A 604 -74.20 -34.31 21.32
C SER A 604 -73.86 -33.15 22.26
N SER A 605 -74.32 -33.21 23.50
CA SER A 605 -74.02 -32.15 24.47
C SER A 605 -72.53 -32.07 24.74
N ALA A 606 -71.87 -33.23 24.90
CA ALA A 606 -70.43 -33.23 25.14
C ALA A 606 -69.68 -32.66 23.95
N MET A 607 -70.08 -33.03 22.73
CA MET A 607 -69.44 -32.49 21.53
C MET A 607 -69.62 -30.99 21.43
N TRP A 608 -70.82 -30.49 21.73
CA TRP A 608 -71.06 -29.05 21.69
C TRP A 608 -70.23 -28.33 22.74
N PHE A 609 -70.13 -28.91 23.95
CA PHE A 609 -69.31 -28.31 24.99
C PHE A 609 -67.84 -28.27 24.58
N SER A 610 -67.35 -29.34 23.96
CA SER A 610 -65.97 -29.38 23.50
C SER A 610 -65.73 -28.33 22.42
N TRP A 611 -66.68 -28.19 21.48
CA TRP A 611 -66.55 -27.17 20.45
C TRP A 611 -66.61 -25.76 21.03
N GLY A 612 -67.31 -25.59 22.15
CA GLY A 612 -67.44 -24.28 22.76
C GLY A 612 -66.24 -23.83 23.58
N VAL A 613 -65.19 -24.65 23.68
CA VAL A 613 -64.00 -24.27 24.43
C VAL A 613 -62.95 -23.64 23.53
N LEU A 614 -62.69 -24.24 22.37
CA LEU A 614 -61.66 -23.73 21.47
C LEU A 614 -62.15 -22.59 20.60
N LEU A 615 -63.45 -22.26 20.64
CA LEU A 615 -64.00 -21.19 19.82
C LEU A 615 -64.80 -20.20 20.66
N ASN A 616 -64.70 -20.28 21.99
CA ASN A 616 -65.42 -19.39 22.92
C ASN A 616 -66.91 -19.55 22.64
N SER A 617 -67.68 -18.47 22.56
CA SER A 617 -69.13 -18.51 22.30
C SER A 617 -69.77 -19.34 23.40
N GLY A 618 -70.61 -20.32 23.08
CA GLY A 618 -71.24 -21.15 24.10
C GLY A 618 -70.50 -22.45 24.36
N SER A 626 -69.87 -34.39 41.75
CA SER A 626 -68.72 -35.27 41.61
C SER A 626 -67.65 -34.64 40.72
N PHE A 627 -66.64 -35.42 40.35
CA PHE A 627 -65.55 -34.95 39.50
C PHE A 627 -65.53 -35.58 38.12
N SER A 628 -66.23 -36.70 37.92
CA SER A 628 -66.22 -37.37 36.63
C SER A 628 -66.92 -36.56 35.55
N ALA A 629 -67.72 -35.56 35.93
CA ALA A 629 -68.41 -34.74 34.93
C ALA A 629 -67.42 -33.95 34.09
N ARG A 630 -66.38 -33.40 34.69
CA ARG A 630 -65.37 -32.61 33.99
C ARG A 630 -63.99 -33.11 34.41
N ILE A 631 -63.35 -33.87 33.52
CA ILE A 631 -62.00 -34.38 33.76
C ILE A 631 -61.08 -33.92 32.63
N LEU A 632 -61.42 -34.29 31.40
CA LEU A 632 -60.57 -33.94 30.26
C LEU A 632 -60.72 -32.46 29.88
N GLY A 633 -61.86 -31.85 30.19
CA GLY A 633 -62.08 -30.47 29.80
C GLY A 633 -61.12 -29.50 30.47
N MET A 634 -60.79 -29.76 31.73
CA MET A 634 -59.91 -28.86 32.47
C MET A 634 -58.52 -28.80 31.82
N VAL A 635 -57.99 -29.95 31.43
CA VAL A 635 -56.69 -29.95 30.77
C VAL A 635 -56.83 -29.58 29.29
N TRP A 636 -58.00 -29.82 28.69
CA TRP A 636 -58.20 -29.45 27.30
C TRP A 636 -58.23 -27.94 27.12
N ALA A 637 -58.77 -27.21 28.10
CA ALA A 637 -58.73 -25.75 28.04
C ALA A 637 -57.29 -25.25 28.06
N GLY A 638 -56.46 -25.83 28.93
CA GLY A 638 -55.06 -25.46 28.95
C GLY A 638 -54.33 -25.81 27.67
N PHE A 639 -54.65 -26.97 27.09
CA PHE A 639 -54.08 -27.34 25.80
C PHE A 639 -54.46 -26.35 24.72
N ALA A 640 -55.73 -25.93 24.69
CA ALA A 640 -56.17 -24.94 23.71
C ALA A 640 -55.47 -23.61 23.91
N MET A 641 -55.32 -23.18 25.17
CA MET A 641 -54.60 -21.94 25.44
C MET A 641 -53.15 -22.02 24.97
N ILE A 642 -52.50 -23.15 25.23
CA ILE A 642 -51.10 -23.31 24.83
C ILE A 642 -50.98 -23.29 23.31
N ILE A 643 -51.87 -23.99 22.61
CA ILE A 643 -51.75 -24.07 21.16
C ILE A 643 -52.06 -22.71 20.51
N VAL A 644 -53.04 -21.98 21.04
CA VAL A 644 -53.32 -20.66 20.45
C VAL A 644 -52.19 -19.70 20.76
N ALA A 645 -51.57 -19.81 21.95
CA ALA A 645 -50.41 -18.97 22.25
C ALA A 645 -49.26 -19.27 21.30
N SER A 646 -49.02 -20.56 21.04
CA SER A 646 -47.96 -20.92 20.10
C SER A 646 -48.27 -20.43 18.69
N TYR A 647 -49.54 -20.51 18.29
CA TYR A 647 -49.95 -20.00 16.98
C TYR A 647 -49.68 -18.50 16.88
N THR A 648 -50.06 -17.75 17.91
CA THR A 648 -49.82 -16.31 17.90
C THR A 648 -48.33 -16.00 17.87
N ALA A 649 -47.53 -16.73 18.65
CA ALA A 649 -46.09 -16.51 18.66
C ALA A 649 -45.47 -16.79 17.30
N ASN A 650 -45.87 -17.89 16.66
CA ASN A 650 -45.33 -18.22 15.35
C ASN A 650 -45.76 -17.20 14.30
N LEU A 651 -47.01 -16.73 14.37
CA LEU A 651 -47.46 -15.70 13.45
C LEU A 651 -46.68 -14.40 13.63
N ALA A 652 -46.42 -14.02 14.89
CA ALA A 652 -45.62 -12.82 15.15
C ALA A 652 -44.20 -12.99 14.62
N ALA A 653 -43.62 -14.18 14.82
CA ALA A 653 -42.28 -14.43 14.29
C ALA A 653 -42.25 -14.36 12.77
N PHE A 654 -43.29 -14.90 12.12
CA PHE A 654 -43.36 -14.84 10.66
C PHE A 654 -43.51 -13.41 10.16
N LEU A 655 -44.30 -12.59 10.87
CA LEU A 655 -44.55 -11.23 10.42
C LEU A 655 -43.34 -10.32 10.56
N VAL A 656 -42.40 -10.65 11.46
CA VAL A 656 -41.22 -9.81 11.67
C VAL A 656 -40.08 -10.30 10.79
N LEU A 657 -40.37 -11.22 9.88
CA LEU A 657 -39.36 -11.75 8.95
C LEU A 657 -39.23 -10.77 7.79
N ASP A 658 -38.44 -9.73 8.01
CA ASP A 658 -38.22 -8.71 6.99
C ASP A 658 -37.43 -9.27 5.82
N ARG A 659 -37.79 -8.84 4.61
CA ARG A 659 -37.09 -9.30 3.42
C ARG A 659 -35.70 -8.68 3.36
N PRO A 660 -34.65 -9.49 3.16
CA PRO A 660 -33.29 -8.92 3.10
C PRO A 660 -33.07 -8.09 1.85
N GLU A 661 -32.87 -6.78 2.04
CA GLU A 661 -32.64 -5.87 0.93
C GLU A 661 -31.17 -5.48 0.76
N GLU A 662 -30.38 -5.54 1.83
CA GLU A 662 -28.96 -5.18 1.76
C GLU A 662 -28.12 -6.37 1.29
N ARG A 663 -28.43 -6.83 0.07
CA ARG A 663 -27.69 -7.94 -0.50
C ARG A 663 -26.23 -7.58 -0.77
N ILE A 664 -25.99 -6.36 -1.24
CA ILE A 664 -24.65 -5.89 -1.58
C ILE A 664 -24.28 -4.78 -0.61
N THR A 665 -23.16 -4.95 0.09
CA THR A 665 -22.66 -3.95 1.03
C THR A 665 -21.67 -3.00 0.36
N GLY A 666 -22.10 -2.38 -0.73
CA GLY A 666 -21.25 -1.45 -1.44
C GLY A 666 -20.19 -2.13 -2.29
N ILE A 667 -19.17 -1.35 -2.64
CA ILE A 667 -18.09 -1.86 -3.49
C ILE A 667 -17.24 -2.88 -2.76
N ASN A 668 -17.32 -2.94 -1.43
CA ASN A 668 -16.53 -3.88 -0.65
C ASN A 668 -17.15 -5.26 -0.57
N ASP A 669 -18.31 -5.47 -1.17
CA ASP A 669 -18.97 -6.77 -1.13
C ASP A 669 -18.18 -7.78 -1.95
N PRO A 670 -17.74 -8.90 -1.36
CA PRO A 670 -17.00 -9.90 -2.14
C PRO A 670 -17.80 -10.50 -3.29
N ARG A 671 -19.11 -10.63 -3.13
CA ARG A 671 -19.93 -11.19 -4.21
C ARG A 671 -19.95 -10.30 -5.43
N LEU A 672 -19.98 -8.98 -5.24
CA LEU A 672 -20.00 -8.06 -6.37
C LEU A 672 -18.59 -7.76 -6.89
N ARG A 673 -17.61 -7.67 -5.98
CA ARG A 673 -16.23 -7.40 -6.41
C ARG A 673 -15.69 -8.53 -7.27
N ASN A 674 -15.94 -9.77 -6.87
CA ASN A 674 -15.48 -10.92 -7.65
C ASN A 674 -16.45 -11.17 -8.81
N PRO A 675 -15.98 -11.17 -10.05
CA PRO A 675 -16.89 -11.43 -11.18
C PRO A 675 -17.45 -12.84 -11.13
N SER A 676 -18.69 -12.97 -11.56
CA SER A 676 -19.39 -14.25 -11.59
C SER A 676 -20.23 -14.35 -12.86
N ASP A 677 -20.52 -15.59 -13.26
CA ASP A 677 -21.34 -15.81 -14.43
C ASP A 677 -22.75 -15.28 -14.24
N LYS A 678 -23.34 -15.53 -13.06
CA LYS A 678 -24.69 -15.04 -12.79
C LYS A 678 -24.72 -13.52 -12.69
N PHE A 679 -23.73 -12.93 -12.03
CA PHE A 679 -23.70 -11.48 -11.87
C PHE A 679 -23.34 -10.80 -13.18
N ILE A 680 -24.03 -9.70 -13.48
CA ILE A 680 -23.78 -8.91 -14.67
C ILE A 680 -23.61 -7.45 -14.25
N TYR A 681 -22.49 -6.86 -14.65
CA TYR A 681 -22.23 -5.45 -14.35
C TYR A 681 -22.90 -4.55 -15.38
N ALA A 682 -23.05 -3.28 -15.01
CA ALA A 682 -23.64 -2.29 -15.90
C ALA A 682 -23.17 -0.91 -15.46
N THR A 683 -22.85 -0.07 -16.44
CA THR A 683 -22.40 1.28 -16.17
C THR A 683 -22.62 2.13 -17.41
N VAL A 684 -22.59 3.45 -17.22
CA VAL A 684 -22.77 4.39 -18.32
C VAL A 684 -21.48 4.45 -19.14
N LYS A 685 -21.60 4.22 -20.44
CA LYS A 685 -20.44 4.18 -21.31
C LYS A 685 -19.87 5.58 -21.52
N GLN A 686 -18.55 5.64 -21.68
CA GLN A 686 -17.83 6.89 -21.96
C GLN A 686 -18.11 7.94 -20.88
N SER A 687 -18.03 7.51 -19.62
CA SER A 687 -18.24 8.42 -18.49
C SER A 687 -17.08 8.35 -17.51
N SER A 688 -17.22 9.01 -16.37
CA SER A 688 -16.17 9.02 -15.36
C SER A 688 -16.02 7.67 -14.65
N VAL A 689 -17.00 6.77 -14.80
CA VAL A 689 -16.92 5.46 -14.15
C VAL A 689 -15.76 4.66 -14.70
N ASP A 690 -15.59 4.68 -16.03
CA ASP A 690 -14.49 3.94 -16.64
C ASP A 690 -13.13 4.51 -16.21
N ILE A 691 -13.04 5.84 -16.10
CA ILE A 691 -11.80 6.46 -15.64
C ILE A 691 -11.50 6.07 -14.21
N TYR A 692 -12.53 6.08 -13.34
CA TYR A 692 -12.34 5.73 -11.94
C TYR A 692 -11.92 4.27 -11.80
N PHE A 693 -12.55 3.38 -12.55
CA PHE A 693 -12.21 1.96 -12.45
C PHE A 693 -10.80 1.68 -12.99
N ARG A 694 -10.42 2.38 -14.05
CA ARG A 694 -9.11 2.19 -14.67
C ARG A 694 -8.02 3.05 -14.04
N ARG A 695 -8.36 3.88 -13.05
CA ARG A 695 -7.36 4.72 -12.41
C ARG A 695 -6.41 3.91 -11.54
N GLN A 696 -6.89 2.83 -10.94
CA GLN A 696 -6.08 2.00 -10.06
C GLN A 696 -6.14 0.55 -10.51
N VAL A 697 -5.07 -0.20 -10.24
CA VAL A 697 -5.00 -1.60 -10.62
C VAL A 697 -5.84 -2.49 -9.74
N GLU A 698 -6.29 -2.00 -8.59
CA GLU A 698 -7.10 -2.82 -7.68
C GLU A 698 -8.42 -3.23 -8.32
N LEU A 699 -9.06 -2.31 -9.05
CA LEU A 699 -10.32 -2.58 -9.73
C LEU A 699 -10.13 -2.93 -11.20
N SER A 700 -8.88 -3.20 -11.63
CA SER A 700 -8.65 -3.56 -13.02
C SER A 700 -9.35 -4.87 -13.40
N THR A 701 -9.31 -5.86 -12.50
CA THR A 701 -9.97 -7.12 -12.77
C THR A 701 -11.49 -7.01 -12.75
N MET A 702 -12.03 -5.96 -12.14
CA MET A 702 -13.47 -5.73 -12.09
C MET A 702 -13.96 -4.85 -13.23
N TYR A 703 -13.08 -4.38 -14.10
CA TYR A 703 -13.44 -3.48 -15.19
C TYR A 703 -13.34 -4.15 -16.54
N ARG A 704 -12.19 -4.73 -16.88
CA ARG A 704 -12.02 -5.36 -18.19
C ARG A 704 -12.91 -6.59 -18.34
N HIS A 705 -13.02 -7.40 -17.29
CA HIS A 705 -13.79 -8.63 -17.39
C HIS A 705 -15.30 -8.40 -17.40
N MET A 706 -15.75 -7.21 -16.99
CA MET A 706 -17.16 -6.89 -16.90
C MET A 706 -17.47 -5.57 -17.60
N GLU A 707 -16.96 -5.42 -18.82
CA GLU A 707 -17.14 -4.21 -19.61
C GLU A 707 -18.10 -4.39 -20.78
N LYS A 708 -18.24 -5.60 -21.31
CA LYS A 708 -19.09 -5.83 -22.47
C LYS A 708 -20.58 -5.68 -22.16
N HIS A 709 -20.96 -5.61 -20.89
CA HIS A 709 -22.36 -5.49 -20.49
C HIS A 709 -22.76 -4.06 -20.16
N ASN A 710 -21.91 -3.08 -20.45
CA ASN A 710 -22.22 -1.70 -20.14
C ASN A 710 -23.32 -1.16 -21.05
N TYR A 711 -23.98 -0.10 -20.59
CA TYR A 711 -25.03 0.56 -21.34
C TYR A 711 -24.60 1.97 -21.71
N GLU A 712 -24.95 2.39 -22.93
CA GLU A 712 -24.55 3.70 -23.41
C GLU A 712 -25.43 4.83 -22.88
N SER A 713 -26.59 4.51 -22.33
CA SER A 713 -27.49 5.52 -21.79
C SER A 713 -28.10 5.03 -20.49
N ALA A 714 -28.38 5.98 -19.59
CA ALA A 714 -28.99 5.63 -18.31
C ALA A 714 -30.43 5.16 -18.48
N ALA A 715 -31.17 5.73 -19.45
CA ALA A 715 -32.55 5.33 -19.65
C ALA A 715 -32.65 3.87 -20.08
N GLU A 716 -31.74 3.42 -20.95
CA GLU A 716 -31.73 2.02 -21.36
C GLU A 716 -31.45 1.10 -20.19
N ALA A 717 -30.51 1.49 -19.32
CA ALA A 717 -30.22 0.67 -18.14
C ALA A 717 -31.41 0.61 -17.20
N ILE A 718 -32.10 1.74 -17.00
CA ILE A 718 -33.28 1.75 -16.15
C ILE A 718 -34.36 0.86 -16.73
N GLN A 719 -34.59 0.95 -18.05
CA GLN A 719 -35.60 0.11 -18.68
C GLN A 719 -35.24 -1.37 -18.56
N ALA A 720 -33.97 -1.71 -18.72
CA ALA A 720 -33.54 -3.10 -18.58
C ALA A 720 -33.72 -3.60 -17.15
N VAL A 721 -33.39 -2.77 -16.16
CA VAL A 721 -33.50 -3.21 -14.77
C VAL A 721 -34.95 -3.24 -14.29
N ARG A 722 -35.84 -2.47 -14.93
CA ARG A 722 -37.26 -2.54 -14.56
C ARG A 722 -37.90 -3.87 -14.96
N ASP A 723 -37.34 -4.55 -15.96
CA ASP A 723 -37.86 -5.82 -16.42
C ASP A 723 -37.11 -7.01 -15.82
N ASN A 724 -36.34 -6.78 -14.76
CA ASN A 724 -35.55 -7.83 -14.10
C ASN A 724 -34.56 -8.49 -15.05
N LYS A 725 -34.06 -7.74 -16.03
CA LYS A 725 -33.06 -8.23 -16.97
C LYS A 725 -31.65 -7.79 -16.60
N LEU A 726 -31.48 -7.13 -15.46
CA LEU A 726 -30.18 -6.65 -15.02
C LEU A 726 -30.02 -6.92 -13.54
N HIS A 727 -28.84 -7.39 -13.13
CA HIS A 727 -28.60 -7.68 -11.72
C HIS A 727 -28.68 -6.41 -10.88
N ALA A 728 -27.78 -5.45 -11.15
CA ALA A 728 -27.75 -4.21 -10.40
C ALA A 728 -27.10 -3.12 -11.25
N PHE A 729 -27.40 -1.87 -10.91
CA PHE A 729 -26.83 -0.71 -11.57
C PHE A 729 -26.27 0.23 -10.52
N ILE A 730 -25.07 0.77 -10.77
CA ILE A 730 -24.35 1.59 -9.81
C ILE A 730 -23.73 2.78 -10.55
N TRP A 731 -23.04 3.63 -9.79
CA TRP A 731 -22.31 4.78 -10.31
C TRP A 731 -23.24 5.76 -11.04
N ASP A 732 -24.49 5.83 -10.61
CA ASP A 732 -25.47 6.75 -11.18
C ASP A 732 -26.33 7.37 -10.10
N SER A 733 -25.69 7.84 -9.03
CA SER A 733 -26.43 8.38 -7.89
C SER A 733 -27.36 9.53 -8.28
N ALA A 734 -26.98 10.29 -9.30
CA ALA A 734 -27.80 11.41 -9.74
C ALA A 734 -29.19 10.96 -10.16
N VAL A 735 -29.27 9.85 -10.89
CA VAL A 735 -30.57 9.29 -11.28
C VAL A 735 -31.07 8.23 -10.31
N LEU A 736 -30.20 7.64 -9.51
CA LEU A 736 -30.62 6.65 -8.52
C LEU A 736 -31.31 7.28 -7.32
N GLU A 737 -31.00 8.54 -7.01
CA GLU A 737 -31.70 9.24 -5.94
C GLU A 737 -33.13 9.62 -6.33
N PHE A 738 -33.49 9.48 -7.60
CA PHE A 738 -34.84 9.76 -8.09
C PHE A 738 -35.59 8.51 -8.52
N GLU A 739 -34.89 7.53 -9.10
CA GLU A 739 -35.56 6.30 -9.52
C GLU A 739 -36.10 5.54 -8.31
N ALA A 740 -35.33 5.47 -7.23
CA ALA A 740 -35.76 4.76 -6.02
C ALA A 740 -36.83 5.52 -5.25
N SER A 741 -37.06 6.79 -5.56
CA SER A 741 -38.05 7.61 -4.86
C SER A 741 -39.34 7.75 -5.64
N GLN A 742 -39.28 8.27 -6.86
CA GLN A 742 -40.49 8.48 -7.65
C GLN A 742 -41.10 7.16 -8.10
N LYS A 743 -40.29 6.26 -8.66
CA LYS A 743 -40.81 4.98 -9.14
C LYS A 743 -41.10 4.03 -7.98
N CYS A 744 -40.35 4.14 -6.89
CA CYS A 744 -40.46 3.27 -5.71
C CYS A 744 -40.67 1.81 -6.10
N ASP A 745 -39.81 1.33 -6.99
CA ASP A 745 -39.81 -0.06 -7.41
C ASP A 745 -38.48 -0.77 -7.17
N LEU A 746 -37.42 -0.04 -6.86
CA LEU A 746 -36.11 -0.62 -6.58
C LEU A 746 -35.55 0.00 -5.32
N VAL A 747 -34.63 -0.74 -4.67
CA VAL A 747 -33.99 -0.29 -3.45
C VAL A 747 -32.51 -0.05 -3.73
N THR A 748 -31.93 0.88 -2.98
CA THR A 748 -30.52 1.21 -3.09
C THR A 748 -29.83 0.92 -1.76
N THR A 749 -28.75 0.15 -1.82
CA THR A 749 -28.00 -0.25 -0.63
C THR A 749 -26.51 -0.03 -0.87
N GLY A 750 -25.73 -0.18 0.19
CA GLY A 750 -24.30 -0.02 0.13
C GLY A 750 -23.84 1.38 0.52
N GLU A 751 -22.59 1.45 0.95
CA GLU A 751 -22.01 2.72 1.37
C GLU A 751 -21.59 3.53 0.14
N LEU A 752 -21.31 4.82 0.39
CA LEU A 752 -20.90 5.74 -0.66
C LEU A 752 -19.37 5.71 -0.74
N PHE A 753 -18.84 5.02 -1.74
CA PHE A 753 -17.40 4.86 -1.89
C PHE A 753 -16.76 5.97 -2.73
N PHE A 754 -17.55 6.90 -3.26
CA PHE A 754 -17.00 8.00 -4.07
C PHE A 754 -17.91 9.21 -3.85
N ARG A 755 -17.51 10.08 -2.92
CA ARG A 755 -18.24 11.31 -2.64
C ARG A 755 -17.77 12.38 -3.63
N SER A 756 -18.49 12.49 -4.74
CA SER A 756 -18.13 13.41 -5.81
C SER A 756 -19.16 14.54 -5.89
N GLY A 757 -18.68 15.74 -6.18
CA GLY A 757 -19.56 16.88 -6.32
C GLY A 757 -19.67 17.36 -7.75
N PHE A 758 -20.90 17.43 -8.27
CA PHE A 758 -21.11 17.94 -9.62
C PHE A 758 -20.69 19.39 -9.71
N GLY A 759 -19.89 19.72 -10.72
CA GLY A 759 -19.31 21.04 -10.86
C GLY A 759 -19.72 21.71 -12.16
N ILE A 760 -19.32 22.97 -12.28
CA ILE A 760 -19.61 23.78 -13.46
C ILE A 760 -18.30 23.92 -14.22
N GLY A 761 -18.10 23.03 -15.19
CA GLY A 761 -16.91 23.09 -16.02
C GLY A 761 -17.03 24.16 -17.10
N MET A 762 -15.92 24.83 -17.37
CA MET A 762 -15.88 25.90 -18.36
C MET A 762 -14.62 25.72 -19.20
N ARG A 763 -14.32 26.73 -20.00
CA ARG A 763 -13.13 26.70 -20.85
C ARG A 763 -11.87 26.84 -20.00
N LYS A 764 -10.76 26.35 -20.56
CA LYS A 764 -9.48 26.43 -19.85
C LYS A 764 -9.04 27.88 -19.71
N ASP A 765 -8.65 28.26 -18.49
CA ASP A 765 -8.24 29.63 -18.18
C ASP A 765 -9.32 30.64 -18.56
N SER A 766 -10.58 30.28 -18.33
CA SER A 766 -11.68 31.17 -18.65
C SER A 766 -11.68 32.37 -17.70
N PRO A 767 -11.94 33.58 -18.22
CA PRO A 767 -11.98 34.75 -17.34
C PRO A 767 -13.23 34.84 -16.48
N TRP A 768 -14.22 33.98 -16.70
CA TRP A 768 -15.47 34.01 -15.95
C TRP A 768 -15.48 33.01 -14.80
N LYS A 769 -14.34 32.38 -14.49
CA LYS A 769 -14.30 31.40 -13.42
C LYS A 769 -14.60 32.03 -12.07
N GLN A 770 -14.06 33.22 -11.82
CA GLN A 770 -14.31 33.89 -10.54
C GLN A 770 -15.78 34.24 -10.37
N ASN A 771 -16.41 34.76 -11.42
CA ASN A 771 -17.82 35.15 -11.32
C ASN A 771 -18.72 33.95 -11.07
N VAL A 772 -18.50 32.85 -11.80
CA VAL A 772 -19.32 31.66 -11.62
C VAL A 772 -19.06 31.03 -10.25
N SER A 773 -17.81 31.06 -9.78
CA SER A 773 -17.52 30.54 -8.45
C SER A 773 -18.23 31.36 -7.37
N LEU A 774 -18.21 32.70 -7.50
CA LEU A 774 -18.91 33.53 -6.54
C LEU A 774 -20.41 33.29 -6.58
N SER A 775 -20.97 33.14 -7.78
CA SER A 775 -22.40 32.87 -7.89
C SER A 775 -22.76 31.52 -7.27
N ILE A 776 -21.94 30.49 -7.50
CA ILE A 776 -22.24 29.17 -6.97
C ILE A 776 -22.05 29.13 -5.46
N LEU A 777 -21.17 29.98 -4.92
CA LEU A 777 -21.05 30.09 -3.47
C LEU A 777 -22.22 30.83 -2.87
N LYS A 778 -22.68 31.90 -3.52
CA LYS A 778 -23.86 32.61 -3.05
C LYS A 778 -25.11 31.75 -3.12
N SER A 779 -25.15 30.81 -4.08
CA SER A 779 -26.27 29.89 -4.15
C SER A 779 -26.36 29.02 -2.90
N HIS A 780 -25.22 28.55 -2.39
CA HIS A 780 -25.21 27.81 -1.15
C HIS A 780 -25.42 28.73 0.05
N GLU A 781 -25.01 30.00 -0.05
CA GLU A 781 -25.14 30.92 1.07
C GLU A 781 -26.60 31.16 1.43
N ASN A 782 -27.46 31.34 0.44
CA ASN A 782 -28.88 31.60 0.67
C ASN A 782 -29.73 30.34 0.60
N GLY A 783 -29.12 29.18 0.37
CA GLY A 783 -29.87 27.94 0.34
C GLY A 783 -30.74 27.76 -0.89
N PHE A 784 -30.41 28.42 -2.00
CA PHE A 784 -31.20 28.29 -3.21
C PHE A 784 -31.16 26.86 -3.74
N MET A 785 -29.98 26.24 -3.74
CA MET A 785 -29.87 24.85 -4.16
C MET A 785 -30.66 23.93 -3.23
N GLU A 786 -30.59 24.18 -1.92
CA GLU A 786 -31.38 23.39 -0.97
C GLU A 786 -32.87 23.57 -1.22
N ASP A 787 -33.30 24.80 -1.51
CA ASP A 787 -34.70 25.05 -1.80
C ASP A 787 -35.14 24.30 -3.06
N LEU A 788 -34.31 24.31 -4.10
CA LEU A 788 -34.64 23.58 -5.32
C LEU A 788 -34.71 22.08 -5.05
N ASP A 789 -33.78 21.55 -4.27
CA ASP A 789 -33.80 20.13 -3.94
C ASP A 789 -35.07 19.77 -3.17
N LYS A 790 -35.44 20.59 -2.18
CA LYS A 790 -36.66 20.33 -1.43
C LYS A 790 -37.91 20.45 -2.29
N THR A 791 -37.88 21.33 -3.30
CA THR A 791 -39.03 21.48 -4.18
C THR A 791 -39.15 20.30 -5.14
N TRP A 792 -38.02 19.77 -5.61
CA TRP A 792 -38.04 18.72 -6.64
C TRP A 792 -38.13 17.32 -6.04
N VAL A 793 -37.17 16.94 -5.19
CA VAL A 793 -37.10 15.57 -4.69
C VAL A 793 -38.33 15.23 -3.86
N ARG A 794 -38.74 16.14 -2.97
CA ARG A 794 -39.87 15.88 -2.09
C ARG A 794 -41.17 15.73 -2.88
N TYR A 795 -41.35 16.56 -3.91
CA TYR A 795 -42.57 16.49 -4.72
C TYR A 795 -42.68 15.14 -5.42
N GLN A 796 -41.57 14.65 -5.98
CA GLN A 796 -41.54 13.35 -6.65
C GLN A 796 -41.09 12.28 -5.64
N GLU A 797 -42.02 11.93 -4.76
CA GLU A 797 -41.76 10.95 -3.71
C GLU A 797 -42.86 9.90 -3.71
N CYS A 798 -42.62 8.83 -2.97
CA CYS A 798 -43.54 7.70 -2.87
C CYS A 798 -43.21 6.91 -1.61
N ASP A 799 -43.93 5.83 -1.38
CA ASP A 799 -43.71 4.99 -0.20
C ASP A 799 -42.41 4.22 -0.32
N THR A 807 -48.73 -4.32 6.26
CA THR A 807 -48.48 -5.65 5.69
C THR A 807 -49.78 -6.44 5.57
N LEU A 808 -50.69 -6.22 6.51
CA LEU A 808 -51.98 -6.92 6.48
C LEU A 808 -52.82 -6.43 5.31
N THR A 809 -53.49 -7.37 4.65
CA THR A 809 -54.34 -7.06 3.51
C THR A 809 -55.48 -8.07 3.47
N PHE A 810 -56.17 -8.13 2.33
CA PHE A 810 -57.28 -9.07 2.16
C PHE A 810 -56.82 -10.52 2.10
N GLU A 811 -55.52 -10.77 1.91
CA GLU A 811 -55.04 -12.15 1.90
C GLU A 811 -55.25 -12.82 3.24
N ASN A 812 -55.00 -12.10 4.34
CA ASN A 812 -55.21 -12.62 5.68
C ASN A 812 -56.55 -12.21 6.28
N MET A 813 -57.39 -11.50 5.52
CA MET A 813 -58.67 -11.01 6.02
C MET A 813 -59.85 -11.57 5.25
N ALA A 814 -59.81 -11.56 3.93
CA ALA A 814 -60.95 -12.03 3.14
C ALA A 814 -61.06 -13.55 3.10
N GLY A 815 -59.99 -14.27 3.46
CA GLY A 815 -60.05 -15.72 3.42
C GLY A 815 -61.06 -16.29 4.41
N VAL A 816 -61.02 -15.81 5.64
CA VAL A 816 -61.95 -16.31 6.65
C VAL A 816 -63.38 -15.88 6.31
N PHE A 817 -63.55 -14.69 5.75
CA PHE A 817 -64.88 -14.26 5.33
C PHE A 817 -65.43 -15.15 4.22
N MET A 818 -64.59 -15.49 3.23
CA MET A 818 -65.03 -16.41 2.19
C MET A 818 -65.35 -17.78 2.75
N LEU A 819 -64.54 -18.27 3.70
CA LEU A 819 -64.78 -19.57 4.29
C LEU A 819 -66.11 -19.60 5.05
N VAL A 820 -66.39 -18.57 5.84
CA VAL A 820 -67.65 -18.56 6.59
C VAL A 820 -68.84 -18.35 5.66
N ALA A 821 -68.67 -17.56 4.58
CA ALA A 821 -69.74 -17.41 3.61
C ALA A 821 -70.06 -18.74 2.93
N GLY A 822 -69.02 -19.51 2.59
CA GLY A 822 -69.24 -20.82 2.00
C GLY A 822 -69.87 -21.80 2.99
N GLY A 823 -69.44 -21.74 4.25
CA GLY A 823 -69.97 -22.65 5.26
C GLY A 823 -71.37 -22.31 5.72
N ILE A 824 -71.82 -21.07 5.50
CA ILE A 824 -73.18 -20.70 5.87
C ILE A 824 -74.20 -21.53 5.08
N VAL A 825 -73.92 -21.77 3.80
CA VAL A 825 -74.82 -22.58 2.98
C VAL A 825 -74.89 -24.00 3.51
N ALA A 826 -73.74 -24.58 3.87
CA ALA A 826 -73.73 -25.92 4.44
C ALA A 826 -74.49 -25.96 5.76
N GLY A 827 -74.31 -24.93 6.59
CA GLY A 827 -75.01 -24.90 7.86
C GLY A 827 -76.52 -24.81 7.71
N ILE A 828 -76.99 -23.95 6.81
CA ILE A 828 -78.43 -23.83 6.60
C ILE A 828 -79.00 -25.10 5.96
N PHE A 829 -78.23 -25.74 5.07
CA PHE A 829 -78.68 -27.00 4.50
C PHE A 829 -78.79 -28.08 5.56
N LEU A 830 -77.81 -28.14 6.47
CA LEU A 830 -77.87 -29.11 7.57
C LEU A 830 -79.05 -28.81 8.49
N ILE A 831 -79.33 -27.53 8.75
CA ILE A 831 -80.47 -27.17 9.59
C ILE A 831 -81.77 -27.59 8.93
N PHE A 832 -81.89 -27.36 7.61
CA PHE A 832 -83.09 -27.80 6.89
C PHE A 832 -83.24 -29.31 6.92
N ILE A 833 -82.13 -30.03 6.75
CA ILE A 833 -82.19 -31.49 6.79
C ILE A 833 -82.62 -31.98 8.17
N GLU A 834 -82.10 -31.36 9.23
CA GLU A 834 -82.49 -31.73 10.58
C GLU A 834 -83.97 -31.45 10.82
N ILE A 835 -84.45 -30.29 10.34
CA ILE A 835 -85.87 -29.97 10.50
C ILE A 835 -86.75 -30.98 9.77
N ALA A 836 -86.35 -31.35 8.54
CA ALA A 836 -87.11 -32.34 7.79
C ALA A 836 -87.11 -33.69 8.49
N TYR A 837 -85.95 -34.09 9.04
CA TYR A 837 -85.89 -35.36 9.77
C TYR A 837 -86.77 -35.34 11.00
N LYS A 838 -86.77 -34.22 11.74
CA LYS A 838 -87.62 -34.11 12.91
C LYS A 838 -89.10 -34.15 12.53
N ARG A 839 -89.47 -33.49 11.43
CA ARG A 839 -90.85 -33.52 10.97
C ARG A 839 -91.27 -34.91 10.55
N HIS A 840 -90.38 -35.64 9.87
CA HIS A 840 -90.67 -37.00 9.42
C HIS A 840 -90.43 -38.05 10.50
N LYS A 841 -89.93 -37.66 11.67
CA LYS A 841 -89.67 -38.60 12.75
C LYS A 841 -90.99 -39.08 13.37
N SER B 34 6.49 -2.80 -71.31
CA SER B 34 5.63 -1.94 -70.51
C SER B 34 6.42 -1.16 -69.47
N ILE B 35 7.07 -1.89 -68.56
CA ILE B 35 7.88 -1.30 -67.51
C ILE B 35 9.31 -1.75 -67.70
N GLY B 36 10.22 -0.78 -67.82
CA GLY B 36 11.63 -1.09 -67.98
C GLY B 36 12.38 -1.14 -66.67
N ILE B 37 11.85 -1.90 -65.70
CA ILE B 37 12.50 -1.99 -64.41
C ILE B 37 13.76 -2.84 -64.50
N ALA B 38 14.71 -2.56 -63.60
CA ALA B 38 15.97 -3.28 -63.56
C ALA B 38 16.39 -3.47 -62.11
N VAL B 39 17.23 -4.47 -61.88
CA VAL B 39 17.73 -4.81 -60.56
C VAL B 39 19.23 -4.58 -60.54
N ILE B 40 19.70 -3.76 -59.61
CA ILE B 40 21.12 -3.43 -59.48
C ILE B 40 21.62 -4.09 -58.20
N LEU B 41 22.63 -4.95 -58.34
CA LEU B 41 23.21 -5.66 -57.21
C LEU B 41 24.61 -5.12 -56.95
N VAL B 42 24.88 -4.80 -55.68
CA VAL B 42 26.18 -4.28 -55.28
C VAL B 42 26.90 -5.26 -54.38
N SER B 45 27.24 -11.27 -54.24
CA SER B 45 25.82 -11.16 -54.60
C SER B 45 25.63 -11.15 -56.11
N ASP B 46 24.80 -12.06 -56.61
CA ASP B 46 24.51 -12.18 -58.04
C ASP B 46 23.07 -11.86 -58.37
N GLU B 47 22.12 -12.50 -57.68
CA GLU B 47 20.68 -12.29 -57.90
C GLU B 47 20.31 -12.55 -59.37
N VAL B 48 20.89 -13.61 -59.94
CA VAL B 48 20.60 -13.95 -61.33
C VAL B 48 19.24 -14.62 -61.49
N ALA B 49 18.65 -15.12 -60.39
CA ALA B 49 17.35 -15.77 -60.46
C ALA B 49 16.19 -14.78 -60.47
N ILE B 50 16.46 -13.50 -60.22
CA ILE B 50 15.38 -12.50 -60.22
C ILE B 50 14.79 -12.36 -61.62
N LYS B 51 15.65 -12.31 -62.64
CA LYS B 51 15.16 -12.20 -64.01
C LYS B 51 14.35 -13.41 -64.42
N ASP B 52 14.82 -14.61 -64.03
CA ASP B 52 14.08 -15.83 -64.36
C ASP B 52 12.72 -15.84 -63.67
N ALA B 53 12.67 -15.42 -62.40
CA ALA B 53 11.40 -15.38 -61.69
C ALA B 53 10.45 -14.35 -62.32
N HIS B 54 10.98 -13.20 -62.72
CA HIS B 54 10.14 -12.19 -63.37
C HIS B 54 9.60 -12.70 -64.70
N GLU B 55 10.45 -13.38 -65.48
CA GLU B 55 9.98 -13.92 -66.77
C GLU B 55 8.95 -15.02 -66.57
N LYS B 56 9.14 -15.87 -65.56
CA LYS B 56 8.20 -16.96 -65.31
C LYS B 56 6.85 -16.46 -64.79
N ASP B 57 6.78 -15.22 -64.31
CA ASP B 57 5.52 -14.68 -63.81
C ASP B 57 4.51 -14.52 -64.93
N ASP B 58 3.26 -14.89 -64.64
CA ASP B 58 2.21 -14.80 -65.63
C ASP B 58 1.78 -13.34 -65.83
N PHE B 59 1.10 -13.10 -66.95
CA PHE B 59 0.61 -11.77 -67.31
C PHE B 59 -0.86 -11.84 -67.72
N HIS B 60 -1.63 -12.72 -67.08
CA HIS B 60 -3.04 -12.84 -67.40
C HIS B 60 -3.80 -11.56 -67.06
N HIS B 61 -3.50 -10.96 -65.91
CA HIS B 61 -4.12 -9.70 -65.49
C HIS B 61 -3.33 -8.48 -65.93
N LEU B 62 -2.23 -8.66 -66.65
CA LEU B 62 -1.38 -7.57 -67.09
C LEU B 62 -1.68 -7.25 -68.55
N SER B 63 -1.94 -5.97 -68.83
CA SER B 63 -2.35 -5.56 -70.17
C SER B 63 -1.19 -5.66 -71.15
N VAL B 64 -0.03 -5.13 -70.78
CA VAL B 64 1.13 -5.07 -71.66
C VAL B 64 2.29 -5.80 -70.98
N VAL B 65 2.93 -6.71 -71.71
CA VAL B 65 4.06 -7.44 -71.14
C VAL B 65 5.21 -6.48 -70.86
N PRO B 66 5.86 -6.56 -69.71
CA PRO B 66 6.93 -5.61 -69.41
C PRO B 66 8.22 -5.92 -70.16
N ARG B 67 9.03 -4.89 -70.35
CA ARG B 67 10.34 -5.07 -70.96
C ARG B 67 11.30 -5.72 -69.97
N VAL B 68 12.29 -6.43 -70.52
CA VAL B 68 13.29 -7.13 -69.74
C VAL B 68 14.61 -6.38 -69.87
N GLU B 69 15.11 -5.88 -68.75
CA GLU B 69 16.38 -5.15 -68.73
C GLU B 69 17.02 -5.32 -67.35
N LEU B 70 18.34 -5.53 -67.35
CA LEU B 70 19.10 -5.69 -66.12
C LEU B 70 20.35 -4.82 -66.19
N VAL B 71 20.61 -4.10 -65.12
CA VAL B 71 21.78 -3.22 -65.03
C VAL B 71 22.64 -3.71 -63.87
N ALA B 72 23.90 -3.99 -64.16
CA ALA B 72 24.85 -4.47 -63.16
C ALA B 72 25.95 -3.43 -62.96
N MET B 73 26.16 -3.05 -61.70
CA MET B 73 27.18 -2.07 -61.36
C MET B 73 27.65 -2.30 -59.94
N ASN B 74 28.90 -1.95 -59.66
CA ASN B 74 29.51 -2.10 -58.34
C ASN B 74 30.12 -0.75 -57.96
N GLU B 75 29.31 0.12 -57.36
CA GLU B 75 29.76 1.44 -56.95
C GLU B 75 28.84 1.97 -55.87
N THR B 76 29.32 2.97 -55.15
CA THR B 76 28.57 3.62 -54.07
C THR B 76 28.67 5.13 -54.20
N ASP B 77 28.50 5.63 -55.41
CA ASP B 77 28.58 7.06 -55.68
C ASP B 77 27.36 7.52 -56.45
N PRO B 78 26.91 8.76 -56.21
CA PRO B 78 25.76 9.28 -56.97
C PRO B 78 26.00 9.36 -58.47
N LYS B 79 27.25 9.62 -58.89
CA LYS B 79 27.53 9.74 -60.31
C LYS B 79 27.29 8.43 -61.05
N SER B 80 27.73 7.31 -60.47
CA SER B 80 27.51 6.01 -61.10
C SER B 80 26.03 5.68 -61.19
N ILE B 81 25.27 5.97 -60.13
CA ILE B 81 23.83 5.73 -60.16
C ILE B 81 23.16 6.58 -61.22
N ILE B 82 23.55 7.85 -61.33
CA ILE B 82 22.96 8.73 -62.33
C ILE B 82 23.29 8.23 -63.74
N THR B 83 24.53 7.81 -63.95
CA THR B 83 24.91 7.28 -65.27
C THR B 83 24.13 6.03 -65.61
N ARG B 84 23.96 5.12 -64.64
CA ARG B 84 23.19 3.90 -64.88
C ARG B 84 21.73 4.23 -65.20
N ILE B 85 21.15 5.18 -64.47
CA ILE B 85 19.76 5.56 -64.72
C ILE B 85 19.62 6.17 -66.11
N CYS B 86 20.57 7.03 -66.50
CA CYS B 86 20.53 7.63 -67.83
C CYS B 86 20.66 6.57 -68.92
N ASP B 87 21.56 5.61 -68.73
CA ASP B 87 21.71 4.53 -69.71
C ASP B 87 20.45 3.70 -69.81
N LEU B 88 19.83 3.38 -68.68
CA LEU B 88 18.59 2.61 -68.70
C LEU B 88 17.48 3.37 -69.40
N MET B 89 17.37 4.68 -69.14
CA MET B 89 16.35 5.49 -69.79
C MET B 89 16.59 5.58 -71.30
N SER B 90 17.85 5.70 -71.70
CA SER B 90 18.16 5.74 -73.13
C SER B 90 17.85 4.40 -73.80
N ASP B 91 18.13 3.29 -73.11
CA ASP B 91 17.88 1.97 -73.70
C ASP B 91 16.39 1.74 -73.90
N ARG B 92 15.57 2.07 -72.92
CA ARG B 92 14.12 1.85 -73.00
C ARG B 92 13.44 2.72 -71.94
N LYS B 93 12.12 2.68 -71.95
CA LYS B 93 11.33 3.44 -70.98
C LYS B 93 11.29 2.69 -69.66
N ILE B 94 11.94 3.24 -68.64
CA ILE B 94 12.01 2.57 -67.35
C ILE B 94 10.69 2.69 -66.60
N GLN B 95 10.26 3.92 -66.32
CA GLN B 95 9.04 4.20 -65.57
C GLN B 95 9.03 3.48 -64.23
N GLY B 96 10.19 3.48 -63.56
CA GLY B 96 10.32 2.82 -62.28
C GLY B 96 11.51 1.87 -62.24
N VAL B 97 12.32 1.97 -61.18
CA VAL B 97 13.52 1.15 -61.05
C VAL B 97 13.57 0.57 -59.64
N VAL B 98 14.29 -0.54 -59.52
CA VAL B 98 14.50 -1.23 -58.24
C VAL B 98 15.99 -1.15 -57.91
N PHE B 99 16.30 -0.67 -56.71
CA PHE B 99 17.67 -0.50 -56.27
C PHE B 99 17.96 -1.43 -55.09
N ALA B 100 19.10 -2.10 -55.15
CA ALA B 100 19.54 -2.97 -54.07
C ALA B 100 21.00 -2.68 -53.75
N ASP B 101 21.38 -2.90 -52.49
CA ASP B 101 22.73 -2.61 -52.04
C ASP B 101 23.09 -3.56 -50.92
N ASP B 102 24.39 -3.72 -50.70
CA ASP B 102 24.91 -4.58 -49.63
C ASP B 102 25.47 -3.80 -48.45
N THR B 103 25.72 -2.50 -48.61
CA THR B 103 26.24 -1.70 -47.51
C THR B 103 25.12 -1.31 -46.55
N ASP B 104 25.52 -0.76 -45.41
CA ASP B 104 24.59 -0.34 -44.37
C ASP B 104 24.19 1.13 -44.47
N GLN B 105 24.65 1.83 -45.51
CA GLN B 105 24.33 3.24 -45.68
C GLN B 105 22.89 3.38 -46.15
N GLU B 106 21.98 3.62 -45.20
CA GLU B 106 20.57 3.79 -45.54
C GLU B 106 20.29 5.09 -46.28
N ALA B 107 21.16 6.10 -46.11
CA ALA B 107 20.95 7.39 -46.76
C ALA B 107 20.86 7.28 -48.27
N ILE B 108 21.46 6.24 -48.86
CA ILE B 108 21.35 6.03 -50.30
C ILE B 108 19.89 5.92 -50.71
N ALA B 109 19.08 5.22 -49.90
CA ALA B 109 17.65 5.15 -50.17
C ALA B 109 17.03 6.54 -50.25
N GLN B 110 17.44 7.44 -49.34
CA GLN B 110 16.97 8.81 -49.40
C GLN B 110 17.33 9.45 -50.73
N ILE B 111 18.55 9.21 -51.21
CA ILE B 111 18.93 9.69 -52.53
C ILE B 111 18.02 9.11 -53.59
N LEU B 112 17.64 7.83 -53.43
CA LEU B 112 16.69 7.23 -54.35
C LEU B 112 15.39 8.01 -54.38
N ASP B 113 14.95 8.51 -53.22
CA ASP B 113 13.76 9.36 -53.20
C ASP B 113 13.96 10.60 -54.06
N PHE B 114 15.14 11.23 -53.95
CA PHE B 114 15.46 12.35 -54.83
C PHE B 114 15.43 11.92 -56.30
N ILE B 115 15.83 10.68 -56.57
CA ILE B 115 15.74 10.15 -57.92
C ILE B 115 14.31 10.21 -58.42
N SER B 116 13.35 9.88 -57.55
CA SER B 116 11.94 10.02 -57.92
C SER B 116 11.61 11.48 -58.23
N ALA B 117 12.15 12.41 -57.44
CA ALA B 117 11.94 13.82 -57.72
C ALA B 117 12.52 14.21 -59.07
N GLN B 118 13.52 13.47 -59.55
CA GLN B 118 14.09 13.72 -60.87
C GLN B 118 13.39 12.94 -61.98
N THR B 119 12.47 12.03 -61.64
CA THR B 119 11.80 11.24 -62.66
C THR B 119 10.30 11.12 -62.49
N LEU B 120 9.73 11.47 -61.33
CA LEU B 120 8.30 11.34 -61.07
C LEU B 120 7.83 9.90 -61.27
N THR B 121 8.68 8.94 -60.91
CA THR B 121 8.39 7.52 -61.03
C THR B 121 8.67 6.83 -59.71
N PRO B 122 7.94 5.77 -59.39
CA PRO B 122 8.19 5.04 -58.14
C PRO B 122 9.55 4.35 -58.15
N ILE B 123 10.15 4.27 -56.97
CA ILE B 123 11.44 3.61 -56.78
C ILE B 123 11.25 2.51 -55.75
N LEU B 124 11.72 1.31 -56.08
CA LEU B 124 11.56 0.15 -55.21
C LEU B 124 12.89 -0.23 -54.58
N GLY B 125 12.80 -0.80 -53.37
CA GLY B 125 13.97 -1.27 -52.66
C GLY B 125 13.89 -2.77 -52.44
N ILE B 126 15.06 -3.41 -52.39
CA ILE B 126 15.13 -4.85 -52.24
C ILE B 126 15.77 -5.22 -50.90
N HIS B 127 17.02 -4.81 -50.71
CA HIS B 127 17.74 -5.14 -49.48
C HIS B 127 18.88 -4.15 -49.30
N GLY B 128 19.34 -4.03 -48.06
CA GLY B 128 20.47 -3.17 -47.74
C GLY B 128 20.01 -1.77 -47.40
N GLY B 129 20.67 -0.77 -47.98
CA GLY B 129 20.30 0.61 -47.72
C GLY B 129 18.90 0.94 -48.20
N SER B 130 18.53 0.43 -49.37
CA SER B 130 17.19 0.68 -49.90
C SER B 130 16.11 0.00 -49.05
N SER B 131 16.46 -1.09 -48.35
CA SER B 131 15.49 -1.76 -47.50
C SER B 131 15.06 -0.85 -46.35
N MET B 132 16.00 -0.14 -45.75
CA MET B 132 15.67 0.76 -44.63
C MET B 132 14.81 1.92 -45.11
N ILE B 133 13.91 2.36 -44.23
CA ILE B 133 12.99 3.45 -44.51
C ILE B 133 13.43 4.67 -43.72
N MET B 134 13.59 5.79 -44.42
CA MET B 134 13.99 7.02 -43.77
C MET B 134 12.85 7.60 -42.94
N ALA B 135 13.20 8.54 -42.06
CA ALA B 135 12.23 9.17 -41.18
C ALA B 135 11.74 10.47 -41.80
N ASP B 136 10.41 10.63 -41.85
CA ASP B 136 9.77 11.80 -42.43
C ASP B 136 10.23 12.04 -43.86
N LYS B 137 10.33 10.96 -44.63
CA LYS B 137 10.74 11.03 -46.03
C LYS B 137 9.58 11.17 -46.99
N ASP B 138 8.35 11.24 -46.49
CA ASP B 138 7.19 11.37 -47.37
C ASP B 138 7.18 12.74 -48.03
N GLU B 139 6.88 12.76 -49.33
CA GLU B 139 6.84 13.99 -50.10
C GLU B 139 6.00 13.74 -51.35
N SER B 140 6.05 14.68 -52.29
CA SER B 140 5.32 14.50 -53.55
C SER B 140 5.86 13.31 -54.34
N SER B 141 7.17 13.14 -54.36
CA SER B 141 7.78 12.02 -55.06
C SER B 141 7.42 10.70 -54.39
N MET B 142 7.16 9.69 -55.21
CA MET B 142 6.77 8.37 -54.71
C MET B 142 8.00 7.52 -54.41
N PHE B 143 7.97 6.84 -53.27
CA PHE B 143 9.06 5.96 -52.87
C PHE B 143 8.49 4.81 -52.07
N PHE B 144 8.98 3.59 -52.34
CA PHE B 144 8.52 2.38 -51.67
C PHE B 144 9.71 1.67 -51.07
N GLN B 145 9.58 1.29 -49.79
CA GLN B 145 10.63 0.57 -49.08
C GLN B 145 10.03 -0.61 -48.35
N PHE B 146 10.83 -1.66 -48.17
CA PHE B 146 10.40 -2.87 -47.49
C PHE B 146 10.64 -2.83 -45.98
N GLY B 147 11.17 -1.73 -45.46
CA GLY B 147 11.45 -1.61 -44.04
C GLY B 147 10.34 -0.89 -43.30
N PRO B 148 10.04 -1.35 -42.09
CA PRO B 148 8.99 -0.70 -41.29
C PRO B 148 9.39 0.69 -40.88
N SER B 149 8.39 1.55 -40.72
CA SER B 149 8.62 2.94 -40.33
C SER B 149 8.80 3.04 -38.81
N ILE B 150 8.92 4.27 -38.32
CA ILE B 150 9.08 4.49 -36.90
C ILE B 150 7.83 4.05 -36.13
N GLU B 151 6.65 4.35 -36.68
CA GLU B 151 5.41 3.94 -36.03
C GLU B 151 5.29 2.43 -35.96
N GLN B 152 5.65 1.73 -37.05
CA GLN B 152 5.60 0.28 -37.05
C GLN B 152 6.58 -0.31 -36.04
N GLN B 153 7.78 0.25 -35.95
CA GLN B 153 8.75 -0.22 -34.96
C GLN B 153 8.24 0.00 -33.54
N ALA B 154 7.63 1.16 -33.30
CA ALA B 154 7.07 1.43 -31.98
C ALA B 154 5.94 0.45 -31.64
N SER B 155 5.09 0.14 -32.63
CA SER B 155 4.01 -0.81 -32.40
C SER B 155 4.57 -2.21 -32.11
N VAL B 156 5.62 -2.61 -32.83
CA VAL B 156 6.24 -3.91 -32.58
C VAL B 156 6.84 -3.95 -31.18
N MET B 157 7.51 -2.88 -30.77
CA MET B 157 8.08 -2.82 -29.43
C MET B 157 6.99 -2.88 -28.37
N LEU B 158 5.88 -2.17 -28.59
CA LEU B 158 4.77 -2.21 -27.65
C LEU B 158 4.18 -3.61 -27.54
N ASN B 159 4.04 -4.29 -28.68
CA ASN B 159 3.53 -5.66 -28.65
C ASN B 159 4.48 -6.58 -27.90
N ILE B 160 5.79 -6.42 -28.11
CA ILE B 160 6.77 -7.24 -27.41
C ILE B 160 6.69 -6.99 -25.90
N MET B 161 6.57 -5.72 -25.50
CA MET B 161 6.48 -5.40 -24.08
C MET B 161 5.19 -5.94 -23.47
N GLU B 162 4.08 -5.89 -24.23
CA GLU B 162 2.84 -6.49 -23.76
C GLU B 162 2.98 -7.99 -23.57
N GLU B 163 3.68 -8.65 -24.51
CA GLU B 163 3.94 -10.09 -24.36
C GLU B 163 4.79 -10.35 -23.13
N TYR B 164 5.79 -9.51 -22.87
CA TYR B 164 6.63 -9.64 -21.69
C TYR B 164 5.95 -9.20 -20.41
N ASP B 165 4.76 -8.59 -20.50
CA ASP B 165 3.99 -8.15 -19.33
C ASP B 165 4.79 -7.16 -18.48
N TRP B 166 5.58 -6.31 -19.14
CA TRP B 166 6.37 -5.29 -18.47
C TRP B 166 5.97 -3.92 -18.99
N TYR B 167 6.34 -2.88 -18.24
CA TYR B 167 6.02 -1.51 -18.57
C TYR B 167 7.29 -0.66 -18.55
N ILE B 168 7.28 0.41 -19.35
CA ILE B 168 8.46 1.25 -19.48
C ILE B 168 8.67 2.06 -18.20
N PHE B 169 7.72 2.94 -17.89
CA PHE B 169 7.77 3.79 -16.70
C PHE B 169 9.03 4.65 -16.65
N SER B 170 9.55 5.02 -17.82
CA SER B 170 10.76 5.84 -17.90
C SER B 170 10.86 6.42 -19.30
N ILE B 171 11.01 7.74 -19.39
CA ILE B 171 11.14 8.42 -20.67
C ILE B 171 12.55 9.00 -20.77
N VAL B 172 13.30 8.53 -21.75
CA VAL B 172 14.66 9.04 -22.00
C VAL B 172 14.93 8.99 -23.51
N THR B 173 15.11 10.15 -24.11
CA THR B 173 15.35 10.25 -25.55
C THR B 173 16.52 11.21 -25.79
N THR B 174 17.48 10.78 -26.61
CA THR B 174 18.61 11.60 -26.96
C THR B 174 18.24 12.53 -28.12
N TYR B 175 19.14 13.49 -28.38
CA TYR B 175 18.93 14.44 -29.47
C TYR B 175 19.16 13.77 -30.82
N PHE B 176 18.11 13.25 -31.43
CA PHE B 176 18.19 12.56 -32.71
C PHE B 176 17.07 13.03 -33.61
N PRO B 177 17.27 12.98 -34.93
CA PRO B 177 16.18 13.38 -35.85
C PRO B 177 14.91 12.55 -35.67
N GLY B 178 15.05 11.25 -35.40
CA GLY B 178 13.91 10.39 -35.18
C GLY B 178 13.52 10.28 -33.72
N TYR B 179 13.20 11.42 -33.10
CA TYR B 179 12.85 11.47 -31.69
C TYR B 179 11.40 11.83 -31.45
N GLN B 180 10.92 12.93 -32.04
CA GLN B 180 9.54 13.37 -31.82
C GLN B 180 8.55 12.34 -32.34
N ASP B 181 8.83 11.77 -33.52
CA ASP B 181 7.92 10.79 -34.11
C ASP B 181 7.79 9.55 -33.23
N PHE B 182 8.91 9.06 -32.69
CA PHE B 182 8.86 7.88 -31.83
C PHE B 182 8.07 8.15 -30.56
N VAL B 183 8.29 9.32 -29.95
CA VAL B 183 7.56 9.66 -28.73
C VAL B 183 6.07 9.79 -29.02
N ASN B 184 5.72 10.43 -30.13
CA ASN B 184 4.31 10.56 -30.49
C ASN B 184 3.67 9.21 -30.74
N LYS B 185 4.37 8.32 -31.43
CA LYS B 185 3.83 6.98 -31.68
C LYS B 185 3.65 6.21 -30.39
N ILE B 186 4.62 6.31 -29.48
CA ILE B 186 4.52 5.61 -28.20
C ILE B 186 3.33 6.15 -27.40
N ARG B 187 3.16 7.48 -27.38
CA ARG B 187 2.04 8.08 -26.67
C ARG B 187 0.71 7.63 -27.26
N SER B 188 0.60 7.61 -28.59
CA SER B 188 -0.62 7.18 -29.23
C SER B 188 -0.91 5.71 -28.91
N THR B 189 0.12 4.86 -28.93
CA THR B 189 -0.06 3.45 -28.63
C THR B 189 -0.51 3.23 -27.19
N ILE B 190 0.10 3.94 -26.24
CA ILE B 190 -0.28 3.74 -24.84
C ILE B 190 -1.66 4.33 -24.57
N GLU B 191 -2.05 5.38 -25.29
CA GLU B 191 -3.38 5.94 -25.10
C GLU B 191 -4.44 5.03 -25.70
N ASN B 192 -4.18 4.46 -26.88
CA ASN B 192 -5.16 3.58 -27.51
C ASN B 192 -5.29 2.25 -26.78
N SER B 193 -4.19 1.75 -26.19
CA SER B 193 -4.24 0.48 -25.50
C SER B 193 -5.13 0.55 -24.27
N PHE B 194 -5.92 -0.51 -24.07
CA PHE B 194 -6.80 -0.56 -22.90
C PHE B 194 -6.01 -0.62 -21.61
N VAL B 195 -4.92 -1.38 -21.58
CA VAL B 195 -4.12 -1.50 -20.38
C VAL B 195 -3.30 -0.23 -20.19
N GLY B 196 -3.37 0.35 -19.00
CA GLY B 196 -2.62 1.56 -18.73
C GLY B 196 -1.13 1.32 -18.68
N TRP B 197 -0.37 2.36 -19.03
CA TRP B 197 1.08 2.32 -19.03
C TRP B 197 1.62 3.37 -18.08
N GLU B 198 2.55 2.96 -17.21
CA GLU B 198 3.16 3.89 -16.27
C GLU B 198 4.03 4.90 -17.00
N LEU B 199 3.96 6.16 -16.57
CA LEU B 199 4.74 7.24 -17.16
C LEU B 199 5.55 7.92 -16.07
N GLU B 200 6.84 8.12 -16.34
CA GLU B 200 7.72 8.78 -15.38
C GLU B 200 8.90 9.44 -16.08
N ASP B 213 28.71 13.81 -19.01
CA ASP B 213 28.34 12.42 -18.74
C ASP B 213 27.63 12.29 -17.39
N SER B 214 27.71 13.36 -16.59
CA SER B 214 27.05 13.34 -15.28
C SER B 214 25.55 13.49 -15.41
N LYS B 215 25.09 14.34 -16.34
CA LYS B 215 23.66 14.58 -16.49
C LYS B 215 22.93 13.33 -16.96
N ILE B 216 23.49 12.63 -17.95
CA ILE B 216 22.84 11.42 -18.46
C ILE B 216 22.85 10.33 -17.41
N GLN B 217 23.94 10.20 -16.65
CA GLN B 217 24.00 9.20 -15.58
C GLN B 217 22.96 9.51 -14.51
N ASN B 218 22.81 10.79 -14.13
CA ASN B 218 21.81 11.16 -13.14
C ASN B 218 20.41 10.90 -13.65
N GLN B 219 20.15 11.19 -14.92
CA GLN B 219 18.84 10.92 -15.50
C GLN B 219 18.53 9.43 -15.51
N LEU B 220 19.52 8.61 -15.86
CA LEU B 220 19.32 7.17 -15.86
C LEU B 220 19.08 6.64 -14.45
N LYS B 221 19.82 7.15 -13.47
CA LYS B 221 19.62 6.71 -12.09
C LYS B 221 18.25 7.11 -11.57
N LYS B 222 17.80 8.34 -11.89
CA LYS B 222 16.49 8.79 -11.43
C LYS B 222 15.36 7.99 -12.10
N LEU B 223 15.54 7.64 -13.37
CA LEU B 223 14.54 6.90 -14.14
C LEU B 223 14.90 5.44 -14.29
N GLN B 224 15.50 4.83 -13.26
CA GLN B 224 15.88 3.43 -13.31
C GLN B 224 14.66 2.54 -13.42
N SER B 225 14.48 1.89 -14.57
CA SER B 225 13.34 1.04 -14.83
C SER B 225 13.80 -0.22 -15.55
N PRO B 226 13.12 -1.34 -15.34
CA PRO B 226 13.50 -2.58 -16.07
C PRO B 226 13.36 -2.46 -17.58
N ILE B 227 12.52 -1.56 -18.07
CA ILE B 227 12.33 -1.36 -19.51
C ILE B 227 12.78 0.06 -19.82
N ILE B 228 13.73 0.19 -20.74
CA ILE B 228 14.28 1.48 -21.16
C ILE B 228 14.23 1.57 -22.68
N LEU B 229 13.72 2.68 -23.19
CA LEU B 229 13.65 2.93 -24.62
C LEU B 229 14.64 4.02 -24.98
N LEU B 230 15.51 3.74 -25.94
CA LEU B 230 16.55 4.68 -26.34
C LEU B 230 16.64 4.72 -27.86
N TYR B 231 17.12 5.85 -28.37
CA TYR B 231 17.31 6.03 -29.82
C TYR B 231 18.45 7.01 -30.01
N CYS B 232 19.59 6.51 -30.47
CA CYS B 232 20.78 7.36 -30.65
C CYS B 232 21.68 6.71 -31.69
N THR B 233 22.62 7.51 -32.19
CA THR B 233 23.59 7.02 -33.16
C THR B 233 24.61 6.11 -32.49
N LYS B 234 25.34 5.36 -33.32
CA LYS B 234 26.33 4.43 -32.81
C LYS B 234 27.44 5.15 -32.03
N GLU B 235 27.88 6.30 -32.54
CA GLU B 235 28.92 7.05 -31.83
C GLU B 235 28.45 7.48 -30.45
N GLU B 236 27.20 7.95 -30.35
CA GLU B 236 26.65 8.27 -29.05
C GLU B 236 26.38 7.01 -28.24
N ALA B 237 25.98 5.92 -28.91
CA ALA B 237 25.70 4.68 -28.20
C ALA B 237 26.94 4.12 -27.54
N THR B 238 28.13 4.38 -28.09
CA THR B 238 29.36 3.91 -27.46
C THR B 238 29.51 4.48 -26.06
N TYR B 239 29.23 5.77 -25.89
CA TYR B 239 29.27 6.37 -24.56
C TYR B 239 28.04 6.00 -23.72
N ILE B 240 26.88 5.83 -24.38
CA ILE B 240 25.67 5.49 -23.65
C ILE B 240 25.81 4.13 -22.97
N PHE B 241 26.40 3.15 -23.66
CA PHE B 241 26.60 1.83 -23.08
C PHE B 241 27.52 1.90 -21.87
N GLU B 242 28.60 2.68 -21.96
CA GLU B 242 29.51 2.83 -20.83
C GLU B 242 28.82 3.50 -19.65
N VAL B 243 28.01 4.52 -19.93
CA VAL B 243 27.28 5.20 -18.86
C VAL B 243 26.31 4.24 -18.18
N ALA B 244 25.59 3.44 -18.98
CA ALA B 244 24.65 2.48 -18.42
C ALA B 244 25.37 1.42 -17.58
N ASN B 245 26.53 0.95 -18.05
CA ASN B 245 27.30 -0.01 -17.27
C ASN B 245 27.77 0.60 -15.96
N SER B 246 28.21 1.87 -15.99
CA SER B 246 28.65 2.53 -14.77
C SER B 246 27.50 2.70 -13.78
N VAL B 247 26.33 3.12 -14.28
CA VAL B 247 25.17 3.29 -13.41
C VAL B 247 24.69 1.94 -12.87
N GLY B 248 24.60 0.94 -13.75
CA GLY B 248 24.15 -0.38 -13.37
C GLY B 248 22.94 -0.90 -14.12
N LEU B 249 22.32 -0.09 -14.99
CA LEU B 249 21.16 -0.57 -15.75
C LEU B 249 21.54 -1.60 -16.79
N THR B 250 22.83 -1.66 -17.17
CA THR B 250 23.27 -2.64 -18.16
C THR B 250 23.34 -4.06 -17.60
N GLY B 251 23.18 -4.23 -16.30
CA GLY B 251 23.21 -5.55 -15.70
C GLY B 251 21.89 -6.28 -15.86
N TYR B 252 21.73 -7.33 -15.07
CA TYR B 252 20.50 -8.13 -15.10
C TYR B 252 19.42 -7.49 -14.23
N GLY B 253 19.20 -6.19 -14.39
CA GLY B 253 18.15 -5.50 -13.68
C GLY B 253 17.31 -4.63 -14.59
N TYR B 254 17.75 -4.46 -15.82
CA TYR B 254 17.05 -3.64 -16.79
C TYR B 254 17.40 -4.09 -18.20
N THR B 255 16.51 -3.81 -19.14
CA THR B 255 16.71 -4.13 -20.55
C THR B 255 16.45 -2.91 -21.40
N TRP B 256 17.28 -2.72 -22.42
CA TRP B 256 17.17 -1.61 -23.35
C TRP B 256 16.66 -2.12 -24.70
N ILE B 257 15.95 -1.26 -25.41
CA ILE B 257 15.35 -1.59 -26.69
C ILE B 257 15.96 -0.67 -27.75
N VAL B 258 16.72 -1.24 -28.67
CA VAL B 258 17.28 -0.50 -29.80
C VAL B 258 16.90 -1.25 -31.08
N PRO B 259 15.74 -0.97 -31.68
CA PRO B 259 15.30 -1.75 -32.85
C PRO B 259 16.23 -1.64 -34.04
N SER B 260 16.51 -0.42 -34.50
CA SER B 260 17.34 -0.23 -35.67
C SER B 260 18.26 0.99 -35.56
N LEU B 261 18.28 1.68 -34.42
CA LEU B 261 19.11 2.87 -34.30
C LEU B 261 20.60 2.52 -34.38
N VAL B 262 21.01 1.44 -33.72
CA VAL B 262 22.40 1.02 -33.68
C VAL B 262 22.57 -0.40 -34.20
N ALA B 263 21.72 -1.32 -33.75
CA ALA B 263 21.85 -2.74 -34.07
C ALA B 263 21.21 -3.05 -35.43
N GLY B 264 21.71 -2.37 -36.46
CA GLY B 264 21.29 -2.68 -37.81
C GLY B 264 21.75 -4.06 -38.26
N ASP B 265 22.98 -4.43 -37.90
CA ASP B 265 23.54 -5.74 -38.19
C ASP B 265 24.43 -6.12 -37.01
N THR B 266 23.89 -6.96 -36.11
CA THR B 266 24.59 -7.31 -34.89
C THR B 266 25.58 -8.45 -35.12
N ASP B 267 26.47 -8.29 -36.09
CA ASP B 267 27.52 -9.27 -36.34
C ASP B 267 28.86 -8.88 -35.70
N THR B 268 29.08 -7.60 -35.44
CA THR B 268 30.30 -7.09 -34.82
C THR B 268 29.95 -6.24 -33.61
N VAL B 269 29.06 -6.76 -32.76
CA VAL B 269 28.60 -6.02 -31.59
C VAL B 269 29.77 -5.79 -30.63
N PRO B 270 29.86 -4.64 -29.98
CA PRO B 270 30.96 -4.41 -29.05
C PRO B 270 30.90 -5.34 -27.84
N ALA B 271 32.08 -5.63 -27.29
CA ALA B 271 32.15 -6.50 -26.11
C ALA B 271 31.46 -5.87 -24.91
N GLU B 272 31.61 -4.56 -24.74
CA GLU B 272 30.99 -3.87 -23.61
C GLU B 272 29.48 -3.75 -23.75
N PHE B 273 28.92 -4.09 -24.91
CA PHE B 273 27.47 -4.02 -25.08
C PHE B 273 26.79 -5.01 -24.16
N PRO B 274 25.82 -4.58 -23.35
CA PRO B 274 25.18 -5.50 -22.40
C PRO B 274 24.35 -6.56 -23.12
N THR B 275 24.25 -7.72 -22.48
CA THR B 275 23.48 -8.83 -23.01
C THR B 275 22.06 -8.80 -22.45
N GLY B 276 21.09 -9.07 -23.32
CA GLY B 276 19.70 -9.07 -22.92
C GLY B 276 18.84 -8.18 -23.79
N LEU B 277 19.45 -7.18 -24.43
CA LEU B 277 18.72 -6.28 -25.30
C LEU B 277 18.27 -7.02 -26.56
N ILE B 278 17.18 -6.52 -27.15
CA ILE B 278 16.62 -7.09 -28.36
C ILE B 278 16.42 -5.99 -29.39
N SER B 279 16.34 -6.40 -30.65
CA SER B 279 16.20 -5.47 -31.77
C SER B 279 15.20 -6.01 -32.76
N VAL B 280 14.64 -5.11 -33.57
CA VAL B 280 13.66 -5.45 -34.59
C VAL B 280 14.26 -5.14 -35.95
N SER B 281 14.28 -6.14 -36.83
CA SER B 281 14.82 -6.01 -38.17
C SER B 281 13.75 -6.41 -39.19
N TYR B 282 14.05 -6.13 -40.46
CA TYR B 282 13.15 -6.41 -41.57
C TYR B 282 13.74 -7.53 -42.42
N ASP B 283 13.46 -8.77 -42.02
CA ASP B 283 13.91 -9.96 -42.73
C ASP B 283 15.43 -9.96 -42.91
N GLU B 284 16.13 -9.98 -41.76
CA GLU B 284 17.59 -9.99 -41.78
C GLU B 284 18.11 -11.27 -42.44
N TRP B 285 17.51 -12.42 -42.11
CA TRP B 285 17.93 -13.69 -42.69
C TRP B 285 16.73 -14.56 -43.04
N ASP B 286 15.61 -13.94 -43.42
CA ASP B 286 14.38 -14.65 -43.74
C ASP B 286 14.01 -14.57 -45.21
N TYR B 287 13.93 -13.36 -45.76
CA TYR B 287 13.54 -13.15 -47.16
C TYR B 287 14.80 -12.95 -48.00
N GLY B 288 14.95 -13.80 -49.03
CA GLY B 288 16.10 -13.68 -49.90
C GLY B 288 15.99 -12.51 -50.86
N LEU B 289 17.16 -12.07 -51.34
CA LEU B 289 17.19 -10.96 -52.30
C LEU B 289 16.47 -11.28 -53.61
N PRO B 290 16.68 -12.43 -54.26
CA PRO B 290 15.90 -12.71 -55.48
C PRO B 290 14.39 -12.75 -55.24
N ALA B 291 13.96 -13.28 -54.09
CA ALA B 291 12.53 -13.30 -53.78
C ALA B 291 11.99 -11.89 -53.62
N ARG B 292 12.72 -11.03 -52.93
CA ARG B 292 12.29 -9.64 -52.77
C ARG B 292 12.24 -8.92 -54.11
N VAL B 293 13.23 -9.17 -54.98
CA VAL B 293 13.25 -8.55 -56.30
C VAL B 293 12.06 -9.01 -57.12
N ARG B 294 11.76 -10.31 -57.09
CA ARG B 294 10.61 -10.82 -57.83
C ARG B 294 9.30 -10.24 -57.30
N ASP B 295 9.17 -10.13 -55.97
CA ASP B 295 7.97 -9.55 -55.39
C ASP B 295 7.82 -8.09 -55.80
N GLY B 296 8.93 -7.34 -55.79
CA GLY B 296 8.88 -5.95 -56.23
C GLY B 296 8.50 -5.81 -57.69
N ILE B 297 9.05 -6.68 -58.55
CA ILE B 297 8.71 -6.64 -59.96
C ILE B 297 7.22 -6.95 -60.16
N ALA B 298 6.71 -7.96 -59.46
CA ALA B 298 5.29 -8.29 -59.55
C ALA B 298 4.42 -7.14 -59.09
N ILE B 299 4.81 -6.50 -57.97
CA ILE B 299 4.03 -5.37 -57.47
C ILE B 299 4.03 -4.22 -58.46
N ILE B 300 5.19 -3.94 -59.07
CA ILE B 300 5.29 -2.87 -60.05
C ILE B 300 4.42 -3.17 -61.26
N THR B 301 4.45 -4.41 -61.75
CA THR B 301 3.63 -4.78 -62.89
C THR B 301 2.14 -4.66 -62.58
N THR B 302 1.73 -5.11 -61.38
CA THR B 302 0.32 -5.00 -61.01
C THR B 302 -0.10 -3.54 -60.88
N ALA B 303 0.76 -2.69 -60.30
CA ALA B 303 0.45 -1.27 -60.19
C ALA B 303 0.33 -0.63 -61.57
N ALA B 304 1.24 -0.98 -62.48
CA ALA B 304 1.16 -0.46 -63.84
C ALA B 304 -0.12 -0.89 -64.53
N SER B 305 -0.51 -2.16 -64.35
CA SER B 305 -1.76 -2.65 -64.94
C SER B 305 -2.96 -1.90 -64.38
N ASP B 306 -2.97 -1.68 -63.06
CA ASP B 306 -4.08 -0.94 -62.45
C ASP B 306 -4.13 0.49 -62.97
N MET B 307 -2.98 1.15 -63.08
CA MET B 307 -2.94 2.51 -63.59
C MET B 307 -3.42 2.58 -65.04
N LEU B 308 -3.00 1.61 -65.87
CA LEU B 308 -3.46 1.58 -67.25
C LEU B 308 -4.96 1.35 -67.33
N SER B 309 -5.49 0.47 -66.49
CA SER B 309 -6.93 0.21 -66.49
C SER B 309 -7.71 1.45 -66.05
N GLU B 310 -7.22 2.16 -65.04
CA GLU B 310 -7.92 3.31 -64.50
C GLU B 310 -7.66 4.61 -65.26
N HIS B 311 -6.71 4.62 -66.19
CA HIS B 311 -6.37 5.82 -66.93
C HIS B 311 -6.38 5.67 -68.44
N SER B 312 -6.27 4.44 -68.97
CA SER B 312 -6.27 4.16 -70.40
C SER B 312 -5.09 4.80 -71.12
N PHE B 313 -4.04 5.17 -70.39
CA PHE B 313 -2.85 5.76 -71.01
C PHE B 313 -1.67 5.53 -70.06
N ILE B 314 -0.76 4.64 -70.45
CA ILE B 314 0.40 4.32 -69.63
C ILE B 314 1.42 5.45 -69.77
N PRO B 315 1.82 6.09 -68.67
CA PRO B 315 2.81 7.16 -68.77
C PRO B 315 4.18 6.61 -69.16
N GLU B 316 4.95 7.46 -69.85
CA GLU B 316 6.30 7.12 -70.27
C GLU B 316 7.22 8.30 -70.04
N PRO B 317 8.50 8.06 -69.78
CA PRO B 317 9.43 9.18 -69.61
C PRO B 317 9.60 9.97 -70.89
N LYS B 318 9.82 11.28 -70.74
CA LYS B 318 9.98 12.15 -71.90
C LYS B 318 11.26 11.83 -72.65
N SER B 319 12.38 11.72 -71.94
CA SER B 319 13.68 11.43 -72.55
C SER B 319 14.61 10.92 -71.46
N SER B 320 15.89 10.80 -71.80
CA SER B 320 16.93 10.35 -70.87
C SER B 320 17.75 11.51 -70.33
N CYS B 321 17.16 12.70 -70.22
CA CYS B 321 17.85 13.89 -69.75
C CYS B 321 17.51 14.15 -68.28
N TYR B 322 18.36 14.96 -67.64
CA TYR B 322 18.12 15.31 -66.24
C TYR B 322 16.84 16.10 -66.07
N ASN B 323 16.57 17.04 -66.96
CA ASN B 323 15.36 17.86 -66.92
C ASN B 323 14.36 17.44 -67.99
N THR B 324 14.34 16.16 -68.35
CA THR B 324 13.41 15.67 -69.36
C THR B 324 11.97 15.80 -68.88
N HIS B 325 11.71 15.49 -67.61
CA HIS B 325 10.38 15.55 -67.03
C HIS B 325 10.15 16.85 -66.23
N GLU B 326 10.82 17.93 -66.63
CA GLU B 326 10.66 19.21 -65.95
C GLU B 326 9.40 19.96 -66.36
N LYS B 327 8.72 19.53 -67.41
CA LYS B 327 7.50 20.19 -67.87
C LYS B 327 6.32 19.84 -66.98
N GLN B 331 0.61 14.95 -64.19
CA GLN B 331 0.43 13.68 -64.89
C GLN B 331 1.21 12.56 -64.22
N SER B 332 1.63 12.80 -62.97
CA SER B 332 2.38 11.82 -62.21
C SER B 332 1.64 11.31 -60.98
N ASN B 333 0.70 12.07 -60.43
CA ASN B 333 -0.05 11.62 -59.27
C ASN B 333 -1.13 10.60 -59.61
N MET B 334 -1.53 10.52 -60.88
CA MET B 334 -2.59 9.58 -61.26
C MET B 334 -2.15 8.15 -61.02
N LEU B 335 -0.92 7.79 -61.42
CA LEU B 335 -0.42 6.45 -61.19
C LEU B 335 -0.04 6.23 -59.73
N ASN B 336 0.41 7.28 -59.04
CA ASN B 336 0.78 7.14 -57.63
C ASN B 336 -0.44 6.88 -56.76
N ARG B 337 -1.58 7.47 -57.11
CA ARG B 337 -2.79 7.26 -56.34
C ARG B 337 -3.31 5.83 -56.43
N TYR B 338 -2.92 5.10 -57.48
CA TYR B 338 -3.34 3.71 -57.63
C TYR B 338 -2.24 2.71 -57.30
N LEU B 339 -0.98 3.14 -57.27
CA LEU B 339 0.12 2.25 -56.95
C LEU B 339 0.14 1.87 -55.47
N ILE B 340 -0.46 2.69 -54.60
CA ILE B 340 -0.48 2.39 -53.17
C ILE B 340 -1.29 1.12 -52.92
N ASN B 341 -2.44 0.98 -53.57
CA ASN B 341 -3.28 -0.20 -53.44
C ASN B 341 -2.80 -1.22 -54.48
N VAL B 342 -1.82 -2.02 -54.10
CA VAL B 342 -1.18 -3.00 -54.98
C VAL B 342 -1.32 -4.38 -54.36
N THR B 343 -1.83 -5.33 -55.14
CA THR B 343 -1.97 -6.71 -54.73
C THR B 343 -1.23 -7.61 -55.71
N PHE B 344 -0.35 -8.46 -55.19
CA PHE B 344 0.43 -9.37 -56.02
C PHE B 344 0.83 -10.58 -55.20
N GLU B 345 1.05 -11.70 -55.91
CA GLU B 345 1.47 -12.96 -55.29
C GLU B 345 0.49 -13.41 -54.21
N GLY B 346 -0.79 -13.16 -54.45
CA GLY B 346 -1.82 -13.55 -53.50
C GLY B 346 -1.71 -12.88 -52.15
N ARG B 347 -1.32 -11.60 -52.14
CA ARG B 347 -1.17 -10.87 -50.89
C ARG B 347 -1.22 -9.38 -51.20
N ASN B 348 -2.12 -8.65 -50.54
CA ASN B 348 -2.23 -7.22 -50.76
C ASN B 348 -1.06 -6.50 -50.12
N LEU B 349 -0.42 -5.60 -50.89
CA LEU B 349 0.73 -4.83 -50.43
C LEU B 349 0.39 -3.35 -50.26
N SER B 350 -0.81 -3.07 -49.74
CA SER B 350 -1.23 -1.70 -49.55
C SER B 350 -0.30 -0.98 -48.58
N PHE B 351 0.07 0.25 -48.92
CA PHE B 351 0.99 1.03 -48.11
C PHE B 351 0.62 2.51 -48.19
N SER B 352 1.04 3.26 -47.18
CA SER B 352 0.80 4.69 -47.10
C SER B 352 2.03 5.45 -47.57
N GLU B 353 1.96 6.78 -47.47
CA GLU B 353 3.07 7.62 -47.89
C GLU B 353 4.26 7.54 -46.93
N ASP B 354 4.05 6.99 -45.73
CA ASP B 354 5.15 6.89 -44.77
C ASP B 354 6.14 5.79 -45.14
N GLY B 355 5.76 4.86 -46.02
CA GLY B 355 6.65 3.80 -46.42
C GLY B 355 6.59 2.59 -45.50
N TYR B 356 5.38 2.08 -45.28
CA TYR B 356 5.14 0.93 -44.43
C TYR B 356 4.72 -0.26 -45.27
N GLN B 357 4.39 -1.36 -44.60
CA GLN B 357 3.95 -2.59 -45.25
C GLN B 357 2.65 -3.06 -44.60
N MET B 358 1.72 -3.52 -45.44
CA MET B 358 0.48 -4.08 -44.92
C MET B 358 0.74 -5.35 -44.12
N HIS B 359 1.62 -6.22 -44.61
CA HIS B 359 2.00 -7.46 -43.93
C HIS B 359 3.52 -7.55 -43.89
N PRO B 360 4.17 -6.72 -43.07
CA PRO B 360 5.63 -6.75 -43.02
C PRO B 360 6.16 -8.04 -42.43
N LYS B 361 7.33 -8.45 -42.91
CA LYS B 361 8.01 -9.64 -42.41
C LYS B 361 9.04 -9.25 -41.35
N LEU B 362 8.55 -8.67 -40.26
CA LEU B 362 9.42 -8.22 -39.19
C LEU B 362 9.98 -9.41 -38.41
N VAL B 363 11.23 -9.28 -37.97
CA VAL B 363 11.90 -10.31 -37.19
C VAL B 363 12.50 -9.66 -35.96
N ILE B 364 12.68 -10.49 -34.92
CA ILE B 364 13.23 -10.04 -33.64
C ILE B 364 14.54 -10.78 -33.40
N ILE B 365 15.59 -10.02 -33.09
CA ILE B 365 16.91 -10.58 -32.82
C ILE B 365 17.25 -10.29 -31.37
N LEU B 366 17.52 -11.34 -30.59
CA LEU B 366 17.85 -11.23 -29.18
C LEU B 366 19.36 -11.35 -29.03
N LEU B 367 20.02 -10.23 -28.73
CA LEU B 367 21.47 -10.25 -28.54
C LEU B 367 21.84 -11.01 -27.27
N ASN B 368 22.90 -11.80 -27.36
CA ASN B 368 23.38 -12.60 -26.25
C ASN B 368 24.77 -12.12 -25.84
N LYS B 369 25.34 -12.79 -24.83
CA LYS B 369 26.67 -12.43 -24.34
C LYS B 369 27.80 -12.99 -25.20
N GLU B 370 27.48 -13.90 -26.13
CA GLU B 370 28.49 -14.49 -27.01
C GLU B 370 28.45 -13.91 -28.42
N ARG B 371 28.03 -12.64 -28.54
CA ARG B 371 27.94 -11.96 -29.83
C ARG B 371 27.07 -12.75 -30.82
N LYS B 372 25.96 -13.27 -30.34
CA LYS B 372 25.04 -14.04 -31.16
C LYS B 372 23.62 -13.50 -31.01
N TRP B 373 22.85 -13.62 -32.08
CA TRP B 373 21.47 -13.15 -32.11
C TRP B 373 20.57 -14.27 -32.61
N GLU B 374 19.38 -14.37 -32.01
CA GLU B 374 18.42 -15.40 -32.38
C GLU B 374 17.52 -14.90 -33.50
N ARG B 375 17.42 -15.69 -34.57
CA ARG B 375 16.60 -15.34 -35.73
C ARG B 375 15.15 -15.76 -35.57
N VAL B 376 14.79 -16.40 -34.45
CA VAL B 376 13.42 -16.86 -34.24
C VAL B 376 12.51 -15.65 -34.09
N GLY B 377 11.38 -15.66 -34.79
CA GLY B 377 10.42 -14.58 -34.72
C GLY B 377 9.76 -14.29 -36.05
N LYS B 378 8.43 -14.19 -36.04
CA LYS B 378 7.66 -13.94 -37.26
C LYS B 378 6.60 -12.88 -36.97
N TRP B 379 6.21 -12.16 -38.02
CA TRP B 379 5.18 -11.12 -37.92
C TRP B 379 4.22 -11.24 -39.09
N LYS B 380 3.80 -12.46 -39.40
CA LYS B 380 2.90 -12.69 -40.53
C LYS B 380 1.50 -12.19 -40.20
N ASP B 381 0.92 -11.44 -41.15
CA ASP B 381 -0.44 -10.92 -41.02
C ASP B 381 -0.60 -10.06 -39.76
N LYS B 382 0.44 -9.32 -39.42
CA LYS B 382 0.44 -8.42 -38.25
C LYS B 382 0.07 -9.18 -36.98
N SER B 383 0.62 -10.38 -36.82
CA SER B 383 0.36 -11.22 -35.67
C SER B 383 1.64 -11.39 -34.85
N LEU B 384 1.49 -11.43 -33.53
CA LEU B 384 2.61 -11.55 -32.61
C LEU B 384 2.75 -13.00 -32.18
N GLN B 385 3.91 -13.59 -32.47
CA GLN B 385 4.21 -14.95 -32.04
C GLN B 385 5.72 -15.11 -31.97
N MET B 386 6.18 -15.89 -31.00
CA MET B 386 7.61 -16.13 -30.82
C MET B 386 7.79 -17.42 -30.03
N LYS B 387 9.00 -17.98 -30.13
CA LYS B 387 9.36 -19.20 -29.42
C LYS B 387 10.08 -18.93 -28.11
N TYR B 388 10.23 -17.66 -27.71
CA TYR B 388 10.93 -17.28 -26.49
C TYR B 388 10.09 -16.26 -25.72
N TYR B 389 8.79 -16.54 -25.59
CA TYR B 389 7.91 -15.63 -24.86
C TYR B 389 8.31 -15.53 -23.39
N VAL B 390 8.63 -16.67 -22.77
CA VAL B 390 9.03 -16.69 -21.36
C VAL B 390 10.54 -16.50 -21.34
N TRP B 391 10.97 -15.24 -21.31
CA TRP B 391 12.38 -14.90 -21.30
C TRP B 391 12.78 -14.30 -19.96
N PRO B 392 14.06 -14.41 -19.58
CA PRO B 392 14.57 -13.88 -18.31
C PRO B 392 15.21 -12.51 -18.47
N ASP B 403 20.72 -19.87 -9.91
CA ASP B 403 19.66 -20.63 -9.25
C ASP B 403 18.47 -19.74 -8.92
N ASP B 404 18.24 -18.74 -9.76
CA ASP B 404 17.14 -17.80 -9.58
C ASP B 404 15.88 -18.21 -10.35
N HIS B 405 15.90 -19.35 -11.04
CA HIS B 405 14.76 -19.84 -11.80
C HIS B 405 14.16 -21.03 -11.10
N LEU B 406 12.84 -21.00 -10.87
CA LEU B 406 12.14 -22.06 -10.19
C LEU B 406 10.86 -22.40 -10.94
N SER B 407 10.39 -23.62 -10.75
CA SER B 407 9.14 -24.10 -11.33
C SER B 407 8.18 -24.44 -10.20
N ILE B 408 6.94 -23.96 -10.31
CA ILE B 408 5.92 -24.16 -9.29
C ILE B 408 4.71 -24.83 -9.93
N VAL B 409 4.30 -25.95 -9.35
CA VAL B 409 3.11 -26.67 -9.81
C VAL B 409 1.89 -26.12 -9.08
N THR B 410 0.86 -25.78 -9.85
CA THR B 410 -0.35 -25.18 -9.31
C THR B 410 -1.57 -25.92 -9.83
N LEU B 411 -2.51 -26.21 -8.94
CA LEU B 411 -3.77 -26.84 -9.27
C LEU B 411 -4.91 -25.82 -9.11
N GLU B 412 -6.14 -26.28 -9.38
CA GLU B 412 -7.29 -25.40 -9.26
C GLU B 412 -7.67 -25.16 -7.81
N GLU B 413 -8.05 -26.24 -7.12
CA GLU B 413 -8.39 -26.18 -5.69
C GLU B 413 -9.47 -25.15 -5.39
N ALA B 414 -10.40 -24.95 -6.33
CA ALA B 414 -11.50 -23.99 -6.29
C ALA B 414 -10.98 -22.60 -5.91
N PRO B 415 -11.36 -21.94 -4.75
CA PRO B 415 -11.24 -20.48 -4.71
C PRO B 415 -9.81 -19.97 -4.80
N PHE B 416 -8.84 -20.83 -4.46
CA PHE B 416 -7.44 -20.42 -4.50
C PHE B 416 -7.00 -20.09 -5.91
N VAL B 417 -7.40 -20.90 -6.89
CA VAL B 417 -7.11 -20.66 -8.30
C VAL B 417 -8.43 -20.82 -9.04
N ILE B 418 -9.11 -19.71 -9.33
CA ILE B 418 -10.39 -19.74 -10.02
C ILE B 418 -10.29 -19.26 -11.46
N VAL B 419 -9.21 -18.58 -11.84
CA VAL B 419 -9.07 -18.08 -13.21
C VAL B 419 -8.59 -19.23 -14.09
N GLU B 420 -9.34 -19.49 -15.17
CA GLU B 420 -8.98 -20.56 -16.10
C GLU B 420 -9.18 -20.15 -17.55
N SER B 421 -9.26 -18.85 -17.84
CA SER B 421 -9.47 -18.36 -19.19
C SER B 421 -8.47 -17.26 -19.49
N VAL B 422 -8.08 -17.17 -20.76
CA VAL B 422 -7.12 -16.18 -21.24
C VAL B 422 -7.84 -15.26 -22.22
N ASP B 423 -7.63 -13.96 -22.08
CA ASP B 423 -8.31 -12.98 -22.93
C ASP B 423 -7.80 -13.11 -24.36
N PRO B 424 -8.67 -13.34 -25.34
CA PRO B 424 -8.23 -13.47 -26.74
C PRO B 424 -8.10 -12.16 -27.49
N LEU B 425 -8.31 -11.02 -26.84
CA LEU B 425 -8.22 -9.74 -27.54
C LEU B 425 -6.80 -9.49 -28.06
N SER B 426 -5.79 -9.79 -27.23
CA SER B 426 -4.41 -9.61 -27.65
C SER B 426 -3.48 -10.73 -27.21
N GLY B 427 -4.01 -11.78 -26.58
CA GLY B 427 -3.18 -12.88 -26.12
C GLY B 427 -2.50 -12.66 -24.78
N THR B 428 -2.68 -11.50 -24.17
CA THR B 428 -2.07 -11.19 -22.89
C THR B 428 -3.07 -11.46 -21.76
N CYS B 429 -2.72 -11.06 -20.54
CA CYS B 429 -3.59 -11.27 -19.39
C CYS B 429 -3.76 -9.97 -18.60
N MET B 430 -4.40 -10.06 -17.45
CA MET B 430 -4.63 -8.89 -16.61
C MET B 430 -3.34 -8.48 -15.91
N ARG B 431 -3.40 -7.36 -15.20
CA ARG B 431 -2.24 -6.82 -14.49
C ARG B 431 -2.11 -7.37 -13.07
N ASN B 432 -3.02 -8.24 -12.63
CA ASN B 432 -2.97 -8.83 -11.30
C ASN B 432 -3.04 -10.35 -11.36
N THR B 433 -2.49 -10.94 -12.41
CA THR B 433 -2.52 -12.38 -12.61
C THR B 433 -1.16 -12.83 -13.13
N VAL B 434 -1.01 -14.15 -13.27
CA VAL B 434 0.26 -14.73 -13.71
C VAL B 434 0.01 -15.71 -14.84
N PRO B 435 0.99 -15.96 -15.72
CA PRO B 435 0.84 -17.04 -16.70
C PRO B 435 0.89 -18.40 -16.03
N CYS B 436 0.18 -19.35 -16.63
CA CYS B 436 0.09 -20.72 -16.13
C CYS B 436 0.31 -21.67 -17.29
N GLN B 437 1.48 -22.32 -17.31
CA GLN B 437 1.81 -23.24 -18.39
C GLN B 437 1.05 -24.55 -18.23
N LYS B 438 -0.09 -24.66 -18.91
CA LYS B 438 -0.90 -25.87 -18.82
C LYS B 438 -0.29 -26.98 -19.67
N ARG B 439 -0.73 -28.21 -19.39
CA ARG B 439 -0.25 -29.36 -20.12
C ARG B 439 -0.82 -29.37 -21.54
N ILE B 440 -0.16 -30.16 -22.41
CA ILE B 440 -0.61 -30.27 -23.80
C ILE B 440 -2.00 -30.89 -23.86
N VAL B 441 -2.22 -31.95 -23.09
CA VAL B 441 -3.51 -32.63 -23.08
C VAL B 441 -4.53 -31.80 -22.32
N GLY B 451 0.53 -27.73 -25.87
CA GLY B 451 1.93 -27.75 -25.50
C GLY B 451 2.26 -26.80 -24.36
N TYR B 452 2.50 -25.54 -24.71
CA TYR B 452 2.84 -24.50 -23.74
C TYR B 452 1.82 -23.36 -23.79
N ILE B 453 0.54 -23.70 -23.90
CA ILE B 453 -0.52 -22.70 -23.95
C ILE B 453 -0.82 -22.22 -22.53
N LYS B 454 -0.17 -21.14 -22.12
CA LYS B 454 -0.33 -20.63 -20.77
C LYS B 454 -1.63 -19.84 -20.65
N LYS B 455 -2.39 -20.13 -19.60
CA LYS B 455 -3.62 -19.44 -19.29
C LYS B 455 -3.37 -18.43 -18.17
N CYS B 456 -4.45 -17.82 -17.68
CA CYS B 456 -4.37 -16.83 -16.61
C CYS B 456 -4.64 -17.49 -15.26
N CYS B 457 -3.76 -17.25 -14.29
CA CYS B 457 -3.91 -17.78 -12.95
C CYS B 457 -3.94 -16.62 -11.96
N LYS B 458 -4.97 -16.61 -11.11
CA LYS B 458 -5.12 -15.55 -10.12
C LYS B 458 -5.90 -16.09 -8.93
N GLY B 459 -5.61 -15.54 -7.76
CA GLY B 459 -6.31 -15.96 -6.55
C GLY B 459 -5.46 -15.69 -5.32
N PHE B 460 -5.89 -16.30 -4.21
CA PHE B 460 -5.19 -16.11 -2.94
C PHE B 460 -3.78 -16.66 -2.99
N CYS B 461 -3.62 -17.88 -3.51
CA CYS B 461 -2.28 -18.47 -3.63
C CYS B 461 -1.42 -17.67 -4.59
N ILE B 462 -2.00 -17.19 -5.69
CA ILE B 462 -1.26 -16.37 -6.63
C ILE B 462 -0.83 -15.06 -5.97
N ASP B 463 -1.70 -14.47 -5.16
CA ASP B 463 -1.35 -13.25 -4.45
C ASP B 463 -0.21 -13.50 -3.46
N ILE B 464 -0.26 -14.64 -2.75
CA ILE B 464 0.82 -14.97 -1.82
C ILE B 464 2.12 -15.16 -2.57
N LEU B 465 2.08 -15.84 -3.72
CA LEU B 465 3.28 -16.03 -4.51
C LEU B 465 3.84 -14.70 -5.01
N LYS B 466 2.96 -13.79 -5.43
CA LYS B 466 3.41 -12.47 -5.87
C LYS B 466 4.05 -11.70 -4.72
N LYS B 467 3.47 -11.78 -3.52
CA LYS B 467 4.05 -11.12 -2.37
C LYS B 467 5.42 -11.71 -2.03
N ILE B 468 5.56 -13.03 -2.11
CA ILE B 468 6.84 -13.67 -1.84
C ILE B 468 7.87 -13.25 -2.87
N SER B 469 7.49 -13.18 -4.14
CA SER B 469 8.41 -12.72 -5.19
C SER B 469 8.80 -11.27 -4.98
N LYS B 470 7.88 -10.44 -4.50
CA LYS B 470 8.22 -9.06 -4.17
C LYS B 470 9.23 -9.01 -3.01
N SER B 471 9.04 -9.86 -2.00
CA SER B 471 9.95 -9.89 -0.86
C SER B 471 11.32 -10.43 -1.26
N VAL B 472 11.34 -11.56 -1.96
CA VAL B 472 12.59 -12.18 -2.42
C VAL B 472 12.55 -12.25 -3.94
N LYS B 473 13.54 -11.63 -4.58
CA LYS B 473 13.56 -11.50 -6.03
C LYS B 473 14.02 -12.81 -6.66
N PHE B 474 13.11 -13.47 -7.39
CA PHE B 474 13.44 -14.66 -8.15
C PHE B 474 12.40 -14.84 -9.24
N THR B 475 12.76 -15.65 -10.24
CA THR B 475 11.89 -15.93 -11.37
C THR B 475 11.20 -17.26 -11.16
N TYR B 476 9.88 -17.29 -11.37
CA TYR B 476 9.08 -18.49 -11.16
C TYR B 476 8.22 -18.75 -12.39
N ASP B 477 8.11 -20.02 -12.76
CA ASP B 477 7.27 -20.46 -13.87
C ASP B 477 6.18 -21.36 -13.32
N LEU B 478 4.92 -21.01 -13.58
CA LEU B 478 3.78 -21.75 -13.06
C LEU B 478 3.34 -22.79 -14.08
N TYR B 479 3.19 -24.04 -13.64
CA TYR B 479 2.77 -25.14 -14.49
C TYR B 479 1.62 -25.88 -13.85
N LEU B 480 0.64 -26.27 -14.66
CA LEU B 480 -0.49 -27.05 -14.17
C LEU B 480 -0.06 -28.48 -13.85
N VAL B 481 -0.84 -29.12 -12.98
CA VAL B 481 -0.55 -30.49 -12.59
C VAL B 481 -0.82 -31.41 -13.77
N THR B 482 0.12 -32.33 -14.02
CA THR B 482 -0.02 -33.25 -15.15
C THR B 482 -1.05 -34.34 -14.86
N ASN B 483 -0.82 -35.13 -13.82
CA ASN B 483 -1.71 -36.23 -13.46
C ASN B 483 -2.15 -36.07 -12.01
N GLY B 484 -3.43 -36.32 -11.76
CA GLY B 484 -3.98 -36.23 -10.43
C GLY B 484 -4.21 -34.80 -9.99
N LYS B 485 -4.60 -34.67 -8.72
CA LYS B 485 -4.86 -33.37 -8.11
C LYS B 485 -3.93 -33.08 -6.94
N HIS B 486 -3.75 -34.02 -6.03
CA HIS B 486 -2.87 -33.85 -4.87
C HIS B 486 -2.12 -35.15 -4.64
N GLY B 487 -1.45 -35.24 -3.50
CA GLY B 487 -0.70 -36.44 -3.19
C GLY B 487 -1.59 -37.63 -2.89
N LYS B 488 -1.09 -38.81 -3.23
CA LYS B 488 -1.83 -40.05 -3.00
C LYS B 488 -0.85 -41.21 -3.03
N LYS B 489 -0.80 -41.97 -1.94
CA LYS B 489 0.11 -43.11 -1.83
C LYS B 489 -0.47 -44.27 -2.63
N ILE B 490 -0.11 -44.34 -3.91
CA ILE B 490 -0.60 -45.38 -4.82
C ILE B 490 0.55 -46.36 -5.04
N ASN B 491 0.46 -47.53 -4.41
CA ASN B 491 1.48 -48.59 -4.54
C ASN B 491 2.86 -48.07 -4.15
N GLY B 492 2.91 -47.23 -3.12
CA GLY B 492 4.16 -46.68 -2.65
C GLY B 492 4.69 -45.50 -3.44
N THR B 493 3.98 -45.08 -4.48
CA THR B 493 4.40 -43.95 -5.31
C THR B 493 3.35 -42.84 -5.21
N TRP B 494 3.82 -41.62 -4.96
CA TRP B 494 2.91 -40.48 -4.85
C TRP B 494 2.50 -40.00 -6.23
N ASN B 495 1.47 -39.15 -6.25
CA ASN B 495 0.94 -38.58 -7.47
C ASN B 495 0.66 -37.10 -7.26
N GLY B 496 0.36 -36.40 -8.35
CA GLY B 496 0.07 -34.98 -8.26
C GLY B 496 1.30 -34.18 -7.89
N MET B 497 1.09 -33.15 -7.07
CA MET B 497 2.21 -32.30 -6.64
C MET B 497 3.24 -33.09 -5.85
N ILE B 498 2.77 -33.94 -4.93
CA ILE B 498 3.69 -34.77 -4.15
C ILE B 498 4.45 -35.73 -5.07
N GLY B 499 3.74 -36.32 -6.03
CA GLY B 499 4.41 -37.24 -6.95
C GLY B 499 5.47 -36.56 -7.79
N GLU B 500 5.18 -35.34 -8.27
CA GLU B 500 6.16 -34.64 -9.11
C GLU B 500 7.31 -34.09 -8.28
N VAL B 501 7.06 -33.73 -7.01
CA VAL B 501 8.14 -33.24 -6.17
C VAL B 501 8.96 -34.38 -5.57
N VAL B 502 8.46 -35.61 -5.63
CA VAL B 502 9.24 -36.76 -5.17
C VAL B 502 10.46 -36.95 -6.07
N MET B 503 10.31 -36.68 -7.36
CA MET B 503 11.40 -36.74 -8.32
C MET B 503 12.15 -35.42 -8.45
N LYS B 504 11.83 -34.44 -7.60
CA LYS B 504 12.47 -33.13 -7.60
C LYS B 504 12.29 -32.41 -8.93
N ARG B 505 11.15 -32.64 -9.59
CA ARG B 505 10.86 -31.94 -10.84
C ARG B 505 10.67 -30.45 -10.60
N ALA B 506 9.98 -30.08 -9.52
CA ALA B 506 9.73 -28.69 -9.19
C ALA B 506 10.20 -28.43 -7.76
N TYR B 507 10.99 -27.37 -7.58
CA TYR B 507 11.48 -27.03 -6.25
C TYR B 507 10.35 -26.60 -5.32
N MET B 508 9.40 -25.82 -5.84
CA MET B 508 8.31 -25.28 -5.04
C MET B 508 6.98 -25.82 -5.53
N ALA B 509 6.03 -25.95 -4.61
CA ALA B 509 4.69 -26.43 -4.91
C ALA B 509 3.70 -25.62 -4.09
N VAL B 510 2.79 -24.91 -4.76
CA VAL B 510 1.80 -24.07 -4.11
C VAL B 510 0.41 -24.59 -4.48
N GLY B 511 -0.41 -24.81 -3.46
CA GLY B 511 -1.76 -25.31 -3.70
C GLY B 511 -2.40 -25.74 -2.39
N SER B 512 -3.48 -26.51 -2.53
CA SER B 512 -4.20 -27.04 -1.37
C SER B 512 -3.57 -28.34 -0.89
N LEU B 513 -2.31 -28.23 -0.45
CA LEU B 513 -1.54 -29.37 0.04
C LEU B 513 -1.56 -29.32 1.57
N THR B 514 -2.54 -29.99 2.16
CA THR B 514 -2.67 -30.02 3.62
C THR B 514 -1.46 -30.70 4.24
N ILE B 515 -1.03 -30.19 5.39
CA ILE B 515 0.14 -30.71 6.07
C ILE B 515 -0.17 -32.09 6.63
N ASN B 516 0.69 -33.06 6.32
CA ASN B 516 0.54 -34.42 6.81
C ASN B 516 1.91 -35.01 7.08
N GLU B 517 1.96 -35.96 8.02
CA GLU B 517 3.24 -36.58 8.38
C GLU B 517 3.83 -37.35 7.20
N GLU B 518 2.99 -38.10 6.47
CA GLU B 518 3.49 -38.86 5.34
C GLU B 518 4.03 -37.95 4.25
N ARG B 519 3.31 -36.86 3.96
CA ARG B 519 3.79 -35.92 2.94
C ARG B 519 5.02 -35.16 3.42
N SER B 520 5.05 -34.77 4.69
CA SER B 520 6.20 -34.06 5.22
C SER B 520 7.45 -34.94 5.31
N GLU B 521 7.28 -36.26 5.39
CA GLU B 521 8.43 -37.15 5.44
C GLU B 521 9.22 -37.13 4.13
N VAL B 522 8.54 -36.91 3.00
CA VAL B 522 9.20 -36.90 1.70
C VAL B 522 9.58 -35.49 1.28
N VAL B 523 8.65 -34.55 1.36
CA VAL B 523 8.88 -33.16 0.97
C VAL B 523 8.54 -32.26 2.15
N ASP B 524 9.48 -31.39 2.50
CA ASP B 524 9.26 -30.47 3.61
C ASP B 524 8.25 -29.40 3.23
N PHE B 525 7.58 -28.85 4.24
CA PHE B 525 6.55 -27.84 4.05
C PHE B 525 6.89 -26.59 4.83
N SER B 526 6.52 -25.44 4.26
CA SER B 526 6.75 -24.16 4.91
C SER B 526 5.68 -23.91 5.98
N VAL B 527 5.76 -22.75 6.62
CA VAL B 527 4.80 -22.40 7.66
C VAL B 527 3.42 -22.20 7.03
N PRO B 528 2.38 -22.85 7.54
CA PRO B 528 1.05 -22.66 6.95
C PRO B 528 0.53 -21.25 7.19
N PHE B 529 -0.31 -20.79 6.26
CA PHE B 529 -0.91 -19.46 6.35
C PHE B 529 -2.41 -19.49 6.61
N ILE B 530 -3.12 -20.51 6.15
CA ILE B 530 -4.56 -20.64 6.36
C ILE B 530 -4.82 -22.01 6.97
N GLU B 531 -5.59 -22.05 8.06
CA GLU B 531 -5.87 -23.28 8.77
C GLU B 531 -7.10 -23.96 8.20
N THR B 532 -6.97 -25.25 7.87
CA THR B 532 -8.09 -26.02 7.35
C THR B 532 -8.29 -27.29 8.17
N GLY B 533 -9.18 -28.16 7.74
CA GLY B 533 -9.43 -29.39 8.46
C GLY B 533 -10.64 -30.10 7.91
N ILE B 534 -11.11 -31.09 8.67
CA ILE B 534 -12.26 -31.89 8.30
C ILE B 534 -13.52 -31.18 8.78
N SER B 535 -14.41 -30.83 7.86
CA SER B 535 -15.64 -30.14 8.19
C SER B 535 -16.79 -30.76 7.41
N VAL B 536 -18.00 -30.62 7.97
CA VAL B 536 -19.20 -31.16 7.36
C VAL B 536 -20.23 -30.02 7.23
N MET B 537 -20.86 -29.92 6.07
CA MET B 537 -21.87 -28.90 5.82
C MET B 537 -23.15 -29.56 5.35
N VAL B 538 -24.25 -29.29 6.05
CA VAL B 538 -25.56 -29.82 5.68
C VAL B 538 -26.65 -28.93 6.28
N SER B 539 -27.64 -28.57 5.46
CA SER B 539 -28.75 -27.76 5.95
C SER B 539 -30.09 -28.17 5.34
N ARG B 540 -30.21 -29.41 4.85
CA ARG B 540 -31.46 -29.86 4.26
C ARG B 540 -32.55 -30.05 5.30
N SER B 541 -32.18 -30.18 6.58
CA SER B 541 -33.16 -30.35 7.65
C SER B 541 -33.69 -28.99 8.07
N ASN B 542 -34.96 -28.73 7.82
CA ASN B 542 -35.62 -27.48 8.17
C ASN B 542 -36.55 -27.74 9.34
N GLY B 543 -36.31 -27.10 10.46
CA GLY B 543 -37.11 -27.28 11.67
C GLY B 543 -37.04 -26.06 12.55
N THR B 544 -36.93 -26.30 13.85
CA THR B 544 -36.91 -25.23 14.84
C THR B 544 -36.20 -25.77 16.10
N VAL B 545 -36.37 -25.05 17.21
CA VAL B 545 -35.77 -25.44 18.49
C VAL B 545 -36.40 -26.74 18.95
N SER B 546 -35.78 -27.38 19.93
CA SER B 546 -36.29 -28.65 20.44
C SER B 546 -37.69 -28.45 21.02
N PRO B 547 -38.60 -29.41 20.82
CA PRO B 547 -39.98 -29.23 21.29
C PRO B 547 -40.10 -29.28 22.81
N SER B 548 -39.68 -28.18 23.47
CA SER B 548 -39.78 -28.08 24.92
C SER B 548 -40.39 -26.76 25.36
N ALA B 549 -41.08 -26.07 24.46
CA ALA B 549 -41.70 -24.78 24.79
C ALA B 549 -43.08 -24.95 25.41
N PHE B 550 -43.15 -25.79 26.45
CA PHE B 550 -44.37 -25.98 27.21
C PHE B 550 -44.08 -25.85 28.70
N LEU B 551 -42.87 -26.19 29.10
CA LEU B 551 -42.37 -26.02 30.46
C LEU B 551 -40.99 -25.39 30.44
N GLU B 552 -40.85 -24.32 29.67
CA GLU B 552 -39.58 -23.63 29.55
C GLU B 552 -39.22 -22.94 30.86
N PRO B 553 -37.93 -22.65 31.09
CA PRO B 553 -37.54 -21.98 32.34
C PRO B 553 -38.25 -20.64 32.56
N PHE B 554 -38.59 -19.93 31.50
CA PHE B 554 -39.39 -18.72 31.64
C PHE B 554 -40.80 -19.07 32.08
N SER B 555 -41.29 -18.39 33.11
CA SER B 555 -42.61 -18.65 33.69
C SER B 555 -42.76 -20.12 34.11
N ALA B 556 -41.68 -20.67 34.68
CA ALA B 556 -41.69 -22.05 35.16
C ALA B 556 -42.14 -22.14 36.60
N ASP B 557 -41.44 -21.45 37.51
CA ASP B 557 -41.84 -21.42 38.90
C ASP B 557 -43.12 -20.62 39.12
N VAL B 558 -43.44 -19.71 38.19
CA VAL B 558 -44.68 -18.95 38.30
C VAL B 558 -45.89 -19.88 38.23
N TRP B 559 -45.86 -20.84 37.30
CA TRP B 559 -46.96 -21.80 37.20
C TRP B 559 -47.05 -22.66 38.46
N VAL B 560 -45.90 -23.06 39.01
CA VAL B 560 -45.90 -23.86 40.23
C VAL B 560 -46.52 -23.09 41.39
N MET B 561 -46.15 -21.81 41.51
CA MET B 561 -46.73 -20.97 42.56
C MET B 561 -48.23 -20.78 42.35
N MET B 562 -48.65 -20.55 41.11
CA MET B 562 -50.06 -20.37 40.83
C MET B 562 -50.86 -21.64 41.07
N PHE B 563 -50.22 -22.81 40.95
CA PHE B 563 -50.91 -24.06 41.21
C PHE B 563 -51.41 -24.15 42.64
N VAL B 564 -50.59 -23.69 43.61
CA VAL B 564 -51.04 -23.64 44.99
C VAL B 564 -51.79 -22.35 45.29
N MET B 565 -51.62 -21.31 44.47
CA MET B 565 -52.31 -20.05 44.68
C MET B 565 -53.78 -20.10 44.25
N LEU B 566 -54.18 -21.08 43.45
CA LEU B 566 -55.55 -21.20 43.00
C LEU B 566 -56.41 -22.02 43.95
N LEU B 567 -55.86 -22.49 45.06
CA LEU B 567 -56.63 -23.23 46.05
C LEU B 567 -57.14 -22.35 47.18
N ILE B 568 -56.43 -21.28 47.51
CA ILE B 568 -56.87 -20.38 48.58
C ILE B 568 -58.03 -19.49 48.14
N VAL B 569 -58.19 -19.25 46.84
CA VAL B 569 -59.28 -18.40 46.37
C VAL B 569 -60.62 -19.06 46.64
N SER B 570 -60.68 -20.39 46.52
CA SER B 570 -61.92 -21.09 46.86
C SER B 570 -62.25 -20.96 48.35
N ALA B 571 -61.22 -21.04 49.20
CA ALA B 571 -61.44 -20.86 50.63
C ALA B 571 -61.92 -19.44 50.94
N VAL B 572 -61.34 -18.44 50.26
CA VAL B 572 -61.78 -17.06 50.46
C VAL B 572 -63.23 -16.90 50.01
N ALA B 573 -63.59 -17.49 48.86
CA ALA B 573 -64.95 -17.36 48.36
C ALA B 573 -65.96 -18.03 49.29
N VAL B 574 -65.63 -19.22 49.80
CA VAL B 574 -66.58 -19.90 50.69
C VAL B 574 -66.59 -19.30 52.09
N PHE B 575 -65.54 -18.57 52.48
CA PHE B 575 -65.53 -17.92 53.78
C PHE B 575 -66.59 -16.81 53.85
N VAL B 576 -66.77 -16.06 52.77
CA VAL B 576 -67.74 -14.99 52.71
C VAL B 576 -68.98 -15.38 51.90
N PHE B 577 -69.20 -16.69 51.70
CA PHE B 577 -70.35 -17.16 50.94
C PHE B 577 -71.62 -17.20 51.76
N GLU B 578 -71.54 -16.96 53.07
CA GLU B 578 -72.73 -16.98 53.92
C GLU B 578 -73.56 -15.71 53.80
N TYR B 579 -73.04 -14.66 53.19
CA TYR B 579 -73.77 -13.41 53.03
C TYR B 579 -74.84 -13.52 51.94
N PHE B 600 -71.22 -27.33 44.83
CA PHE B 600 -71.68 -25.98 44.51
C PHE B 600 -70.53 -24.97 44.61
N THR B 601 -70.16 -24.64 45.84
CA THR B 601 -69.08 -23.69 46.10
C THR B 601 -67.73 -24.36 46.28
N ILE B 602 -67.66 -25.69 46.17
CA ILE B 602 -66.42 -26.45 46.33
C ILE B 602 -66.07 -27.21 45.06
N GLY B 603 -67.01 -28.02 44.56
CA GLY B 603 -66.74 -28.78 43.35
C GLY B 603 -66.56 -27.91 42.12
N LYS B 604 -67.40 -26.88 41.97
CA LYS B 604 -67.34 -25.99 40.82
C LYS B 604 -66.43 -24.79 41.04
N ALA B 605 -65.87 -24.64 42.24
CA ALA B 605 -64.97 -23.52 42.50
C ALA B 605 -63.70 -23.61 41.65
N ILE B 606 -63.13 -24.81 41.53
CA ILE B 606 -61.93 -25.00 40.73
C ILE B 606 -62.22 -24.72 39.26
N TRP B 607 -63.34 -25.22 38.76
CA TRP B 607 -63.70 -24.98 37.37
C TRP B 607 -63.94 -23.49 37.11
N LEU B 608 -64.59 -22.80 38.04
CA LEU B 608 -64.80 -21.37 37.88
C LEU B 608 -63.48 -20.61 37.89
N LEU B 609 -62.56 -21.00 38.78
CA LEU B 609 -61.25 -20.34 38.84
C LEU B 609 -60.46 -20.56 37.56
N TRP B 610 -60.49 -21.78 37.03
CA TRP B 610 -59.76 -22.09 35.80
C TRP B 610 -60.44 -21.52 34.56
N GLY B 611 -61.73 -21.20 34.64
CA GLY B 611 -62.42 -20.67 33.47
C GLY B 611 -61.89 -19.31 33.03
N LEU B 612 -61.60 -18.43 33.98
CA LEU B 612 -61.11 -17.10 33.66
C LEU B 612 -59.67 -17.10 33.18
N VAL B 613 -58.86 -18.08 33.60
CA VAL B 613 -57.46 -18.12 33.20
C VAL B 613 -57.34 -18.41 31.71
N PHE B 614 -58.21 -19.26 31.18
CA PHE B 614 -58.16 -19.73 29.80
C PHE B 614 -59.42 -19.27 29.07
N ASN B 615 -59.61 -19.81 27.85
CA ASN B 615 -60.76 -19.45 27.04
C ASN B 615 -62.05 -19.70 27.80
N ASN B 616 -62.98 -18.74 27.69
CA ASN B 616 -64.19 -18.76 28.50
C ASN B 616 -65.03 -19.99 28.20
N SER B 617 -65.60 -20.57 29.26
CA SER B 617 -66.47 -21.73 29.15
C SER B 617 -67.76 -21.50 29.93
N VAL B 618 -68.57 -22.53 30.08
CA VAL B 618 -69.83 -22.42 30.82
C VAL B 618 -69.50 -22.14 32.28
N PRO B 619 -70.01 -21.05 32.85
CA PRO B 619 -69.66 -20.68 34.23
C PRO B 619 -70.64 -21.25 35.26
N VAL B 620 -70.21 -21.20 36.51
CA VAL B 620 -71.01 -21.64 37.65
C VAL B 620 -71.18 -20.46 38.60
N GLN B 621 -72.42 -20.19 38.98
CA GLN B 621 -72.72 -19.06 39.87
C GLN B 621 -72.51 -19.45 41.33
N ASN B 622 -71.31 -19.94 41.65
CA ASN B 622 -71.01 -20.29 43.04
C ASN B 622 -71.06 -19.08 43.99
N PRO B 623 -70.46 -17.92 43.67
CA PRO B 623 -70.58 -16.78 44.56
C PRO B 623 -72.03 -16.30 44.67
N LYS B 624 -72.38 -15.80 45.86
CA LYS B 624 -73.73 -15.30 46.13
C LYS B 624 -73.57 -13.97 46.87
N GLY B 625 -73.57 -12.88 46.11
CA GLY B 625 -73.43 -11.55 46.66
C GLY B 625 -72.38 -10.74 45.92
N THR B 626 -72.40 -9.43 46.18
CA THR B 626 -71.46 -8.51 45.57
C THR B 626 -70.17 -8.34 46.36
N THR B 627 -70.08 -8.92 47.56
CA THR B 627 -68.89 -8.81 48.38
C THR B 627 -67.87 -9.91 48.11
N SER B 628 -68.22 -10.91 47.31
CA SER B 628 -67.32 -12.00 46.98
C SER B 628 -66.75 -11.92 45.57
N LYS B 629 -67.14 -10.90 44.80
CA LYS B 629 -66.65 -10.77 43.43
C LYS B 629 -65.26 -10.16 43.34
N ILE B 630 -64.77 -9.54 44.41
CA ILE B 630 -63.44 -8.92 44.38
C ILE B 630 -62.36 -9.99 44.19
N MET B 631 -62.48 -11.09 44.92
CA MET B 631 -61.46 -12.13 44.85
C MET B 631 -61.40 -12.76 43.46
N VAL B 632 -62.56 -13.10 42.90
CA VAL B 632 -62.57 -13.70 41.57
C VAL B 632 -62.12 -12.70 40.53
N SER B 633 -62.47 -11.41 40.71
CA SER B 633 -62.05 -10.39 39.76
C SER B 633 -60.54 -10.23 39.75
N VAL B 634 -59.93 -10.15 40.94
CA VAL B 634 -58.48 -9.98 40.99
C VAL B 634 -57.78 -11.25 40.52
N TRP B 635 -58.35 -12.43 40.79
CA TRP B 635 -57.77 -13.66 40.27
C TRP B 635 -57.81 -13.69 38.74
N ALA B 636 -58.93 -13.26 38.16
CA ALA B 636 -59.04 -13.21 36.70
C ALA B 636 -58.04 -12.21 36.12
N PHE B 637 -57.89 -11.05 36.78
CA PHE B 637 -56.92 -10.06 36.30
C PHE B 637 -55.50 -10.62 36.34
N PHE B 638 -55.14 -11.29 37.43
CA PHE B 638 -53.81 -11.90 37.52
C PHE B 638 -53.63 -12.97 36.46
N ALA B 639 -54.67 -13.79 36.23
CA ALA B 639 -54.57 -14.86 35.25
C ALA B 639 -54.39 -14.30 33.84
N VAL B 640 -55.16 -13.26 33.48
CA VAL B 640 -55.04 -12.71 32.13
C VAL B 640 -53.69 -12.00 31.96
N ILE B 641 -53.20 -11.34 33.02
CA ILE B 641 -51.88 -10.73 32.95
C ILE B 641 -50.81 -11.80 32.74
N PHE B 642 -50.89 -12.90 33.48
CA PHE B 642 -49.93 -13.99 33.31
C PHE B 642 -50.00 -14.59 31.91
N LEU B 643 -51.22 -14.77 31.38
CA LEU B 643 -51.37 -15.32 30.04
C LEU B 643 -50.79 -14.39 29.00
N ALA B 644 -51.02 -13.08 29.14
CA ALA B 644 -50.45 -12.11 28.20
C ALA B 644 -48.93 -12.12 28.27
N SER B 645 -48.37 -12.18 29.49
CA SER B 645 -46.92 -12.24 29.63
C SER B 645 -46.36 -13.50 29.00
N TYR B 646 -47.03 -14.64 29.20
CA TYR B 646 -46.57 -15.89 28.60
C TYR B 646 -46.60 -15.83 27.08
N THR B 647 -47.68 -15.27 26.51
CA THR B 647 -47.77 -15.15 25.06
C THR B 647 -46.67 -14.23 24.53
N ALA B 648 -46.43 -13.11 25.20
CA ALA B 648 -45.37 -12.20 24.76
C ALA B 648 -44.00 -12.85 24.86
N ASN B 649 -43.75 -13.61 25.93
CA ASN B 649 -42.47 -14.29 26.07
C ASN B 649 -42.30 -15.35 24.97
N LEU B 650 -43.37 -16.08 24.66
CA LEU B 650 -43.30 -17.05 23.58
C LEU B 650 -43.02 -16.38 22.25
N ALA B 651 -43.67 -15.24 21.99
CA ALA B 651 -43.41 -14.50 20.76
C ALA B 651 -41.97 -14.02 20.68
N ALA B 652 -41.44 -13.53 21.81
CA ALA B 652 -40.05 -13.08 21.83
C ALA B 652 -39.08 -14.24 21.61
N PHE B 653 -39.36 -15.40 22.20
CA PHE B 653 -38.49 -16.55 22.05
C PHE B 653 -38.60 -17.21 20.68
N MET B 654 -39.72 -16.99 19.97
CA MET B 654 -39.89 -17.59 18.65
C MET B 654 -38.89 -17.07 17.64
N ILE B 655 -38.35 -15.86 17.84
CA ILE B 655 -37.39 -15.29 16.91
C ILE B 655 -35.95 -15.47 17.39
N GLN B 656 -35.72 -16.36 18.35
CA GLN B 656 -34.38 -16.60 18.84
C GLN B 656 -33.53 -17.31 17.79
N GLU B 657 -32.24 -17.00 17.79
CA GLU B 657 -31.30 -17.58 16.85
C GLU B 657 -30.64 -18.84 17.38
N GLU B 658 -31.03 -19.32 18.57
CA GLU B 658 -30.44 -20.53 19.12
C GLU B 658 -30.75 -21.75 18.27
N TYR B 659 -31.98 -21.83 17.73
CA TYR B 659 -32.36 -22.94 16.89
C TYR B 659 -31.53 -22.98 15.62
N VAL B 660 -31.05 -24.16 15.25
CA VAL B 660 -30.24 -24.36 14.06
C VAL B 660 -30.48 -25.78 13.55
N ASP B 661 -29.94 -26.07 12.37
CA ASP B 661 -30.08 -27.40 11.78
C ASP B 661 -29.34 -28.44 12.63
N GLN B 662 -29.90 -29.65 12.65
CA GLN B 662 -29.30 -30.73 13.43
C GLN B 662 -27.92 -31.08 12.89
N VAL B 663 -26.95 -31.22 13.80
CA VAL B 663 -25.57 -31.54 13.44
C VAL B 663 -25.06 -32.59 14.40
N SER B 664 -24.33 -33.57 13.87
CA SER B 664 -23.77 -34.65 14.67
C SER B 664 -22.25 -34.66 14.69
N GLY B 665 -21.61 -34.47 13.53
CA GLY B 665 -20.16 -34.46 13.47
C GLY B 665 -19.58 -35.87 13.42
N LEU B 666 -18.25 -35.91 13.31
CA LEU B 666 -17.55 -37.18 13.26
C LEU B 666 -17.49 -37.87 14.62
N SER B 667 -17.64 -37.11 15.71
CA SER B 667 -17.62 -37.72 17.04
C SER B 667 -18.83 -38.63 17.25
N ASP B 668 -19.99 -38.22 16.77
CA ASP B 668 -21.19 -39.03 16.93
C ASP B 668 -21.09 -40.32 16.13
N LYS B 669 -21.71 -41.37 16.65
CA LYS B 669 -21.70 -42.67 15.99
C LYS B 669 -22.55 -42.71 14.73
N LYS B 670 -23.37 -41.70 14.48
CA LYS B 670 -24.18 -41.67 13.27
C LYS B 670 -23.31 -41.63 12.02
N PHE B 671 -22.24 -40.83 12.05
CA PHE B 671 -21.34 -40.73 10.91
C PHE B 671 -20.25 -41.79 10.94
N GLN B 672 -19.79 -42.19 12.13
CA GLN B 672 -18.75 -43.21 12.23
C GLN B 672 -19.24 -44.55 11.71
N ARG B 673 -20.46 -44.94 12.06
CA ARG B 673 -21.06 -46.21 11.63
C ARG B 673 -22.45 -45.93 11.08
N PRO B 674 -22.54 -45.38 9.87
CA PRO B 674 -23.86 -45.10 9.29
C PRO B 674 -24.72 -46.34 9.09
N ASN B 675 -24.10 -47.49 8.76
CA ASN B 675 -24.87 -48.70 8.55
C ASN B 675 -25.59 -49.14 9.82
N ASP B 676 -24.90 -49.08 10.96
CA ASP B 676 -25.50 -49.49 12.23
C ASP B 676 -26.48 -48.44 12.76
N PHE B 677 -26.21 -47.16 12.52
CA PHE B 677 -27.05 -46.10 13.06
C PHE B 677 -28.31 -45.89 12.21
N SER B 678 -28.13 -45.52 10.94
CA SER B 678 -29.26 -45.25 10.06
C SER B 678 -28.88 -45.48 8.62
N PRO B 679 -29.47 -46.47 7.95
CA PRO B 679 -29.16 -46.72 6.53
C PRO B 679 -29.39 -45.50 5.65
N PRO B 680 -30.45 -44.68 5.89
CA PRO B 680 -30.55 -43.43 5.14
C PRO B 680 -29.51 -42.41 5.55
N PHE B 681 -28.27 -42.62 5.12
CA PHE B 681 -27.17 -41.71 5.42
C PHE B 681 -26.17 -41.75 4.28
N ARG B 682 -25.60 -40.59 3.94
CA ARG B 682 -24.64 -40.49 2.86
C ARG B 682 -23.48 -39.60 3.29
N PHE B 683 -22.33 -39.83 2.66
CA PHE B 683 -21.13 -39.05 2.94
C PHE B 683 -20.26 -39.03 1.69
N GLY B 684 -19.91 -37.84 1.23
CA GLY B 684 -19.11 -37.66 0.02
C GLY B 684 -17.70 -37.20 0.36
N THR B 685 -16.72 -37.82 -0.30
CA THR B 685 -15.32 -37.47 -0.10
C THR B 685 -14.56 -37.84 -1.36
N VAL B 686 -13.84 -36.88 -1.93
CA VAL B 686 -13.06 -37.12 -3.16
C VAL B 686 -11.83 -37.95 -2.80
N PRO B 687 -11.64 -39.12 -3.44
CA PRO B 687 -10.48 -39.95 -3.12
C PRO B 687 -9.22 -39.51 -3.84
N ASN B 688 -8.93 -38.20 -3.81
CA ASN B 688 -7.70 -37.67 -4.40
C ASN B 688 -7.01 -36.62 -3.54
N GLY B 689 -7.69 -36.06 -2.54
CA GLY B 689 -7.12 -35.04 -1.69
C GLY B 689 -6.51 -35.62 -0.42
N SER B 690 -6.05 -34.71 0.44
CA SER B 690 -5.46 -35.12 1.71
C SER B 690 -6.51 -35.62 2.70
N THR B 691 -7.77 -35.19 2.56
CA THR B 691 -8.80 -35.62 3.48
C THR B 691 -9.06 -37.12 3.36
N GLU B 692 -9.08 -37.65 2.13
CA GLU B 692 -9.34 -39.07 1.94
C GLU B 692 -8.27 -39.93 2.59
N ARG B 693 -7.00 -39.54 2.45
CA ARG B 693 -5.92 -40.31 3.07
C ARG B 693 -6.02 -40.26 4.59
N ASN B 694 -6.34 -39.09 5.15
CA ASN B 694 -6.51 -38.98 6.60
C ASN B 694 -7.65 -39.85 7.09
N ILE B 695 -8.77 -39.86 6.36
CA ILE B 695 -9.90 -40.70 6.76
C ILE B 695 -9.52 -42.17 6.68
N ARG B 696 -8.83 -42.57 5.61
CA ARG B 696 -8.43 -43.96 5.45
C ARG B 696 -7.49 -44.40 6.57
N ASN B 697 -6.52 -43.55 6.92
CA ASN B 697 -5.59 -43.91 7.98
C ASN B 697 -6.28 -43.96 9.34
N ASN B 698 -7.14 -42.97 9.63
CA ASN B 698 -7.77 -42.90 10.94
C ASN B 698 -8.85 -43.97 11.09
N TYR B 699 -9.69 -44.15 10.07
CA TYR B 699 -10.83 -45.05 10.14
C TYR B 699 -10.79 -46.03 8.97
N ALA B 700 -11.32 -47.23 9.21
CA ALA B 700 -11.39 -48.27 8.19
C ALA B 700 -12.81 -48.46 7.66
N GLU B 701 -13.77 -48.71 8.54
CA GLU B 701 -15.15 -48.89 8.10
C GLU B 701 -15.71 -47.60 7.49
N MET B 702 -15.41 -46.45 8.10
CA MET B 702 -15.86 -45.19 7.55
C MET B 702 -15.26 -44.92 6.18
N HIS B 703 -13.96 -45.21 6.03
CA HIS B 703 -13.32 -45.04 4.72
C HIS B 703 -13.91 -45.97 3.68
N ALA B 704 -14.18 -47.23 4.06
CA ALA B 704 -14.80 -48.17 3.12
C ALA B 704 -16.18 -47.70 2.71
N TYR B 705 -16.98 -47.20 3.66
CA TYR B 705 -18.30 -46.68 3.33
C TYR B 705 -18.21 -45.46 2.42
N MET B 706 -17.27 -44.56 2.69
CA MET B 706 -17.14 -43.36 1.87
C MET B 706 -16.63 -43.67 0.47
N GLY B 707 -15.83 -44.74 0.33
CA GLY B 707 -15.32 -45.09 -0.99
C GLY B 707 -16.42 -45.48 -1.96
N LYS B 708 -17.43 -46.22 -1.48
CA LYS B 708 -18.53 -46.62 -2.35
C LYS B 708 -19.32 -45.41 -2.83
N PHE B 709 -19.57 -44.44 -1.95
CA PHE B 709 -20.33 -43.24 -2.27
C PHE B 709 -19.43 -42.02 -2.44
N ASN B 710 -18.23 -42.21 -2.98
CA ASN B 710 -17.31 -41.09 -3.18
C ASN B 710 -17.85 -40.16 -4.26
N GLN B 711 -17.70 -38.86 -4.02
CA GLN B 711 -18.15 -37.84 -4.95
C GLN B 711 -17.04 -37.47 -5.93
N ARG B 712 -17.43 -36.82 -7.02
CA ARG B 712 -16.51 -36.40 -8.07
C ARG B 712 -16.52 -34.88 -8.17
N GLY B 713 -15.34 -34.28 -8.15
CA GLY B 713 -15.24 -32.84 -8.27
C GLY B 713 -15.70 -32.12 -7.02
N VAL B 714 -15.96 -30.82 -7.19
CA VAL B 714 -16.41 -29.95 -6.11
C VAL B 714 -17.77 -29.35 -6.42
N ASP B 715 -17.93 -28.77 -7.61
CA ASP B 715 -19.21 -28.18 -8.00
C ASP B 715 -20.30 -29.25 -8.11
N ASP B 716 -19.95 -30.41 -8.68
CA ASP B 716 -20.92 -31.50 -8.78
C ASP B 716 -21.34 -32.00 -7.41
N ALA B 717 -20.39 -32.11 -6.49
CA ALA B 717 -20.73 -32.54 -5.13
C ALA B 717 -21.63 -31.51 -4.44
N LEU B 718 -21.34 -30.22 -4.62
CA LEU B 718 -22.19 -29.18 -4.04
C LEU B 718 -23.59 -29.23 -4.62
N LEU B 719 -23.71 -29.42 -5.93
CA LEU B 719 -25.03 -29.52 -6.55
C LEU B 719 -25.78 -30.75 -6.04
N SER B 720 -25.09 -31.88 -5.89
CA SER B 720 -25.74 -33.07 -5.37
C SER B 720 -26.21 -32.86 -3.94
N LEU B 721 -25.40 -32.19 -3.12
CA LEU B 721 -25.81 -31.91 -1.75
C LEU B 721 -27.01 -30.97 -1.71
N LYS B 722 -27.01 -29.96 -2.59
CA LYS B 722 -28.13 -29.03 -2.64
C LYS B 722 -29.42 -29.73 -3.07
N THR B 723 -29.33 -30.62 -4.06
CA THR B 723 -30.51 -31.35 -4.51
C THR B 723 -31.00 -32.37 -3.49
N GLY B 724 -30.13 -32.79 -2.56
CA GLY B 724 -30.50 -33.73 -1.53
C GLY B 724 -30.06 -35.16 -1.79
N LYS B 725 -29.34 -35.42 -2.88
CA LYS B 725 -28.87 -36.77 -3.16
C LYS B 725 -27.86 -37.23 -2.10
N LEU B 726 -26.97 -36.33 -1.68
CA LEU B 726 -25.96 -36.63 -0.68
C LEU B 726 -26.31 -35.92 0.62
N ASP B 727 -26.33 -36.67 1.73
CA ASP B 727 -26.66 -36.08 3.02
C ASP B 727 -25.62 -35.04 3.45
N ALA B 728 -24.35 -35.35 3.27
CA ALA B 728 -23.28 -34.44 3.67
C ALA B 728 -22.05 -34.69 2.80
N PHE B 729 -21.18 -33.69 2.75
CA PHE B 729 -19.94 -33.75 1.99
C PHE B 729 -18.79 -33.32 2.87
N ILE B 730 -17.66 -34.03 2.76
CA ILE B 730 -16.48 -33.79 3.59
C ILE B 730 -15.34 -33.36 2.68
N TYR B 731 -14.78 -32.19 2.96
CA TYR B 731 -13.63 -31.68 2.22
C TYR B 731 -12.84 -30.77 3.15
N ASP B 732 -11.94 -29.97 2.58
CA ASP B 732 -11.15 -29.03 3.37
C ASP B 732 -12.04 -27.96 3.98
N ALA B 733 -11.64 -27.47 5.16
CA ALA B 733 -12.43 -26.46 5.85
C ALA B 733 -12.54 -25.17 5.06
N ALA B 734 -11.43 -24.73 4.46
CA ALA B 734 -11.44 -23.48 3.70
C ALA B 734 -12.33 -23.60 2.47
N VAL B 735 -12.25 -24.71 1.74
CA VAL B 735 -13.06 -24.89 0.54
C VAL B 735 -14.53 -24.95 0.91
N LEU B 736 -14.87 -25.68 1.98
CA LEU B 736 -16.26 -25.76 2.41
C LEU B 736 -16.78 -24.40 2.87
N ASN B 737 -15.95 -23.63 3.57
CA ASN B 737 -16.36 -22.31 4.01
C ASN B 737 -16.60 -21.39 2.81
N TYR B 738 -15.73 -21.46 1.80
CA TYR B 738 -15.94 -20.67 0.60
C TYR B 738 -17.21 -21.08 -0.13
N MET B 739 -17.47 -22.38 -0.20
CA MET B 739 -18.70 -22.85 -0.83
C MET B 739 -19.93 -22.36 -0.07
N ALA B 740 -19.89 -22.38 1.25
CA ALA B 740 -20.98 -21.85 2.06
C ALA B 740 -21.08 -20.34 1.98
N GLY B 741 -20.01 -19.65 1.58
CA GLY B 741 -20.05 -18.21 1.39
C GLY B 741 -20.41 -17.76 0.00
N ARG B 742 -20.73 -18.69 -0.90
CA ARG B 742 -21.08 -18.34 -2.27
C ARG B 742 -22.55 -17.92 -2.35
N ASP B 743 -23.06 -17.77 -3.57
CA ASP B 743 -24.45 -17.37 -3.75
C ASP B 743 -25.42 -18.45 -3.28
N GLU B 744 -25.01 -19.71 -3.35
CA GLU B 744 -25.83 -20.84 -2.94
C GLU B 744 -25.53 -21.30 -1.52
N GLY B 745 -25.03 -20.40 -0.68
CA GLY B 745 -24.71 -20.75 0.69
C GLY B 745 -25.84 -20.47 1.67
N CYS B 746 -27.00 -20.11 1.14
CA CYS B 746 -28.18 -19.87 1.96
C CYS B 746 -28.87 -21.14 2.43
N LYS B 747 -28.84 -22.20 1.60
CA LYS B 747 -29.44 -23.47 1.94
C LYS B 747 -28.41 -24.51 2.38
N LEU B 748 -27.16 -24.10 2.56
CA LEU B 748 -26.09 -25.01 2.98
C LEU B 748 -25.22 -24.29 4.01
N VAL B 749 -25.41 -24.64 5.28
CA VAL B 749 -24.63 -24.07 6.36
C VAL B 749 -23.55 -25.05 6.77
N THR B 750 -22.49 -24.52 7.38
CA THR B 750 -21.36 -25.34 7.81
C THR B 750 -21.70 -26.04 9.12
N ILE B 751 -20.70 -26.70 9.71
CA ILE B 751 -20.90 -27.38 10.99
C ILE B 751 -21.19 -26.38 12.10
N GLY B 752 -20.56 -25.20 12.04
CA GLY B 752 -20.74 -24.19 13.04
C GLY B 752 -19.76 -24.24 14.20
N SER B 753 -18.86 -25.22 14.22
CA SER B 753 -17.85 -25.34 15.27
C SER B 753 -16.49 -24.99 14.70
N GLY B 754 -15.78 -24.08 15.37
CA GLY B 754 -14.47 -23.68 14.91
C GLY B 754 -13.46 -24.81 14.96
N LYS B 755 -13.46 -25.57 16.05
CA LYS B 755 -12.54 -26.70 16.18
C LYS B 755 -12.94 -27.83 15.24
N VAL B 756 -11.97 -28.35 14.49
CA VAL B 756 -12.21 -29.44 13.56
C VAL B 756 -11.15 -30.50 13.78
N PHE B 757 -11.49 -31.74 13.42
CA PHE B 757 -10.57 -32.85 13.57
C PHE B 757 -9.41 -32.74 12.59
N ALA B 758 -8.20 -33.00 13.09
CA ALA B 758 -6.97 -32.96 12.29
C ALA B 758 -6.83 -31.61 11.59
N SER B 759 -6.99 -30.53 12.37
CA SER B 759 -6.89 -29.18 11.83
C SER B 759 -5.45 -28.89 11.43
N THR B 760 -5.20 -28.86 10.12
CA THR B 760 -3.88 -28.59 9.58
C THR B 760 -3.98 -27.56 8.47
N GLY B 761 -2.90 -26.80 8.28
CA GLY B 761 -2.83 -25.77 7.27
C GLY B 761 -2.24 -26.26 5.97
N TYR B 762 -1.74 -25.31 5.18
CA TYR B 762 -1.10 -25.62 3.91
C TYR B 762 -0.19 -24.47 3.53
N GLY B 763 0.75 -24.77 2.64
CA GLY B 763 1.71 -23.76 2.22
C GLY B 763 2.61 -24.30 1.13
N ILE B 764 3.70 -23.57 0.90
CA ILE B 764 4.67 -23.97 -0.13
C ILE B 764 5.37 -25.25 0.29
N ALA B 765 5.84 -26.01 -0.69
CA ALA B 765 6.49 -27.29 -0.47
C ALA B 765 7.87 -27.28 -1.11
N ILE B 766 8.89 -27.61 -0.32
CA ILE B 766 10.26 -27.74 -0.80
C ILE B 766 10.78 -29.10 -0.39
N GLN B 767 11.28 -29.88 -1.35
CA GLN B 767 11.74 -31.24 -1.09
C GLN B 767 13.19 -31.28 -0.59
N LYS B 768 13.48 -30.46 0.42
CA LYS B 768 14.79 -30.44 1.08
C LYS B 768 15.93 -30.23 0.08
N ASP B 769 15.65 -29.49 -0.99
CA ASP B 769 16.65 -29.24 -2.03
C ASP B 769 16.94 -27.77 -2.24
N SER B 770 15.90 -26.91 -2.26
CA SER B 770 16.14 -25.48 -2.42
C SER B 770 16.89 -24.90 -1.23
N GLY B 771 16.52 -25.32 -0.02
CA GLY B 771 17.15 -24.78 1.17
C GLY B 771 16.80 -23.35 1.49
N TRP B 772 15.67 -22.87 0.97
CA TRP B 772 15.23 -21.49 1.18
C TRP B 772 14.10 -21.39 2.20
N LYS B 773 14.10 -22.26 3.20
CA LYS B 773 13.07 -22.20 4.23
C LYS B 773 13.14 -20.89 5.00
N ARG B 774 14.35 -20.43 5.31
CA ARG B 774 14.54 -19.18 6.03
C ARG B 774 14.11 -17.97 5.22
N GLN B 775 13.87 -18.13 3.92
CA GLN B 775 13.36 -17.03 3.09
C GLN B 775 11.84 -17.06 3.03
N VAL B 776 11.25 -18.20 2.67
CA VAL B 776 9.80 -18.30 2.53
C VAL B 776 9.12 -18.12 3.89
N ASP B 777 9.64 -18.74 4.93
CA ASP B 777 9.04 -18.59 6.26
C ASP B 777 9.13 -17.15 6.74
N LEU B 778 10.28 -16.50 6.52
CA LEU B 778 10.43 -15.11 6.91
C LEU B 778 9.46 -14.21 6.14
N ALA B 779 9.30 -14.47 4.84
CA ALA B 779 8.35 -13.69 4.05
C ALA B 779 6.92 -13.88 4.54
N ILE B 780 6.54 -15.11 4.87
CA ILE B 780 5.20 -15.38 5.37
C ILE B 780 4.98 -14.68 6.70
N LEU B 781 5.96 -14.73 7.60
CA LEU B 781 5.83 -14.06 8.89
C LEU B 781 5.75 -12.55 8.72
N GLN B 782 6.53 -12.00 7.79
CA GLN B 782 6.46 -10.56 7.52
C GLN B 782 5.09 -10.17 6.98
N LEU B 783 4.51 -11.01 6.11
CA LEU B 783 3.16 -10.75 5.61
C LEU B 783 2.15 -10.79 6.75
N PHE B 784 2.28 -11.77 7.66
CA PHE B 784 1.41 -11.82 8.83
C PHE B 784 1.72 -10.73 9.84
N GLY B 785 2.91 -10.12 9.77
CA GLY B 785 3.26 -9.05 10.69
C GLY B 785 2.58 -7.73 10.40
N ASP B 786 1.96 -7.58 9.23
CA ASP B 786 1.25 -6.37 8.85
C ASP B 786 -0.21 -6.70 8.58
N GLY B 787 -1.00 -5.67 8.29
CA GLY B 787 -2.40 -5.84 8.01
C GLY B 787 -2.75 -6.24 6.59
N GLU B 788 -1.73 -6.38 5.72
CA GLU B 788 -2.00 -6.78 4.34
C GLU B 788 -2.57 -8.19 4.26
N MET B 789 -2.04 -9.11 5.07
CA MET B 789 -2.53 -10.48 5.05
C MET B 789 -3.98 -10.56 5.50
N GLU B 790 -4.34 -9.81 6.55
CA GLU B 790 -5.71 -9.84 7.04
C GLU B 790 -6.69 -9.30 5.99
N GLU B 791 -6.32 -8.20 5.32
CA GLU B 791 -7.18 -7.66 4.27
C GLU B 791 -7.28 -8.60 3.08
N LEU B 792 -6.17 -9.24 2.71
CA LEU B 792 -6.18 -10.16 1.58
C LEU B 792 -7.01 -11.39 1.88
N GLU B 793 -6.94 -11.90 3.10
CA GLU B 793 -7.72 -13.08 3.48
C GLU B 793 -9.22 -12.79 3.51
N ALA B 794 -9.62 -11.52 3.59
CA ALA B 794 -11.02 -11.15 3.60
C ALA B 794 -11.55 -10.80 2.20
N LEU B 795 -10.73 -10.95 1.16
CA LEU B 795 -11.14 -10.63 -0.19
C LEU B 795 -11.53 -11.85 -1.01
N TRP B 796 -10.90 -13.00 -0.75
CA TRP B 796 -11.19 -14.22 -1.49
C TRP B 796 -11.96 -15.27 -0.71
N LEU B 797 -11.91 -15.22 0.62
CA LEU B 797 -12.59 -16.21 1.47
C LEU B 797 -13.94 -15.74 1.96
N THR B 798 -14.08 -14.47 2.32
CA THR B 798 -15.35 -13.95 2.78
C THR B 798 -16.38 -13.94 1.64
N GLY B 799 -17.65 -14.12 2.01
CA GLY B 799 -18.72 -14.14 1.04
C GLY B 799 -20.03 -13.72 1.66
N ILE B 800 -21.09 -13.80 0.87
CA ILE B 800 -22.43 -13.43 1.30
C ILE B 800 -23.04 -14.57 2.11
N CYS B 801 -24.15 -14.30 2.79
CA CYS B 801 -24.85 -15.28 3.62
C CYS B 801 -23.91 -15.87 4.68
N HIS B 802 -23.18 -14.98 5.35
CA HIS B 802 -22.25 -15.37 6.40
C HIS B 802 -23.01 -15.50 7.72
N ASN B 803 -22.28 -15.65 8.82
CA ASN B 803 -22.84 -15.79 10.16
C ASN B 803 -23.84 -16.93 10.24
N SER B 810 -36.96 -15.48 10.30
CA SER B 810 -35.96 -16.53 10.17
C SER B 810 -36.44 -17.83 10.82
N SER B 811 -37.66 -17.82 11.34
CA SER B 811 -38.25 -18.97 11.98
C SER B 811 -39.10 -19.76 10.99
N GLN B 812 -39.46 -20.97 11.39
CA GLN B 812 -40.28 -21.85 10.57
C GLN B 812 -41.25 -22.62 11.46
N LEU B 813 -42.35 -23.06 10.85
CA LEU B 813 -43.39 -23.80 11.54
C LEU B 813 -43.40 -25.24 11.03
N ASP B 814 -43.40 -26.19 11.96
CA ASP B 814 -43.41 -27.61 11.61
C ASP B 814 -44.11 -28.40 12.70
N ILE B 815 -44.57 -29.59 12.34
CA ILE B 815 -45.25 -30.45 13.31
C ILE B 815 -44.28 -30.88 14.41
N ASP B 816 -43.06 -31.26 14.02
CA ASP B 816 -42.06 -31.69 15.01
C ASP B 816 -41.51 -30.52 15.81
N ASN B 817 -41.70 -29.29 15.34
CA ASN B 817 -41.20 -28.13 16.07
C ASN B 817 -41.94 -27.97 17.40
N MET B 818 -43.27 -27.81 17.34
CA MET B 818 -44.09 -27.68 18.54
C MET B 818 -44.69 -29.04 18.92
N ALA B 819 -43.79 -30.00 19.14
CA ALA B 819 -44.19 -31.36 19.51
C ALA B 819 -44.23 -31.56 21.02
N GLY B 820 -43.88 -30.55 21.81
CA GLY B 820 -43.94 -30.68 23.25
C GLY B 820 -45.31 -30.44 23.86
N VAL B 821 -46.28 -30.01 23.05
CA VAL B 821 -47.62 -29.75 23.56
C VAL B 821 -48.37 -31.06 23.85
N PHE B 822 -47.89 -32.18 23.31
CA PHE B 822 -48.56 -33.46 23.52
C PHE B 822 -48.44 -33.96 24.94
N TYR B 823 -47.59 -33.36 25.78
CA TYR B 823 -47.50 -33.75 27.17
C TYR B 823 -48.82 -33.49 27.90
N MET B 824 -49.44 -32.33 27.65
CA MET B 824 -50.75 -32.06 28.22
C MET B 824 -51.86 -32.81 27.50
N LEU B 825 -51.72 -33.02 26.18
CA LEU B 825 -52.73 -33.75 25.44
C LEU B 825 -52.81 -35.20 25.91
N GLY B 826 -51.67 -35.84 26.15
CA GLY B 826 -51.66 -37.21 26.61
C GLY B 826 -52.00 -37.40 28.07
N ALA B 827 -52.02 -36.31 28.86
CA ALA B 827 -52.38 -36.42 30.27
C ALA B 827 -53.87 -36.64 30.46
N ALA B 828 -54.70 -36.32 29.46
CA ALA B 828 -56.13 -36.55 29.59
C ALA B 828 -56.45 -38.02 29.73
N MET B 829 -55.79 -38.87 28.94
CA MET B 829 -55.99 -40.31 29.02
C MET B 829 -55.20 -40.96 30.15
N ALA B 830 -54.22 -40.25 30.71
CA ALA B 830 -53.43 -40.80 31.81
C ALA B 830 -54.10 -40.64 33.16
N LEU B 831 -55.15 -39.82 33.26
CA LEU B 831 -55.88 -39.63 34.50
C LEU B 831 -57.12 -40.51 34.60
N SER B 832 -57.36 -41.38 33.63
CA SER B 832 -58.52 -42.26 33.66
C SER B 832 -58.32 -43.49 34.54
N LEU B 833 -57.10 -43.71 35.05
CA LEU B 833 -56.84 -44.85 35.92
C LEU B 833 -57.47 -44.70 37.30
N ILE B 834 -57.90 -43.50 37.67
CA ILE B 834 -58.51 -43.24 38.97
C ILE B 834 -59.99 -42.93 38.84
N THR B 835 -60.37 -42.09 37.87
CA THR B 835 -61.77 -41.73 37.71
C THR B 835 -62.61 -42.93 37.27
N PHE B 836 -62.11 -43.69 36.28
CA PHE B 836 -62.88 -44.83 35.78
C PHE B 836 -62.85 -45.99 36.77
N ILE B 837 -61.71 -46.23 37.41
CA ILE B 837 -61.59 -47.37 38.33
C ILE B 837 -62.16 -47.03 39.69
N CYS B 838 -61.62 -46.01 40.35
CA CYS B 838 -62.08 -45.60 41.67
C CYS B 838 -63.14 -44.51 41.57
N LYS C 25 75.43 5.80 -11.64
CA LYS C 25 74.29 4.96 -11.30
C LYS C 25 74.56 4.12 -10.06
N ILE C 26 74.67 4.79 -8.91
CA ILE C 26 74.94 4.14 -7.63
C ILE C 26 73.83 4.52 -6.67
N VAL C 27 73.26 3.51 -6.00
CA VAL C 27 72.18 3.72 -5.04
C VAL C 27 72.50 2.95 -3.77
N ASN C 28 71.85 3.34 -2.68
CA ASN C 28 72.04 2.73 -1.38
C ASN C 28 70.70 2.44 -0.74
N ILE C 29 70.70 1.48 0.19
CA ILE C 29 69.50 1.08 0.91
C ILE C 29 69.84 0.98 2.40
N GLY C 30 68.85 0.61 3.19
CA GLY C 30 69.04 0.47 4.62
C GLY C 30 68.40 -0.80 5.14
N ALA C 31 68.92 -1.29 6.25
CA ALA C 31 68.41 -2.51 6.87
C ALA C 31 68.77 -2.49 8.35
N VAL C 32 68.05 -3.31 9.12
CA VAL C 32 68.25 -3.43 10.56
C VAL C 32 68.47 -4.90 10.89
N LEU C 33 69.52 -5.19 11.66
CA LEU C 33 69.86 -6.54 12.06
C LEU C 33 69.70 -6.68 13.58
N SER C 34 69.83 -7.92 14.05
CA SER C 34 69.67 -8.23 15.46
C SER C 34 70.93 -8.80 16.10
N THR C 35 71.53 -9.82 15.48
CA THR C 35 72.72 -10.47 16.03
C THR C 35 73.73 -10.65 14.90
N ARG C 36 74.81 -11.37 15.20
CA ARG C 36 75.82 -11.66 14.18
C ARG C 36 75.24 -12.52 13.06
N LYS C 37 74.43 -13.51 13.40
CA LYS C 37 73.76 -14.32 12.38
C LYS C 37 72.82 -13.47 11.55
N HIS C 38 72.08 -12.56 12.18
CA HIS C 38 71.21 -11.65 11.44
C HIS C 38 72.01 -10.75 10.52
N GLU C 39 73.17 -10.27 11.00
CA GLU C 39 74.03 -9.43 10.15
C GLU C 39 74.54 -10.21 8.94
N GLN C 40 74.95 -11.47 9.15
CA GLN C 40 75.41 -12.28 8.04
C GLN C 40 74.28 -12.55 7.05
N MET C 41 73.07 -12.82 7.55
CA MET C 41 71.93 -13.05 6.67
C MET C 41 71.62 -11.79 5.86
N PHE C 42 71.66 -10.62 6.51
CA PHE C 42 71.42 -9.38 5.79
C PHE C 42 72.47 -9.13 4.73
N ARG C 43 73.74 -9.39 5.05
CA ARG C 43 74.81 -9.23 4.06
C ARG C 43 74.62 -10.17 2.88
N GLU C 44 74.24 -11.42 3.15
CA GLU C 44 73.99 -12.37 2.08
C GLU C 44 72.82 -11.93 1.21
N ALA C 45 71.76 -11.41 1.84
CA ALA C 45 70.61 -10.93 1.08
C ALA C 45 70.98 -9.74 0.20
N VAL C 46 71.79 -8.82 0.74
CA VAL C 46 72.23 -7.66 -0.04
C VAL C 46 73.09 -8.12 -1.22
N ASN C 47 73.98 -9.09 -0.98
CA ASN C 47 74.81 -9.60 -2.07
C ASN C 47 73.96 -10.26 -3.15
N GLN C 48 72.96 -11.05 -2.74
CA GLN C 48 72.07 -11.69 -3.71
C GLN C 48 71.28 -10.66 -4.50
N ALA C 49 70.80 -9.61 -3.83
CA ALA C 49 70.05 -8.56 -4.52
C ALA C 49 70.92 -7.82 -5.52
N ASN C 50 72.16 -7.50 -5.13
CA ASN C 50 73.04 -6.76 -6.03
C ASN C 50 73.63 -7.63 -7.12
N LYS C 51 73.60 -8.95 -6.96
CA LYS C 51 74.12 -9.86 -7.98
C LYS C 51 73.11 -10.14 -9.08
N ARG C 52 71.88 -9.65 -8.96
CA ARG C 52 70.85 -9.87 -9.97
C ARG C 52 70.37 -8.54 -10.55
N ILE C 58 72.71 1.57 -8.46
CA ILE C 58 71.42 0.89 -8.39
C ILE C 58 71.50 -0.31 -7.45
N GLN C 59 72.55 -0.34 -6.65
CA GLN C 59 72.76 -1.43 -5.70
C GLN C 59 72.05 -1.12 -4.39
N LEU C 60 72.28 -1.93 -3.37
CA LEU C 60 71.67 -1.76 -2.06
C LEU C 60 72.74 -1.83 -0.97
N ASN C 61 72.48 -1.12 0.13
CA ASN C 61 73.39 -1.09 1.26
C ASN C 61 72.68 -1.62 2.51
N ALA C 62 73.48 -2.02 3.49
CA ALA C 62 72.98 -2.54 4.76
C ALA C 62 73.56 -1.74 5.90
N THR C 63 72.70 -1.32 6.83
CA THR C 63 73.12 -0.55 7.98
C THR C 63 73.34 -1.48 9.17
N SER C 64 74.49 -1.35 9.82
CA SER C 64 74.87 -2.20 10.95
C SER C 64 74.31 -1.56 12.23
N VAL C 65 73.09 -1.94 12.58
CA VAL C 65 72.45 -1.46 13.80
C VAL C 65 71.86 -2.68 14.53
N THR C 66 72.12 -2.75 15.83
CA THR C 66 71.66 -3.86 16.66
C THR C 66 70.57 -3.39 17.61
N HIS C 67 69.73 -4.34 18.02
CA HIS C 67 68.64 -4.04 18.94
C HIS C 67 69.19 -3.80 20.34
N LYS C 68 68.35 -3.21 21.18
CA LYS C 68 68.69 -2.88 22.56
C LYS C 68 67.63 -3.41 23.51
N PRO C 69 68.01 -3.71 24.75
CA PRO C 69 67.00 -4.18 25.72
C PRO C 69 65.89 -3.16 25.97
N ASN C 70 66.19 -1.87 25.89
CA ASN C 70 65.19 -0.83 26.07
C ASN C 70 64.50 -0.55 24.75
N ALA C 71 63.16 -0.62 24.76
CA ALA C 71 62.40 -0.39 23.53
C ALA C 71 62.56 1.03 23.03
N ILE C 72 62.54 2.00 23.94
CA ILE C 72 62.69 3.40 23.54
C ILE C 72 64.07 3.64 22.96
N GLN C 73 65.12 3.09 23.60
CA GLN C 73 66.47 3.24 23.07
C GLN C 73 66.62 2.58 21.71
N MET C 74 66.04 1.39 21.54
CA MET C 74 66.10 0.71 20.25
C MET C 74 65.38 1.52 19.17
N ALA C 75 64.22 2.08 19.50
CA ALA C 75 63.49 2.90 18.53
C ALA C 75 64.29 4.13 18.16
N LEU C 76 64.90 4.79 19.14
CA LEU C 76 65.73 5.96 18.85
C LEU C 76 66.91 5.59 17.97
N SER C 77 67.56 4.47 18.25
CA SER C 77 68.71 4.05 17.46
C SER C 77 68.31 3.74 16.02
N VAL C 78 67.20 3.01 15.83
CA VAL C 78 66.80 2.65 14.48
C VAL C 78 66.35 3.89 13.71
N CYS C 79 65.67 4.82 14.37
CA CYS C 79 65.30 6.06 13.71
C CYS C 79 66.53 6.87 13.31
N GLU C 80 67.53 6.93 14.20
CA GLU C 80 68.75 7.67 13.90
C GLU C 80 69.50 7.07 12.73
N ASP C 81 69.63 5.73 12.69
CA ASP C 81 70.35 5.11 11.59
C ASP C 81 69.58 5.20 10.28
N LEU C 82 68.24 5.11 10.34
CA LEU C 82 67.44 5.30 9.13
C LEU C 82 67.58 6.72 8.59
N ILE C 83 67.59 7.72 9.48
CA ILE C 83 67.77 9.09 9.04
C ILE C 83 69.16 9.29 8.45
N SER C 84 70.19 8.74 9.10
CA SER C 84 71.55 8.90 8.59
C SER C 84 71.74 8.23 7.24
N SER C 85 71.17 7.03 7.07
CA SER C 85 71.29 6.31 5.80
C SER C 85 70.42 6.89 4.70
N GLN C 86 69.49 7.79 5.03
CA GLN C 86 68.59 8.44 4.10
C GLN C 86 67.65 7.46 3.40
N VAL C 87 67.61 6.20 3.84
CA VAL C 87 66.72 5.19 3.28
C VAL C 87 65.96 4.54 4.43
N TYR C 88 64.65 4.46 4.30
CA TYR C 88 63.78 3.90 5.34
C TYR C 88 63.26 2.55 4.84
N ALA C 89 64.00 1.48 5.16
CA ALA C 89 63.61 0.11 4.81
C ALA C 89 63.87 -0.75 6.05
N ILE C 90 62.84 -0.89 6.88
CA ILE C 90 62.97 -1.60 8.15
C ILE C 90 62.60 -3.07 7.94
N LEU C 91 63.49 -3.95 8.37
CA LEU C 91 63.26 -5.40 8.33
C LEU C 91 63.19 -5.88 9.78
N VAL C 92 61.99 -5.85 10.35
CA VAL C 92 61.81 -6.16 11.76
C VAL C 92 62.01 -7.66 11.99
N SER C 93 62.87 -8.00 12.95
CA SER C 93 63.10 -9.37 13.36
C SER C 93 62.87 -9.48 14.86
N HIS C 94 62.01 -10.40 15.26
CA HIS C 94 61.64 -10.52 16.66
C HIS C 94 62.77 -11.15 17.46
N PRO C 95 63.25 -10.51 18.52
CA PRO C 95 64.25 -11.16 19.38
C PRO C 95 63.63 -12.30 20.15
N PRO C 96 64.43 -13.31 20.56
CA PRO C 96 63.90 -14.46 21.28
C PRO C 96 63.55 -14.17 22.74
N THR C 97 62.81 -13.10 22.96
CA THR C 97 62.35 -12.75 24.30
C THR C 97 61.26 -13.71 24.74
N PRO C 98 61.28 -14.18 25.99
CA PRO C 98 60.22 -15.09 26.45
C PRO C 98 58.84 -14.48 26.42
N ASN C 99 58.71 -13.17 26.67
CA ASN C 99 57.40 -12.53 26.65
C ASN C 99 56.83 -12.51 25.24
N ASP C 100 57.61 -12.04 24.27
CA ASP C 100 57.19 -11.97 22.87
C ASP C 100 55.86 -11.23 22.72
N HIS C 101 55.72 -10.12 23.45
CA HIS C 101 54.49 -9.35 23.45
C HIS C 101 54.66 -7.95 22.86
N PHE C 102 55.64 -7.19 23.34
CA PHE C 102 55.85 -5.82 22.88
C PHE C 102 57.23 -5.61 22.29
N THR C 103 57.94 -6.70 21.96
CA THR C 103 59.27 -6.55 21.38
C THR C 103 59.28 -5.81 20.04
N PRO C 104 58.40 -6.11 19.08
CA PRO C 104 58.41 -5.34 17.83
C PRO C 104 57.59 -4.06 17.87
N THR C 105 57.05 -3.69 19.03
CA THR C 105 56.22 -2.48 19.12
C THR C 105 56.99 -1.20 18.77
N PRO C 106 58.21 -0.94 19.30
CA PRO C 106 58.87 0.34 19.00
C PRO C 106 59.22 0.52 17.54
N VAL C 107 59.80 -0.51 16.91
CA VAL C 107 60.19 -0.41 15.52
C VAL C 107 58.95 -0.25 14.63
N SER C 108 57.88 -0.99 14.93
CA SER C 108 56.65 -0.87 14.16
C SER C 108 56.05 0.53 14.31
N TYR C 109 56.06 1.08 15.53
CA TYR C 109 55.54 2.42 15.74
C TYR C 109 56.35 3.46 14.98
N THR C 110 57.68 3.33 15.01
CA THR C 110 58.53 4.27 14.27
C THR C 110 58.28 4.17 12.78
N ALA C 111 58.12 2.94 12.26
CA ALA C 111 57.81 2.77 10.85
C ALA C 111 56.46 3.38 10.50
N GLY C 112 55.46 3.20 11.36
CA GLY C 112 54.14 3.74 11.12
C GLY C 112 53.98 5.21 11.38
N PHE C 113 54.98 5.85 12.00
CA PHE C 113 54.91 7.29 12.20
C PHE C 113 54.84 8.03 10.87
N TYR C 114 55.63 7.61 9.89
CA TYR C 114 55.59 8.16 8.54
C TYR C 114 54.79 7.25 7.62
N ARG C 115 54.58 7.72 6.40
CA ARG C 115 53.88 6.95 5.37
C ARG C 115 54.88 6.14 4.54
N ILE C 116 55.69 5.36 5.25
CA ILE C 116 56.74 4.56 4.65
C ILE C 116 56.42 3.09 4.89
N PRO C 117 55.95 2.39 3.86
CA PRO C 117 55.66 0.95 4.02
C PRO C 117 56.91 0.16 4.39
N VAL C 118 56.72 -0.83 5.26
CA VAL C 118 57.79 -1.71 5.71
C VAL C 118 57.31 -3.15 5.66
N LEU C 119 58.28 -4.07 5.68
CA LEU C 119 58.01 -5.49 5.67
C LEU C 119 58.65 -6.15 6.89
N GLY C 120 57.91 -7.05 7.52
CA GLY C 120 58.39 -7.75 8.70
C GLY C 120 58.94 -9.13 8.35
N LEU C 121 59.95 -9.53 9.09
CA LEU C 121 60.61 -10.83 8.89
C LEU C 121 60.14 -11.79 9.98
N THR C 122 59.35 -12.80 9.58
CA THR C 122 58.83 -13.81 10.50
C THR C 122 58.10 -13.18 11.68
N THR C 123 57.30 -12.16 11.40
CA THR C 123 56.51 -11.48 12.43
C THR C 123 55.14 -12.13 12.49
N ARG C 124 54.99 -13.07 13.42
CA ARG C 124 53.74 -13.80 13.59
C ARG C 124 52.76 -13.08 14.51
N MET C 125 53.15 -11.96 15.08
CA MET C 125 52.26 -11.21 15.96
C MET C 125 51.11 -10.61 15.15
N SER C 126 49.91 -10.64 15.74
CA SER C 126 48.69 -10.19 15.08
C SER C 126 48.32 -8.75 15.43
N ILE C 127 49.32 -7.91 15.73
CA ILE C 127 49.04 -6.52 16.06
C ILE C 127 48.45 -5.78 14.86
N TYR C 128 49.01 -6.00 13.67
CA TYR C 128 48.53 -5.30 12.49
C TYR C 128 47.16 -5.81 12.04
N SER C 129 46.84 -7.06 12.34
CA SER C 129 45.57 -7.66 11.96
C SER C 129 44.51 -7.55 13.04
N ASP C 130 44.84 -6.95 14.19
CA ASP C 130 43.86 -6.81 15.28
C ASP C 130 43.01 -5.56 15.08
N LYS C 131 43.64 -4.39 14.99
CA LYS C 131 42.93 -3.13 14.81
C LYS C 131 43.43 -2.33 13.61
N SER C 132 44.41 -2.84 12.87
CA SER C 132 44.97 -2.15 11.70
C SER C 132 45.45 -0.75 12.05
N ILE C 133 46.10 -0.62 13.21
CA ILE C 133 46.64 0.67 13.62
C ILE C 133 47.73 1.13 12.64
N HIS C 134 48.61 0.22 12.25
CA HIS C 134 49.64 0.54 11.28
C HIS C 134 49.03 0.58 9.87
N LEU C 135 49.73 1.30 8.98
CA LEU C 135 49.21 1.48 7.62
C LEU C 135 49.43 0.22 6.78
N SER C 136 50.69 -0.18 6.59
CA SER C 136 51.01 -1.32 5.75
C SER C 136 52.09 -2.18 6.39
N PHE C 137 51.97 -2.43 7.69
CA PHE C 137 52.91 -3.32 8.40
C PHE C 137 52.54 -4.75 8.06
N LEU C 138 53.17 -5.29 7.02
CA LEU C 138 52.84 -6.60 6.48
C LEU C 138 53.99 -7.57 6.71
N ARG C 139 53.64 -8.82 7.03
CA ARG C 139 54.62 -9.87 7.24
C ARG C 139 54.24 -11.08 6.38
N THR C 140 55.27 -11.81 5.95
CA THR C 140 55.04 -12.97 5.10
C THR C 140 54.28 -14.07 5.85
N VAL C 141 54.65 -14.32 7.10
CA VAL C 141 53.99 -15.35 7.89
C VAL C 141 52.60 -14.85 8.29
N PRO C 142 51.54 -15.65 8.12
CA PRO C 142 50.23 -15.22 8.58
C PRO C 142 50.21 -15.05 10.08
N PRO C 143 49.46 -14.07 10.59
CA PRO C 143 49.42 -13.85 12.04
C PRO C 143 48.58 -14.89 12.76
N TYR C 144 48.54 -14.79 14.09
CA TYR C 144 47.76 -15.74 14.89
C TYR C 144 46.27 -15.63 14.62
N SER C 145 45.80 -14.47 14.15
CA SER C 145 44.38 -14.32 13.81
C SER C 145 43.99 -15.21 12.64
N HIS C 146 44.94 -15.63 11.82
CA HIS C 146 44.68 -16.53 10.69
C HIS C 146 44.60 -17.97 11.21
N GLN C 147 44.67 -18.92 10.29
CA GLN C 147 44.58 -20.37 10.52
C GLN C 147 43.18 -20.81 10.88
N SER C 148 42.18 -19.94 10.77
CA SER C 148 40.79 -20.36 10.90
C SER C 148 40.30 -21.06 9.64
N SER C 149 40.86 -20.68 8.47
CA SER C 149 40.43 -21.29 7.21
C SER C 149 40.75 -22.78 7.17
N VAL C 150 41.94 -23.16 7.64
CA VAL C 150 42.30 -24.57 7.65
C VAL C 150 41.43 -25.33 8.65
N TRP C 151 41.09 -24.69 9.77
CA TRP C 151 40.17 -25.31 10.72
C TRP C 151 38.80 -25.56 10.10
N PHE C 152 38.28 -24.57 9.37
CA PHE C 152 36.99 -24.74 8.70
C PHE C 152 37.07 -25.83 7.64
N GLU C 153 38.18 -25.88 6.89
CA GLU C 153 38.34 -26.92 5.88
C GLU C 153 38.38 -28.30 6.50
N MET C 154 39.11 -28.46 7.61
CA MET C 154 39.16 -29.75 8.29
C MET C 154 37.79 -30.13 8.84
N MET C 155 37.06 -29.16 9.39
CA MET C 155 35.72 -29.45 9.89
C MET C 155 34.79 -29.89 8.77
N ARG C 156 34.89 -29.25 7.61
CA ARG C 156 34.07 -29.64 6.46
C ARG C 156 34.45 -31.03 5.97
N VAL C 157 35.75 -31.34 5.92
CA VAL C 157 36.19 -32.64 5.45
C VAL C 157 35.72 -33.75 6.40
N TYR C 158 35.87 -33.53 7.70
CA TYR C 158 35.48 -34.52 8.69
C TYR C 158 34.01 -34.44 9.06
N SER C 159 33.27 -33.48 8.49
CA SER C 159 31.83 -33.31 8.75
C SER C 159 31.55 -33.16 10.25
N TRP C 160 32.40 -32.41 10.93
CA TRP C 160 32.19 -32.16 12.35
C TRP C 160 31.06 -31.17 12.57
N ASN C 161 30.28 -31.38 13.63
CA ASN C 161 29.17 -30.52 13.97
C ASN C 161 29.21 -30.17 15.45
N HIS C 162 28.61 -29.02 15.78
CA HIS C 162 28.56 -28.53 17.16
C HIS C 162 29.96 -28.37 17.75
N ILE C 163 30.73 -27.48 17.13
CA ILE C 163 32.10 -27.21 17.55
C ILE C 163 32.10 -26.00 18.47
N ILE C 164 32.62 -26.17 19.68
CA ILE C 164 32.73 -25.09 20.64
C ILE C 164 34.10 -24.44 20.50
N LEU C 165 34.19 -23.16 20.82
CA LEU C 165 35.41 -22.38 20.66
C LEU C 165 35.81 -21.77 22.00
N LEU C 166 37.11 -21.83 22.30
CA LEU C 166 37.68 -21.26 23.51
C LEU C 166 38.66 -20.18 23.10
N VAL C 167 38.34 -18.92 23.43
CA VAL C 167 39.15 -17.78 23.05
C VAL C 167 39.30 -16.87 24.26
N SER C 168 40.53 -16.43 24.51
CA SER C 168 40.83 -15.56 25.65
C SER C 168 40.46 -14.12 25.29
N ASP C 169 40.87 -13.17 26.14
CA ASP C 169 40.55 -11.76 25.94
C ASP C 169 41.61 -11.02 25.14
N ASP C 170 42.64 -11.71 24.65
CA ASP C 170 43.69 -11.06 23.89
C ASP C 170 43.14 -10.54 22.56
N HIS C 171 43.78 -9.48 22.05
CA HIS C 171 43.36 -8.89 20.79
C HIS C 171 43.52 -9.87 19.64
N GLU C 172 44.64 -10.60 19.61
CA GLU C 172 44.85 -11.60 18.56
C GLU C 172 43.81 -12.70 18.67
N GLY C 173 43.52 -13.16 19.88
CA GLY C 173 42.48 -14.17 20.05
C GLY C 173 41.11 -13.68 19.63
N ARG C 174 40.79 -12.43 19.96
CA ARG C 174 39.51 -11.86 19.54
C ARG C 174 39.42 -11.77 18.03
N ALA C 175 40.50 -11.34 17.37
CA ALA C 175 40.50 -11.27 15.92
C ALA C 175 40.34 -12.66 15.29
N ALA C 176 41.03 -13.66 15.86
CA ALA C 176 40.89 -15.03 15.35
C ALA C 176 39.46 -15.54 15.53
N GLN C 177 38.85 -15.26 16.68
CA GLN C 177 37.48 -15.67 16.92
C GLN C 177 36.52 -15.00 15.95
N LYS C 178 36.71 -13.70 15.70
CA LYS C 178 35.87 -12.99 14.75
C LYS C 178 36.02 -13.56 13.34
N ARG C 179 37.26 -13.86 12.94
CA ARG C 179 37.49 -14.44 11.61
C ARG C 179 36.83 -15.81 11.50
N LEU C 180 36.95 -16.63 12.54
CA LEU C 180 36.32 -17.96 12.52
C LEU C 180 34.81 -17.85 12.46
N GLU C 181 34.23 -16.90 13.21
CA GLU C 181 32.79 -16.72 13.18
C GLU C 181 32.32 -16.24 11.81
N THR C 182 33.07 -15.34 11.18
CA THR C 182 32.70 -14.90 9.84
C THR C 182 32.80 -16.03 8.83
N LEU C 183 33.84 -16.86 8.94
CA LEU C 183 33.98 -18.00 8.03
C LEU C 183 32.85 -19.00 8.22
N LEU C 184 32.47 -19.28 9.47
CA LEU C 184 31.40 -20.21 9.73
C LEU C 184 30.04 -19.70 9.28
N GLU C 185 29.90 -18.38 9.11
CA GLU C 185 28.63 -17.82 8.66
C GLU C 185 28.36 -18.22 7.22
N GLU C 186 27.11 -18.59 6.94
CA GLU C 186 26.71 -19.00 5.61
C GLU C 186 25.89 -17.92 4.91
N SER C 189 26.18 -20.49 10.34
CA SER C 189 26.06 -21.28 11.56
C SER C 189 26.37 -20.44 12.79
N LYS C 190 25.94 -20.93 13.96
CA LYS C 190 26.17 -20.24 15.22
C LYS C 190 27.41 -20.70 15.94
N ALA C 191 28.18 -21.61 15.35
CA ALA C 191 29.41 -22.14 15.95
C ALA C 191 29.15 -22.74 17.33
N GLU C 192 28.01 -23.42 17.47
CA GLU C 192 27.59 -24.07 18.71
C GLU C 192 27.51 -22.98 19.80
N LYS C 193 28.10 -23.20 20.97
CA LYS C 193 28.05 -22.20 22.02
C LYS C 193 29.04 -21.07 21.74
N VAL C 194 28.85 -19.95 22.42
CA VAL C 194 29.71 -18.79 22.28
C VAL C 194 31.04 -19.06 22.97
N LEU C 195 32.03 -18.22 22.71
CA LEU C 195 33.36 -18.36 23.30
C LEU C 195 33.48 -17.45 24.51
N GLN C 196 33.95 -18.02 25.62
CA GLN C 196 34.11 -17.29 26.87
C GLN C 196 35.57 -16.89 27.03
N PHE C 197 35.79 -15.63 27.41
CA PHE C 197 37.13 -15.09 27.59
C PHE C 197 37.53 -15.17 29.05
N ASP C 198 38.70 -15.77 29.32
CA ASP C 198 39.24 -15.92 30.67
C ASP C 198 40.67 -15.43 30.67
N PRO C 199 40.89 -14.11 30.71
CA PRO C 199 42.26 -13.59 30.71
C PRO C 199 42.97 -13.81 32.03
N GLY C 200 43.94 -14.73 32.04
CA GLY C 200 44.68 -15.02 33.25
C GLY C 200 43.84 -15.59 34.37
N THR C 201 42.92 -16.49 34.04
CA THR C 201 42.06 -17.09 35.05
C THR C 201 42.85 -18.11 35.88
N LYS C 202 42.28 -18.47 37.02
CA LYS C 202 42.89 -19.43 37.94
C LYS C 202 42.30 -20.81 37.68
N ASN C 203 43.09 -21.68 37.05
CA ASN C 203 42.80 -23.10 36.85
C ASN C 203 41.55 -23.34 36.00
N VAL C 204 40.89 -22.26 35.57
CA VAL C 204 39.78 -22.24 34.62
C VAL C 204 38.89 -23.48 34.73
N THR C 205 38.36 -23.75 35.92
CA THR C 205 37.44 -24.87 36.07
C THR C 205 36.05 -24.56 35.55
N ALA C 206 35.62 -23.30 35.63
CA ALA C 206 34.27 -22.95 35.21
C ALA C 206 34.05 -23.19 33.72
N LEU C 207 35.04 -22.81 32.90
CA LEU C 207 34.90 -23.01 31.45
C LEU C 207 34.85 -24.49 31.10
N LEU C 208 35.70 -25.30 31.74
CA LEU C 208 35.68 -26.74 31.49
C LEU C 208 34.36 -27.36 31.92
N MET C 209 33.84 -26.95 33.08
CA MET C 209 32.56 -27.47 33.55
C MET C 209 31.43 -27.09 32.61
N GLU C 210 31.44 -25.84 32.12
CA GLU C 210 30.41 -25.42 31.18
C GLU C 210 30.51 -26.18 29.86
N ALA C 211 31.74 -26.41 29.37
CA ALA C 211 31.90 -27.11 28.10
C ALA C 211 31.57 -28.59 28.23
N LYS C 212 31.72 -29.16 29.43
CA LYS C 212 31.40 -30.57 29.61
C LYS C 212 29.92 -30.85 29.42
N GLU C 213 29.05 -29.91 29.79
CA GLU C 213 27.61 -30.09 29.68
C GLU C 213 27.07 -29.70 28.31
N LEU C 214 27.91 -29.22 27.40
CA LEU C 214 27.46 -28.81 26.08
C LEU C 214 27.34 -29.99 25.11
N GLU C 215 27.75 -31.19 25.51
CA GLU C 215 27.68 -32.38 24.67
C GLU C 215 28.41 -32.18 23.34
N ALA C 216 29.53 -31.48 23.40
CA ALA C 216 30.36 -31.23 22.23
C ALA C 216 31.70 -31.93 22.41
N ARG C 217 32.07 -32.76 21.44
CA ARG C 217 33.32 -33.51 21.50
C ARG C 217 34.47 -32.81 20.80
N VAL C 218 34.22 -31.66 20.15
CA VAL C 218 35.25 -30.92 19.42
C VAL C 218 35.37 -29.54 20.06
N ILE C 219 36.56 -29.23 20.56
CA ILE C 219 36.83 -27.93 21.19
C ILE C 219 38.15 -27.40 20.63
N ILE C 220 38.14 -26.13 20.23
CA ILE C 220 39.32 -25.47 19.69
C ILE C 220 39.68 -24.32 20.62
N LEU C 221 40.94 -24.30 21.08
CA LEU C 221 41.43 -23.25 21.95
C LEU C 221 42.71 -22.66 21.38
N SER C 222 42.84 -21.33 21.47
CA SER C 222 44.01 -20.63 20.97
C SER C 222 44.31 -19.48 21.92
N ALA C 223 45.47 -19.53 22.57
CA ALA C 223 45.85 -18.51 23.53
C ALA C 223 47.37 -18.58 23.72
N SER C 224 47.87 -17.89 24.74
CA SER C 224 49.30 -17.85 25.01
C SER C 224 49.77 -19.17 25.61
N GLU C 225 51.08 -19.28 25.79
CA GLU C 225 51.67 -20.51 26.33
C GLU C 225 51.19 -20.78 27.75
N ASP C 226 51.15 -19.73 28.59
CA ASP C 226 50.68 -19.92 29.97
C ASP C 226 49.22 -20.33 30.01
N ASP C 227 48.38 -19.68 29.19
CA ASP C 227 46.97 -20.05 29.13
C ASP C 227 46.79 -21.45 28.58
N ALA C 228 47.62 -21.84 27.58
CA ALA C 228 47.55 -23.19 27.06
C ALA C 228 47.91 -24.22 28.12
N ALA C 229 48.95 -23.95 28.90
CA ALA C 229 49.32 -24.85 29.99
C ALA C 229 48.22 -24.93 31.03
N THR C 230 47.61 -23.79 31.37
CA THR C 230 46.54 -23.78 32.36
C THR C 230 45.33 -24.59 31.88
N VAL C 231 44.94 -24.42 30.62
CA VAL C 231 43.79 -25.16 30.11
C VAL C 231 44.12 -26.64 29.97
N TYR C 232 45.36 -26.98 29.63
CA TYR C 232 45.75 -28.39 29.59
C TYR C 232 45.68 -29.00 30.99
N ARG C 233 46.14 -28.28 32.00
CA ARG C 233 46.05 -28.78 33.38
C ARG C 233 44.59 -28.94 33.81
N ALA C 234 43.74 -27.98 33.44
CA ALA C 234 42.33 -28.07 33.78
C ALA C 234 41.67 -29.28 33.12
N ALA C 235 41.99 -29.51 31.83
CA ALA C 235 41.44 -30.66 31.13
C ALA C 235 41.94 -31.97 31.74
N ALA C 236 43.22 -32.03 32.12
CA ALA C 236 43.75 -33.22 32.76
C ALA C 236 43.06 -33.48 34.10
N MET C 237 42.81 -32.42 34.87
CA MET C 237 42.09 -32.58 36.13
C MET C 237 40.67 -33.06 35.88
N LEU C 238 40.01 -32.52 34.86
CA LEU C 238 38.65 -32.96 34.51
C LEU C 238 38.65 -34.37 33.90
N ASN C 239 39.80 -34.85 33.44
CA ASN C 239 39.93 -36.18 32.84
C ASN C 239 39.03 -36.34 31.61
N MET C 240 38.80 -35.24 30.89
CA MET C 240 38.01 -35.26 29.67
C MET C 240 38.88 -35.21 28.41
N THR C 241 40.20 -35.31 28.56
CA THR C 241 41.09 -35.24 27.40
C THR C 241 40.87 -36.42 26.46
N GLY C 242 40.70 -37.62 27.00
CA GLY C 242 40.55 -38.80 26.19
C GLY C 242 39.28 -39.58 26.45
N SER C 243 38.18 -38.89 26.67
CA SER C 243 36.88 -39.51 26.90
C SER C 243 35.92 -39.06 25.79
N GLY C 244 35.99 -39.77 24.66
CA GLY C 244 35.08 -39.48 23.56
C GLY C 244 35.18 -38.08 22.99
N TYR C 245 36.34 -37.44 23.13
CA TYR C 245 36.53 -36.07 22.66
C TYR C 245 37.80 -35.97 21.84
N VAL C 246 37.73 -35.23 20.74
CA VAL C 246 38.88 -34.94 19.89
C VAL C 246 39.02 -33.43 19.77
N TRP C 247 40.22 -32.92 20.04
CA TRP C 247 40.47 -31.48 20.03
C TRP C 247 41.76 -31.19 19.31
N LEU C 248 41.84 -29.96 18.79
CA LEU C 248 43.04 -29.48 18.11
C LEU C 248 43.33 -28.06 18.58
N VAL C 249 44.61 -27.67 18.49
CA VAL C 249 45.07 -26.38 18.96
C VAL C 249 45.86 -25.69 17.86
N GLY C 250 45.97 -24.37 17.98
CA GLY C 250 46.67 -23.57 17.00
C GLY C 250 48.17 -23.58 17.21
N GLU C 251 48.86 -22.84 16.33
CA GLU C 251 50.32 -22.75 16.40
C GLU C 251 50.77 -22.07 17.69
N ARG C 252 50.06 -21.02 18.11
CA ARG C 252 50.46 -20.29 19.30
C ARG C 252 50.38 -21.14 20.55
N GLU C 253 49.48 -22.13 20.57
CA GLU C 253 49.36 -23.01 21.73
C GLU C 253 50.61 -23.86 21.92
N ILE C 254 51.25 -24.26 20.83
CA ILE C 254 52.45 -25.09 20.93
C ILE C 254 53.59 -24.26 21.52
N SER C 255 54.21 -24.80 22.58
CA SER C 255 55.31 -24.11 23.25
C SER C 255 56.16 -25.15 23.96
N GLY C 256 57.36 -24.73 24.35
CA GLY C 256 58.25 -25.63 25.06
C GLY C 256 57.70 -26.10 26.39
N ASN C 257 57.09 -25.17 27.14
CA ASN C 257 56.49 -25.54 28.43
C ASN C 257 55.08 -26.11 28.26
N ALA C 258 54.37 -25.71 27.21
CA ALA C 258 53.02 -26.20 26.99
C ALA C 258 53.02 -27.71 26.72
N LEU C 259 53.98 -28.19 25.92
CA LEU C 259 54.03 -29.61 25.59
C LEU C 259 54.36 -30.48 26.78
N ARG C 260 54.96 -29.91 27.84
CA ARG C 260 55.26 -30.71 29.03
C ARG C 260 53.99 -31.21 29.70
N TYR C 261 52.97 -30.36 29.81
CA TYR C 261 51.70 -30.73 30.41
C TYR C 261 50.64 -31.09 29.37
N ALA C 262 50.98 -31.05 28.08
CA ALA C 262 50.00 -31.34 27.05
C ALA C 262 49.75 -32.84 26.97
N PRO C 263 48.51 -33.29 27.08
CA PRO C 263 48.22 -34.73 26.95
C PRO C 263 48.36 -35.19 25.51
N ASP C 264 48.30 -36.50 25.33
CA ASP C 264 48.43 -37.10 24.01
C ASP C 264 47.19 -36.82 23.17
N GLY C 265 47.31 -37.09 21.88
CA GLY C 265 46.21 -36.89 20.95
C GLY C 265 45.81 -35.45 20.75
N ILE C 266 46.78 -34.56 20.58
CA ILE C 266 46.53 -33.14 20.35
C ILE C 266 47.09 -32.78 18.97
N LEU C 267 46.24 -32.20 18.12
CA LEU C 267 46.62 -31.81 16.77
C LEU C 267 47.02 -30.34 16.79
N GLY C 268 48.31 -30.08 16.61
CA GLY C 268 48.84 -28.73 16.60
C GLY C 268 49.20 -28.27 15.19
N LEU C 269 49.43 -26.96 15.08
CA LEU C 269 49.77 -26.33 13.81
C LEU C 269 51.20 -25.81 13.86
N GLN C 270 51.88 -25.89 12.71
CA GLN C 270 53.22 -25.35 12.59
C GLN C 270 53.41 -24.82 11.17
N LEU C 271 54.27 -23.81 11.05
CA LEU C 271 54.53 -23.21 9.75
C LEU C 271 55.39 -24.14 8.89
N ILE C 272 55.16 -24.06 7.58
CA ILE C 272 55.93 -24.89 6.65
C ILE C 272 57.41 -24.49 6.67
N ASN C 273 57.68 -23.18 6.64
CA ASN C 273 59.05 -22.70 6.66
C ASN C 273 59.24 -21.49 7.57
N GLY C 274 58.29 -21.22 8.47
CA GLY C 274 58.41 -20.09 9.37
C GLY C 274 59.26 -20.34 10.60
N LYS C 275 59.71 -21.57 10.82
CA LYS C 275 60.55 -21.86 11.97
C LYS C 275 61.90 -21.17 11.87
N ASN C 276 62.48 -21.12 10.67
CA ASN C 276 63.77 -20.50 10.42
C ASN C 276 63.56 -19.17 9.72
N GLU C 277 64.21 -18.12 10.22
CA GLU C 277 64.10 -16.80 9.63
C GLU C 277 65.06 -16.57 8.48
N SER C 278 65.92 -17.55 8.17
CA SER C 278 66.89 -17.41 7.08
C SER C 278 66.29 -17.74 5.71
N ALA C 279 65.03 -18.16 5.66
CA ALA C 279 64.39 -18.51 4.39
C ALA C 279 63.50 -17.40 3.83
N HIS C 280 62.75 -16.71 4.69
CA HIS C 280 61.87 -15.64 4.23
C HIS C 280 62.61 -14.36 3.88
N ILE C 281 63.87 -14.24 4.28
CA ILE C 281 64.63 -13.01 3.99
C ILE C 281 64.81 -12.83 2.48
N SER C 282 65.12 -13.92 1.77
CA SER C 282 65.28 -13.83 0.33
C SER C 282 63.99 -13.42 -0.36
N ASP C 283 62.86 -14.00 0.07
CA ASP C 283 61.58 -13.63 -0.52
C ASP C 283 61.24 -12.17 -0.24
N ALA C 284 61.50 -11.71 0.98
CA ALA C 284 61.23 -10.31 1.32
C ALA C 284 62.10 -9.37 0.49
N VAL C 285 63.38 -9.72 0.32
CA VAL C 285 64.28 -8.88 -0.47
C VAL C 285 63.83 -8.84 -1.93
N GLY C 286 63.42 -10.00 -2.46
CA GLY C 286 62.92 -10.02 -3.83
C GLY C 286 61.65 -9.20 -4.01
N VAL C 287 60.74 -9.28 -3.04
CA VAL C 287 59.52 -8.49 -3.10
C VAL C 287 59.84 -7.00 -3.04
N VAL C 288 60.76 -6.62 -2.16
CA VAL C 288 61.14 -5.20 -2.05
C VAL C 288 61.78 -4.72 -3.34
N ALA C 289 62.65 -5.55 -3.94
CA ALA C 289 63.28 -5.18 -5.20
C ALA C 289 62.26 -5.02 -6.31
N GLN C 290 61.28 -5.93 -6.38
CA GLN C 290 60.24 -5.80 -7.40
C GLN C 290 59.41 -4.54 -7.17
N ALA C 291 59.09 -4.24 -5.91
CA ALA C 291 58.29 -3.05 -5.61
C ALA C 291 59.04 -1.77 -5.98
N VAL C 292 60.33 -1.70 -5.64
CA VAL C 292 61.10 -0.50 -5.94
C VAL C 292 61.32 -0.36 -7.45
N HIS C 293 61.49 -1.49 -8.15
CA HIS C 293 61.61 -1.43 -9.61
C HIS C 293 60.32 -0.94 -10.24
N GLU C 294 59.17 -1.39 -9.74
CA GLU C 294 57.89 -0.91 -10.25
C GLU C 294 57.70 0.58 -9.95
N LEU C 295 58.08 1.02 -8.75
CA LEU C 295 57.89 2.41 -8.36
C LEU C 295 58.88 3.35 -9.05
N LEU C 296 60.02 2.83 -9.53
CA LEU C 296 60.98 3.69 -10.22
C LEU C 296 60.42 4.27 -11.50
N GLU C 297 59.41 3.61 -12.09
CA GLU C 297 58.78 4.16 -13.30
C GLU C 297 58.07 5.47 -13.00
N LYS C 298 57.39 5.54 -11.85
CA LYS C 298 56.70 6.76 -11.47
C LYS C 298 57.70 7.86 -11.13
N GLU C 299 57.32 9.10 -11.46
CA GLU C 299 58.16 10.26 -11.22
C GLU C 299 57.85 10.96 -9.90
N ASN C 300 56.95 10.41 -9.09
CA ASN C 300 56.57 11.00 -7.82
C ASN C 300 57.34 10.41 -6.65
N ILE C 301 58.58 9.96 -6.89
CA ILE C 301 59.39 9.39 -5.83
C ILE C 301 60.04 10.51 -5.03
N THR C 302 59.85 10.50 -3.73
CA THR C 302 60.40 11.50 -2.82
C THR C 302 61.57 10.92 -2.04
N ASP C 303 62.25 11.79 -1.31
CA ASP C 303 63.41 11.42 -0.51
C ASP C 303 63.17 11.80 0.95
N PRO C 304 63.31 10.87 1.90
CA PRO C 304 63.12 11.22 3.30
C PRO C 304 64.22 12.14 3.78
N PRO C 305 63.93 13.01 4.77
CA PRO C 305 64.98 13.89 5.28
C PRO C 305 66.11 13.11 5.94
N ARG C 306 67.32 13.65 5.80
CA ARG C 306 68.52 13.01 6.34
C ARG C 306 68.82 13.46 7.77
N GLY C 307 68.05 14.39 8.33
CA GLY C 307 68.27 14.87 9.67
C GLY C 307 67.27 14.29 10.64
N CYS C 308 67.78 13.58 11.65
CA CYS C 308 66.90 12.98 12.65
C CYS C 308 66.36 14.03 13.62
N VAL C 309 67.11 15.10 13.87
CA VAL C 309 66.67 16.13 14.79
C VAL C 309 65.43 16.83 14.26
N GLY C 310 65.42 17.16 12.97
CA GLY C 310 64.28 17.83 12.37
C GLY C 310 63.72 17.12 11.16
N ASN C 311 62.48 16.63 11.26
CA ASN C 311 61.79 15.95 10.17
C ASN C 311 60.41 16.57 10.03
N THR C 312 60.31 17.64 9.25
CA THR C 312 59.05 18.33 9.05
C THR C 312 58.33 17.92 7.76
N ASN C 313 59.04 17.33 6.81
CA ASN C 313 58.42 16.91 5.55
C ASN C 313 57.47 15.73 5.79
N ILE C 314 56.39 15.71 5.02
CA ILE C 314 55.38 14.66 5.09
C ILE C 314 55.44 13.84 3.81
N TRP C 315 55.58 12.52 3.96
CA TRP C 315 55.66 11.64 2.80
C TRP C 315 54.34 11.62 2.05
N LYS C 316 54.41 11.70 0.72
CA LYS C 316 53.24 11.74 -0.12
C LYS C 316 53.03 10.47 -0.94
N THR C 317 54.08 9.69 -1.20
CA THR C 317 53.98 8.47 -1.98
C THR C 317 53.69 7.25 -1.13
N GLY C 318 53.06 7.43 0.03
CA GLY C 318 52.78 6.35 0.94
C GLY C 318 51.77 5.35 0.39
N PRO C 319 50.52 5.80 0.18
CA PRO C 319 49.51 4.89 -0.36
C PRO C 319 49.88 4.30 -1.71
N LEU C 320 50.53 5.08 -2.58
CA LEU C 320 50.92 4.57 -3.89
C LEU C 320 51.93 3.43 -3.75
N PHE C 321 52.95 3.62 -2.91
CA PHE C 321 53.94 2.58 -2.70
C PHE C 321 53.33 1.36 -2.03
N LYS C 322 52.40 1.57 -1.09
CA LYS C 322 51.72 0.45 -0.45
C LYS C 322 50.91 -0.35 -1.46
N ARG C 323 50.19 0.33 -2.35
CA ARG C 323 49.43 -0.36 -3.39
C ARG C 323 50.35 -1.10 -4.35
N VAL C 324 51.49 -0.49 -4.70
CA VAL C 324 52.44 -1.15 -5.60
C VAL C 324 52.99 -2.42 -4.94
N LEU C 325 53.32 -2.34 -3.65
CA LEU C 325 53.83 -3.51 -2.95
C LEU C 325 52.77 -4.59 -2.84
N MET C 326 51.51 -4.20 -2.57
CA MET C 326 50.44 -5.18 -2.49
C MET C 326 50.19 -5.86 -3.82
N SER C 327 50.24 -5.10 -4.91
CA SER C 327 50.02 -5.67 -6.24
C SER C 327 51.23 -6.44 -6.77
N SER C 328 52.38 -6.35 -6.10
CA SER C 328 53.57 -7.06 -6.54
C SER C 328 53.57 -8.47 -5.98
N LYS C 329 53.71 -9.45 -6.86
CA LYS C 329 53.74 -10.85 -6.49
C LYS C 329 54.97 -11.51 -7.07
N TYR C 330 55.60 -12.39 -6.29
CA TYR C 330 56.79 -13.11 -6.69
C TYR C 330 56.43 -14.58 -6.92
N ALA C 331 56.67 -15.07 -8.14
CA ALA C 331 56.34 -16.45 -8.45
C ALA C 331 57.32 -17.42 -7.81
N ASP C 332 58.59 -17.04 -7.70
CA ASP C 332 59.62 -17.90 -7.15
C ASP C 332 59.98 -17.44 -5.74
N GLY C 333 59.98 -18.36 -4.80
CA GLY C 333 60.31 -18.03 -3.42
C GLY C 333 60.27 -19.27 -2.56
N VAL C 334 60.59 -19.07 -1.28
CA VAL C 334 60.57 -20.17 -0.33
C VAL C 334 59.15 -20.71 -0.15
N THR C 335 58.17 -19.82 -0.03
CA THR C 335 56.78 -20.20 0.16
C THR C 335 55.98 -20.15 -1.14
N GLY C 336 56.65 -20.23 -2.30
CA GLY C 336 55.94 -20.17 -3.56
C GLY C 336 55.40 -18.78 -3.85
N ARG C 337 54.33 -18.74 -4.64
CA ARG C 337 53.70 -17.48 -4.97
C ARG C 337 53.11 -16.81 -3.74
N VAL C 338 53.33 -15.51 -3.61
CA VAL C 338 52.85 -14.72 -2.49
C VAL C 338 51.87 -13.68 -3.02
N GLU C 339 50.64 -13.69 -2.50
CA GLU C 339 49.62 -12.74 -2.91
C GLU C 339 49.09 -12.03 -1.68
N PHE C 340 49.01 -10.70 -1.76
CA PHE C 340 48.52 -9.88 -0.66
C PHE C 340 47.05 -9.53 -0.90
N ASN C 341 46.23 -9.74 0.13
CA ASN C 341 44.81 -9.45 0.05
C ASN C 341 44.57 -7.99 0.43
N GLU C 342 43.30 -7.62 0.65
CA GLU C 342 42.98 -6.26 1.04
C GLU C 342 43.57 -5.91 2.40
N ASP C 343 43.75 -6.90 3.26
CA ASP C 343 44.37 -6.70 4.57
C ASP C 343 45.88 -6.85 4.55
N GLY C 344 46.47 -7.06 3.37
CA GLY C 344 47.91 -7.24 3.27
C GLY C 344 48.42 -8.51 3.91
N ASP C 345 47.68 -9.61 3.76
CA ASP C 345 48.08 -10.90 4.30
C ASP C 345 48.49 -11.82 3.16
N ARG C 346 49.66 -12.47 3.31
CA ARG C 346 50.15 -13.37 2.28
C ARG C 346 49.22 -14.57 2.15
N LYS C 347 48.84 -14.89 0.91
CA LYS C 347 47.94 -16.00 0.64
C LYS C 347 48.71 -17.30 0.37
N PHE C 348 49.61 -17.65 1.29
CA PHE C 348 50.37 -18.89 1.14
C PHE C 348 49.45 -20.11 1.23
N ALA C 349 48.51 -20.10 2.18
CA ALA C 349 47.55 -21.20 2.37
C ALA C 349 48.27 -22.53 2.58
N ASN C 350 49.41 -22.48 3.28
CA ASN C 350 50.21 -23.67 3.57
C ASN C 350 50.43 -23.76 5.07
N TYR C 351 50.14 -24.94 5.63
CA TYR C 351 50.35 -25.17 7.05
C TYR C 351 50.62 -26.66 7.26
N SER C 352 51.27 -26.97 8.37
CA SER C 352 51.61 -28.34 8.73
C SER C 352 50.86 -28.74 10.00
N ILE C 353 50.19 -29.89 9.95
CA ILE C 353 49.45 -30.41 11.10
C ILE C 353 50.28 -31.51 11.74
N MET C 354 50.50 -31.39 13.05
CA MET C 354 51.30 -32.34 13.81
C MET C 354 50.43 -33.05 14.83
N ASN C 355 50.43 -34.37 14.80
CA ASN C 355 49.68 -35.18 15.76
C ASN C 355 50.58 -35.57 16.91
N LEU C 356 50.00 -35.62 18.10
CA LEU C 356 50.73 -35.95 19.32
C LEU C 356 50.47 -37.40 19.70
N GLN C 357 51.55 -38.17 19.86
CA GLN C 357 51.45 -39.57 20.24
C GLN C 357 52.73 -39.97 20.97
N ASN C 358 52.57 -40.57 22.15
CA ASN C 358 53.69 -41.01 22.97
C ASN C 358 54.65 -39.85 23.25
N ARG C 359 54.07 -38.67 23.52
CA ARG C 359 54.84 -37.45 23.77
C ARG C 359 55.76 -37.12 22.60
N LYS C 360 55.31 -37.41 21.39
CA LYS C 360 56.07 -37.14 20.19
C LYS C 360 55.17 -36.50 19.14
N LEU C 361 55.72 -35.56 18.38
CA LEU C 361 54.98 -34.85 17.34
C LEU C 361 55.32 -35.47 15.99
N VAL C 362 54.29 -35.93 15.27
CA VAL C 362 54.45 -36.54 13.96
C VAL C 362 53.72 -35.70 12.94
N GLN C 363 54.43 -35.31 11.88
CA GLN C 363 53.85 -34.48 10.81
C GLN C 363 52.99 -35.37 9.93
N VAL C 364 51.68 -35.35 10.17
CA VAL C 364 50.73 -36.17 9.42
C VAL C 364 50.29 -35.34 8.23
N GLY C 365 51.07 -35.38 7.15
CA GLY C 365 50.73 -34.65 5.95
C GLY C 365 50.89 -33.15 6.13
N ILE C 366 50.30 -32.41 5.18
CA ILE C 366 50.33 -30.96 5.20
C ILE C 366 49.15 -30.42 4.39
N TYR C 367 48.46 -29.42 4.94
CA TYR C 367 47.31 -28.81 4.27
C TYR C 367 47.82 -27.62 3.45
N ASN C 368 47.89 -27.80 2.14
CA ASN C 368 48.35 -26.77 1.22
C ASN C 368 47.20 -26.35 0.31
N GLY C 369 46.92 -25.05 0.27
CA GLY C 369 45.87 -24.54 -0.58
C GLY C 369 44.46 -24.88 -0.12
N THR C 370 44.28 -25.17 1.16
CA THR C 370 42.97 -25.54 1.73
C THR C 370 42.35 -26.71 0.96
N HIS C 371 43.07 -27.83 0.98
CA HIS C 371 42.66 -29.03 0.27
C HIS C 371 42.90 -30.23 1.20
N VAL C 372 42.78 -31.43 0.64
CA VAL C 372 42.97 -32.64 1.43
C VAL C 372 44.44 -32.80 1.80
N ILE C 373 44.70 -33.67 2.77
CA ILE C 373 46.05 -33.90 3.27
C ILE C 373 46.56 -35.24 2.75
N PRO C 374 47.87 -35.40 2.56
CA PRO C 374 48.40 -36.70 2.13
C PRO C 374 48.19 -37.76 3.20
N ASN C 375 48.04 -39.00 2.76
CA ASN C 375 47.83 -40.13 3.66
C ASN C 375 49.16 -40.71 4.14
N ASP C 376 50.00 -39.84 4.71
CA ASP C 376 51.29 -40.30 5.23
C ASP C 376 51.10 -41.24 6.42
N ARG C 377 50.16 -40.93 7.30
CA ARG C 377 49.91 -41.74 8.48
C ARG C 377 48.47 -41.54 8.92
N LYS C 378 48.01 -42.44 9.79
CA LYS C 378 46.65 -42.40 10.32
C LYS C 378 46.66 -41.69 11.67
N ILE C 379 45.84 -40.66 11.80
CA ILE C 379 45.75 -39.93 13.06
C ILE C 379 45.12 -40.80 14.14
N ILE C 380 45.52 -40.57 15.38
CA ILE C 380 45.02 -41.32 16.53
C ILE C 380 44.37 -40.35 17.50
N TRP C 381 43.13 -40.64 17.88
CA TRP C 381 42.42 -39.80 18.83
C TRP C 381 43.04 -39.96 20.23
N PRO C 382 42.93 -38.93 21.08
CA PRO C 382 43.46 -39.06 22.43
C PRO C 382 42.81 -40.17 23.24
N GLY C 383 41.53 -40.47 22.97
CA GLY C 383 40.88 -41.55 23.70
C GLY C 383 41.49 -42.91 23.39
N GLY C 384 41.84 -43.15 22.12
CA GLY C 384 42.44 -44.41 21.73
C GLY C 384 41.74 -45.07 20.56
N GLU C 385 40.75 -44.38 19.99
CA GLU C 385 39.99 -44.90 18.87
C GLU C 385 40.55 -44.32 17.57
N THR C 386 40.83 -45.19 16.60
CA THR C 386 41.35 -44.73 15.32
C THR C 386 40.34 -43.85 14.59
N GLU C 387 39.07 -44.24 14.60
CA GLU C 387 38.04 -43.45 13.95
C GLU C 387 37.77 -42.17 14.73
N LYS C 388 37.48 -41.10 14.00
CA LYS C 388 37.21 -39.81 14.64
C LYS C 388 35.83 -39.83 15.27
N PRO C 389 35.71 -39.57 16.57
CA PRO C 389 34.38 -39.56 17.20
C PRO C 389 33.54 -38.39 16.72
N ARG C 390 32.23 -38.59 16.75
CA ARG C 390 31.30 -37.54 16.33
C ARG C 390 31.28 -36.40 17.35
N GLY C 391 30.97 -35.21 16.87
CA GLY C 391 30.94 -34.03 17.72
C GLY C 391 29.69 -33.96 18.59
N TYR C 392 28.53 -33.94 17.95
CA TYR C 392 27.25 -33.86 18.66
C TYR C 392 26.85 -35.26 19.11
N GLN C 393 27.28 -35.62 20.33
CA GLN C 393 26.98 -36.93 20.89
C GLN C 393 26.57 -36.76 22.34
N MET C 394 25.78 -37.73 22.83
CA MET C 394 25.29 -37.76 24.20
C MET C 394 24.51 -36.49 24.54
N SER C 395 23.42 -36.29 23.81
CA SER C 395 22.53 -35.14 24.01
C SER C 395 21.09 -35.62 24.21
N THR C 396 20.92 -36.70 24.96
CA THR C 396 19.57 -37.23 25.19
C THR C 396 18.79 -36.38 26.18
N ARG C 397 19.48 -35.70 27.11
CA ARG C 397 18.83 -34.89 28.12
C ARG C 397 18.91 -33.43 27.74
N LEU C 398 17.76 -32.74 27.77
CA LEU C 398 17.69 -31.33 27.43
C LEU C 398 16.69 -30.65 28.35
N LYS C 399 17.00 -29.40 28.73
CA LYS C 399 16.11 -28.62 29.57
C LYS C 399 14.95 -28.06 28.76
N ILE C 400 13.86 -27.77 29.46
CA ILE C 400 12.64 -27.24 28.85
C ILE C 400 12.17 -26.05 29.67
N VAL C 401 11.86 -24.96 28.98
CA VAL C 401 11.37 -23.73 29.60
C VAL C 401 9.87 -23.61 29.29
N THR C 402 9.08 -23.36 30.32
CA THR C 402 7.63 -23.26 30.19
C THR C 402 7.14 -21.99 30.87
N ILE C 403 6.08 -21.42 30.33
CA ILE C 403 5.48 -20.20 30.86
C ILE C 403 4.29 -20.57 31.73
N HIS C 404 4.01 -19.74 32.73
CA HIS C 404 2.92 -20.00 33.67
C HIS C 404 1.63 -19.34 33.19
N GLN C 405 1.09 -19.92 32.12
CA GLN C 405 -0.20 -19.49 31.57
C GLN C 405 -1.27 -20.45 32.10
N GLU C 406 -2.16 -19.93 32.95
CA GLU C 406 -3.14 -20.76 33.65
C GLU C 406 -3.98 -21.63 32.72
N PRO C 407 -4.53 -21.14 31.60
CA PRO C 407 -5.28 -22.04 30.71
C PRO C 407 -4.46 -23.19 30.17
N PHE C 408 -3.17 -22.97 29.90
CA PHE C 408 -2.31 -24.02 29.36
C PHE C 408 -1.42 -24.68 30.41
N VAL C 409 -0.97 -23.92 31.41
CA VAL C 409 -0.15 -24.48 32.50
C VAL C 409 -0.66 -23.92 33.82
N TYR C 410 -1.46 -24.72 34.53
CA TYR C 410 -1.95 -24.29 35.83
C TYR C 410 -0.83 -24.33 36.86
N VAL C 411 -1.01 -23.54 37.93
CA VAL C 411 -0.04 -23.43 39.00
C VAL C 411 -0.64 -24.01 40.27
N LYS C 412 0.07 -24.97 40.87
CA LYS C 412 -0.38 -25.60 42.10
C LYS C 412 0.81 -26.07 42.92
N PRO C 413 1.08 -25.43 44.07
CA PRO C 413 2.21 -25.86 44.89
C PRO C 413 2.03 -27.27 45.41
N THR C 414 3.15 -27.98 45.54
CA THR C 414 3.13 -29.35 46.03
C THR C 414 2.98 -29.39 47.54
N LEU C 415 2.64 -30.57 48.04
CA LEU C 415 2.47 -30.77 49.48
C LEU C 415 3.83 -30.96 50.15
N SER C 416 3.82 -31.28 51.44
CA SER C 416 5.07 -31.47 52.17
C SER C 416 5.79 -32.76 51.76
N ASP C 417 5.10 -33.67 51.07
CA ASP C 417 5.70 -34.92 50.61
C ASP C 417 6.43 -34.78 49.29
N GLY C 418 6.43 -33.59 48.68
CA GLY C 418 7.08 -33.37 47.41
C GLY C 418 6.24 -33.66 46.19
N THR C 419 5.02 -34.15 46.36
CA THR C 419 4.14 -34.45 45.24
C THR C 419 2.70 -34.41 45.73
N CYS C 420 1.80 -34.06 44.81
CA CYS C 420 0.37 -33.99 45.10
C CYS C 420 -0.39 -34.81 44.06
N LYS C 421 -1.38 -35.56 44.51
CA LYS C 421 -2.18 -36.39 43.61
C LYS C 421 -3.22 -35.54 42.90
N GLU C 422 -3.22 -35.60 41.57
CA GLU C 422 -4.19 -34.85 40.79
C GLU C 422 -5.57 -35.49 40.90
N GLU C 423 -6.59 -34.63 40.97
CA GLU C 423 -7.96 -35.13 41.05
C GLU C 423 -8.37 -35.84 39.77
N PHE C 424 -9.10 -36.94 39.91
CA PHE C 424 -9.55 -37.70 38.75
C PHE C 424 -10.63 -36.94 38.00
N THR C 425 -10.65 -37.13 36.68
CA THR C 425 -11.62 -36.49 35.81
C THR C 425 -12.77 -37.45 35.51
N VAL C 426 -13.67 -37.03 34.63
CA VAL C 426 -14.79 -37.89 34.25
C VAL C 426 -14.30 -39.12 33.52
N ASN C 427 -13.35 -38.94 32.60
CA ASN C 427 -12.79 -40.09 31.87
C ASN C 427 -12.05 -41.03 32.80
N GLY C 428 -11.32 -40.48 33.77
CA GLY C 428 -10.56 -41.28 34.71
C GLY C 428 -9.10 -41.40 34.31
N ASP C 429 -8.34 -42.01 35.22
CA ASP C 429 -6.90 -42.22 35.07
C ASP C 429 -6.18 -40.90 34.82
N PRO C 430 -6.11 -40.01 35.80
CA PRO C 430 -5.42 -38.73 35.58
C PRO C 430 -3.93 -38.92 35.38
N VAL C 431 -3.34 -37.99 34.64
CA VAL C 431 -1.91 -38.00 34.35
C VAL C 431 -1.23 -37.02 35.31
N LYS C 432 -0.35 -37.55 36.16
CA LYS C 432 0.35 -36.72 37.13
C LYS C 432 1.42 -35.89 36.43
N LYS C 433 1.44 -34.59 36.74
CA LYS C 433 2.45 -33.71 36.17
C LYS C 433 3.82 -33.96 36.78
N VAL C 434 4.86 -33.74 35.99
CA VAL C 434 6.23 -33.92 36.45
C VAL C 434 6.59 -32.78 37.39
N ILE C 435 7.69 -32.95 38.13
CA ILE C 435 8.12 -31.91 39.07
C ILE C 435 8.75 -30.76 38.31
N CYS C 436 8.25 -29.55 38.56
CA CYS C 436 8.72 -28.35 37.89
C CYS C 436 9.22 -27.36 38.93
N THR C 437 10.45 -26.87 38.74
CA THR C 437 11.06 -25.92 39.67
C THR C 437 10.66 -24.51 39.26
N GLY C 438 9.44 -24.14 39.60
CA GLY C 438 8.91 -22.84 39.29
C GLY C 438 8.98 -21.88 40.47
N PRO C 439 8.99 -20.58 40.20
CA PRO C 439 9.03 -19.60 41.28
C PRO C 439 7.78 -19.67 42.14
N ASN C 440 7.95 -19.33 43.42
CA ASN C 440 6.84 -19.39 44.36
C ASN C 440 5.74 -18.40 43.98
N ASP C 441 6.11 -17.18 43.59
CA ASP C 441 5.15 -16.14 43.24
C ASP C 441 5.56 -15.42 41.96
N THR C 442 6.30 -16.12 41.09
CA THR C 442 6.74 -15.57 39.79
C THR C 442 7.53 -14.28 39.97
N SER C 443 8.35 -14.22 41.03
CA SER C 443 9.20 -13.08 41.35
C SER C 443 8.41 -11.78 41.38
N PRO C 444 7.58 -11.56 42.40
CA PRO C 444 6.78 -10.32 42.48
C PRO C 444 7.60 -9.12 42.95
N GLY C 445 8.68 -8.83 42.21
CA GLY C 445 9.57 -7.74 42.55
C GLY C 445 10.65 -8.08 43.54
N SER C 446 10.65 -9.28 44.09
CA SER C 446 11.65 -9.72 45.05
C SER C 446 12.09 -11.14 44.69
N PRO C 447 13.33 -11.50 44.98
CA PRO C 447 13.78 -12.87 44.71
C PRO C 447 13.01 -13.89 45.54
N ARG C 448 12.78 -15.05 44.93
CA ARG C 448 12.04 -16.12 45.58
C ARG C 448 12.77 -17.44 45.35
N HIS C 449 12.57 -18.37 46.29
CA HIS C 449 13.19 -19.69 46.17
C HIS C 449 12.54 -20.50 45.06
N THR C 450 13.36 -21.33 44.41
CA THR C 450 12.88 -22.18 43.32
C THR C 450 12.28 -23.47 43.90
N VAL C 451 11.13 -23.30 44.53
CA VAL C 451 10.44 -24.44 45.15
C VAL C 451 9.79 -25.27 44.05
N PRO C 452 10.00 -26.59 44.03
CA PRO C 452 9.35 -27.42 43.01
C PRO C 452 7.84 -27.42 43.18
N GLN C 453 7.14 -27.26 42.06
CA GLN C 453 5.68 -27.21 42.05
C GLN C 453 5.13 -28.13 40.97
N CYS C 454 3.88 -28.54 41.16
CA CYS C 454 3.19 -29.40 40.20
C CYS C 454 2.36 -28.53 39.26
N CYS C 455 2.61 -28.68 37.96
CA CYS C 455 1.93 -27.89 36.94
C CYS C 455 1.53 -28.80 35.79
N TYR C 456 0.24 -29.14 35.71
CA TYR C 456 -0.25 -29.99 34.64
C TYR C 456 -0.80 -29.18 33.47
N GLY C 457 -1.82 -28.36 33.71
CA GLY C 457 -2.35 -27.50 32.67
C GLY C 457 -2.82 -28.30 31.46
N PHE C 458 -2.35 -27.88 30.28
CA PHE C 458 -2.70 -28.50 29.01
C PHE C 458 -1.51 -29.05 28.25
N CYS C 459 -0.34 -28.41 28.34
CA CYS C 459 0.82 -28.79 27.55
C CYS C 459 1.55 -30.01 28.10
N ILE C 460 1.22 -30.44 29.32
CA ILE C 460 1.91 -31.60 29.90
C ILE C 460 1.60 -32.86 29.10
N ASP C 461 0.35 -33.03 28.66
CA ASP C 461 0.01 -34.20 27.85
C ASP C 461 0.78 -34.19 26.54
N LEU C 462 0.87 -33.02 25.89
CA LEU C 462 1.63 -32.91 24.65
C LEU C 462 3.10 -33.24 24.87
N LEU C 463 3.68 -32.73 25.97
CA LEU C 463 5.08 -33.01 26.25
C LEU C 463 5.30 -34.50 26.53
N ILE C 464 4.38 -35.14 27.25
CA ILE C 464 4.48 -36.56 27.53
C ILE C 464 4.41 -37.36 26.23
N LYS C 465 3.49 -36.98 25.33
CA LYS C 465 3.40 -37.68 24.06
C LYS C 465 4.67 -37.50 23.24
N LEU C 466 5.23 -36.29 23.21
CA LEU C 466 6.47 -36.05 22.48
C LEU C 466 7.62 -36.86 23.07
N ALA C 467 7.71 -36.91 24.40
CA ALA C 467 8.77 -37.68 25.04
C ALA C 467 8.61 -39.17 24.75
N ARG C 468 7.38 -39.68 24.76
CA ARG C 468 7.16 -41.08 24.45
C ARG C 468 7.54 -41.40 23.00
N THR C 469 7.19 -40.50 22.07
CA THR C 469 7.52 -40.74 20.66
C THR C 469 9.01 -40.66 20.41
N MET C 470 9.69 -39.69 21.03
CA MET C 470 11.10 -39.46 20.75
C MET C 470 12.04 -40.15 21.74
N ASN C 471 11.54 -40.60 22.89
CA ASN C 471 12.33 -41.30 23.90
C ASN C 471 13.52 -40.47 24.37
N PHE C 472 13.21 -39.30 24.94
CA PHE C 472 14.21 -38.41 25.48
C PHE C 472 13.74 -37.90 26.84
N THR C 473 14.69 -37.74 27.77
CA THR C 473 14.37 -37.23 29.10
C THR C 473 14.12 -35.73 29.04
N TYR C 474 13.34 -35.24 30.00
CA TYR C 474 12.96 -33.84 30.04
C TYR C 474 13.10 -33.31 31.46
N GLU C 475 13.30 -31.99 31.57
CA GLU C 475 13.42 -31.31 32.86
C GLU C 475 12.65 -30.00 32.76
N VAL C 476 11.40 -30.01 33.20
CA VAL C 476 10.53 -28.84 33.09
C VAL C 476 10.90 -27.85 34.19
N HIS C 477 11.09 -26.59 33.80
CA HIS C 477 11.37 -25.52 34.75
C HIS C 477 10.84 -24.21 34.19
N LEU C 478 10.42 -23.33 35.10
CA LEU C 478 9.89 -22.02 34.73
C LEU C 478 11.01 -20.99 34.76
N VAL C 479 10.63 -19.72 34.57
CA VAL C 479 11.57 -18.60 34.60
C VAL C 479 11.07 -17.56 35.57
N ALA C 480 11.99 -17.00 36.37
CA ALA C 480 11.60 -16.00 37.35
C ALA C 480 11.06 -14.74 36.69
N ASP C 481 11.69 -14.30 35.59
CA ASP C 481 11.23 -13.11 34.89
C ASP C 481 9.85 -13.30 34.31
N GLY C 482 9.60 -14.46 33.70
CA GLY C 482 8.31 -14.75 33.11
C GLY C 482 8.07 -14.15 31.75
N LYS C 483 9.05 -13.44 31.18
CA LYS C 483 8.87 -12.82 29.88
C LYS C 483 8.91 -13.87 28.77
N PHE C 484 8.22 -13.57 27.66
CA PHE C 484 8.21 -14.48 26.53
C PHE C 484 9.42 -14.26 25.62
N GLY C 485 9.65 -13.03 25.20
CA GLY C 485 10.79 -12.71 24.37
C GLY C 485 10.57 -11.51 23.47
N THR C 486 11.58 -10.64 23.39
CA THR C 486 11.50 -9.44 22.56
C THR C 486 12.92 -8.92 22.36
N GLN C 487 13.03 -7.84 21.58
CA GLN C 487 14.32 -7.22 21.34
C GLN C 487 14.86 -6.60 22.62
N GLU C 488 16.18 -6.66 22.78
CA GLU C 488 16.82 -6.10 23.95
C GLU C 488 16.69 -4.58 23.97
N ARG C 489 16.42 -4.04 25.17
CA ARG C 489 16.26 -2.60 25.37
C ARG C 489 15.19 -2.02 24.45
N LYS C 496 21.29 -6.18 22.43
CA LYS C 496 21.40 -6.95 21.20
C LYS C 496 21.25 -8.45 21.49
N GLU C 497 20.37 -8.78 22.41
CA GLU C 497 20.13 -10.16 22.80
C GLU C 497 18.63 -10.34 23.04
N TRP C 498 18.27 -11.48 23.64
CA TRP C 498 16.89 -11.80 23.94
C TRP C 498 16.72 -11.96 25.45
N ASN C 499 15.48 -11.80 25.91
CA ASN C 499 15.14 -11.91 27.32
C ASN C 499 13.99 -12.90 27.48
N GLY C 500 13.92 -13.50 28.67
CA GLY C 500 12.87 -14.46 28.96
C GLY C 500 13.13 -15.84 28.38
N MET C 501 12.07 -16.47 27.86
CA MET C 501 12.22 -17.81 27.28
C MET C 501 13.13 -17.79 26.07
N MET C 502 13.00 -16.78 25.21
CA MET C 502 13.89 -16.65 24.07
C MET C 502 15.33 -16.42 24.51
N GLY C 503 15.53 -15.60 25.55
CA GLY C 503 16.87 -15.40 26.08
C GLY C 503 17.44 -16.67 26.67
N GLU C 504 16.61 -17.46 27.36
CA GLU C 504 17.07 -18.74 27.89
C GLU C 504 17.48 -19.69 26.77
N LEU C 505 16.68 -19.72 25.69
CA LEU C 505 17.04 -20.56 24.54
C LEU C 505 18.34 -20.10 23.91
N LEU C 506 18.52 -18.78 23.76
CA LEU C 506 19.74 -18.27 23.15
C LEU C 506 20.96 -18.56 24.01
N SER C 507 20.82 -18.45 25.33
CA SER C 507 21.93 -18.69 26.24
C SER C 507 22.33 -20.15 26.33
N GLY C 508 21.54 -21.05 25.76
CA GLY C 508 21.85 -22.47 25.80
C GLY C 508 21.41 -23.19 27.06
N GLN C 509 20.66 -22.54 27.93
CA GLN C 509 20.17 -23.21 29.14
C GLN C 509 19.25 -24.36 28.79
N ALA C 510 18.37 -24.16 27.82
CA ALA C 510 17.42 -25.18 27.38
C ALA C 510 17.57 -25.39 25.88
N ASP C 511 17.69 -26.66 25.48
CA ASP C 511 17.83 -26.97 24.05
C ASP C 511 16.49 -26.98 23.32
N MET C 512 15.37 -27.01 24.05
CA MET C 512 14.06 -26.98 23.43
C MET C 512 13.08 -26.35 24.40
N ILE C 513 12.00 -25.79 23.84
CA ILE C 513 10.93 -25.16 24.61
C ILE C 513 9.60 -25.74 24.14
N VAL C 514 8.87 -26.33 25.08
CA VAL C 514 7.55 -26.89 24.82
C VAL C 514 6.58 -26.11 25.71
N ALA C 515 6.02 -25.04 25.16
CA ALA C 515 5.16 -24.15 25.92
C ALA C 515 4.31 -23.35 24.95
N PRO C 516 3.16 -22.83 25.39
CA PRO C 516 2.36 -21.97 24.51
C PRO C 516 3.08 -20.65 24.20
N LEU C 517 3.45 -20.45 22.94
CA LEU C 517 4.22 -19.27 22.55
C LEU C 517 3.82 -18.86 21.14
N THR C 518 3.50 -17.58 20.98
CA THR C 518 3.20 -17.05 19.65
C THR C 518 4.48 -16.93 18.83
N ILE C 519 4.30 -16.91 17.50
CA ILE C 519 5.40 -16.88 16.56
C ILE C 519 5.31 -15.59 15.75
N ASN C 520 6.42 -14.84 15.69
CA ASN C 520 6.48 -13.65 14.86
C ASN C 520 7.68 -13.73 13.92
N ASN C 521 7.99 -12.62 13.24
CA ASN C 521 9.08 -12.63 12.26
C ASN C 521 10.43 -12.90 12.92
N GLU C 522 10.72 -12.17 14.00
CA GLU C 522 12.02 -12.31 14.66
C GLU C 522 12.19 -13.70 15.27
N ARG C 523 11.15 -14.19 15.95
CA ARG C 523 11.24 -15.51 16.56
C ARG C 523 11.40 -16.61 15.51
N ALA C 524 10.67 -16.49 14.40
CA ALA C 524 10.82 -17.47 13.33
C ALA C 524 12.20 -17.40 12.69
N GLN C 525 12.77 -16.20 12.60
CA GLN C 525 14.11 -16.05 12.06
C GLN C 525 15.15 -16.68 12.96
N TYR C 526 15.06 -16.44 14.27
CA TYR C 526 16.07 -16.94 15.19
C TYR C 526 15.93 -18.45 15.40
N ILE C 527 14.72 -18.93 15.62
CA ILE C 527 14.47 -20.35 15.89
C ILE C 527 13.29 -20.83 15.07
N GLU C 528 13.18 -22.15 14.96
CA GLU C 528 12.13 -22.79 14.17
C GLU C 528 11.04 -23.33 15.09
N PHE C 529 9.78 -23.04 14.76
CA PHE C 529 8.65 -23.50 15.54
C PHE C 529 8.07 -24.82 15.04
N SER C 530 8.67 -25.41 14.00
CA SER C 530 8.20 -26.66 13.38
C SER C 530 6.76 -26.41 12.91
N LYS C 531 5.81 -27.28 13.22
CA LYS C 531 4.42 -27.10 12.81
C LYS C 531 3.54 -26.84 14.02
N PRO C 532 2.68 -25.82 13.98
CA PRO C 532 1.82 -25.54 15.14
C PRO C 532 0.78 -26.63 15.35
N PHE C 533 0.37 -26.79 16.61
CA PHE C 533 -0.63 -27.76 16.99
C PHE C 533 -1.99 -27.16 17.29
N LYS C 534 -2.04 -25.95 17.84
CA LYS C 534 -3.29 -25.28 18.18
C LYS C 534 -3.29 -23.90 17.54
N TYR C 535 -4.21 -23.69 16.60
CA TYR C 535 -4.34 -22.41 15.92
C TYR C 535 -5.29 -21.51 16.69
N GLN C 536 -4.93 -20.23 16.77
CA GLN C 536 -5.75 -19.26 17.51
C GLN C 536 -5.54 -17.88 16.91
N GLY C 537 -6.63 -17.25 16.47
CA GLY C 537 -6.57 -15.89 15.97
C GLY C 537 -6.83 -14.90 17.09
N LEU C 538 -6.06 -13.80 17.07
CA LEU C 538 -6.14 -12.82 18.14
C LEU C 538 -7.51 -12.17 18.19
N THR C 539 -8.01 -11.97 19.42
CA THR C 539 -9.31 -11.34 19.63
C THR C 539 -9.27 -10.54 20.92
N ILE C 540 -10.25 -9.65 21.07
CA ILE C 540 -10.33 -8.76 22.22
C ILE C 540 -11.40 -9.30 23.16
N LEU C 541 -11.20 -9.07 24.46
CA LEU C 541 -12.23 -9.34 25.45
C LEU C 541 -12.54 -8.07 26.23
N VAL C 542 -13.82 -7.91 26.56
CA VAL C 542 -14.32 -6.77 27.31
C VAL C 542 -15.20 -7.29 28.44
N LYS C 543 -15.04 -6.71 29.63
CA LYS C 543 -15.87 -7.08 30.76
C LYS C 543 -17.31 -6.59 30.52
N LYS C 544 -18.24 -7.52 30.41
CA LYS C 544 -19.63 -7.17 30.14
C LYS C 544 -20.25 -6.47 31.34
N GLU C 545 -21.12 -5.50 31.06
CA GLU C 545 -21.80 -4.75 32.11
C GLU C 545 -23.22 -5.25 32.31
N LEU C 551 -36.19 -9.11 32.95
CA LEU C 551 -35.52 -8.05 33.69
C LEU C 551 -36.18 -6.69 33.43
N ASP C 552 -37.50 -6.70 33.35
CA ASP C 552 -38.29 -5.49 33.09
C ASP C 552 -39.22 -5.23 34.27
N SER C 553 -40.00 -4.15 34.16
CA SER C 553 -40.96 -3.79 35.19
C SER C 553 -42.19 -4.69 35.10
N PHE C 554 -43.00 -4.64 36.15
CA PHE C 554 -44.21 -5.47 36.22
C PHE C 554 -45.35 -4.93 35.39
N MET C 555 -45.26 -3.68 34.92
CA MET C 555 -46.30 -3.08 34.10
C MET C 555 -45.84 -2.67 32.72
N GLN C 556 -44.53 -2.72 32.44
CA GLN C 556 -43.89 -2.34 31.18
C GLN C 556 -44.34 -0.92 30.77
N PRO C 557 -45.07 -0.67 29.62
CA PRO C 557 -45.10 0.71 29.10
C PRO C 557 -45.71 1.71 30.07
N PHE C 558 -46.66 1.27 30.88
CA PHE C 558 -47.31 2.13 31.84
C PHE C 558 -46.39 2.40 33.03
N GLN C 559 -46.49 3.61 33.56
CA GLN C 559 -45.74 4.04 34.74
C GLN C 559 -46.73 4.39 35.85
N SER C 560 -46.21 4.93 36.95
CA SER C 560 -47.08 5.32 38.06
C SER C 560 -48.06 6.40 37.63
N THR C 561 -47.58 7.41 36.90
CA THR C 561 -48.48 8.43 36.37
C THR C 561 -49.47 7.83 35.38
N LEU C 562 -48.99 6.95 34.50
CA LEU C 562 -49.88 6.29 33.54
C LEU C 562 -50.89 5.39 34.25
N TRP C 563 -50.45 4.69 35.31
CA TRP C 563 -51.37 3.86 36.08
C TRP C 563 -52.45 4.70 36.74
N LEU C 564 -52.07 5.84 37.33
CA LEU C 564 -53.06 6.73 37.92
C LEU C 564 -54.02 7.27 36.87
N LEU C 565 -53.49 7.63 35.69
CA LEU C 565 -54.34 8.15 34.62
C LEU C 565 -55.34 7.11 34.15
N VAL C 566 -54.89 5.87 33.94
CA VAL C 566 -55.80 4.84 33.45
C VAL C 566 -56.82 4.46 34.52
N GLY C 567 -56.41 4.48 35.80
CA GLY C 567 -57.37 4.25 36.87
C GLY C 567 -58.43 5.33 36.94
N LEU C 568 -58.02 6.59 36.80
CA LEU C 568 -58.98 7.68 36.78
C LEU C 568 -59.92 7.56 35.59
N SER C 569 -59.38 7.19 34.42
CA SER C 569 -60.21 7.05 33.24
C SER C 569 -61.23 5.93 33.39
N VAL C 570 -60.81 4.78 33.93
CA VAL C 570 -61.73 3.66 34.08
C VAL C 570 -62.78 3.98 35.14
N HIS C 571 -62.39 4.67 36.22
CA HIS C 571 -63.38 5.09 37.20
C HIS C 571 -64.38 6.07 36.59
N VAL C 572 -63.89 7.00 35.76
CA VAL C 572 -64.77 7.99 35.14
C VAL C 572 -65.77 7.32 34.21
N VAL C 573 -65.30 6.38 33.38
CA VAL C 573 -66.21 5.71 32.46
C VAL C 573 -67.19 4.82 33.24
N ALA C 574 -66.72 4.19 34.32
CA ALA C 574 -67.61 3.36 35.12
C ALA C 574 -68.73 4.18 35.75
N VAL C 575 -68.40 5.34 36.32
CA VAL C 575 -69.43 6.16 36.93
C VAL C 575 -70.34 6.77 35.86
N MET C 576 -69.77 7.15 34.70
CA MET C 576 -70.59 7.69 33.63
C MET C 576 -71.56 6.67 33.07
N LEU C 577 -71.19 5.39 33.11
CA LEU C 577 -72.09 4.35 32.63
C LEU C 577 -73.41 4.36 33.40
N TYR C 578 -73.35 4.35 34.73
CA TYR C 578 -74.58 4.36 35.51
C TYR C 578 -75.17 5.76 35.64
N LEU C 579 -74.40 6.81 35.36
CA LEU C 579 -75.00 8.14 35.27
C LEU C 579 -75.89 8.26 34.04
N LEU C 580 -75.43 7.74 32.90
CA LEU C 580 -76.23 7.77 31.68
C LEU C 580 -77.35 6.73 31.70
N ASP C 581 -77.11 5.57 32.32
CA ASP C 581 -78.15 4.55 32.41
C ASP C 581 -79.35 5.04 33.22
N ARG C 582 -79.09 5.72 34.32
CA ARG C 582 -80.15 6.23 35.18
C ARG C 582 -80.64 7.59 34.69
N LEU C 603 -76.74 1.50 38.19
CA LEU C 603 -76.41 2.03 39.52
C LEU C 603 -75.10 1.45 40.04
N SER C 604 -75.13 0.96 41.28
CA SER C 604 -73.92 0.41 41.88
C SER C 604 -73.44 -0.85 41.15
N SER C 605 -74.36 -1.61 40.55
CA SER C 605 -73.97 -2.84 39.86
C SER C 605 -73.20 -2.55 38.58
N ALA C 606 -73.33 -1.35 38.02
CA ALA C 606 -72.61 -1.01 36.79
C ALA C 606 -71.10 -1.04 37.00
N MET C 607 -70.63 -0.51 38.13
CA MET C 607 -69.19 -0.52 38.42
C MET C 607 -68.68 -1.95 38.57
N TRP C 608 -69.44 -2.81 39.26
CA TRP C 608 -69.03 -4.20 39.40
C TRP C 608 -69.01 -4.91 38.05
N PHE C 609 -70.01 -4.65 37.20
CA PHE C 609 -70.02 -5.25 35.88
C PHE C 609 -68.83 -4.79 35.05
N SER C 610 -68.50 -3.50 35.11
CA SER C 610 -67.34 -2.99 34.38
C SER C 610 -66.05 -3.60 34.87
N TRP C 611 -65.90 -3.73 36.19
CA TRP C 611 -64.70 -4.35 36.73
C TRP C 611 -64.61 -5.82 36.33
N GLY C 612 -65.74 -6.52 36.31
CA GLY C 612 -65.73 -7.91 35.89
C GLY C 612 -65.37 -8.09 34.42
N VAL C 613 -65.92 -7.23 33.56
CA VAL C 613 -65.68 -7.36 32.12
C VAL C 613 -64.40 -6.68 31.66
N LEU C 614 -63.70 -5.97 32.56
CA LEU C 614 -62.44 -5.35 32.17
C LEU C 614 -61.41 -6.39 31.76
N LEU C 615 -61.36 -7.52 32.47
CA LEU C 615 -60.39 -8.58 32.20
C LEU C 615 -61.14 -9.91 32.16
N ASN C 616 -61.63 -10.27 30.97
CA ASN C 616 -62.34 -11.54 30.73
C ASN C 616 -63.47 -11.67 31.74
N SER C 617 -63.63 -12.80 32.42
CA SER C 617 -64.64 -13.02 33.47
C SER C 617 -66.01 -12.76 32.85
N GLY C 618 -66.88 -12.00 33.49
CA GLY C 618 -68.20 -11.73 32.99
C GLY C 618 -69.25 -11.87 34.09
N ILE C 619 -70.41 -11.26 33.85
CA ILE C 619 -71.52 -11.31 34.80
C ILE C 619 -72.80 -11.66 34.05
N GLY C 620 -73.77 -12.16 34.81
CA GLY C 620 -75.04 -12.55 34.25
C GLY C 620 -76.04 -11.43 34.04
N GLU C 621 -75.70 -10.20 34.44
CA GLU C 621 -76.61 -9.08 34.27
C GLU C 621 -76.54 -8.52 32.86
N GLY C 622 -75.35 -8.05 32.45
CA GLY C 622 -75.16 -7.51 31.12
C GLY C 622 -75.70 -6.09 31.00
N ALA C 623 -75.56 -5.56 29.79
CA ALA C 623 -76.05 -4.22 29.52
C ALA C 623 -77.57 -4.24 29.30
N PRO C 624 -78.25 -3.11 29.56
CA PRO C 624 -79.70 -3.09 29.35
C PRO C 624 -80.09 -3.05 27.88
N ARG C 625 -79.28 -2.38 27.05
CA ARG C 625 -79.54 -2.27 25.61
C ARG C 625 -80.92 -1.68 25.33
N SER C 626 -81.33 -0.70 26.14
CA SER C 626 -82.63 -0.06 25.95
C SER C 626 -82.58 1.01 24.88
N PHE C 627 -81.79 2.07 25.11
CA PHE C 627 -81.66 3.16 24.16
C PHE C 627 -80.25 3.30 23.63
N SER C 628 -79.25 3.38 24.51
CA SER C 628 -77.86 3.51 24.08
C SER C 628 -76.90 2.66 24.89
N ALA C 629 -77.40 1.79 25.78
CA ALA C 629 -76.51 0.96 26.58
C ALA C 629 -75.74 -0.04 25.72
N ARG C 630 -76.38 -0.58 24.68
CA ARG C 630 -75.71 -1.53 23.80
C ARG C 630 -74.53 -0.87 23.09
N ILE C 631 -74.70 0.37 22.64
CA ILE C 631 -73.61 1.08 21.97
C ILE C 631 -72.44 1.28 22.92
N LEU C 632 -72.72 1.69 24.16
CA LEU C 632 -71.65 1.87 25.14
C LEU C 632 -70.95 0.55 25.44
N GLY C 633 -71.71 -0.53 25.57
CA GLY C 633 -71.09 -1.83 25.81
C GLY C 633 -70.21 -2.28 24.66
N MET C 634 -70.67 -2.04 23.42
CA MET C 634 -69.85 -2.38 22.26
C MET C 634 -68.59 -1.53 22.21
N VAL C 635 -68.70 -0.25 22.54
CA VAL C 635 -67.53 0.63 22.56
C VAL C 635 -66.53 0.15 23.60
N TRP C 636 -67.00 -0.16 24.79
CA TRP C 636 -66.12 -0.61 25.88
C TRP C 636 -65.98 -2.13 25.89
N ALA C 637 -65.60 -2.70 24.74
CA ALA C 637 -65.39 -4.13 24.64
C ALA C 637 -64.06 -4.45 23.97
N GLY C 638 -63.57 -3.53 23.14
CA GLY C 638 -62.31 -3.74 22.45
C GLY C 638 -61.15 -3.03 23.12
N PHE C 639 -61.44 -2.19 24.11
CA PHE C 639 -60.38 -1.44 24.80
C PHE C 639 -59.42 -2.39 25.51
N ALA C 640 -59.96 -3.41 26.19
CA ALA C 640 -59.10 -4.33 26.93
C ALA C 640 -58.18 -5.09 26.00
N MET C 641 -58.70 -5.56 24.85
CA MET C 641 -57.85 -6.26 23.90
C MET C 641 -56.74 -5.35 23.38
N ILE C 642 -57.08 -4.10 23.06
CA ILE C 642 -56.08 -3.17 22.55
C ILE C 642 -55.00 -2.92 23.59
N ILE C 643 -55.39 -2.69 24.85
CA ILE C 643 -54.39 -2.35 25.85
C ILE C 643 -53.51 -3.56 26.17
N VAL C 644 -54.09 -4.76 26.23
CA VAL C 644 -53.25 -5.93 26.51
C VAL C 644 -52.33 -6.22 25.34
N ALA C 645 -52.81 -6.02 24.10
CA ALA C 645 -51.94 -6.19 22.94
C ALA C 645 -50.79 -5.19 22.96
N SER C 646 -51.08 -3.94 23.30
CA SER C 646 -50.02 -2.93 23.37
C SER C 646 -49.02 -3.27 24.47
N TYR C 647 -49.50 -3.74 25.63
CA TYR C 647 -48.60 -4.11 26.71
C TYR C 647 -47.70 -5.27 26.30
N THR C 648 -48.28 -6.29 25.66
CA THR C 648 -47.48 -7.43 25.21
C THR C 648 -46.45 -7.01 24.17
N ALA C 649 -46.85 -6.16 23.22
CA ALA C 649 -45.92 -5.70 22.20
C ALA C 649 -44.79 -4.90 22.80
N ASN C 650 -45.10 -4.01 23.75
CA ASN C 650 -44.07 -3.19 24.37
C ASN C 650 -43.09 -4.06 25.17
N LEU C 651 -43.61 -5.03 25.94
CA LEU C 651 -42.72 -5.86 26.73
C LEU C 651 -41.88 -6.77 25.82
N ALA C 652 -42.45 -7.25 24.71
CA ALA C 652 -41.68 -8.05 23.77
C ALA C 652 -40.58 -7.21 23.12
N ALA C 653 -40.88 -5.97 22.76
CA ALA C 653 -39.86 -5.09 22.20
C ALA C 653 -38.76 -4.81 23.21
N PHE C 654 -39.13 -4.63 24.48
CA PHE C 654 -38.12 -4.43 25.51
C PHE C 654 -37.25 -5.66 25.69
N LEU C 655 -37.86 -6.85 25.62
CA LEU C 655 -37.09 -8.08 25.83
C LEU C 655 -36.11 -8.34 24.70
N VAL C 656 -36.46 -7.98 23.47
CA VAL C 656 -35.60 -8.25 22.32
C VAL C 656 -34.57 -7.14 22.16
N LEU C 657 -34.53 -6.23 23.12
CA LEU C 657 -33.53 -5.15 23.11
C LEU C 657 -32.24 -5.65 23.76
N ASP C 658 -31.60 -6.57 23.05
CA ASP C 658 -30.36 -7.16 23.55
C ASP C 658 -29.22 -6.13 23.54
N ARG C 659 -28.38 -6.20 24.57
CA ARG C 659 -27.26 -5.29 24.66
C ARG C 659 -26.23 -5.60 23.57
N PRO C 660 -25.56 -4.58 23.03
CA PRO C 660 -24.56 -4.83 21.98
C PRO C 660 -23.33 -5.52 22.55
N GLU C 661 -22.99 -6.68 21.97
CA GLU C 661 -21.83 -7.43 22.42
C GLU C 661 -20.57 -7.08 21.64
N GLU C 662 -20.70 -6.85 20.33
CA GLU C 662 -19.55 -6.51 19.50
C GLU C 662 -19.30 -4.99 19.54
N ARG C 663 -18.86 -4.54 20.73
CA ARG C 663 -18.57 -3.13 20.91
C ARG C 663 -17.40 -2.69 20.04
N ILE C 664 -16.36 -3.52 19.95
CA ILE C 664 -15.17 -3.23 19.15
C ILE C 664 -15.07 -4.30 18.07
N THR C 665 -15.03 -3.86 16.81
CA THR C 665 -14.91 -4.79 15.68
C THR C 665 -13.45 -4.94 15.27
N GLY C 666 -12.64 -5.38 16.22
CA GLY C 666 -11.22 -5.56 15.96
C GLY C 666 -10.51 -4.24 15.73
N ILE C 667 -9.44 -4.30 14.93
CA ILE C 667 -8.68 -3.11 14.63
C ILE C 667 -9.46 -2.14 13.76
N ASN C 668 -10.48 -2.62 13.05
CA ASN C 668 -11.29 -1.74 12.20
C ASN C 668 -12.13 -0.75 13.01
N ASP C 669 -12.32 -1.00 14.30
CA ASP C 669 -13.09 -0.08 15.13
C ASP C 669 -12.32 1.22 15.29
N PRO C 670 -12.97 2.37 15.10
CA PRO C 670 -12.25 3.66 15.27
C PRO C 670 -11.71 3.85 16.68
N ARG C 671 -12.41 3.37 17.70
CA ARG C 671 -11.90 3.48 19.07
C ARG C 671 -10.62 2.67 19.25
N LEU C 672 -10.56 1.47 18.65
CA LEU C 672 -9.35 0.67 18.74
C LEU C 672 -8.24 1.23 17.87
N ARG C 673 -8.58 1.68 16.65
CA ARG C 673 -7.57 2.21 15.75
C ARG C 673 -6.98 3.52 16.28
N ASN C 674 -7.83 4.41 16.80
CA ASN C 674 -7.37 5.68 17.31
C ASN C 674 -7.36 5.65 18.83
N PRO C 675 -6.20 5.70 19.48
CA PRO C 675 -6.18 5.63 20.94
C PRO C 675 -6.86 6.83 21.58
N SER C 676 -7.46 6.60 22.75
CA SER C 676 -8.17 7.63 23.50
C SER C 676 -7.71 7.62 24.94
N ASP C 677 -7.80 8.78 25.59
CA ASP C 677 -7.39 8.89 26.99
C ASP C 677 -8.25 8.04 27.90
N LYS C 678 -9.56 8.02 27.66
CA LYS C 678 -10.46 7.25 28.52
C LYS C 678 -10.19 5.75 28.41
N PHE C 679 -10.01 5.25 27.18
CA PHE C 679 -9.77 3.82 26.98
C PHE C 679 -8.32 3.47 27.28
N ILE C 680 -8.12 2.30 27.86
CA ILE C 680 -6.80 1.80 28.22
C ILE C 680 -6.55 0.49 27.49
N TYR C 681 -5.41 0.41 26.80
CA TYR C 681 -5.02 -0.79 26.07
C TYR C 681 -3.99 -1.56 26.87
N ALA C 682 -4.26 -2.84 27.11
CA ALA C 682 -3.41 -3.70 27.91
C ALA C 682 -2.95 -4.89 27.09
N THR C 683 -1.67 -5.24 27.22
CA THR C 683 -1.11 -6.38 26.51
C THR C 683 0.05 -6.93 27.33
N VAL C 684 0.40 -8.19 27.04
CA VAL C 684 1.50 -8.83 27.75
C VAL C 684 2.83 -8.24 27.28
N LYS C 685 3.64 -7.80 28.24
CA LYS C 685 4.92 -7.19 27.91
C LYS C 685 5.94 -8.23 27.49
N GLN C 686 6.92 -7.79 26.71
CA GLN C 686 8.02 -8.64 26.23
C GLN C 686 7.49 -9.87 25.49
N SER C 687 6.47 -9.66 24.66
CA SER C 687 5.87 -10.72 23.87
C SER C 687 5.91 -10.34 22.39
N SER C 688 5.29 -11.18 21.55
CA SER C 688 5.24 -10.91 20.12
C SER C 688 4.32 -9.74 19.77
N VAL C 689 3.53 -9.24 20.72
CA VAL C 689 2.63 -8.13 20.45
C VAL C 689 3.43 -6.88 20.08
N ASP C 690 4.52 -6.62 20.82
CA ASP C 690 5.37 -5.46 20.50
C ASP C 690 6.00 -5.61 19.12
N ILE C 691 6.45 -6.81 18.78
CA ILE C 691 7.05 -7.03 17.46
C ILE C 691 6.02 -6.81 16.37
N TYR C 692 4.79 -7.31 16.56
CA TYR C 692 3.74 -7.12 15.57
C TYR C 692 3.39 -5.65 15.42
N PHE C 693 3.32 -4.91 16.52
CA PHE C 693 3.01 -3.48 16.45
C PHE C 693 4.12 -2.71 15.76
N ARG C 694 5.38 -3.05 16.04
CA ARG C 694 6.50 -2.37 15.40
C ARG C 694 6.70 -2.79 13.96
N ARG C 695 6.13 -3.92 13.54
CA ARG C 695 6.26 -4.34 12.14
C ARG C 695 5.58 -3.35 11.20
N GLN C 696 4.40 -2.85 11.59
CA GLN C 696 3.65 -1.91 10.77
C GLN C 696 3.90 -0.50 11.28
N VAL C 697 4.36 0.38 10.38
CA VAL C 697 4.63 1.77 10.76
C VAL C 697 3.33 2.51 11.08
N GLU C 698 2.29 2.26 10.29
CA GLU C 698 1.01 2.94 10.50
C GLU C 698 0.38 2.60 11.84
N LEU C 699 0.77 1.49 12.45
CA LEU C 699 0.28 1.10 13.77
C LEU C 699 1.18 1.58 14.90
N SER C 700 2.21 2.37 14.58
CA SER C 700 3.12 2.85 15.62
C SER C 700 2.39 3.71 16.64
N THR C 701 1.51 4.60 16.18
CA THR C 701 0.71 5.40 17.10
C THR C 701 -0.21 4.54 17.96
N MET C 702 -0.52 3.31 17.51
CA MET C 702 -1.28 2.39 18.33
C MET C 702 -0.45 1.87 19.50
N TYR C 703 0.87 1.74 19.31
CA TYR C 703 1.75 1.20 20.33
C TYR C 703 2.48 2.28 21.11
N ARG C 704 3.11 3.24 20.42
CA ARG C 704 3.91 4.24 21.10
C ARG C 704 3.07 5.08 22.06
N HIS C 705 1.85 5.43 21.66
CA HIS C 705 0.98 6.19 22.55
C HIS C 705 0.43 5.35 23.69
N MET C 706 0.51 4.02 23.59
CA MET C 706 -0.01 3.12 24.60
C MET C 706 1.01 2.04 24.94
N GLU C 707 2.26 2.46 25.14
CA GLU C 707 3.33 1.53 25.48
C GLU C 707 3.61 1.44 26.98
N LYS C 708 3.06 2.36 27.78
CA LYS C 708 3.29 2.37 29.21
C LYS C 708 2.23 1.59 29.99
N HIS C 709 1.21 1.08 29.32
CA HIS C 709 0.14 0.34 29.98
C HIS C 709 0.30 -1.17 29.87
N ASN C 710 1.43 -1.64 29.38
CA ASN C 710 1.66 -3.07 29.26
C ASN C 710 1.87 -3.71 30.63
N TYR C 711 1.60 -5.02 30.70
CA TYR C 711 1.74 -5.80 31.92
C TYR C 711 2.70 -6.95 31.69
N GLU C 712 3.57 -7.19 32.67
CA GLU C 712 4.57 -8.25 32.55
C GLU C 712 3.96 -9.64 32.69
N SER C 713 2.79 -9.76 33.30
CA SER C 713 2.14 -11.05 33.50
C SER C 713 0.68 -10.95 33.09
N ALA C 714 0.16 -12.04 32.51
CA ALA C 714 -1.24 -12.07 32.09
C ALA C 714 -2.19 -12.23 33.26
N ALA C 715 -1.76 -12.91 34.33
CA ALA C 715 -2.62 -13.10 35.49
C ALA C 715 -2.97 -11.77 36.15
N GLU C 716 -1.98 -10.88 36.27
CA GLU C 716 -2.24 -9.57 36.86
C GLU C 716 -3.23 -8.77 36.01
N ALA C 717 -3.09 -8.84 34.68
CA ALA C 717 -4.01 -8.14 33.80
C ALA C 717 -5.41 -8.70 33.91
N ILE C 718 -5.55 -10.03 34.00
CA ILE C 718 -6.86 -10.64 34.17
C ILE C 718 -7.48 -10.22 35.49
N GLN C 719 -6.69 -10.21 36.57
CA GLN C 719 -7.21 -9.79 37.86
C GLN C 719 -7.65 -8.33 37.83
N ALA C 720 -6.88 -7.47 37.16
CA ALA C 720 -7.24 -6.06 37.06
C ALA C 720 -8.53 -5.88 36.25
N VAL C 721 -8.66 -6.61 35.14
CA VAL C 721 -9.85 -6.46 34.30
C VAL C 721 -11.08 -7.12 34.92
N ARG C 722 -10.89 -8.04 35.88
CA ARG C 722 -12.03 -8.62 36.57
C ARG C 722 -12.79 -7.55 37.37
N ASP C 723 -12.07 -6.62 38.00
CA ASP C 723 -12.66 -5.55 38.78
C ASP C 723 -13.04 -4.35 37.92
N ASN C 724 -13.18 -4.53 36.60
CA ASN C 724 -13.57 -3.48 35.67
C ASN C 724 -12.58 -2.31 35.64
N LYS C 725 -11.34 -2.53 36.11
CA LYS C 725 -10.34 -1.49 36.07
C LYS C 725 -9.78 -1.29 34.66
N LEU C 726 -9.82 -2.33 33.82
CA LEU C 726 -9.31 -2.27 32.46
C LEU C 726 -10.48 -2.36 31.49
N HIS C 727 -10.47 -1.49 30.47
CA HIS C 727 -11.58 -1.46 29.52
C HIS C 727 -11.64 -2.75 28.71
N ALA C 728 -10.49 -3.22 28.22
CA ALA C 728 -10.45 -4.41 27.39
C ALA C 728 -9.05 -4.98 27.38
N PHE C 729 -8.94 -6.23 26.95
CA PHE C 729 -7.63 -6.88 26.81
C PHE C 729 -7.53 -7.55 25.44
N ILE C 730 -6.32 -7.55 24.89
CA ILE C 730 -6.08 -7.98 23.51
C ILE C 730 -4.81 -8.82 23.46
N TRP C 731 -4.69 -9.60 22.37
CA TRP C 731 -3.45 -10.26 21.96
C TRP C 731 -3.09 -11.45 22.86
N ASP C 732 -4.09 -12.08 23.47
CA ASP C 732 -3.88 -13.32 24.22
C ASP C 732 -5.04 -14.28 23.99
N SER C 733 -5.52 -14.34 22.75
CA SER C 733 -6.81 -14.99 22.47
C SER C 733 -6.82 -16.45 22.90
N ALA C 734 -5.71 -17.17 22.66
CA ALA C 734 -5.66 -18.59 23.00
C ALA C 734 -5.87 -18.82 24.49
N VAL C 735 -5.52 -17.86 25.33
CA VAL C 735 -5.83 -17.94 26.75
C VAL C 735 -6.98 -17.04 27.15
N LEU C 736 -7.27 -15.98 26.38
CA LEU C 736 -8.41 -15.12 26.70
C LEU C 736 -9.72 -15.86 26.55
N GLU C 737 -9.83 -16.73 25.54
CA GLU C 737 -11.06 -17.51 25.37
C GLU C 737 -11.31 -18.41 26.57
N PHE C 738 -10.27 -19.11 27.04
CA PHE C 738 -10.40 -19.96 28.21
C PHE C 738 -10.73 -19.15 29.46
N GLU C 739 -10.10 -17.98 29.61
CA GLU C 739 -10.38 -17.14 30.76
C GLU C 739 -11.83 -16.66 30.75
N ALA C 740 -12.34 -16.28 29.58
CA ALA C 740 -13.73 -15.85 29.47
C ALA C 740 -14.68 -17.02 29.75
N SER C 741 -14.35 -18.21 29.26
CA SER C 741 -15.19 -19.39 29.52
C SER C 741 -15.23 -19.71 31.01
N GLN C 742 -14.08 -19.62 31.70
CA GLN C 742 -14.04 -19.90 33.13
C GLN C 742 -14.75 -18.82 33.94
N LYS C 743 -14.59 -17.55 33.58
CA LYS C 743 -15.21 -16.46 34.33
C LYS C 743 -16.69 -16.31 34.03
N CYS C 744 -17.11 -16.60 32.80
CA CYS C 744 -18.51 -16.53 32.37
C CYS C 744 -19.08 -15.12 32.49
N ASP C 745 -18.22 -14.10 32.53
CA ASP C 745 -18.69 -12.73 32.69
C ASP C 745 -18.14 -11.82 31.60
N LEU C 746 -16.89 -12.07 31.18
CA LEU C 746 -16.23 -11.24 30.18
C LEU C 746 -16.53 -11.79 28.79
N VAL C 747 -17.01 -10.91 27.90
CA VAL C 747 -17.32 -11.34 26.54
C VAL C 747 -16.09 -11.16 25.66
N THR C 748 -16.07 -11.91 24.55
CA THR C 748 -14.97 -11.86 23.60
C THR C 748 -15.51 -11.55 22.21
N THR C 749 -14.96 -10.50 21.60
CA THR C 749 -15.34 -10.08 20.25
C THR C 749 -14.08 -9.68 19.50
N GLY C 750 -14.27 -9.14 18.31
CA GLY C 750 -13.16 -8.69 17.50
C GLY C 750 -12.77 -9.71 16.44
N GLU C 751 -12.36 -9.21 15.28
CA GLU C 751 -11.95 -10.08 14.19
C GLU C 751 -10.59 -10.70 14.48
N LEU C 752 -10.37 -11.90 13.92
CA LEU C 752 -9.10 -12.62 14.08
C LEU C 752 -8.10 -12.11 13.04
N PHE C 753 -7.59 -10.90 13.30
CA PHE C 753 -6.69 -10.26 12.36
C PHE C 753 -5.36 -11.01 12.26
N PHE C 754 -4.84 -11.50 13.38
CA PHE C 754 -3.56 -12.19 13.41
C PHE C 754 -3.82 -13.69 13.54
N ARG C 755 -3.70 -14.40 12.42
CA ARG C 755 -3.91 -15.84 12.38
C ARG C 755 -2.57 -16.55 12.51
N SER C 756 -2.42 -17.33 13.57
CA SER C 756 -1.20 -18.10 13.82
C SER C 756 -1.54 -19.26 14.74
N GLY C 757 -0.51 -19.97 15.19
CA GLY C 757 -0.72 -21.10 16.08
C GLY C 757 0.47 -21.31 16.99
N PHE C 758 0.20 -21.96 18.11
CA PHE C 758 1.26 -22.26 19.08
C PHE C 758 2.13 -23.41 18.58
N GLY C 759 3.45 -23.23 18.67
CA GLY C 759 4.38 -24.23 18.21
C GLY C 759 5.39 -24.59 19.29
N ILE C 760 6.27 -25.52 18.94
CA ILE C 760 7.34 -25.99 19.82
C ILE C 760 8.66 -25.48 19.28
N GLY C 761 9.45 -24.84 20.14
CA GLY C 761 10.68 -24.19 19.71
C GLY C 761 11.90 -25.06 19.93
N MET C 762 12.80 -25.05 18.95
CA MET C 762 14.05 -25.79 19.02
C MET C 762 15.20 -24.83 18.75
N ARG C 763 16.40 -25.26 19.14
CA ARG C 763 17.59 -24.46 18.92
C ARG C 763 17.95 -24.44 17.44
N LYS C 764 18.88 -23.55 17.08
CA LYS C 764 19.32 -23.44 15.70
C LYS C 764 20.02 -24.72 15.27
N ASP C 765 19.65 -25.22 14.09
CA ASP C 765 20.20 -26.46 13.53
C ASP C 765 20.04 -27.63 14.49
N SER C 766 18.89 -27.70 15.15
CA SER C 766 18.63 -28.78 16.10
C SER C 766 18.33 -30.06 15.34
N PRO C 767 19.05 -31.15 15.60
CA PRO C 767 18.75 -32.42 14.91
C PRO C 767 17.38 -33.00 15.26
N TRP C 768 16.80 -32.59 16.39
CA TRP C 768 15.51 -33.12 16.83
C TRP C 768 14.32 -32.40 16.23
N LYS C 769 14.55 -31.34 15.45
CA LYS C 769 13.44 -30.57 14.90
C LYS C 769 12.58 -31.42 13.96
N GLN C 770 13.22 -32.21 13.09
CA GLN C 770 12.46 -33.06 12.18
C GLN C 770 11.68 -34.12 12.95
N ASN C 771 12.29 -34.71 13.98
CA ASN C 771 11.63 -35.75 14.75
C ASN C 771 10.41 -35.20 15.47
N VAL C 772 10.56 -34.05 16.13
CA VAL C 772 9.42 -33.48 16.87
C VAL C 772 8.34 -33.01 15.90
N SER C 773 8.74 -32.49 14.73
CA SER C 773 7.75 -32.08 13.74
C SER C 773 6.94 -33.28 13.25
N LEU C 774 7.63 -34.39 12.94
CA LEU C 774 6.92 -35.59 12.51
C LEU C 774 6.01 -36.12 13.62
N SER C 775 6.49 -36.10 14.87
CA SER C 775 5.68 -36.59 15.98
C SER C 775 4.43 -35.74 16.17
N ILE C 776 4.57 -34.41 16.12
CA ILE C 776 3.42 -33.55 16.33
C ILE C 776 2.44 -33.66 15.17
N LEU C 777 2.94 -33.81 13.94
CA LEU C 777 2.04 -34.02 12.81
C LEU C 777 1.29 -35.33 12.92
N LYS C 778 1.97 -36.40 13.36
CA LYS C 778 1.31 -37.68 13.54
C LYS C 778 0.26 -37.61 14.65
N SER C 779 0.57 -36.91 15.73
CA SER C 779 -0.39 -36.76 16.82
C SER C 779 -1.61 -35.95 16.37
N HIS C 780 -1.38 -34.90 15.56
CA HIS C 780 -2.50 -34.10 15.07
C HIS C 780 -3.34 -34.86 14.06
N GLU C 781 -2.71 -35.76 13.29
CA GLU C 781 -3.45 -36.48 12.26
C GLU C 781 -4.52 -37.39 12.85
N ASN C 782 -4.22 -38.06 13.96
CA ASN C 782 -5.14 -39.01 14.55
C ASN C 782 -6.16 -38.36 15.49
N GLY C 783 -6.09 -37.05 15.68
CA GLY C 783 -7.05 -36.35 16.51
C GLY C 783 -6.75 -36.34 17.99
N PHE C 784 -5.51 -36.62 18.39
CA PHE C 784 -5.16 -36.56 19.80
C PHE C 784 -5.28 -35.15 20.35
N MET C 785 -4.86 -34.15 19.58
CA MET C 785 -5.00 -32.77 20.00
C MET C 785 -6.46 -32.38 20.15
N GLU C 786 -7.31 -32.83 19.21
CA GLU C 786 -8.75 -32.56 19.33
C GLU C 786 -9.34 -33.22 20.57
N ASP C 787 -8.91 -34.45 20.87
CA ASP C 787 -9.38 -35.12 22.07
C ASP C 787 -8.97 -34.38 23.32
N LEU C 788 -7.71 -33.92 23.38
CA LEU C 788 -7.26 -33.15 24.53
C LEU C 788 -8.05 -31.86 24.68
N ASP C 789 -8.29 -31.17 23.56
CA ASP C 789 -9.08 -29.94 23.60
C ASP C 789 -10.48 -30.21 24.14
N LYS C 790 -11.18 -31.18 23.56
CA LYS C 790 -12.54 -31.48 23.98
C LYS C 790 -12.59 -32.03 25.41
N THR C 791 -11.49 -32.56 25.93
CA THR C 791 -11.47 -33.08 27.29
C THR C 791 -11.09 -32.02 28.33
N TRP C 792 -10.34 -30.99 27.96
CA TRP C 792 -9.90 -29.98 28.92
C TRP C 792 -10.57 -28.63 28.71
N VAL C 793 -10.47 -28.04 27.51
CA VAL C 793 -11.05 -26.73 27.29
C VAL C 793 -12.57 -26.80 27.26
N ARG C 794 -13.12 -27.81 26.58
CA ARG C 794 -14.57 -27.95 26.48
C ARG C 794 -15.21 -28.37 27.79
N TYR C 795 -14.42 -28.80 28.77
CA TYR C 795 -14.97 -29.20 30.06
C TYR C 795 -15.66 -28.02 30.75
N GLN C 796 -15.02 -26.85 30.72
CA GLN C 796 -15.59 -25.64 31.30
C GLN C 796 -16.23 -24.84 30.18
N GLU C 797 -17.53 -25.02 30.00
CA GLU C 797 -18.30 -24.33 28.97
C GLU C 797 -19.26 -23.36 29.64
N CYS C 798 -19.16 -22.08 29.26
CA CYS C 798 -19.99 -21.03 29.86
C CYS C 798 -20.01 -19.86 28.89
N ASP C 799 -20.52 -18.72 29.36
CA ASP C 799 -20.60 -17.53 28.53
C ASP C 799 -19.24 -16.82 28.45
N THR C 807 -37.32 -15.28 29.46
CA THR C 807 -36.41 -15.68 30.54
C THR C 807 -36.76 -14.97 31.84
N LEU C 808 -38.01 -15.12 32.28
CA LEU C 808 -38.44 -14.49 33.51
C LEU C 808 -37.79 -15.15 34.72
N THR C 809 -37.54 -14.35 35.75
CA THR C 809 -36.89 -14.84 36.96
C THR C 809 -37.72 -14.52 38.19
N PHE C 810 -37.15 -14.76 39.38
CA PHE C 810 -37.88 -14.48 40.61
C PHE C 810 -38.10 -12.98 40.81
N GLU C 811 -37.24 -12.14 40.23
CA GLU C 811 -37.40 -10.70 40.37
C GLU C 811 -38.66 -10.20 39.66
N ASN C 812 -39.06 -10.86 38.57
CA ASN C 812 -40.25 -10.48 37.83
C ASN C 812 -41.50 -11.23 38.28
N MET C 813 -41.39 -12.06 39.32
CA MET C 813 -42.52 -12.82 39.83
C MET C 813 -42.85 -12.53 41.28
N ALA C 814 -41.86 -12.17 42.11
CA ALA C 814 -42.12 -11.88 43.51
C ALA C 814 -43.01 -10.64 43.66
N GLY C 815 -42.77 -9.62 42.83
CA GLY C 815 -43.61 -8.43 42.88
C GLY C 815 -45.06 -8.72 42.53
N VAL C 816 -45.28 -9.59 41.53
CA VAL C 816 -46.64 -9.96 41.16
C VAL C 816 -47.32 -10.71 42.30
N PHE C 817 -46.57 -11.60 42.97
CA PHE C 817 -47.13 -12.33 44.10
C PHE C 817 -47.49 -11.38 45.24
N MET C 818 -46.62 -10.42 45.53
CA MET C 818 -46.93 -9.43 46.56
C MET C 818 -48.15 -8.61 46.19
N LEU C 819 -48.26 -8.22 44.92
CA LEU C 819 -49.40 -7.42 44.48
C LEU C 819 -50.70 -8.20 44.60
N VAL C 820 -50.70 -9.48 44.21
CA VAL C 820 -51.93 -10.26 44.31
C VAL C 820 -52.27 -10.56 45.76
N ALA C 821 -51.26 -10.75 46.61
CA ALA C 821 -51.53 -10.93 48.04
C ALA C 821 -52.16 -9.68 48.64
N GLY C 822 -51.63 -8.50 48.28
CA GLY C 822 -52.22 -7.26 48.75
C GLY C 822 -53.64 -7.07 48.23
N GLY C 823 -53.88 -7.45 46.97
CA GLY C 823 -55.22 -7.38 46.44
C GLY C 823 -56.19 -8.29 47.15
N ILE C 824 -55.75 -9.51 47.48
CA ILE C 824 -56.58 -10.43 48.23
C ILE C 824 -56.87 -9.90 49.63
N VAL C 825 -55.86 -9.30 50.27
CA VAL C 825 -56.07 -8.72 51.59
C VAL C 825 -57.09 -7.57 51.53
N ALA C 826 -56.96 -6.71 50.51
CA ALA C 826 -57.91 -5.62 50.35
C ALA C 826 -59.31 -6.15 50.08
N GLY C 827 -59.41 -7.21 49.27
CA GLY C 827 -60.71 -7.79 48.98
C GLY C 827 -61.39 -8.39 50.21
N ILE C 828 -60.64 -9.13 51.02
CA ILE C 828 -61.23 -9.72 52.22
C ILE C 828 -61.58 -8.62 53.23
N PHE C 829 -60.76 -7.57 53.32
CA PHE C 829 -61.10 -6.45 54.19
C PHE C 829 -62.39 -5.76 53.73
N LEU C 830 -62.54 -5.56 52.42
CA LEU C 830 -63.76 -4.95 51.89
C LEU C 830 -64.96 -5.85 52.12
N ILE C 831 -64.78 -7.17 51.99
CA ILE C 831 -65.88 -8.10 52.25
C ILE C 831 -66.30 -8.03 53.72
N PHE C 832 -65.33 -7.98 54.63
CA PHE C 832 -65.65 -7.86 56.04
C PHE C 832 -66.36 -6.54 56.33
N ILE C 833 -65.91 -5.45 55.71
CA ILE C 833 -66.56 -4.16 55.91
C ILE C 833 -67.99 -4.19 55.40
N GLU C 834 -68.22 -4.81 54.23
CA GLU C 834 -69.57 -4.92 53.69
C GLU C 834 -70.46 -5.76 54.59
N ILE C 835 -69.92 -6.86 55.14
CA ILE C 835 -70.70 -7.70 56.05
C ILE C 835 -71.07 -6.92 57.30
N ALA C 836 -70.12 -6.15 57.85
CA ALA C 836 -70.41 -5.34 59.02
C ALA C 836 -71.46 -4.28 58.73
N TYR C 837 -71.37 -3.65 57.55
CA TYR C 837 -72.36 -2.65 57.17
C TYR C 837 -73.75 -3.27 57.03
N LYS C 838 -73.82 -4.45 56.41
CA LYS C 838 -75.11 -5.14 56.27
C LYS C 838 -75.68 -5.51 57.62
N ARG C 839 -74.84 -5.99 58.53
CA ARG C 839 -75.30 -6.34 59.87
C ARG C 839 -75.81 -5.10 60.62
N HIS C 840 -75.09 -3.99 60.50
CA HIS C 840 -75.53 -2.76 61.15
C HIS C 840 -76.83 -2.24 60.56
N LYS C 841 -76.96 -2.31 59.23
CA LYS C 841 -78.17 -1.84 58.56
C LYS C 841 -79.09 -3.01 58.23
N SER D 34 56.46 11.98 44.18
CA SER D 34 55.09 11.90 44.65
C SER D 34 54.10 12.31 43.55
N ILE D 35 53.71 13.58 43.56
CA ILE D 35 52.78 14.14 42.59
C ILE D 35 53.47 15.27 41.85
N GLY D 36 53.45 15.22 40.52
CA GLY D 36 54.09 16.23 39.71
C GLY D 36 53.24 16.56 38.49
N ILE D 37 53.55 17.72 37.91
CA ILE D 37 52.87 18.21 36.71
C ILE D 37 53.92 18.54 35.66
N ALA D 38 53.72 18.04 34.45
CA ALA D 38 54.63 18.30 33.33
C ALA D 38 53.78 18.57 32.09
N VAL D 39 53.77 19.81 31.63
CA VAL D 39 53.00 20.23 30.47
C VAL D 39 53.97 20.68 29.39
N ILE D 40 53.87 20.07 28.21
CA ILE D 40 54.70 20.41 27.07
C ILE D 40 53.79 20.85 25.93
N LEU D 41 54.06 22.03 25.38
CA LEU D 41 53.29 22.58 24.28
C LEU D 41 54.19 22.72 23.06
N VAL D 42 53.75 22.19 21.93
CA VAL D 42 54.51 22.25 20.69
C VAL D 42 53.76 23.09 19.65
N SER D 45 51.94 28.55 20.58
CA SER D 45 51.13 29.39 21.44
C SER D 45 51.91 29.81 22.67
N ASP D 46 51.69 31.06 23.11
CA ASP D 46 52.38 31.56 24.30
C ASP D 46 51.95 30.80 25.55
N GLU D 47 50.65 30.50 25.67
CA GLU D 47 50.09 29.80 26.82
C GLU D 47 50.45 30.51 28.13
N VAL D 48 50.33 31.84 28.13
CA VAL D 48 50.62 32.62 29.33
C VAL D 48 49.63 32.30 30.43
N ALA D 49 48.34 32.19 30.08
CA ALA D 49 47.32 31.89 31.08
C ALA D 49 47.46 30.48 31.64
N ILE D 50 48.13 29.58 30.93
CA ILE D 50 48.31 28.22 31.43
C ILE D 50 49.20 28.22 32.67
N LYS D 51 50.25 29.05 32.67
CA LYS D 51 51.16 29.11 33.81
C LYS D 51 50.50 29.74 35.03
N ASP D 52 49.38 30.44 34.86
CA ASP D 52 48.67 31.07 35.97
C ASP D 52 47.52 30.23 36.49
N ALA D 53 47.33 29.02 35.97
CA ALA D 53 46.22 28.18 36.38
C ALA D 53 46.62 26.78 36.84
N HIS D 54 47.92 26.45 36.80
CA HIS D 54 48.35 25.13 37.22
C HIS D 54 48.30 24.95 38.73
N GLU D 55 48.18 26.04 39.49
CA GLU D 55 48.12 25.97 40.94
C GLU D 55 46.83 26.56 41.51
N LYS D 56 45.86 26.88 40.65
CA LYS D 56 44.61 27.45 41.13
C LYS D 56 43.77 26.42 41.88
N ASP D 57 43.94 25.14 41.57
CA ASP D 57 43.19 24.09 42.24
C ASP D 57 43.60 23.99 43.70
N ASP D 58 42.61 23.83 44.58
CA ASP D 58 42.89 23.72 46.01
C ASP D 58 43.58 22.40 46.31
N PHE D 59 44.59 22.44 47.19
CA PHE D 59 45.34 21.27 47.60
C PHE D 59 44.88 20.71 48.93
N HIS D 60 43.80 21.25 49.51
CA HIS D 60 43.31 20.74 50.79
C HIS D 60 42.85 19.29 50.67
N HIS D 61 42.14 18.97 49.59
CA HIS D 61 41.66 17.60 49.38
C HIS D 61 42.77 16.66 48.92
N LEU D 62 43.85 17.20 48.37
CA LEU D 62 44.95 16.35 47.89
C LEU D 62 45.72 15.79 49.08
N SER D 63 45.99 14.49 49.03
CA SER D 63 46.77 13.86 50.10
C SER D 63 48.21 14.35 50.11
N VAL D 64 48.80 14.56 48.94
CA VAL D 64 50.18 15.01 48.80
C VAL D 64 50.19 16.29 47.96
N VAL D 65 50.99 17.25 48.37
CA VAL D 65 51.06 18.52 47.64
C VAL D 65 51.68 18.28 46.27
N PRO D 66 51.04 18.70 45.19
CA PRO D 66 51.60 18.47 43.86
C PRO D 66 52.80 19.36 43.57
N ARG D 67 53.59 18.94 42.59
CA ARG D 67 54.76 19.67 42.14
C ARG D 67 54.48 20.23 40.74
N VAL D 68 54.80 21.51 40.55
CA VAL D 68 54.53 22.20 39.29
C VAL D 68 55.85 22.35 38.52
N GLU D 69 55.85 21.87 37.28
CA GLU D 69 57.01 21.99 36.40
C GLU D 69 56.53 22.24 34.98
N LEU D 70 57.23 23.11 34.27
CA LEU D 70 56.89 23.49 32.90
C LEU D 70 58.07 23.25 32.00
N VAL D 71 57.84 22.55 30.88
CA VAL D 71 58.86 22.29 29.88
C VAL D 71 58.33 22.74 28.53
N ALA D 72 59.11 23.54 27.81
CA ALA D 72 58.72 24.08 26.51
C ALA D 72 59.68 23.56 25.44
N MET D 73 59.12 23.04 24.36
CA MET D 73 59.92 22.55 23.24
C MET D 73 59.10 22.66 21.97
N ASN D 74 59.80 22.68 20.83
CA ASN D 74 59.16 22.78 19.51
C ASN D 74 59.95 21.89 18.56
N GLU D 75 59.51 20.65 18.41
CA GLU D 75 60.15 19.71 17.50
C GLU D 75 59.15 18.62 17.13
N THR D 76 59.44 17.93 16.03
CA THR D 76 58.61 16.84 15.51
C THR D 76 59.44 15.59 15.30
N ASP D 77 60.27 15.25 16.28
CA ASP D 77 61.13 14.09 16.21
C ASP D 77 61.01 13.26 17.46
N PRO D 78 61.18 11.93 17.36
CA PRO D 78 61.10 11.09 18.56
C PRO D 78 62.18 11.38 19.59
N LYS D 79 63.30 12.00 19.18
CA LYS D 79 64.35 12.32 20.13
C LYS D 79 63.87 13.29 21.20
N SER D 80 63.12 14.32 20.79
CA SER D 80 62.58 15.25 21.76
C SER D 80 61.60 14.56 22.70
N ILE D 81 60.78 13.65 22.18
CA ILE D 81 59.81 12.93 23.00
C ILE D 81 60.53 12.08 24.05
N ILE D 82 61.56 11.34 23.62
CA ILE D 82 62.24 10.46 24.56
C ILE D 82 63.04 11.27 25.59
N THR D 83 63.62 12.39 25.17
CA THR D 83 64.32 13.24 26.13
C THR D 83 63.35 13.82 27.15
N ARG D 84 62.17 14.26 26.70
CA ARG D 84 61.17 14.76 27.63
C ARG D 84 60.72 13.66 28.60
N ILE D 85 60.54 12.44 28.09
CA ILE D 85 60.12 11.33 28.93
C ILE D 85 61.18 11.03 29.99
N CYS D 86 62.45 11.02 29.58
CA CYS D 86 63.51 10.74 30.55
C CYS D 86 63.65 11.86 31.57
N ASP D 87 63.47 13.12 31.14
CA ASP D 87 63.53 14.24 32.07
C ASP D 87 62.37 14.22 33.05
N LEU D 88 61.20 13.74 32.61
CA LEU D 88 60.04 13.68 33.50
C LEU D 88 60.24 12.69 34.65
N MET D 89 61.21 11.77 34.53
CA MET D 89 61.50 10.81 35.59
C MET D 89 62.85 11.01 36.25
N SER D 90 63.74 11.80 35.64
CA SER D 90 65.07 12.04 36.19
C SER D 90 65.14 13.36 36.95
N ASP D 91 64.60 14.45 36.37
CA ASP D 91 64.64 15.74 37.03
C ASP D 91 63.83 15.71 38.33
N ARG D 92 62.65 15.11 38.29
CA ARG D 92 61.80 15.04 39.47
C ARG D 92 60.84 13.87 39.31
N LYS D 93 60.24 13.46 40.42
CA LYS D 93 59.26 12.37 40.43
C LYS D 93 57.90 12.93 40.00
N ILE D 94 57.80 13.23 38.71
CA ILE D 94 56.58 13.84 38.16
C ILE D 94 55.50 12.79 37.98
N GLN D 95 55.84 11.67 37.33
CA GLN D 95 54.92 10.57 37.10
C GLN D 95 53.67 11.03 36.34
N GLY D 96 53.89 11.53 35.12
CA GLY D 96 52.82 12.01 34.29
C GLY D 96 53.20 13.23 33.48
N VAL D 97 52.89 13.22 32.19
CA VAL D 97 53.25 14.31 31.29
C VAL D 97 52.03 14.70 30.46
N VAL D 98 51.89 16.00 30.22
CA VAL D 98 50.82 16.55 29.39
C VAL D 98 51.43 17.01 28.08
N PHE D 99 51.01 16.42 26.97
CA PHE D 99 51.57 16.70 25.66
C PHE D 99 50.53 17.33 24.76
N ALA D 100 50.96 18.31 23.98
CA ALA D 100 50.11 18.96 22.98
C ALA D 100 50.89 19.14 21.70
N ASP D 101 50.17 19.18 20.58
CA ASP D 101 50.79 19.33 19.28
C ASP D 101 49.81 20.01 18.33
N ASP D 102 50.36 20.64 17.29
CA ASP D 102 49.55 21.30 16.28
C ASP D 102 49.34 20.46 15.02
N THR D 103 50.25 19.53 14.74
CA THR D 103 50.11 18.67 13.58
C THR D 103 48.97 17.68 13.80
N ASP D 104 48.19 17.43 12.74
CA ASP D 104 47.06 16.53 12.78
C ASP D 104 47.44 15.07 12.59
N GLN D 105 48.71 14.72 12.77
CA GLN D 105 49.14 13.34 12.61
C GLN D 105 48.55 12.46 13.72
N GLU D 106 48.09 11.28 13.34
CA GLU D 106 47.49 10.35 14.29
C GLU D 106 48.52 9.52 15.05
N ALA D 107 49.80 9.56 14.64
CA ALA D 107 50.83 8.79 15.31
C ALA D 107 51.21 9.36 16.67
N ILE D 108 50.76 10.57 17.00
CA ILE D 108 51.06 11.15 18.31
C ILE D 108 50.45 10.32 19.42
N ALA D 109 49.22 9.85 19.22
CA ALA D 109 48.57 9.01 20.21
C ALA D 109 49.32 7.70 20.39
N GLN D 110 49.77 7.10 19.29
CA GLN D 110 50.54 5.86 19.38
C GLN D 110 51.85 6.07 20.11
N ILE D 111 52.54 7.18 19.84
CA ILE D 111 53.78 7.50 20.53
C ILE D 111 53.53 7.69 22.02
N LEU D 112 52.45 8.39 22.38
CA LEU D 112 52.12 8.60 23.78
C LEU D 112 51.81 7.27 24.47
N ASP D 113 51.08 6.38 23.79
CA ASP D 113 50.78 5.08 24.36
C ASP D 113 52.05 4.26 24.57
N PHE D 114 52.97 4.31 23.60
CA PHE D 114 54.24 3.60 23.75
C PHE D 114 55.05 4.15 24.91
N ILE D 115 55.07 5.48 25.06
CA ILE D 115 55.79 6.09 26.18
C ILE D 115 55.17 5.67 27.50
N SER D 116 53.83 5.66 27.58
CA SER D 116 53.16 5.23 28.80
C SER D 116 53.47 3.77 29.12
N ALA D 117 53.48 2.92 28.10
CA ALA D 117 53.78 1.50 28.32
C ALA D 117 55.21 1.31 28.80
N GLN D 118 56.16 2.06 28.23
CA GLN D 118 57.56 1.89 28.59
C GLN D 118 57.94 2.64 29.86
N THR D 119 57.09 3.54 30.36
CA THR D 119 57.41 4.31 31.56
C THR D 119 56.40 4.12 32.69
N LEU D 120 55.25 3.49 32.44
CA LEU D 120 54.22 3.29 33.45
C LEU D 120 53.78 4.61 34.07
N THR D 121 53.61 5.63 33.24
CA THR D 121 53.20 6.95 33.68
C THR D 121 51.99 7.42 32.89
N PRO D 122 51.09 8.17 33.51
CA PRO D 122 49.93 8.68 32.78
C PRO D 122 50.31 9.71 31.74
N ILE D 123 49.51 9.78 30.68
CA ILE D 123 49.70 10.72 29.58
C ILE D 123 48.43 11.54 29.44
N LEU D 124 48.59 12.86 29.33
CA LEU D 124 47.45 13.77 29.16
C LEU D 124 47.54 14.43 27.79
N GLY D 125 46.39 14.57 27.14
CA GLY D 125 46.30 15.18 25.82
C GLY D 125 45.52 16.49 25.90
N ILE D 126 45.83 17.40 24.99
CA ILE D 126 45.18 18.70 24.94
C ILE D 126 44.50 18.91 23.60
N HIS D 127 45.27 18.89 22.53
CA HIS D 127 44.73 19.10 21.18
C HIS D 127 45.72 18.57 20.16
N GLY D 128 45.25 18.42 18.93
CA GLY D 128 46.10 17.97 17.85
C GLY D 128 46.10 16.46 17.72
N GLY D 129 47.28 15.87 17.66
CA GLY D 129 47.38 14.42 17.55
C GLY D 129 46.82 13.71 18.77
N SER D 130 47.06 14.25 19.96
CA SER D 130 46.53 13.65 21.17
C SER D 130 45.02 13.72 21.23
N SER D 131 44.42 14.78 20.67
CA SER D 131 42.97 14.91 20.67
C SER D 131 42.32 13.82 19.82
N MET D 132 42.94 13.49 18.68
CA MET D 132 42.39 12.46 17.80
C MET D 132 42.45 11.10 18.48
N ILE D 133 41.37 10.33 18.34
CA ILE D 133 41.28 9.01 18.94
C ILE D 133 41.93 7.99 18.01
N MET D 134 42.87 7.21 18.54
CA MET D 134 43.57 6.19 17.78
C MET D 134 42.97 4.82 18.05
N ALA D 135 43.04 3.95 17.05
CA ALA D 135 42.52 2.60 17.18
C ALA D 135 43.33 1.81 18.20
N ASP D 136 42.67 0.86 18.86
CA ASP D 136 43.29 0.02 19.89
C ASP D 136 43.89 0.87 21.00
N LYS D 137 43.16 1.93 21.39
CA LYS D 137 43.65 2.80 22.46
C LYS D 137 43.67 2.07 23.80
N ASP D 138 42.70 1.19 24.04
CA ASP D 138 42.64 0.44 25.29
C ASP D 138 43.76 -0.58 25.34
N GLU D 139 44.61 -0.50 26.36
CA GLU D 139 45.73 -1.41 26.53
C GLU D 139 46.23 -1.28 27.97
N SER D 140 47.37 -1.90 28.25
CA SER D 140 47.95 -1.80 29.59
C SER D 140 48.38 -0.38 29.90
N SER D 141 48.94 0.32 28.91
CA SER D 141 49.37 1.70 29.11
C SER D 141 48.18 2.61 29.34
N MET D 142 48.33 3.54 30.28
CA MET D 142 47.28 4.50 30.61
C MET D 142 47.37 5.70 29.67
N PHE D 143 46.24 6.07 29.08
CA PHE D 143 46.19 7.19 28.16
C PHE D 143 44.83 7.87 28.29
N PHE D 144 44.83 9.20 28.11
CA PHE D 144 43.62 10.00 28.20
C PHE D 144 43.56 10.93 26.98
N GLN D 145 42.40 10.97 26.33
CA GLN D 145 42.18 11.82 25.18
C GLN D 145 40.86 12.54 25.31
N PHE D 146 40.76 13.71 24.69
CA PHE D 146 39.55 14.52 24.72
C PHE D 146 38.66 14.30 23.50
N GLY D 147 39.03 13.38 22.61
CA GLY D 147 38.27 13.15 21.41
C GLY D 147 37.36 11.93 21.52
N PRO D 148 36.19 12.01 20.88
CA PRO D 148 35.27 10.87 20.92
C PRO D 148 35.79 9.68 20.14
N SER D 149 35.36 8.50 20.54
CA SER D 149 35.75 7.27 19.87
C SER D 149 34.86 7.03 18.66
N ILE D 150 35.12 5.92 17.95
CA ILE D 150 34.32 5.58 16.79
C ILE D 150 32.88 5.27 17.20
N GLU D 151 32.69 4.53 18.29
CA GLU D 151 31.35 4.26 18.78
C GLU D 151 30.66 5.55 19.21
N GLN D 152 31.39 6.46 19.85
CA GLN D 152 30.82 7.75 20.23
C GLN D 152 30.40 8.55 19.00
N GLN D 153 31.24 8.53 17.95
CA GLN D 153 30.88 9.22 16.72
C GLN D 153 29.64 8.62 16.08
N ALA D 154 29.53 7.29 16.09
CA ALA D 154 28.33 6.64 15.57
C ALA D 154 27.10 7.01 16.36
N SER D 155 27.22 7.07 17.69
CA SER D 155 26.09 7.46 18.53
C SER D 155 25.68 8.90 18.25
N VAL D 156 26.66 9.79 18.08
CA VAL D 156 26.34 11.19 17.78
C VAL D 156 25.65 11.30 16.42
N MET D 157 26.13 10.53 15.43
CA MET D 157 25.48 10.54 14.12
C MET D 157 24.05 10.02 14.21
N LEU D 158 23.83 8.96 15.00
CA LEU D 158 22.47 8.45 15.18
C LEU D 158 21.58 9.48 15.85
N ASN D 159 22.09 10.19 16.85
CA ASN D 159 21.31 11.22 17.51
C ASN D 159 20.98 12.36 16.56
N ILE D 160 21.94 12.74 15.71
CA ILE D 160 21.71 13.80 14.74
C ILE D 160 20.64 13.38 13.73
N MET D 161 20.71 12.12 13.27
CA MET D 161 19.71 11.63 12.34
C MET D 161 18.32 11.58 12.99
N GLU D 162 18.26 11.19 14.26
CA GLU D 162 16.99 11.20 14.98
C GLU D 162 16.44 12.62 15.10
N GLU D 163 17.31 13.60 15.39
CA GLU D 163 16.88 14.98 15.46
C GLU D 163 16.37 15.48 14.11
N TYR D 164 17.06 15.11 13.04
CA TYR D 164 16.68 15.51 11.69
C TYR D 164 15.64 14.60 11.06
N ASP D 165 15.25 13.53 11.75
CA ASP D 165 14.24 12.58 11.26
C ASP D 165 14.68 11.97 9.93
N TRP D 166 15.80 11.26 9.97
CA TRP D 166 16.35 10.61 8.79
C TRP D 166 16.78 9.19 9.16
N TYR D 167 16.82 8.32 8.15
CA TYR D 167 17.20 6.93 8.32
C TYR D 167 18.31 6.59 7.33
N ILE D 168 19.19 5.67 7.74
CA ILE D 168 20.35 5.34 6.92
C ILE D 168 19.93 4.57 5.68
N PHE D 169 19.36 3.38 5.88
CA PHE D 169 18.84 2.54 4.81
C PHE D 169 19.90 2.16 3.77
N SER D 170 21.19 2.32 4.11
CA SER D 170 22.26 1.98 3.18
C SER D 170 23.56 1.88 3.97
N ILE D 171 24.24 0.74 3.84
CA ILE D 171 25.50 0.50 4.54
C ILE D 171 26.58 0.22 3.49
N VAL D 172 27.69 0.95 3.59
CA VAL D 172 28.83 0.77 2.70
C VAL D 172 30.08 1.25 3.42
N THR D 173 31.12 0.42 3.42
CA THR D 173 32.37 0.77 4.09
C THR D 173 33.51 0.02 3.42
N THR D 174 34.56 0.75 3.06
CA THR D 174 35.74 0.15 2.45
C THR D 174 36.61 -0.49 3.53
N TYR D 175 37.74 -1.05 3.11
CA TYR D 175 38.67 -1.70 4.03
C TYR D 175 39.38 -0.63 4.84
N PHE D 176 38.90 -0.39 6.06
CA PHE D 176 39.46 0.62 6.95
C PHE D 176 39.66 0.03 8.34
N PRO D 177 40.60 0.57 9.11
CA PRO D 177 40.78 0.08 10.49
C PRO D 177 39.53 0.20 11.34
N GLY D 178 38.75 1.25 11.17
CA GLY D 178 37.52 1.43 11.92
C GLY D 178 36.30 0.91 11.19
N TYR D 179 36.36 -0.35 10.75
CA TYR D 179 35.27 -0.97 10.01
C TYR D 179 34.72 -2.23 10.64
N GLN D 180 35.58 -3.05 11.28
CA GLN D 180 35.10 -4.28 11.90
C GLN D 180 34.13 -3.99 13.04
N ASP D 181 34.44 -3.00 13.88
CA ASP D 181 33.57 -2.65 15.00
C ASP D 181 32.52 -1.62 14.63
N PHE D 182 32.69 -0.92 13.51
CA PHE D 182 31.71 0.10 13.12
C PHE D 182 30.35 -0.52 12.82
N VAL D 183 30.34 -1.64 12.10
CA VAL D 183 29.08 -2.31 11.78
C VAL D 183 28.41 -2.84 13.04
N ASN D 184 29.21 -3.39 13.97
CA ASN D 184 28.65 -3.87 15.22
C ASN D 184 28.05 -2.73 16.04
N LYS D 185 28.74 -1.59 16.09
CA LYS D 185 28.22 -0.44 16.81
C LYS D 185 26.92 0.07 16.18
N ILE D 186 26.88 0.10 14.84
CA ILE D 186 25.66 0.54 14.16
C ILE D 186 24.51 -0.42 14.46
N ARG D 187 24.78 -1.72 14.42
CA ARG D 187 23.73 -2.70 14.71
C ARG D 187 23.23 -2.55 16.14
N SER D 188 24.15 -2.36 17.09
CA SER D 188 23.75 -2.18 18.48
C SER D 188 22.91 -0.93 18.66
N THR D 189 23.32 0.19 18.04
CA THR D 189 22.61 1.44 18.24
C THR D 189 21.27 1.47 17.50
N ILE D 190 21.10 0.63 16.47
CA ILE D 190 19.80 0.58 15.82
C ILE D 190 18.88 -0.42 16.51
N GLU D 191 19.44 -1.48 17.12
CA GLU D 191 18.60 -2.43 17.85
C GLU D 191 18.16 -1.88 19.20
N ASN D 192 19.04 -1.14 19.88
CA ASN D 192 18.68 -0.57 21.18
C ASN D 192 17.64 0.53 21.04
N SER D 193 17.70 1.31 19.96
CA SER D 193 16.76 2.40 19.77
C SER D 193 15.35 1.86 19.55
N PHE D 194 14.36 2.53 20.16
CA PHE D 194 12.97 2.10 20.03
C PHE D 194 12.49 2.22 18.59
N VAL D 195 12.86 3.31 17.91
CA VAL D 195 12.43 3.52 16.53
C VAL D 195 13.26 2.64 15.60
N GLY D 196 12.57 1.86 14.76
CA GLY D 196 13.27 0.98 13.85
C GLY D 196 14.02 1.74 12.77
N TRP D 197 15.11 1.14 12.31
CA TRP D 197 15.96 1.72 11.27
C TRP D 197 15.99 0.80 10.07
N GLU D 198 15.78 1.36 8.88
CA GLU D 198 15.85 0.58 7.66
C GLU D 198 17.28 0.13 7.38
N LEU D 199 17.42 -1.12 6.93
CA LEU D 199 18.74 -1.69 6.62
C LEU D 199 18.71 -2.23 5.21
N GLU D 200 19.73 -1.87 4.42
CA GLU D 200 19.83 -2.33 3.04
C GLU D 200 21.29 -2.33 2.57
N LYS D 215 31.86 -1.47 -10.06
CA LYS D 215 31.44 -2.22 -8.88
C LYS D 215 30.91 -1.28 -7.80
N ILE D 216 31.74 -0.32 -7.39
CA ILE D 216 31.33 0.62 -6.36
C ILE D 216 30.23 1.53 -6.88
N GLN D 217 30.30 1.92 -8.15
CA GLN D 217 29.26 2.78 -8.73
C GLN D 217 27.91 2.07 -8.77
N ASN D 218 27.91 0.79 -9.14
CA ASN D 218 26.66 0.03 -9.17
C ASN D 218 26.05 -0.08 -7.78
N GLN D 219 26.87 -0.35 -6.77
CA GLN D 219 26.36 -0.44 -5.41
C GLN D 219 25.83 0.90 -4.93
N LEU D 220 26.53 1.99 -5.25
CA LEU D 220 26.07 3.31 -4.85
C LEU D 220 24.75 3.67 -5.52
N LYS D 221 24.60 3.33 -6.80
CA LYS D 221 23.36 3.65 -7.52
C LYS D 221 22.21 2.79 -7.04
N LYS D 222 22.49 1.53 -6.70
CA LYS D 222 21.43 0.63 -6.24
C LYS D 222 20.82 1.11 -4.93
N LEU D 223 21.67 1.56 -4.00
CA LEU D 223 21.21 2.04 -2.69
C LEU D 223 21.15 3.56 -2.75
N GLN D 224 20.06 4.07 -3.31
CA GLN D 224 19.84 5.52 -3.43
C GLN D 224 19.15 6.08 -2.19
N SER D 225 19.70 5.77 -1.02
CA SER D 225 19.14 6.25 0.24
C SER D 225 19.53 7.70 0.48
N PRO D 226 18.67 8.48 1.12
CA PRO D 226 19.02 9.88 1.44
C PRO D 226 20.19 10.01 2.38
N ILE D 227 20.50 8.98 3.17
CA ILE D 227 21.60 9.01 4.13
C ILE D 227 22.58 7.91 3.77
N ILE D 228 23.85 8.27 3.62
CA ILE D 228 24.92 7.32 3.33
C ILE D 228 26.03 7.53 4.34
N LEU D 229 26.52 6.44 4.92
CA LEU D 229 27.59 6.47 5.90
C LEU D 229 28.84 5.83 5.32
N LEU D 230 29.99 6.46 5.55
CA LEU D 230 31.26 5.97 5.04
C LEU D 230 32.37 6.38 5.99
N TYR D 231 33.34 5.49 6.19
CA TYR D 231 34.48 5.76 7.05
C TYR D 231 35.67 4.99 6.51
N CYS D 232 36.65 5.71 5.95
CA CYS D 232 37.85 5.10 5.40
C CYS D 232 38.91 6.18 5.26
N THR D 233 40.06 5.79 4.69
CA THR D 233 41.14 6.74 4.46
C THR D 233 40.73 7.80 3.45
N LYS D 234 41.26 9.02 3.64
CA LYS D 234 40.88 10.14 2.80
C LYS D 234 41.28 9.90 1.35
N GLU D 235 42.45 9.31 1.11
CA GLU D 235 42.89 9.04 -0.25
C GLU D 235 41.93 8.08 -0.96
N GLU D 236 41.48 7.04 -0.25
CA GLU D 236 40.50 6.13 -0.83
C GLU D 236 39.10 6.75 -0.83
N ALA D 237 38.79 7.60 0.14
CA ALA D 237 37.47 8.22 0.19
C ALA D 237 37.26 9.22 -0.93
N THR D 238 38.34 9.80 -1.45
CA THR D 238 38.21 10.77 -2.54
C THR D 238 37.62 10.12 -3.79
N TYR D 239 38.10 8.93 -4.14
CA TYR D 239 37.57 8.24 -5.31
C TYR D 239 36.11 7.86 -5.11
N ILE D 240 35.76 7.40 -3.91
CA ILE D 240 34.37 7.05 -3.62
C ILE D 240 33.46 8.27 -3.73
N PHE D 241 33.92 9.41 -3.20
CA PHE D 241 33.14 10.64 -3.28
C PHE D 241 32.99 11.09 -4.73
N GLU D 242 34.05 10.98 -5.53
CA GLU D 242 33.95 11.33 -6.94
C GLU D 242 32.96 10.43 -7.67
N VAL D 243 33.00 9.13 -7.39
CA VAL D 243 32.07 8.20 -8.03
C VAL D 243 30.63 8.52 -7.63
N ALA D 244 30.41 8.81 -6.34
CA ALA D 244 29.07 9.15 -5.87
C ALA D 244 28.57 10.43 -6.51
N ASN D 245 29.44 11.43 -6.64
CA ASN D 245 29.05 12.67 -7.29
C ASN D 245 28.71 12.45 -8.77
N SER D 246 29.51 11.62 -9.45
CA SER D 246 29.23 11.33 -10.85
C SER D 246 27.90 10.60 -11.01
N VAL D 247 27.63 9.62 -10.13
CA VAL D 247 26.35 8.92 -10.19
C VAL D 247 25.22 9.83 -9.76
N GLY D 248 25.41 10.58 -8.68
CA GLY D 248 24.40 11.48 -8.18
C GLY D 248 23.90 11.11 -6.79
N GLY D 253 19.24 16.33 -2.47
CA GLY D 253 18.57 15.05 -2.52
C GLY D 253 19.01 14.10 -1.42
N TYR D 254 20.32 13.85 -1.34
CA TYR D 254 20.89 12.98 -0.34
C TYR D 254 22.00 13.71 0.41
N THR D 255 22.04 13.53 1.72
CA THR D 255 23.03 14.16 2.59
C THR D 255 23.92 13.09 3.21
N TRP D 256 25.20 13.40 3.31
CA TRP D 256 26.20 12.48 3.85
C TRP D 256 26.56 12.87 5.27
N ILE D 257 26.75 11.87 6.13
CA ILE D 257 27.14 12.07 7.52
C ILE D 257 28.46 11.33 7.71
N VAL D 258 29.57 12.04 7.54
CA VAL D 258 30.91 11.49 7.70
C VAL D 258 31.56 12.16 8.91
N PRO D 259 31.92 11.40 9.94
CA PRO D 259 32.50 12.02 11.15
C PRO D 259 33.82 12.74 10.90
N SER D 260 34.81 12.03 10.35
CA SER D 260 36.12 12.61 10.14
C SER D 260 36.76 12.27 8.80
N LEU D 261 36.25 11.28 8.07
CA LEU D 261 36.87 10.90 6.80
C LEU D 261 36.61 11.88 5.67
N VAL D 262 35.74 12.88 5.88
CA VAL D 262 35.47 13.85 4.83
C VAL D 262 36.72 14.66 4.51
N ALA D 263 37.41 15.12 5.55
CA ALA D 263 38.62 15.92 5.36
C ALA D 263 39.55 15.69 6.55
N GLY D 264 40.85 15.71 6.29
CA GLY D 264 41.82 15.55 7.35
C GLY D 264 41.81 16.70 8.34
N ASP D 265 41.69 17.92 7.82
CA ASP D 265 41.65 19.12 8.66
C ASP D 265 40.49 20.01 8.22
N THR D 266 39.89 20.70 9.18
CA THR D 266 38.76 21.57 8.90
C THR D 266 39.18 22.88 8.23
N ASP D 267 40.45 23.27 8.34
CA ASP D 267 40.90 24.51 7.73
C ASP D 267 40.80 24.46 6.21
N THR D 268 41.22 23.34 5.61
CA THR D 268 41.21 23.16 4.17
C THR D 268 40.24 22.05 3.81
N VAL D 269 39.31 22.34 2.90
CA VAL D 269 38.32 21.37 2.46
C VAL D 269 38.30 21.32 0.94
N PRO D 270 38.46 20.15 0.32
CA PRO D 270 38.43 20.08 -1.14
C PRO D 270 37.06 20.44 -1.68
N ALA D 271 37.05 21.05 -2.87
CA ALA D 271 35.82 21.43 -3.54
C ALA D 271 35.10 20.23 -4.16
N GLU D 272 35.75 19.07 -4.24
CA GLU D 272 35.12 17.89 -4.81
C GLU D 272 33.89 17.47 -3.99
N PHE D 273 34.00 17.49 -2.67
CA PHE D 273 32.89 17.08 -1.82
C PHE D 273 31.74 18.07 -1.95
N PRO D 274 30.49 17.59 -1.95
CA PRO D 274 29.35 18.51 -2.09
C PRO D 274 29.07 19.30 -0.83
N THR D 275 28.01 20.09 -0.84
CA THR D 275 27.63 20.92 0.29
C THR D 275 26.38 20.35 0.95
N GLY D 276 26.42 20.24 2.28
CA GLY D 276 25.29 19.69 3.02
C GLY D 276 25.70 18.63 4.01
N LEU D 277 26.96 18.21 3.96
CA LEU D 277 27.45 17.18 4.86
C LEU D 277 27.63 17.75 6.28
N ILE D 278 27.80 16.84 7.24
CA ILE D 278 27.99 17.21 8.63
C ILE D 278 29.23 16.51 9.16
N SER D 279 29.82 17.11 10.20
CA SER D 279 31.03 16.58 10.80
C SER D 279 30.99 16.82 12.31
N VAL D 280 31.79 16.03 13.02
CA VAL D 280 31.87 16.10 14.48
C VAL D 280 33.31 16.37 14.89
N SER D 281 33.48 17.26 15.86
CA SER D 281 34.79 17.63 16.36
C SER D 281 34.77 17.66 17.88
N TYR D 282 35.96 17.62 18.47
CA TYR D 282 36.14 17.64 19.92
C TYR D 282 36.65 19.02 20.31
N ASP D 283 35.73 19.95 20.54
CA ASP D 283 36.04 21.32 20.96
C ASP D 283 37.01 21.98 19.98
N GLU D 284 36.57 22.09 18.72
CA GLU D 284 37.39 22.73 17.70
C GLU D 284 37.61 24.20 18.02
N TRP D 285 36.56 24.90 18.45
CA TRP D 285 36.68 26.31 18.81
C TRP D 285 35.85 26.64 20.05
N ASP D 286 35.71 25.69 20.97
CA ASP D 286 34.90 25.86 22.16
C ASP D 286 35.74 25.90 23.44
N TYR D 287 36.61 24.92 23.66
CA TYR D 287 37.42 24.84 24.87
C TYR D 287 38.77 25.50 24.61
N GLY D 288 39.11 26.49 25.44
CA GLY D 288 40.39 27.15 25.29
C GLY D 288 41.54 26.28 25.75
N LEU D 289 42.71 26.54 25.19
CA LEU D 289 43.90 25.76 25.56
C LEU D 289 44.29 25.92 27.03
N PRO D 290 44.37 27.13 27.60
CA PRO D 290 44.69 27.20 29.04
C PRO D 290 43.67 26.50 29.92
N ALA D 291 42.38 26.57 29.56
CA ALA D 291 41.36 25.87 30.34
C ALA D 291 41.58 24.36 30.28
N ARG D 292 41.90 23.85 29.09
CA ARG D 292 42.17 22.42 28.97
C ARG D 292 43.40 22.02 29.77
N VAL D 293 44.44 22.85 29.76
CA VAL D 293 45.65 22.56 30.53
C VAL D 293 45.33 22.52 32.02
N ARG D 294 44.56 23.50 32.49
CA ARG D 294 44.19 23.55 33.90
C ARG D 294 43.35 22.34 34.30
N ASP D 295 42.38 21.97 33.45
CA ASP D 295 41.54 20.82 33.75
C ASP D 295 42.36 19.54 33.79
N GLY D 296 43.27 19.37 32.83
CA GLY D 296 44.11 18.17 32.84
C GLY D 296 45.03 18.11 34.05
N ILE D 297 45.61 19.26 34.43
CA ILE D 297 46.47 19.28 35.61
C ILE D 297 45.67 18.94 36.87
N ALA D 298 44.47 19.51 37.00
CA ALA D 298 43.63 19.21 38.15
C ALA D 298 43.25 17.73 38.18
N ILE D 299 42.89 17.16 37.04
CA ILE D 299 42.53 15.75 36.98
C ILE D 299 43.71 14.87 37.38
N ILE D 300 44.90 15.20 36.86
CA ILE D 300 46.08 14.41 37.19
C ILE D 300 46.38 14.49 38.68
N THR D 301 46.31 15.70 39.26
CA THR D 301 46.59 15.85 40.68
C THR D 301 45.58 15.09 41.52
N THR D 302 44.30 15.17 41.17
CA THR D 302 43.27 14.47 41.94
C THR D 302 43.46 12.96 41.84
N ALA D 303 43.77 12.45 40.63
CA ALA D 303 43.99 11.02 40.47
C ALA D 303 45.21 10.55 41.27
N ALA D 304 46.30 11.33 41.24
CA ALA D 304 47.48 10.97 41.99
C ALA D 304 47.21 10.97 43.50
N SER D 305 46.47 11.97 43.98
CA SER D 305 46.12 12.03 45.40
C SER D 305 45.26 10.84 45.79
N ASP D 306 44.28 10.49 44.96
CA ASP D 306 43.42 9.35 45.26
C ASP D 306 44.24 8.04 45.28
N MET D 307 45.14 7.87 44.31
CA MET D 307 45.97 6.68 44.29
C MET D 307 46.87 6.60 45.51
N LEU D 308 47.46 7.73 45.90
CA LEU D 308 48.32 7.75 47.08
C LEU D 308 47.52 7.43 48.35
N SER D 309 46.31 7.98 48.46
CA SER D 309 45.49 7.68 49.63
C SER D 309 45.08 6.21 49.66
N GLU D 310 44.73 5.64 48.50
CA GLU D 310 44.29 4.24 48.47
C GLU D 310 45.44 3.29 48.76
N HIS D 311 46.61 3.52 48.15
CA HIS D 311 47.74 2.62 48.31
C HIS D 311 48.64 2.98 49.48
N SER D 312 48.39 4.10 50.14
CA SER D 312 49.19 4.56 51.28
C SER D 312 50.65 4.77 50.93
N PHE D 313 50.95 4.97 49.64
CA PHE D 313 52.32 5.18 49.19
C PHE D 313 52.28 5.82 47.81
N ILE D 314 52.84 7.02 47.69
CA ILE D 314 52.86 7.74 46.42
C ILE D 314 53.90 7.09 45.51
N PRO D 315 53.52 6.62 44.31
CA PRO D 315 54.51 5.99 43.43
C PRO D 315 55.43 7.03 42.80
N GLU D 316 56.72 6.70 42.75
CA GLU D 316 57.73 7.55 42.15
C GLU D 316 58.64 6.69 41.29
N PRO D 317 59.00 7.16 40.09
CA PRO D 317 59.88 6.40 39.21
C PRO D 317 61.34 6.57 39.61
N LYS D 318 61.92 5.51 40.17
CA LYS D 318 63.32 5.57 40.58
C LYS D 318 64.25 5.49 39.38
N SER D 319 63.94 4.63 38.42
CA SER D 319 64.77 4.48 37.23
C SER D 319 64.48 5.59 36.22
N SER D 320 65.53 6.01 35.52
CA SER D 320 65.44 7.07 34.53
C SER D 320 66.16 6.65 33.26
N CYS D 321 65.89 7.37 32.19
CA CYS D 321 66.48 7.15 30.86
C CYS D 321 66.14 5.72 30.43
N TYR D 322 67.10 4.91 30.00
CA TYR D 322 66.84 3.55 29.53
C TYR D 322 66.99 2.51 30.64
N ASN D 323 67.25 2.93 31.87
CA ASN D 323 67.40 2.00 32.98
C ASN D 323 66.06 1.44 33.46
N THR D 324 64.94 2.03 33.03
CA THR D 324 63.64 1.51 33.42
C THR D 324 63.38 0.13 32.85
N HIS D 325 63.76 -0.10 31.59
CA HIS D 325 63.57 -1.38 30.91
C HIS D 325 62.11 -1.80 30.91
N GLU D 326 61.84 -3.07 31.20
CA GLU D 326 60.49 -3.62 31.21
C GLU D 326 60.02 -3.97 32.62
N LYS D 327 60.62 -3.38 33.64
CA LYS D 327 60.23 -3.67 35.01
C LYS D 327 58.82 -3.15 35.28
N ARG D 328 58.02 -3.97 35.97
CA ARG D 328 56.65 -3.60 36.29
C ARG D 328 56.62 -2.72 37.54
N ILE D 329 55.48 -2.06 37.73
CA ILE D 329 55.25 -1.18 38.87
C ILE D 329 54.07 -1.72 39.66
N TYR D 330 54.25 -1.90 40.97
CA TYR D 330 53.18 -2.43 41.81
C TYR D 330 51.99 -1.47 41.88
N GLN D 331 52.26 -0.17 41.91
CA GLN D 331 51.21 0.83 42.03
C GLN D 331 50.70 1.33 40.69
N SER D 332 51.18 0.76 39.57
CA SER D 332 50.73 1.22 38.26
C SER D 332 49.25 0.93 38.06
N ASN D 333 48.78 -0.25 38.46
CA ASN D 333 47.37 -0.57 38.31
C ASN D 333 46.50 0.33 39.17
N MET D 334 46.94 0.62 40.39
CA MET D 334 46.18 1.53 41.25
C MET D 334 46.14 2.93 40.67
N LEU D 335 47.26 3.40 40.12
CA LEU D 335 47.28 4.72 39.50
C LEU D 335 46.36 4.77 38.29
N ASN D 336 46.35 3.72 37.47
CA ASN D 336 45.46 3.68 36.32
C ASN D 336 43.99 3.65 36.76
N ARG D 337 43.68 2.89 37.80
CA ARG D 337 42.31 2.84 38.29
C ARG D 337 41.87 4.19 38.85
N TYR D 338 42.77 4.89 39.54
CA TYR D 338 42.44 6.22 40.02
C TYR D 338 42.26 7.20 38.86
N LEU D 339 43.07 7.06 37.81
CA LEU D 339 42.98 7.98 36.68
C LEU D 339 41.69 7.79 35.89
N ILE D 340 41.31 6.53 35.65
CA ILE D 340 40.13 6.28 34.82
C ILE D 340 38.85 6.74 35.51
N ASN D 341 38.82 6.69 36.84
CA ASN D 341 37.65 7.09 37.62
C ASN D 341 38.10 8.16 38.62
N VAL D 342 37.88 9.43 38.27
CA VAL D 342 38.28 10.54 39.12
C VAL D 342 37.33 11.70 38.87
N THR D 343 37.12 12.53 39.90
CA THR D 343 36.25 13.68 39.83
C THR D 343 37.09 14.96 39.83
N PHE D 344 36.79 15.86 38.89
CA PHE D 344 37.53 17.11 38.75
C PHE D 344 36.54 18.27 38.67
N GLU D 345 36.86 19.34 39.40
CA GLU D 345 36.03 20.56 39.43
C GLU D 345 34.60 20.26 39.85
N GLY D 346 34.44 19.32 40.78
CA GLY D 346 33.13 18.98 41.31
C GLY D 346 32.30 18.07 40.43
N ARG D 347 32.81 17.64 39.28
CA ARG D 347 32.09 16.75 38.37
C ARG D 347 32.96 15.55 38.06
N ASN D 348 32.39 14.36 38.18
CA ASN D 348 33.14 13.14 37.91
C ASN D 348 33.36 12.98 36.41
N LEU D 349 34.60 12.67 36.02
CA LEU D 349 34.98 12.49 34.63
C LEU D 349 35.42 11.05 34.37
N SER D 350 34.70 10.09 34.95
CA SER D 350 35.04 8.69 34.78
C SER D 350 34.93 8.28 33.32
N PHE D 351 35.95 7.58 32.83
CA PHE D 351 35.99 7.14 31.45
C PHE D 351 36.49 5.70 31.38
N SER D 352 36.07 4.98 30.35
CA SER D 352 36.46 3.59 30.16
C SER D 352 37.87 3.52 29.58
N GLU D 353 38.33 2.28 29.34
CA GLU D 353 39.65 2.07 28.78
C GLU D 353 39.76 2.58 27.34
N ASP D 354 38.64 2.77 26.66
CA ASP D 354 38.67 3.26 25.28
C ASP D 354 39.13 4.70 25.19
N GLY D 355 39.14 5.44 26.29
CA GLY D 355 39.59 6.83 26.29
C GLY D 355 38.52 7.85 26.02
N TYR D 356 37.24 7.48 26.09
CA TYR D 356 36.14 8.39 25.84
C TYR D 356 35.50 8.78 27.17
N GLN D 357 35.46 10.08 27.44
CA GLN D 357 34.90 10.58 28.69
C GLN D 357 33.37 10.68 28.59
N MET D 358 32.73 10.63 29.75
CA MET D 358 31.27 10.66 29.79
C MET D 358 30.71 12.05 29.48
N HIS D 359 31.53 13.09 29.55
CA HIS D 359 31.10 14.46 29.25
C HIS D 359 32.07 15.09 28.26
N PRO D 360 32.04 14.67 27.01
CA PRO D 360 32.94 15.25 26.00
C PRO D 360 32.46 16.62 25.53
N LYS D 361 33.38 17.35 24.93
CA LYS D 361 33.08 18.67 24.35
C LYS D 361 32.81 18.54 22.86
N LEU D 362 31.72 17.84 22.54
CA LEU D 362 31.36 17.57 21.16
C LEU D 362 30.85 18.84 20.49
N VAL D 363 31.21 19.00 19.21
CA VAL D 363 30.74 20.11 18.39
C VAL D 363 30.34 19.57 17.02
N ILE D 364 29.22 20.05 16.51
CA ILE D 364 28.70 19.63 15.21
C ILE D 364 28.88 20.77 14.23
N ILE D 365 29.47 20.46 13.07
CA ILE D 365 29.74 21.43 12.03
C ILE D 365 28.95 21.04 10.79
N LEU D 366 28.15 21.97 10.27
CA LEU D 366 27.35 21.76 9.09
C LEU D 366 27.98 22.48 7.90
N LEU D 367 28.23 21.75 6.83
CA LEU D 367 28.85 22.34 5.65
C LEU D 367 27.86 23.25 4.94
N ASN D 368 28.32 24.47 4.63
CA ASN D 368 27.52 25.45 3.93
C ASN D 368 27.94 25.49 2.46
N LYS D 369 27.40 26.46 1.70
CA LYS D 369 27.78 26.61 0.32
C LYS D 369 29.26 26.94 0.17
N GLU D 370 29.85 27.61 1.15
CA GLU D 370 31.27 27.91 1.17
C GLU D 370 32.10 26.84 1.87
N ARG D 371 31.47 25.74 2.29
CA ARG D 371 32.16 24.65 2.99
C ARG D 371 32.86 25.15 4.25
N LYS D 372 32.17 26.00 5.01
CA LYS D 372 32.70 26.56 6.25
C LYS D 372 32.08 25.85 7.44
N TRP D 373 32.93 25.36 8.34
CA TRP D 373 32.46 24.66 9.53
C TRP D 373 31.73 25.62 10.47
N GLU D 374 30.69 25.11 11.12
CA GLU D 374 29.90 25.89 12.06
C GLU D 374 30.20 25.43 13.49
N ARG D 375 30.46 26.38 14.38
CA ARG D 375 30.78 26.09 15.77
C ARG D 375 29.53 25.91 16.63
N VAL D 376 28.33 26.11 16.08
CA VAL D 376 27.12 25.97 16.86
C VAL D 376 26.91 24.50 17.22
N GLY D 377 26.33 24.27 18.39
CA GLY D 377 26.08 22.91 18.86
C GLY D 377 26.81 22.58 20.14
N LYS D 378 26.06 22.30 21.20
CA LYS D 378 26.61 21.98 22.51
C LYS D 378 26.11 20.61 22.96
N TRP D 379 27.00 19.82 23.55
CA TRP D 379 26.68 18.48 24.06
C TRP D 379 27.16 18.41 25.50
N LYS D 380 26.28 18.77 26.43
CA LYS D 380 26.58 18.76 27.85
C LYS D 380 25.59 17.88 28.58
N ASP D 381 26.09 17.01 29.46
CA ASP D 381 25.26 16.10 30.26
C ASP D 381 24.39 15.22 29.36
N LYS D 382 24.96 14.77 28.24
CA LYS D 382 24.29 13.89 27.29
C LYS D 382 22.97 14.50 26.80
N SER D 383 22.98 15.80 26.56
CA SER D 383 21.82 16.52 26.05
C SER D 383 22.09 16.96 24.62
N LEU D 384 21.12 16.73 23.74
CA LEU D 384 21.22 17.07 22.33
C LEU D 384 20.37 18.29 22.05
N GLN D 385 21.02 19.44 21.83
CA GLN D 385 20.33 20.67 21.47
C GLN D 385 21.04 21.31 20.28
N MET D 386 20.27 21.81 19.33
CA MET D 386 20.81 22.44 18.13
C MET D 386 20.14 23.79 17.93
N LYS D 387 20.96 24.79 17.53
CA LYS D 387 20.44 26.11 17.22
C LYS D 387 19.71 26.16 15.88
N TYR D 388 19.85 25.13 15.05
CA TYR D 388 19.20 25.05 13.74
C TYR D 388 18.49 23.70 13.69
N TYR D 389 17.26 23.66 14.20
CA TYR D 389 16.55 22.39 14.32
C TYR D 389 16.20 21.80 12.97
N VAL D 390 15.67 22.62 12.06
CA VAL D 390 15.22 22.17 10.75
C VAL D 390 16.19 22.73 9.71
N TRP D 391 16.76 21.84 8.90
CA TRP D 391 17.71 22.21 7.86
C TRP D 391 17.36 21.49 6.57
N PRO D 392 17.64 22.11 5.41
CA PRO D 392 17.38 21.49 4.10
C PRO D 392 18.17 20.21 3.88
N LEU D 406 8.46 29.38 3.29
CA LEU D 406 7.27 28.54 3.11
C LEU D 406 6.70 28.12 4.45
N SER D 407 5.54 28.69 4.81
CA SER D 407 4.88 28.39 6.06
C SER D 407 3.40 28.09 5.80
N ILE D 408 2.84 27.22 6.65
CA ILE D 408 1.43 26.83 6.56
C ILE D 408 0.79 27.07 7.92
N VAL D 409 -0.35 27.73 7.93
CA VAL D 409 -1.09 28.01 9.16
C VAL D 409 -2.13 26.90 9.35
N THR D 410 -2.08 26.24 10.50
CA THR D 410 -2.98 25.14 10.81
C THR D 410 -3.51 25.30 12.23
N LEU D 411 -4.82 25.11 12.38
CA LEU D 411 -5.48 25.14 13.68
C LEU D 411 -5.85 23.73 14.10
N GLU D 412 -6.33 23.60 15.34
CA GLU D 412 -6.70 22.29 15.87
C GLU D 412 -8.02 21.80 15.27
N GLU D 413 -9.10 22.53 15.52
CA GLU D 413 -10.42 22.22 14.96
C GLU D 413 -10.84 20.80 15.27
N ALA D 414 -10.53 20.33 16.49
CA ALA D 414 -10.81 19.00 17.01
C ALA D 414 -10.33 17.91 16.04
N PRO D 415 -11.20 17.05 15.39
CA PRO D 415 -10.66 15.78 14.89
C PRO D 415 -9.64 15.94 13.77
N PHE D 416 -9.65 17.11 13.12
CA PHE D 416 -8.70 17.34 12.04
C PHE D 416 -7.26 17.36 12.54
N VAL D 417 -7.02 17.97 13.70
CA VAL D 417 -5.71 17.97 14.36
C VAL D 417 -5.96 17.56 15.80
N ILE D 418 -5.69 16.29 16.13
CA ILE D 418 -5.97 15.75 17.44
C ILE D 418 -4.71 15.68 18.31
N VAL D 419 -3.59 15.23 17.73
CA VAL D 419 -2.37 15.07 18.49
C VAL D 419 -1.76 16.45 18.74
N GLU D 420 -1.59 16.80 20.02
CA GLU D 420 -1.00 18.07 20.40
C GLU D 420 -0.07 17.92 21.60
N SER D 421 0.58 16.77 21.72
CA SER D 421 1.49 16.49 22.83
C SER D 421 2.79 15.92 22.30
N VAL D 422 3.87 16.18 23.04
CA VAL D 422 5.20 15.70 22.70
C VAL D 422 5.73 14.88 23.86
N ASP D 423 6.25 13.70 23.57
CA ASP D 423 6.79 12.83 24.61
C ASP D 423 8.13 13.38 25.10
N PRO D 424 8.27 13.68 26.39
CA PRO D 424 9.54 14.21 26.89
C PRO D 424 10.57 13.14 27.22
N LEU D 425 10.22 11.86 27.10
CA LEU D 425 11.18 10.80 27.43
C LEU D 425 12.38 10.83 26.49
N SER D 426 12.16 11.03 25.20
CA SER D 426 13.23 11.07 24.21
C SER D 426 13.35 12.41 23.51
N GLY D 427 12.42 13.34 23.75
CA GLY D 427 12.47 14.63 23.08
C GLY D 427 12.30 14.55 21.59
N THR D 428 11.39 13.70 21.12
CA THR D 428 11.13 13.54 19.70
C THR D 428 9.63 13.35 19.49
N CYS D 429 9.24 12.96 18.29
CA CYS D 429 7.85 12.73 17.94
C CYS D 429 7.69 11.32 17.36
N MET D 430 6.46 11.00 16.97
CA MET D 430 6.14 9.69 16.41
C MET D 430 6.56 9.65 14.95
N ARG D 431 6.23 8.56 14.26
CA ARG D 431 6.59 8.38 12.86
C ARG D 431 5.57 8.98 11.90
N ASN D 432 4.49 9.55 12.42
CA ASN D 432 3.47 10.15 11.56
C ASN D 432 3.23 11.62 11.94
N THR D 433 3.36 11.92 13.22
CA THR D 433 3.15 13.29 13.68
C THR D 433 4.28 14.20 13.23
N VAL D 434 3.94 15.36 12.70
CA VAL D 434 4.92 16.35 12.27
C VAL D 434 4.97 17.47 13.31
N PRO D 435 6.13 18.07 13.56
CA PRO D 435 6.22 19.15 14.55
C PRO D 435 5.77 20.48 13.95
N CYS D 436 4.68 21.02 14.48
CA CYS D 436 4.17 22.32 14.06
C CYS D 436 4.46 23.35 15.16
N GLN D 437 5.07 24.47 14.77
CA GLN D 437 5.47 25.49 15.74
C GLN D 437 4.23 26.17 16.32
N LYS D 438 4.27 26.42 17.63
CA LYS D 438 3.16 27.07 18.32
C LYS D 438 3.58 28.44 18.86
N GLY D 451 8.10 30.50 20.10
CA GLY D 451 9.16 29.52 20.25
C GLY D 451 9.27 28.57 19.07
N TYR D 452 10.49 28.12 18.79
CA TYR D 452 10.73 27.19 17.68
C TYR D 452 10.49 25.74 18.05
N ILE D 453 10.21 25.45 19.32
CA ILE D 453 9.96 24.09 19.79
C ILE D 453 8.54 24.03 20.32
N LYS D 454 7.76 23.06 19.84
CA LYS D 454 6.38 22.89 20.24
C LYS D 454 6.08 21.39 20.32
N LYS D 455 4.81 21.05 20.46
CA LYS D 455 4.39 19.67 20.59
C LYS D 455 4.22 19.04 19.21
N CYS D 456 4.06 17.71 19.21
CA CYS D 456 3.87 16.97 17.98
C CYS D 456 2.44 17.12 17.48
N CYS D 457 2.29 17.32 16.18
CA CYS D 457 1.00 17.61 15.56
C CYS D 457 0.68 16.57 14.51
N LYS D 458 -0.50 15.96 14.62
CA LYS D 458 -0.94 14.92 13.70
C LYS D 458 -2.45 14.98 13.56
N GLY D 459 -2.94 14.43 12.45
CA GLY D 459 -4.37 14.39 12.21
C GLY D 459 -4.66 14.12 10.74
N PHE D 460 -5.95 14.25 10.40
CA PHE D 460 -6.38 14.04 9.03
C PHE D 460 -5.74 15.04 8.07
N CYS D 461 -5.72 16.32 8.47
CA CYS D 461 -5.07 17.33 7.63
C CYS D 461 -3.58 17.08 7.52
N ILE D 462 -2.95 16.58 8.58
CA ILE D 462 -1.53 16.25 8.51
C ILE D 462 -1.30 15.10 7.53
N ASP D 463 -2.18 14.11 7.53
CA ASP D 463 -2.08 13.02 6.57
C ASP D 463 -2.25 13.53 5.14
N ILE D 464 -3.20 14.45 4.94
CA ILE D 464 -3.41 15.03 3.61
C ILE D 464 -2.17 15.79 3.16
N LEU D 465 -1.57 16.56 4.06
CA LEU D 465 -0.36 17.30 3.72
C LEU D 465 0.80 16.35 3.42
N LYS D 466 0.90 15.26 4.16
CA LYS D 466 1.95 14.28 3.88
C LYS D 466 1.75 13.65 2.51
N LYS D 467 0.49 13.33 2.15
CA LYS D 467 0.23 12.79 0.83
C LYS D 467 0.55 13.80 -0.27
N ILE D 468 0.24 15.07 -0.03
CA ILE D 468 0.56 16.11 -1.00
C ILE D 468 2.07 16.22 -1.18
N SER D 469 2.81 16.19 -0.07
CA SER D 469 4.27 16.26 -0.15
C SER D 469 4.85 15.05 -0.87
N LYS D 470 4.25 13.87 -0.66
CA LYS D 470 4.68 12.68 -1.40
C LYS D 470 4.42 12.84 -2.89
N SER D 471 3.25 13.36 -3.25
CA SER D 471 2.92 13.54 -4.67
C SER D 471 3.75 14.66 -5.29
N VAL D 472 3.83 15.80 -4.63
CA VAL D 472 4.57 16.95 -5.12
C VAL D 472 5.66 17.30 -4.11
N LYS D 473 6.91 17.35 -4.58
CA LYS D 473 8.04 17.59 -3.70
C LYS D 473 8.19 19.08 -3.44
N PHE D 474 8.07 19.48 -2.18
CA PHE D 474 8.25 20.87 -1.77
C PHE D 474 8.60 20.88 -0.29
N THR D 475 8.80 22.08 0.24
CA THR D 475 9.15 22.28 1.64
C THR D 475 8.02 23.03 2.34
N TYR D 476 7.63 22.53 3.52
CA TYR D 476 6.55 23.12 4.29
C TYR D 476 6.98 23.23 5.75
N ASP D 477 6.40 24.21 6.44
CA ASP D 477 6.66 24.43 7.87
C ASP D 477 5.35 24.87 8.51
N LEU D 478 4.67 23.93 9.16
CA LEU D 478 3.38 24.23 9.76
C LEU D 478 3.54 25.19 10.93
N TYR D 479 2.64 26.17 11.00
CA TYR D 479 2.65 27.19 12.03
C TYR D 479 1.28 27.27 12.67
N LEU D 480 1.24 27.26 14.00
CA LEU D 480 -0.02 27.39 14.71
C LEU D 480 -0.57 28.79 14.58
N VAL D 481 -1.90 28.91 14.73
CA VAL D 481 -2.56 30.20 14.60
C VAL D 481 -2.16 31.09 15.79
N THR D 482 -1.79 32.32 15.49
CA THR D 482 -1.34 33.24 16.54
C THR D 482 -2.52 33.85 17.29
N ASN D 483 -3.47 34.45 16.56
CA ASN D 483 -4.62 35.10 17.15
C ASN D 483 -5.90 34.58 16.50
N GLY D 484 -6.92 34.36 17.33
CA GLY D 484 -8.19 33.87 16.84
C GLY D 484 -8.18 32.39 16.50
N LYS D 485 -9.27 31.95 15.90
CA LYS D 485 -9.43 30.56 15.48
C LYS D 485 -9.64 30.41 13.98
N HIS D 486 -10.46 31.26 13.38
CA HIS D 486 -10.73 31.20 11.94
C HIS D 486 -10.83 32.64 11.43
N GLY D 487 -11.27 32.77 10.19
CA GLY D 487 -11.41 34.09 9.60
C GLY D 487 -12.61 34.85 10.14
N LYS D 488 -12.45 36.16 10.26
CA LYS D 488 -13.51 37.02 10.75
C LYS D 488 -13.21 38.45 10.33
N LYS D 489 -14.20 39.12 9.72
CA LYS D 489 -14.04 40.49 9.26
C LYS D 489 -14.21 41.42 10.46
N ILE D 490 -13.11 41.66 11.15
CA ILE D 490 -13.08 42.52 12.33
C ILE D 490 -12.58 43.89 11.88
N ASN D 491 -13.51 44.83 11.71
CA ASN D 491 -13.20 46.20 11.28
C ASN D 491 -12.42 46.20 9.96
N GLY D 492 -12.80 45.30 9.05
CA GLY D 492 -12.16 45.20 7.76
C GLY D 492 -10.86 44.44 7.74
N THR D 493 -10.41 43.91 8.88
CA THR D 493 -9.17 43.15 8.97
C THR D 493 -9.49 41.72 9.39
N TRP D 494 -8.96 40.75 8.64
CA TRP D 494 -9.19 39.35 8.95
C TRP D 494 -8.24 38.88 10.04
N ASN D 495 -8.55 37.71 10.59
CA ASN D 495 -7.74 37.10 11.65
C ASN D 495 -7.68 35.60 11.41
N GLY D 496 -6.92 34.91 12.27
CA GLY D 496 -6.78 33.48 12.13
C GLY D 496 -6.03 33.09 10.87
N MET D 497 -6.44 31.97 10.28
CA MET D 497 -5.80 31.49 9.05
C MET D 497 -6.01 32.48 7.91
N ILE D 498 -7.22 33.04 7.79
CA ILE D 498 -7.48 34.02 6.74
C ILE D 498 -6.64 35.27 6.96
N GLY D 499 -6.57 35.74 8.20
CA GLY D 499 -5.75 36.91 8.48
C GLY D 499 -4.28 36.68 8.20
N GLU D 500 -3.80 35.45 8.45
CA GLU D 500 -2.41 35.14 8.16
C GLU D 500 -2.15 35.05 6.67
N VAL D 501 -3.08 34.44 5.91
CA VAL D 501 -2.85 34.27 4.48
C VAL D 501 -2.97 35.59 3.74
N VAL D 502 -3.86 36.49 4.19
CA VAL D 502 -3.96 37.79 3.55
C VAL D 502 -2.80 38.70 3.91
N MET D 503 -2.07 38.39 4.97
CA MET D 503 -0.89 39.15 5.38
C MET D 503 0.41 38.60 4.81
N LYS D 504 0.32 37.61 3.92
CA LYS D 504 1.47 36.97 3.28
C LYS D 504 2.37 36.25 4.28
N ARG D 505 1.88 36.00 5.49
CA ARG D 505 2.65 35.24 6.46
C ARG D 505 2.74 33.76 6.06
N ALA D 506 1.62 33.19 5.61
CA ALA D 506 1.58 31.80 5.17
C ALA D 506 0.83 31.74 3.85
N TYR D 507 1.47 31.20 2.82
CA TYR D 507 0.83 31.13 1.50
C TYR D 507 -0.32 30.14 1.49
N MET D 508 -0.18 29.04 2.22
CA MET D 508 -1.19 27.98 2.25
C MET D 508 -1.81 27.91 3.64
N ALA D 509 -3.14 27.84 3.69
CA ALA D 509 -3.87 27.71 4.95
C ALA D 509 -4.62 26.39 4.93
N VAL D 510 -4.40 25.57 5.96
CA VAL D 510 -5.03 24.26 6.08
C VAL D 510 -5.74 24.19 7.43
N GLY D 511 -7.00 23.77 7.39
CA GLY D 511 -7.78 23.65 8.62
C GLY D 511 -9.26 23.61 8.29
N SER D 512 -10.06 23.91 9.32
CA SER D 512 -11.52 23.96 9.18
C SER D 512 -11.96 25.31 8.62
N LEU D 513 -11.52 25.58 7.39
CA LEU D 513 -11.82 26.83 6.69
C LEU D 513 -12.98 26.56 5.74
N THR D 514 -14.19 26.91 6.18
CA THR D 514 -15.37 26.74 5.35
C THR D 514 -15.29 27.70 4.16
N ILE D 515 -15.58 27.19 2.97
CA ILE D 515 -15.50 27.99 1.75
C ILE D 515 -16.74 28.87 1.66
N ASN D 516 -16.53 30.18 1.53
CA ASN D 516 -17.62 31.14 1.41
C ASN D 516 -17.19 32.24 0.45
N GLU D 517 -18.17 33.05 0.03
CA GLU D 517 -17.88 34.12 -0.91
C GLU D 517 -16.93 35.16 -0.31
N GLU D 518 -17.14 35.52 0.95
CA GLU D 518 -16.27 36.50 1.60
C GLU D 518 -14.83 35.98 1.70
N ARG D 519 -14.67 34.71 2.08
CA ARG D 519 -13.32 34.14 2.17
C ARG D 519 -12.68 34.03 0.80
N SER D 520 -13.44 33.61 -0.21
CA SER D 520 -12.90 33.45 -1.56
C SER D 520 -12.55 34.80 -2.19
N GLU D 521 -13.22 35.87 -1.76
CA GLU D 521 -12.94 37.19 -2.34
C GLU D 521 -11.53 37.65 -2.02
N VAL D 522 -11.05 37.42 -0.79
CA VAL D 522 -9.74 37.90 -0.39
C VAL D 522 -8.65 36.90 -0.70
N VAL D 523 -8.89 35.61 -0.45
CA VAL D 523 -7.90 34.56 -0.68
C VAL D 523 -8.55 33.46 -1.50
N ASP D 524 -7.85 33.00 -2.54
CA ASP D 524 -8.37 31.94 -3.39
C ASP D 524 -8.44 30.63 -2.62
N PHE D 525 -9.40 29.79 -3.00
CA PHE D 525 -9.64 28.51 -2.35
C PHE D 525 -9.16 27.38 -3.25
N SER D 526 -9.35 26.15 -2.78
CA SER D 526 -8.97 24.94 -3.50
C SER D 526 -10.17 24.02 -3.62
N VAL D 527 -9.97 22.90 -4.31
CA VAL D 527 -11.06 21.93 -4.49
C VAL D 527 -11.35 21.24 -3.16
N PRO D 528 -12.59 21.24 -2.68
CA PRO D 528 -12.90 20.53 -1.43
C PRO D 528 -12.75 19.03 -1.58
N PHE D 529 -12.37 18.39 -0.47
CA PHE D 529 -12.21 16.94 -0.44
C PHE D 529 -13.21 16.23 0.46
N ILE D 530 -13.83 16.94 1.40
CA ILE D 530 -14.85 16.38 2.27
C ILE D 530 -16.04 17.34 2.29
N GLU D 531 -17.24 16.79 2.17
CA GLU D 531 -18.45 17.60 2.14
C GLU D 531 -18.88 17.94 3.57
N THR D 532 -19.13 19.22 3.83
CA THR D 532 -19.55 19.69 5.14
C THR D 532 -20.63 20.74 4.95
N GLY D 533 -20.99 21.43 6.02
CA GLY D 533 -22.00 22.46 5.95
C GLY D 533 -22.47 22.88 7.34
N ILE D 534 -23.75 23.21 7.42
CA ILE D 534 -24.39 23.61 8.67
C ILE D 534 -25.43 22.57 9.03
N SER D 535 -25.33 22.02 10.24
CA SER D 535 -26.24 21.00 10.70
C SER D 535 -26.62 21.25 12.15
N VAL D 536 -27.73 20.64 12.58
CA VAL D 536 -28.22 20.74 13.94
C VAL D 536 -28.28 19.35 14.54
N MET D 537 -27.70 19.20 15.74
CA MET D 537 -27.64 17.91 16.43
C MET D 537 -28.23 18.09 17.82
N VAL D 538 -29.54 17.89 17.94
CA VAL D 538 -30.25 17.95 19.22
C VAL D 538 -30.99 16.65 19.41
N SER D 539 -30.74 15.98 20.53
CA SER D 539 -31.42 14.71 20.83
C SER D 539 -31.83 14.60 22.29
N ARG D 540 -31.96 15.72 23.00
CA ARG D 540 -32.39 15.68 24.39
C ARG D 540 -33.80 15.14 24.51
N SER D 541 -34.70 15.56 23.61
CA SER D 541 -36.06 15.04 23.63
C SER D 541 -36.08 13.58 23.20
N ASN D 542 -36.94 12.81 23.86
CA ASN D 542 -37.09 11.38 23.58
C ASN D 542 -38.49 11.16 23.03
N GLY D 543 -38.60 10.98 21.71
CA GLY D 543 -39.88 10.78 21.06
C GLY D 543 -40.11 9.32 20.76
N THR D 544 -41.27 8.83 21.16
CA THR D 544 -41.65 7.44 20.94
C THR D 544 -42.29 7.31 19.56
N VAL D 545 -42.87 6.13 19.28
CA VAL D 545 -43.52 5.92 17.99
C VAL D 545 -44.80 6.73 17.90
N SER D 546 -45.30 6.89 16.68
CA SER D 546 -46.52 7.64 16.47
C SER D 546 -47.71 6.91 17.09
N PRO D 547 -48.65 7.63 17.71
CA PRO D 547 -49.80 6.96 18.34
C PRO D 547 -50.78 6.40 17.32
N SER D 548 -50.41 5.30 16.66
CA SER D 548 -51.25 4.64 15.68
C SER D 548 -51.72 3.27 16.14
N ALA D 549 -51.69 3.01 17.46
CA ALA D 549 -52.10 1.71 17.97
C ALA D 549 -53.57 1.44 17.69
N PHE D 550 -54.43 2.46 17.87
CA PHE D 550 -55.86 2.26 17.66
C PHE D 550 -56.18 2.00 16.20
N LEU D 551 -55.49 2.69 15.29
CA LEU D 551 -55.71 2.52 13.84
C LEU D 551 -54.36 2.66 13.15
N GLU D 552 -53.70 1.52 12.93
CA GLU D 552 -52.44 1.51 12.21
C GLU D 552 -52.67 1.70 10.71
N PRO D 553 -51.67 2.22 9.98
CA PRO D 553 -51.85 2.39 8.53
C PRO D 553 -52.18 1.09 7.80
N PHE D 554 -51.61 -0.03 8.24
CA PHE D 554 -51.93 -1.30 7.64
C PHE D 554 -53.33 -1.76 8.06
N SER D 555 -53.93 -2.61 7.22
CA SER D 555 -55.25 -3.19 7.49
C SER D 555 -56.31 -2.09 7.69
N ALA D 556 -56.23 -1.04 6.88
CA ALA D 556 -57.18 0.05 6.98
C ALA D 556 -58.58 -0.41 6.62
N ASP D 557 -58.71 -1.18 5.54
CA ASP D 557 -60.01 -1.68 5.09
C ASP D 557 -60.42 -2.96 5.79
N VAL D 558 -59.51 -3.60 6.54
CA VAL D 558 -59.85 -4.83 7.24
C VAL D 558 -60.88 -4.57 8.32
N TRP D 559 -60.80 -3.41 8.99
CA TRP D 559 -61.79 -3.06 10.00
C TRP D 559 -63.18 -2.92 9.37
N VAL D 560 -63.27 -2.26 8.22
CA VAL D 560 -64.55 -2.10 7.55
C VAL D 560 -65.07 -3.45 7.07
N MET D 561 -64.18 -4.31 6.57
CA MET D 561 -64.60 -5.64 6.16
C MET D 561 -65.13 -6.44 7.34
N MET D 562 -64.47 -6.34 8.49
CA MET D 562 -64.95 -7.03 9.69
C MET D 562 -66.31 -6.49 10.13
N PHE D 563 -66.49 -5.17 10.06
CA PHE D 563 -67.77 -4.58 10.44
C PHE D 563 -68.90 -5.05 9.51
N VAL D 564 -68.65 -5.05 8.20
CA VAL D 564 -69.70 -5.48 7.27
C VAL D 564 -69.96 -6.97 7.41
N MET D 565 -68.93 -7.77 7.71
CA MET D 565 -69.15 -9.19 7.96
C MET D 565 -69.97 -9.41 9.23
N LEU D 566 -69.71 -8.61 10.27
CA LEU D 566 -70.52 -8.68 11.48
C LEU D 566 -71.97 -8.35 11.18
N LEU D 567 -72.20 -7.30 10.39
CA LEU D 567 -73.57 -6.94 10.01
C LEU D 567 -74.23 -8.06 9.23
N ILE D 568 -73.50 -8.68 8.30
CA ILE D 568 -74.06 -9.74 7.47
C ILE D 568 -74.42 -10.96 8.32
N VAL D 569 -73.53 -11.36 9.23
CA VAL D 569 -73.81 -12.52 10.05
C VAL D 569 -74.94 -12.23 11.03
N SER D 570 -75.02 -11.00 11.55
CA SER D 570 -76.15 -10.65 12.40
C SER D 570 -77.47 -10.72 11.64
N ALA D 571 -77.48 -10.23 10.40
CA ALA D 571 -78.68 -10.31 9.59
C ALA D 571 -79.07 -11.76 9.31
N VAL D 572 -78.08 -12.60 9.01
CA VAL D 572 -78.34 -14.02 8.76
C VAL D 572 -78.91 -14.69 10.01
N ALA D 573 -78.33 -14.39 11.17
CA ALA D 573 -78.82 -14.96 12.41
C ALA D 573 -80.25 -14.52 12.70
N VAL D 574 -80.55 -13.24 12.46
CA VAL D 574 -81.91 -12.74 12.66
C VAL D 574 -82.88 -13.44 11.72
N PHE D 575 -82.47 -13.61 10.46
CA PHE D 575 -83.34 -14.27 9.48
C PHE D 575 -83.62 -15.72 9.85
N VAL D 576 -82.58 -16.45 10.27
CA VAL D 576 -82.79 -17.86 10.61
C VAL D 576 -83.57 -17.99 11.91
N PHE D 577 -83.42 -17.04 12.83
CA PHE D 577 -84.22 -17.06 14.06
C PHE D 577 -85.68 -16.77 13.76
N GLU D 578 -85.95 -15.84 12.84
CA GLU D 578 -87.34 -15.53 12.49
C GLU D 578 -88.02 -16.73 11.85
N TYR D 579 -87.32 -17.45 10.98
CA TYR D 579 -87.88 -18.61 10.31
C TYR D 579 -87.99 -19.79 11.26
N PHE D 600 -86.06 -7.21 19.01
CA PHE D 600 -84.92 -7.34 19.92
C PHE D 600 -83.98 -8.45 19.45
N THR D 601 -84.43 -9.23 18.48
CA THR D 601 -83.60 -10.31 17.94
C THR D 601 -82.36 -9.76 17.26
N ILE D 602 -82.50 -8.67 16.49
CA ILE D 602 -81.35 -8.08 15.82
C ILE D 602 -80.35 -7.54 16.84
N GLY D 603 -80.85 -6.86 17.88
CA GLY D 603 -79.97 -6.36 18.91
C GLY D 603 -79.26 -7.47 19.67
N LYS D 604 -79.98 -8.55 19.97
CA LYS D 604 -79.38 -9.69 20.65
C LYS D 604 -78.30 -10.33 19.78
N ALA D 605 -78.56 -10.47 18.47
CA ALA D 605 -77.57 -11.04 17.57
C ALA D 605 -76.34 -10.14 17.48
N ILE D 606 -76.55 -8.82 17.41
CA ILE D 606 -75.42 -7.90 17.36
C ILE D 606 -74.59 -7.98 18.64
N TRP D 607 -75.26 -8.04 19.79
CA TRP D 607 -74.54 -8.17 21.06
C TRP D 607 -73.76 -9.47 21.13
N LEU D 608 -74.36 -10.57 20.66
CA LEU D 608 -73.65 -11.85 20.64
C LEU D 608 -72.43 -11.79 19.72
N LEU D 609 -72.58 -11.18 18.55
CA LEU D 609 -71.44 -11.06 17.64
C LEU D 609 -70.33 -10.22 18.24
N TRP D 610 -70.68 -9.10 18.88
CA TRP D 610 -69.67 -8.26 19.51
C TRP D 610 -68.97 -9.00 20.65
N GLY D 611 -69.74 -9.76 21.45
CA GLY D 611 -69.12 -10.52 22.53
C GLY D 611 -68.21 -11.62 22.02
N LEU D 612 -68.58 -12.27 20.91
CA LEU D 612 -67.73 -13.30 20.34
C LEU D 612 -66.49 -12.71 19.70
N VAL D 613 -66.59 -11.49 19.15
CA VAL D 613 -65.44 -10.88 18.47
C VAL D 613 -64.47 -10.30 19.48
N PHE D 614 -64.93 -9.36 20.32
CA PHE D 614 -64.06 -8.69 21.27
C PHE D 614 -63.72 -9.55 22.48
N ASN D 615 -64.43 -10.65 22.69
CA ASN D 615 -64.21 -11.57 23.83
C ASN D 615 -64.06 -10.82 25.15
N ASN D 616 -64.71 -9.67 25.27
CA ASN D 616 -64.64 -8.90 26.51
C ASN D 616 -65.50 -9.55 27.61
N SER D 617 -66.68 -10.04 27.25
CA SER D 617 -67.58 -10.67 28.20
C SER D 617 -68.34 -11.79 27.49
N VAL D 618 -68.87 -12.71 28.29
CA VAL D 618 -69.62 -13.84 27.76
C VAL D 618 -70.96 -13.34 27.21
N PRO D 619 -71.25 -13.54 25.94
CA PRO D 619 -72.51 -13.08 25.38
C PRO D 619 -73.65 -14.04 25.66
N VAL D 620 -74.86 -13.50 25.74
CA VAL D 620 -76.05 -14.31 25.92
C VAL D 620 -76.37 -15.04 24.62
N GLN D 621 -76.58 -16.35 24.72
CA GLN D 621 -76.85 -17.17 23.53
C GLN D 621 -78.25 -16.87 23.02
N ASN D 622 -78.33 -16.02 21.99
CA ASN D 622 -79.61 -15.70 21.39
C ASN D 622 -80.30 -16.91 20.76
N PRO D 623 -79.65 -17.72 19.92
CA PRO D 623 -80.35 -18.89 19.38
C PRO D 623 -80.66 -19.92 20.46
N LYS D 624 -81.77 -20.63 20.25
CA LYS D 624 -82.20 -21.66 21.18
C LYS D 624 -81.86 -23.07 20.73
N GLY D 625 -81.76 -23.31 19.43
CA GLY D 625 -81.44 -24.62 18.90
C GLY D 625 -79.94 -24.86 18.80
N THR D 626 -79.59 -25.99 18.20
CA THR D 626 -78.20 -26.37 18.02
C THR D 626 -77.74 -26.38 16.58
N THR D 627 -78.66 -26.46 15.62
CA THR D 627 -78.28 -26.45 14.21
C THR D 627 -77.65 -25.13 13.82
N SER D 628 -78.22 -24.02 14.30
CA SER D 628 -77.69 -22.69 13.99
C SER D 628 -76.42 -22.37 14.77
N LYS D 629 -76.05 -23.18 15.75
CA LYS D 629 -74.86 -22.92 16.55
C LYS D 629 -73.57 -23.07 15.74
N ILE D 630 -73.61 -23.82 14.65
CA ILE D 630 -72.40 -24.01 13.85
C ILE D 630 -71.94 -22.69 13.25
N MET D 631 -72.88 -21.88 12.75
CA MET D 631 -72.53 -20.61 12.15
C MET D 631 -71.91 -19.66 13.17
N VAL D 632 -72.50 -19.57 14.36
CA VAL D 632 -71.96 -18.66 15.38
C VAL D 632 -70.61 -19.17 15.88
N SER D 633 -70.44 -20.49 15.97
CA SER D 633 -69.16 -21.04 16.40
C SER D 633 -68.06 -20.75 15.39
N VAL D 634 -68.34 -20.96 14.10
CA VAL D 634 -67.32 -20.69 13.09
C VAL D 634 -67.04 -19.20 12.99
N TRP D 635 -68.06 -18.35 13.17
CA TRP D 635 -67.81 -16.91 13.16
C TRP D 635 -66.97 -16.49 14.37
N ALA D 636 -67.21 -17.09 15.53
CA ALA D 636 -66.38 -16.79 16.69
C ALA D 636 -64.94 -17.25 16.48
N PHE D 637 -64.76 -18.41 15.85
CA PHE D 637 -63.41 -18.87 15.54
C PHE D 637 -62.72 -17.91 14.57
N PHE D 638 -63.43 -17.45 13.55
CA PHE D 638 -62.86 -16.48 12.62
C PHE D 638 -62.50 -15.17 13.33
N ALA D 639 -63.35 -14.73 14.25
CA ALA D 639 -63.06 -13.52 15.01
C ALA D 639 -61.83 -13.70 15.89
N VAL D 640 -61.69 -14.87 16.50
CA VAL D 640 -60.50 -15.15 17.31
C VAL D 640 -59.25 -15.12 16.44
N ILE D 641 -59.32 -15.73 15.24
CA ILE D 641 -58.19 -15.70 14.34
C ILE D 641 -57.85 -14.28 13.93
N PHE D 642 -58.87 -13.47 13.64
CA PHE D 642 -58.64 -12.07 13.27
C PHE D 642 -57.99 -11.29 14.41
N LEU D 643 -58.45 -11.54 15.65
CA LEU D 643 -57.85 -10.86 16.80
C LEU D 643 -56.40 -11.28 16.99
N ALA D 644 -56.11 -12.57 16.80
CA ALA D 644 -54.73 -13.03 16.91
C ALA D 644 -53.86 -12.38 15.83
N SER D 645 -54.37 -12.28 14.61
CA SER D 645 -53.63 -11.63 13.54
C SER D 645 -53.40 -10.15 13.86
N TYR D 646 -54.40 -9.48 14.43
CA TYR D 646 -54.25 -8.08 14.81
C TYR D 646 -53.18 -7.92 15.89
N THR D 647 -53.18 -8.80 16.88
CA THR D 647 -52.16 -8.74 17.92
C THR D 647 -50.77 -8.99 17.35
N ALA D 648 -50.65 -9.96 16.44
CA ALA D 648 -49.36 -10.23 15.82
C ALA D 648 -48.88 -9.04 14.99
N ASN D 649 -49.80 -8.40 14.26
CA ASN D 649 -49.43 -7.22 13.48
C ASN D 649 -49.00 -6.07 14.38
N LEU D 650 -49.70 -5.88 15.50
CA LEU D 650 -49.31 -4.84 16.44
C LEU D 650 -47.93 -5.11 17.02
N ALA D 651 -47.66 -6.37 17.38
CA ALA D 651 -46.34 -6.73 17.90
C ALA D 651 -45.25 -6.50 16.85
N ALA D 652 -45.53 -6.84 15.60
CA ALA D 652 -44.56 -6.62 14.53
C ALA D 652 -44.31 -5.13 14.32
N PHE D 653 -45.37 -4.32 14.39
CA PHE D 653 -45.21 -2.87 14.20
C PHE D 653 -44.48 -2.22 15.37
N MET D 654 -44.63 -2.78 16.57
CA MET D 654 -44.02 -2.18 17.76
C MET D 654 -42.50 -2.22 17.73
N ILE D 655 -41.90 -3.12 16.95
CA ILE D 655 -40.44 -3.24 16.91
C ILE D 655 -39.79 -2.20 16.02
N GLN D 656 -40.57 -1.35 15.35
CA GLN D 656 -40.02 -0.32 14.49
C GLN D 656 -39.22 0.69 15.33
N GLU D 657 -38.10 1.13 14.77
CA GLU D 657 -37.19 2.06 15.44
C GLU D 657 -36.93 3.29 14.56
N GLU D 658 -38.01 3.86 14.02
CA GLU D 658 -37.87 5.05 13.18
C GLU D 658 -37.33 6.22 13.98
N TYR D 659 -37.83 6.41 15.21
CA TYR D 659 -37.38 7.48 16.10
C TYR D 659 -37.51 8.85 15.45
N VAL D 660 -38.76 9.18 15.10
CA VAL D 660 -39.06 10.47 14.45
C VAL D 660 -39.02 11.54 15.53
N ASP D 661 -37.90 12.26 15.60
CA ASP D 661 -37.74 13.32 16.58
C ASP D 661 -38.37 14.62 16.07
N GLN D 662 -38.53 15.57 16.98
CA GLN D 662 -39.11 16.88 16.65
C GLN D 662 -38.01 17.82 16.15
N VAL D 663 -37.42 17.45 15.02
CA VAL D 663 -36.34 18.21 14.40
C VAL D 663 -36.71 18.48 12.95
N SER D 664 -36.52 19.73 12.51
CA SER D 664 -36.84 20.13 11.14
C SER D 664 -35.73 20.90 10.45
N GLY D 665 -34.74 21.42 11.17
CA GLY D 665 -33.66 22.18 10.56
C GLY D 665 -33.85 23.67 10.75
N LEU D 666 -32.91 24.42 10.14
CA LEU D 666 -32.95 25.87 10.23
C LEU D 666 -34.15 26.48 9.52
N SER D 667 -34.76 25.75 8.58
CA SER D 667 -35.93 26.26 7.87
C SER D 667 -37.14 26.37 8.78
N ASP D 668 -37.16 25.65 9.90
CA ASP D 668 -38.30 25.73 10.81
C ASP D 668 -38.34 27.10 11.49
N LYS D 669 -39.55 27.60 11.73
CA LYS D 669 -39.71 28.90 12.38
C LYS D 669 -39.24 28.86 13.83
N LYS D 670 -39.29 27.69 14.46
CA LYS D 670 -38.85 27.60 15.85
C LYS D 670 -37.37 27.92 16.00
N PHE D 671 -36.54 27.40 15.09
CA PHE D 671 -35.11 27.68 15.16
C PHE D 671 -34.80 29.11 14.73
N GLN D 672 -35.52 29.62 13.72
CA GLN D 672 -35.25 30.97 13.23
C GLN D 672 -35.61 32.02 14.27
N ARG D 673 -36.76 31.86 14.94
CA ARG D 673 -37.23 32.80 15.94
C ARG D 673 -37.62 32.03 17.20
N PRO D 674 -36.63 31.63 18.02
CA PRO D 674 -36.96 30.90 19.25
C PRO D 674 -37.82 31.68 20.21
N ASN D 675 -37.64 33.00 20.29
CA ASN D 675 -38.41 33.80 21.23
C ASN D 675 -39.89 33.77 20.89
N ASP D 676 -40.24 33.87 19.61
CA ASP D 676 -41.64 33.85 19.21
C ASP D 676 -42.26 32.48 19.39
N PHE D 677 -41.49 31.41 19.13
CA PHE D 677 -42.04 30.07 19.19
C PHE D 677 -42.08 29.54 20.62
N SER D 678 -40.91 29.43 21.26
CA SER D 678 -40.85 28.89 22.61
C SER D 678 -39.65 29.48 23.36
N PRO D 679 -39.88 30.26 24.41
CA PRO D 679 -38.77 30.85 25.17
C PRO D 679 -37.79 29.80 25.69
N PRO D 680 -38.25 28.61 26.14
CA PRO D 680 -37.28 27.56 26.49
C PRO D 680 -36.61 26.96 25.26
N PHE D 681 -35.77 27.75 24.58
CA PHE D 681 -35.04 27.27 23.42
C PHE D 681 -33.82 28.16 23.21
N ARG D 682 -32.70 27.53 22.84
CA ARG D 682 -31.45 28.23 22.61
C ARG D 682 -30.84 27.75 21.31
N PHE D 683 -30.37 28.71 20.49
CA PHE D 683 -29.72 28.34 19.24
C PHE D 683 -28.37 27.68 19.50
N GLY D 684 -27.55 28.28 20.36
CA GLY D 684 -26.26 27.71 20.70
C GLY D 684 -25.21 27.81 19.63
N THR D 685 -25.33 28.76 18.71
CA THR D 685 -24.33 28.93 17.66
C THR D 685 -23.06 29.52 18.25
N VAL D 686 -21.93 28.90 17.94
CA VAL D 686 -20.63 29.35 18.44
C VAL D 686 -20.12 30.48 17.57
N PRO D 687 -19.80 31.65 18.13
CA PRO D 687 -19.28 32.75 17.33
C PRO D 687 -17.82 32.54 16.93
N ASN D 688 -17.23 33.53 16.28
CA ASN D 688 -15.84 33.47 15.81
C ASN D 688 -15.63 32.27 14.88
N GLY D 689 -16.36 32.28 13.78
CA GLY D 689 -16.25 31.21 12.80
C GLY D 689 -17.00 31.56 11.54
N SER D 690 -16.72 30.78 10.49
CA SER D 690 -17.38 31.00 9.21
C SER D 690 -18.88 30.69 9.29
N THR D 691 -19.25 29.65 10.05
CA THR D 691 -20.66 29.30 10.18
C THR D 691 -21.44 30.42 10.88
N GLU D 692 -20.85 31.01 11.93
CA GLU D 692 -21.53 32.10 12.62
C GLU D 692 -21.72 33.31 11.70
N ARG D 693 -20.70 33.65 10.91
CA ARG D 693 -20.83 34.75 9.97
C ARG D 693 -21.89 34.47 8.91
N ASN D 694 -21.93 33.22 8.41
CA ASN D 694 -22.94 32.85 7.42
C ASN D 694 -24.34 32.94 8.01
N ILE D 695 -24.52 32.49 9.25
CA ILE D 695 -25.83 32.57 9.90
C ILE D 695 -26.23 34.02 10.10
N ARG D 696 -25.29 34.86 10.54
CA ARG D 696 -25.59 36.27 10.75
C ARG D 696 -25.97 36.96 9.44
N ASN D 697 -25.25 36.66 8.36
CA ASN D 697 -25.57 37.26 7.06
C ASN D 697 -26.93 36.77 6.56
N ASN D 698 -27.23 35.49 6.73
CA ASN D 698 -28.49 34.94 6.24
C ASN D 698 -29.67 35.48 7.04
N TYR D 699 -29.57 35.48 8.36
CA TYR D 699 -30.65 35.93 9.22
C TYR D 699 -30.07 36.72 10.38
N ALA D 700 -30.48 37.98 10.52
CA ALA D 700 -30.03 38.80 11.64
C ALA D 700 -30.72 38.41 12.94
N GLU D 701 -32.00 38.03 12.86
CA GLU D 701 -32.72 37.61 14.06
C GLU D 701 -32.13 36.35 14.67
N MET D 702 -31.74 35.40 13.82
CA MET D 702 -31.10 34.18 14.32
C MET D 702 -29.78 34.49 15.03
N HIS D 703 -28.99 35.39 14.44
CA HIS D 703 -27.72 35.79 15.08
C HIS D 703 -27.97 36.49 16.40
N ALA D 704 -28.97 37.37 16.45
CA ALA D 704 -29.30 38.05 17.71
C ALA D 704 -29.74 37.07 18.77
N TYR D 705 -30.55 36.07 18.39
CA TYR D 705 -30.99 35.05 19.35
C TYR D 705 -29.82 34.21 19.82
N MET D 706 -28.91 33.84 18.92
CA MET D 706 -27.79 32.99 19.28
C MET D 706 -26.72 33.76 20.06
N GLY D 707 -26.71 35.09 19.99
CA GLY D 707 -25.74 35.86 20.74
C GLY D 707 -25.86 35.73 22.23
N LYS D 708 -27.04 35.36 22.73
CA LYS D 708 -27.24 35.17 24.16
C LYS D 708 -26.77 33.80 24.65
N PHE D 709 -26.41 32.90 23.74
CA PHE D 709 -25.94 31.57 24.07
C PHE D 709 -24.65 31.25 23.33
N ASN D 710 -23.72 32.20 23.34
CA ASN D 710 -22.45 32.05 22.65
C ASN D 710 -21.57 31.07 23.42
N GLN D 711 -21.52 29.83 22.96
CA GLN D 711 -20.69 28.82 23.61
C GLN D 711 -19.22 29.05 23.28
N ARG D 712 -18.35 28.47 24.11
CA ARG D 712 -16.91 28.59 23.96
C ARG D 712 -16.31 27.22 23.72
N GLY D 713 -15.46 27.12 22.69
CA GLY D 713 -14.82 25.87 22.37
C GLY D 713 -15.75 24.87 21.72
N VAL D 714 -15.29 23.62 21.69
CA VAL D 714 -16.04 22.51 21.11
C VAL D 714 -16.37 21.46 22.16
N ASP D 715 -15.40 21.05 22.96
CA ASP D 715 -15.64 20.06 24.01
C ASP D 715 -16.60 20.61 25.06
N ASP D 716 -16.43 21.88 25.43
CA ASP D 716 -17.33 22.49 26.41
C ASP D 716 -18.76 22.53 25.90
N ALA D 717 -18.94 22.89 24.63
CA ALA D 717 -20.28 22.92 24.05
C ALA D 717 -20.90 21.53 24.01
N LEU D 718 -20.11 20.52 23.66
CA LEU D 718 -20.61 19.15 23.65
C LEU D 718 -21.01 18.70 25.04
N LEU D 719 -20.20 19.02 26.05
CA LEU D 719 -20.54 18.67 27.43
C LEU D 719 -21.81 19.38 27.88
N SER D 720 -21.96 20.66 27.53
CA SER D 720 -23.16 21.40 27.89
C SER D 720 -24.39 20.79 27.22
N LEU D 721 -24.27 20.40 25.95
CA LEU D 721 -25.40 19.76 25.27
C LEU D 721 -25.73 18.42 25.91
N LYS D 722 -24.71 17.64 26.29
CA LYS D 722 -24.96 16.35 26.93
C LYS D 722 -25.66 16.53 28.28
N THR D 723 -25.23 17.54 29.05
CA THR D 723 -25.85 17.80 30.35
C THR D 723 -27.23 18.44 30.22
N GLY D 724 -27.63 18.86 29.03
CA GLY D 724 -28.91 19.49 28.81
C GLY D 724 -28.92 20.99 28.93
N LYS D 725 -27.81 21.61 29.35
CA LYS D 725 -27.75 23.06 29.44
C LYS D 725 -27.86 23.70 28.06
N LEU D 726 -27.23 23.11 27.05
CA LEU D 726 -27.28 23.62 25.69
C LEU D 726 -28.38 22.91 24.91
N ASP D 727 -29.24 23.69 24.27
CA ASP D 727 -30.38 23.11 23.57
C ASP D 727 -29.95 22.36 22.32
N ALA D 728 -29.09 22.98 21.50
CA ALA D 728 -28.67 22.37 20.25
C ALA D 728 -27.33 22.94 19.83
N PHE D 729 -26.69 22.26 18.90
CA PHE D 729 -25.39 22.66 18.35
C PHE D 729 -25.55 22.93 16.86
N ILE D 730 -25.06 24.08 16.42
CA ILE D 730 -25.20 24.50 15.02
C ILE D 730 -23.83 24.71 14.41
N TYR D 731 -22.85 23.90 14.84
CA TYR D 731 -21.49 24.01 14.33
C TYR D 731 -21.38 23.30 12.99
N ASP D 732 -20.16 23.01 12.57
CA ASP D 732 -19.93 22.36 11.28
C ASP D 732 -20.50 20.94 11.27
N ALA D 733 -20.89 20.50 10.07
CA ALA D 733 -21.47 19.15 9.94
C ALA D 733 -20.47 18.07 10.28
N ALA D 734 -19.21 18.23 9.84
CA ALA D 734 -18.19 17.21 10.13
C ALA D 734 -17.91 17.13 11.62
N VAL D 735 -17.81 18.27 12.30
CA VAL D 735 -17.56 18.28 13.73
C VAL D 735 -18.72 17.63 14.48
N LEU D 736 -19.96 17.95 14.07
CA LEU D 736 -21.12 17.33 14.72
C LEU D 736 -21.15 15.83 14.49
N ASN D 737 -20.81 15.38 13.28
CA ASN D 737 -20.78 13.95 13.01
C ASN D 737 -19.72 13.25 13.85
N TYR D 738 -18.53 13.86 13.96
CA TYR D 738 -17.48 13.27 14.79
C TYR D 738 -17.88 13.22 16.25
N MET D 739 -18.52 14.28 16.75
CA MET D 739 -18.97 14.29 18.14
C MET D 739 -20.03 13.22 18.38
N ALA D 740 -20.97 13.07 17.44
CA ALA D 740 -21.99 12.04 17.58
C ALA D 740 -21.40 10.64 17.49
N GLY D 741 -20.33 10.48 16.73
CA GLY D 741 -19.66 9.20 16.64
C GLY D 741 -18.69 8.86 17.75
N ARG D 742 -18.51 9.77 18.70
CA ARG D 742 -17.60 9.56 19.81
C ARG D 742 -18.34 8.89 20.97
N ASP D 743 -17.68 8.80 22.13
CA ASP D 743 -18.30 8.18 23.29
C ASP D 743 -19.52 8.96 23.75
N GLU D 744 -19.42 10.29 23.78
CA GLU D 744 -20.53 11.14 24.19
C GLU D 744 -21.39 11.55 22.99
N GLY D 745 -21.84 10.56 22.23
CA GLY D 745 -22.66 10.82 21.06
C GLY D 745 -23.84 9.88 20.93
N CYS D 746 -23.97 8.95 21.87
CA CYS D 746 -25.08 8.01 21.84
C CYS D 746 -26.41 8.72 22.00
N LYS D 747 -26.48 9.70 22.90
CA LYS D 747 -27.68 10.49 23.13
C LYS D 747 -27.61 11.86 22.47
N LEU D 748 -26.63 12.09 21.61
CA LEU D 748 -26.44 13.36 20.93
C LEU D 748 -26.22 13.15 19.43
N VAL D 749 -27.06 12.32 18.82
CA VAL D 749 -26.92 12.03 17.40
C VAL D 749 -27.28 13.27 16.59
N THR D 750 -26.82 13.28 15.33
CA THR D 750 -27.04 14.40 14.44
C THR D 750 -28.44 14.33 13.83
N ILE D 751 -28.68 15.17 12.83
CA ILE D 751 -29.99 15.19 12.17
C ILE D 751 -30.24 13.88 11.44
N GLY D 752 -29.21 13.27 10.86
CA GLY D 752 -29.35 12.05 10.11
C GLY D 752 -29.69 12.22 8.65
N SER D 753 -29.67 13.46 8.14
CA SER D 753 -29.95 13.74 6.74
C SER D 753 -28.65 14.11 6.03
N GLY D 754 -28.43 13.50 4.86
CA GLY D 754 -27.21 13.78 4.12
C GLY D 754 -27.11 15.23 3.68
N LYS D 755 -28.22 15.80 3.22
CA LYS D 755 -28.22 17.19 2.80
C LYS D 755 -28.12 18.12 4.01
N VAL D 756 -27.22 19.10 3.92
CA VAL D 756 -27.02 20.06 5.00
C VAL D 756 -27.03 21.46 4.40
N PHE D 757 -27.33 22.44 5.26
CA PHE D 757 -27.37 23.83 4.82
C PHE D 757 -25.96 24.32 4.48
N ALA D 758 -25.86 25.05 3.37
CA ALA D 758 -24.59 25.60 2.88
C ALA D 758 -23.56 24.48 2.70
N SER D 759 -23.86 23.57 1.80
CA SER D 759 -23.00 22.42 1.53
C SER D 759 -21.70 22.91 0.90
N THR D 760 -20.61 22.85 1.65
CA THR D 760 -19.30 23.28 1.20
C THR D 760 -18.26 22.28 1.67
N GLY D 761 -16.98 22.66 1.60
CA GLY D 761 -15.91 21.81 2.03
C GLY D 761 -14.80 22.61 2.68
N TYR D 762 -13.82 21.89 3.21
CA TYR D 762 -12.67 22.50 3.87
C TYR D 762 -11.51 22.62 2.88
N GLY D 763 -11.68 23.52 1.93
CA GLY D 763 -10.66 23.74 0.93
C GLY D 763 -9.48 24.51 1.50
N ILE D 764 -8.29 24.20 0.96
CA ILE D 764 -7.07 24.88 1.39
C ILE D 764 -7.05 26.27 0.77
N ALA D 765 -6.79 27.28 1.60
CA ALA D 765 -6.75 28.66 1.14
C ALA D 765 -5.33 29.01 0.69
N ILE D 766 -5.20 29.43 -0.57
CA ILE D 766 -3.91 29.81 -1.15
C ILE D 766 -4.05 31.17 -1.80
N GLN D 767 -3.01 31.99 -1.68
CA GLN D 767 -3.03 33.33 -2.28
C GLN D 767 -3.03 33.28 -3.80
N LYS D 768 -2.53 32.20 -4.39
CA LYS D 768 -2.49 32.01 -5.84
C LYS D 768 -1.67 33.09 -6.55
N ASP D 769 -0.77 33.74 -5.83
CA ASP D 769 0.08 34.76 -6.45
C ASP D 769 1.03 34.14 -7.47
N SER D 770 1.59 32.98 -7.15
CA SER D 770 2.52 32.30 -8.04
C SER D 770 1.85 31.28 -8.94
N GLY D 771 0.52 31.16 -8.88
CA GLY D 771 -0.17 30.19 -9.70
C GLY D 771 0.01 28.75 -9.27
N TRP D 772 0.30 28.53 -7.98
CA TRP D 772 0.51 27.18 -7.47
C TRP D 772 -0.79 26.47 -7.11
N LYS D 773 -1.94 27.12 -7.26
CA LYS D 773 -3.21 26.49 -6.93
C LYS D 773 -3.52 25.34 -7.87
N ARG D 774 -3.11 25.44 -9.14
CA ARG D 774 -3.39 24.38 -10.10
C ARG D 774 -2.72 23.07 -9.70
N GLN D 775 -1.47 23.14 -9.25
CA GLN D 775 -0.74 21.93 -8.89
C GLN D 775 -1.38 21.23 -7.70
N VAL D 776 -1.74 22.00 -6.66
CA VAL D 776 -2.34 21.39 -5.47
C VAL D 776 -3.74 20.87 -5.79
N ASP D 777 -4.49 21.57 -6.64
CA ASP D 777 -5.80 21.08 -7.04
C ASP D 777 -5.68 19.77 -7.80
N LEU D 778 -4.71 19.68 -8.72
CA LEU D 778 -4.50 18.43 -9.46
C LEU D 778 -4.07 17.31 -8.52
N ALA D 779 -3.22 17.61 -7.55
CA ALA D 779 -2.80 16.59 -6.59
C ALA D 779 -3.98 16.09 -5.76
N ILE D 780 -4.85 17.01 -5.33
CA ILE D 780 -6.02 16.63 -4.55
C ILE D 780 -6.96 15.77 -5.39
N LEU D 781 -7.16 16.16 -6.65
CA LEU D 781 -8.01 15.36 -7.54
C LEU D 781 -7.42 13.96 -7.75
N GLN D 782 -6.10 13.87 -7.93
CA GLN D 782 -5.47 12.56 -8.09
C GLN D 782 -5.63 11.70 -6.84
N LEU D 783 -5.46 12.32 -5.66
CA LEU D 783 -5.64 11.58 -4.42
C LEU D 783 -7.07 11.10 -4.26
N PHE D 784 -8.04 11.94 -4.60
CA PHE D 784 -9.45 11.56 -4.49
C PHE D 784 -9.82 10.48 -5.49
N GLY D 785 -9.21 10.49 -6.68
CA GLY D 785 -9.51 9.47 -7.66
C GLY D 785 -9.11 8.08 -7.20
N ASP D 786 -7.98 7.97 -6.51
CA ASP D 786 -7.53 6.69 -5.98
C ASP D 786 -8.28 6.37 -4.69
N GLY D 787 -8.02 5.18 -4.15
CA GLY D 787 -8.67 4.74 -2.94
C GLY D 787 -8.05 5.21 -1.64
N GLU D 788 -6.98 6.00 -1.72
CA GLU D 788 -6.32 6.48 -0.50
C GLU D 788 -7.25 7.40 0.29
N MET D 789 -7.95 8.29 -0.39
CA MET D 789 -8.87 9.20 0.30
C MET D 789 -10.00 8.44 0.99
N GLU D 790 -10.56 7.43 0.31
CA GLU D 790 -11.66 6.66 0.89
C GLU D 790 -11.21 5.93 2.14
N GLU D 791 -10.05 5.27 2.09
CA GLU D 791 -9.58 4.52 3.25
C GLU D 791 -9.17 5.46 4.38
N LEU D 792 -8.61 6.62 4.04
CA LEU D 792 -8.27 7.60 5.07
C LEU D 792 -9.52 8.12 5.77
N GLU D 793 -10.58 8.40 5.00
CA GLU D 793 -11.84 8.84 5.59
C GLU D 793 -12.45 7.73 6.45
N ALA D 794 -12.36 6.49 5.99
CA ALA D 794 -12.88 5.37 6.78
C ALA D 794 -12.12 5.23 8.09
N LEU D 795 -10.79 5.45 8.05
CA LEU D 795 -9.99 5.34 9.27
C LEU D 795 -10.29 6.48 10.24
N TRP D 796 -10.45 7.70 9.72
CA TRP D 796 -10.61 8.88 10.57
C TRP D 796 -12.07 9.31 10.73
N LEU D 797 -12.76 9.60 9.62
CA LEU D 797 -14.10 10.18 9.66
C LEU D 797 -15.17 9.09 9.68
N THR D 798 -15.05 8.20 10.67
CA THR D 798 -16.04 7.15 10.90
C THR D 798 -16.20 7.01 12.41
N GLY D 799 -17.35 7.44 12.92
CA GLY D 799 -17.63 7.37 14.34
C GLY D 799 -18.20 6.02 14.75
N ILE D 800 -18.60 5.95 16.02
CA ILE D 800 -19.18 4.75 16.58
C ILE D 800 -20.67 4.99 16.81
N CYS D 801 -21.38 3.90 17.13
CA CYS D 801 -22.82 3.90 17.41
C CYS D 801 -23.60 4.72 16.39
N HIS D 802 -23.31 4.47 15.11
CA HIS D 802 -23.97 5.17 14.02
C HIS D 802 -25.28 4.46 13.69
N ASN D 803 -26.38 5.21 13.71
CA ASN D 803 -27.72 4.69 13.42
C ASN D 803 -28.07 3.51 14.33
N MET D 809 -33.17 -1.93 19.13
CA MET D 809 -34.02 -0.95 18.48
C MET D 809 -34.20 0.29 19.34
N SER D 810 -33.73 0.21 20.58
CA SER D 810 -33.83 1.31 21.55
C SER D 810 -35.27 1.78 21.71
N SER D 811 -36.19 0.84 21.82
CA SER D 811 -37.60 1.17 21.98
C SER D 811 -37.84 1.83 23.34
N GLN D 812 -38.71 2.83 23.35
CA GLN D 812 -39.04 3.58 24.55
C GLN D 812 -40.55 3.71 24.69
N LEU D 813 -41.00 3.86 25.93
CA LEU D 813 -42.42 3.99 26.25
C LEU D 813 -42.72 5.42 26.68
N ASP D 814 -43.78 5.99 26.13
CA ASP D 814 -44.16 7.36 26.45
C ASP D 814 -45.67 7.47 26.48
N ILE D 815 -46.16 8.50 27.17
CA ILE D 815 -47.60 8.72 27.26
C ILE D 815 -48.18 9.10 25.91
N ASP D 816 -47.43 9.85 25.10
CA ASP D 816 -47.92 10.23 23.77
C ASP D 816 -48.12 9.00 22.88
N ASN D 817 -47.34 7.94 23.08
CA ASN D 817 -47.54 6.73 22.30
C ASN D 817 -48.89 6.09 22.58
N MET D 818 -49.30 6.08 23.85
CA MET D 818 -50.59 5.50 24.25
C MET D 818 -51.72 6.52 24.23
N ALA D 819 -51.45 7.77 23.86
CA ALA D 819 -52.52 8.76 23.79
C ALA D 819 -53.51 8.48 22.67
N GLY D 820 -53.13 7.66 21.69
CA GLY D 820 -54.04 7.37 20.60
C GLY D 820 -55.28 6.62 21.03
N VAL D 821 -55.11 5.60 21.90
CA VAL D 821 -56.26 4.85 22.38
C VAL D 821 -57.14 5.72 23.26
N PHE D 822 -56.54 6.63 24.03
CA PHE D 822 -57.33 7.55 24.83
C PHE D 822 -58.14 8.49 23.95
N TYR D 823 -57.53 8.99 22.86
CA TYR D 823 -58.25 9.85 21.93
C TYR D 823 -59.39 9.08 21.26
N MET D 824 -59.15 7.83 20.88
CA MET D 824 -60.20 7.02 20.27
C MET D 824 -61.34 6.79 21.25
N LEU D 825 -61.02 6.49 22.51
CA LEU D 825 -62.06 6.29 23.52
C LEU D 825 -62.87 7.56 23.73
N GLY D 826 -62.19 8.71 23.79
CA GLY D 826 -62.90 9.96 23.95
C GLY D 826 -63.83 10.26 22.77
N ALA D 827 -63.35 10.03 21.55
CA ALA D 827 -64.18 10.23 20.37
C ALA D 827 -65.38 9.30 20.38
N ALA D 828 -65.18 8.03 20.75
CA ALA D 828 -66.28 7.09 20.81
C ALA D 828 -67.30 7.49 21.87
N MET D 829 -66.81 7.95 23.03
CA MET D 829 -67.72 8.41 24.09
C MET D 829 -68.51 9.62 23.64
N ALA D 830 -67.86 10.56 22.95
CA ALA D 830 -68.57 11.73 22.44
C ALA D 830 -69.62 11.33 21.42
N LEU D 831 -69.29 10.40 20.53
CA LEU D 831 -70.26 9.93 19.55
C LEU D 831 -71.45 9.24 20.22
N SER D 832 -71.18 8.42 21.23
CA SER D 832 -72.26 7.75 21.95
C SER D 832 -73.15 8.76 22.67
N LEU D 833 -72.55 9.78 23.29
CA LEU D 833 -73.33 10.82 23.95
C LEU D 833 -74.18 11.59 22.96
N ILE D 834 -73.63 11.89 21.79
CA ILE D 834 -74.40 12.60 20.77
C ILE D 834 -75.56 11.74 20.29
N THR D 835 -75.32 10.45 20.06
CA THR D 835 -76.38 9.55 19.62
C THR D 835 -77.48 9.43 20.67
N PHE D 836 -77.09 9.32 21.95
CA PHE D 836 -78.09 9.21 23.01
C PHE D 836 -78.92 10.48 23.12
N ILE D 837 -78.29 11.64 22.99
CA ILE D 837 -78.99 12.92 23.09
C ILE D 837 -79.75 13.19 21.79
C1 NAG E . -16.70 28.26 -51.99
C2 NAG E . -16.91 28.80 -50.56
C3 NAG E . -17.80 30.03 -50.58
C4 NAG E . -17.28 31.02 -51.60
C5 NAG E . -17.46 30.45 -53.00
C6 NAG E . -16.32 30.78 -53.94
C7 NAG E . -16.72 26.88 -49.05
C8 NAG E . -17.46 25.90 -48.19
N2 NAG E . -17.47 27.78 -49.68
O3 NAG E . -17.82 30.62 -49.29
O4 NAG E . -18.00 32.25 -51.51
O5 NAG E . -17.56 29.01 -52.95
O6 NAG E . -15.35 31.60 -53.30
O7 NAG E . -15.49 26.85 -49.16
C1 NAG F . -8.77 -38.78 -9.05
C2 NAG F . -10.12 -38.75 -9.77
C3 NAG F . -10.13 -39.75 -10.93
C4 NAG F . -8.95 -39.51 -11.84
C5 NAG F . -7.65 -39.51 -11.05
C6 NAG F . -6.43 -39.16 -11.89
C7 NAG F . -12.41 -38.48 -8.95
C8 NAG F . -13.42 -38.88 -7.90
N2 NAG F . -11.20 -39.03 -8.84
O3 NAG F . -11.36 -39.62 -11.65
O4 NAG F . -8.89 -40.53 -12.84
O5 NAG F . -7.72 -38.54 -10.01
O6 NAG F . -5.32 -39.96 -11.53
O7 NAG F . -12.70 -37.69 -9.84
C1 NAG G . -7.84 -2.04 -53.83
C2 NAG G . -8.78 -1.82 -52.64
C3 NAG G . -9.77 -2.97 -52.54
C4 NAG G . -10.50 -3.16 -53.86
C5 NAG G . -9.49 -3.32 -55.00
C6 NAG G . -10.14 -3.40 -56.36
C7 NAG G . -7.79 -0.50 -50.81
C8 NAG G . -7.01 -0.54 -49.54
N2 NAG G . -8.03 -1.67 -51.40
O3 NAG G . -10.71 -2.69 -51.51
O4 NAG G . -11.32 -4.32 -53.81
O5 NAG G . -8.60 -2.19 -55.02
O6 NAG G . -9.45 -2.59 -57.32
O7 NAG G . -8.21 0.56 -51.29
CL1 JC9 H . -57.20 -13.90 22.24
O1 JC9 H . -56.52 -11.06 22.30
N1 JC9 H . -57.11 -12.13 24.70
C1 JC9 H . -55.70 -12.16 24.31
C2 JC9 H . -54.93 -11.35 25.40
C3 JC9 H . -53.47 -11.05 25.01
C4 JC9 H . -53.42 -10.27 23.69
C5 JC9 H . -55.56 -11.36 23.01
C6 JC9 H . -54.15 -10.99 22.58
C7 JC9 H . -55.25 -13.62 24.12
C8 JC9 H . -55.88 -14.46 23.21
C9 JC9 H . -54.19 -14.10 24.89
C10 JC9 H . -57.33 -12.87 25.94
C11 JC9 H . -55.44 -15.77 23.05
C12 JC9 H . -53.76 -15.42 24.74
C13 JC9 H . -54.39 -16.26 23.82
C1 NAG I . 39.85 -22.71 40.41
C2 NAG I . 40.01 -22.61 41.93
C3 NAG I . 38.64 -22.48 42.60
C4 NAG I . 37.86 -21.31 41.99
C5 NAG I . 37.80 -21.46 40.47
C6 NAG I . 37.14 -20.29 39.78
C7 NAG I . 42.02 -23.72 42.79
C8 NAG I . 42.60 -25.00 43.32
N2 NAG I . 40.72 -23.76 42.46
O3 NAG I . 38.82 -22.26 43.99
O4 NAG I . 36.54 -21.28 42.51
O5 NAG I . 39.12 -21.58 39.92
O6 NAG I . 36.15 -20.71 38.86
O7 NAG I . 42.71 -22.71 42.65
C1 NAG J . -35.08 9.07 26.39
C2 NAG J . -34.99 8.17 27.62
C3 NAG J . -34.27 8.88 28.76
C4 NAG J . -32.91 9.40 28.28
C5 NAG J . -33.08 10.25 27.03
C6 NAG J . -31.77 10.70 26.44
C7 NAG J . -36.79 6.50 27.83
C8 NAG J . -38.17 6.23 28.34
N2 NAG J . -36.30 7.73 28.05
O3 NAG J . -34.09 7.99 29.85
O4 NAG J . -32.31 10.18 29.31
O5 NAG J . -33.76 9.50 26.02
O6 NAG J . -31.56 10.15 25.14
O7 NAG J . -36.13 5.65 27.25
C1 NAG K . -13.12 36.23 18.84
C2 NAG K . -13.97 37.03 19.84
C3 NAG K . -13.26 38.33 20.21
C4 NAG K . -11.85 38.05 20.70
C5 NAG K . -11.09 37.22 19.67
C6 NAG K . -9.71 36.80 20.13
C7 NAG K . -16.40 36.69 19.76
C8 NAG K . -17.68 37.10 19.10
N2 NAG K . -15.30 37.29 19.31
O3 NAG K . -14.01 38.99 21.24
O4 NAG K . -11.15 39.28 20.92
O5 NAG K . -11.81 36.01 19.38
O6 NAG K . -9.37 35.51 19.65
O7 NAG K . -16.37 35.87 20.67
C1 NAG L . 30.56 10.45 40.29
C2 NAG L . 31.03 9.07 39.83
C3 NAG L . 31.32 8.18 41.04
C4 NAG L . 32.29 8.86 41.99
C5 NAG L . 31.77 10.25 42.37
C6 NAG L . 32.74 11.04 43.23
C7 NAG L . 30.37 7.65 37.94
C8 NAG L . 29.22 7.11 37.14
N2 NAG L . 30.04 8.46 38.96
O3 NAG L . 31.86 6.94 40.60
O4 NAG L . 32.46 8.08 43.17
O5 NAG L . 31.54 11.03 41.19
O6 NAG L . 34.00 10.39 43.31
O7 NAG L . 31.54 7.40 37.67
#